data_6IRH
#
_entry.id   6IRH
#
loop_
_entity.id
_entity.type
_entity.pdbx_description
1 polymer 'Glutamate receptor ionotropic, NMDA 1'
2 polymer 'Glutamate receptor ionotropic, NMDA 2A'
#
loop_
_entity_poly.entity_id
_entity_poly.type
_entity_poly.pdbx_seq_one_letter_code
_entity_poly.pdbx_strand_id
1 'polypeptide(L)'
;MSTMRLLTLALLFSCSVARAACDPKIVNIGAVLSTRKHEQMFREAVNQANKRHGSWKIQLNATSVTHKPNAIQMALSVCE
DLISSQVYAILVSHPPTPNDHFTPTPVSYTAGFYRIPVLGLTTRMSIYSDKSIHLSFLRTVPPYSHQSSVWFEMMRVYSW
NHIILLVSDDHEGRAAQKRLETLLEERESKAEKVLQFDPGTKNVTALLMEAKELEARVIILSASEDDAATVYRAAAMLNM
TGSGYVWLVGEREISGNALRYAPDGILGLQLINGKNESAHISDAVGVVAQAVHELLEKENITDPPRGCVGNTNIWKTGPL
FKRVLMSSKYADGVTGRVEFNEDGDRKFANYSIMNLQNRKLVQVGIYNGTHVIPNDRKIIWPGGETEKPRGYQMSTRLKI
VTIHQEPFVYVKPTLSDGTCKEEFTVNGDPVKKVICTGPNDTSPGSPRHTVPQCCYGFCIDLLIKLARTMNFTYEVHLVA
DGKFGTQERVNNSNKKEWNGMMGELLSGQADMIVAPLTINNERAQYIEFSKPFKYQGLTILVKKEIPRSTLDSFMQPFQS
TLWLLVGLSVHVVAVMLYLLDRFSPFGRFKVNSEEEEEDALTLSSAMWFSWRVLLNSGIGEGAPRSFSARILGMVWAGFA
MIIVASYTANLAAFLVLDRPEERITGINDPRLRNPSDKFIYATVKQSSVDIYFRRQVELSTMYRHMEKHNYESAAEAIQA
VRDNKLHAFIWDSAVLEFEASQKCDLVTTGELFFRSGFGIGMRKDSPWKQNVSLSILKSHENGFMEDLDKTWVRYQECDS
RSNAPATLTFENMAGVFMLVAGGIVAGIFLIFIEIAYKRHKDARRKQ
;
C,A
2 'polypeptide(L)'
;MGRVGYWTLLVLPALLVWRGPAPSAAAEKGPPALNIAVMLGHSHDVTERELRTLWGPEQAAGLPLDVNVVALLMNRTDPK
SLITHVCDLMSGARIHGLVFGDDTDQEAVAQMLDFISSHTFVPILGIHGGASMIMADKDPTSTFFQFGASIQQQATVMLK
IMQDYDWHVFSLVTTIFPGYREFISFVKTTVDNSFVGWDMQNVITLDTSFEDAKTQVQLKKIHSSVILLYCSKDEAVLIL
SEARSLGLTGYDFFWIVPSLVSGNTELIPKEFPSGLISVSYDDWDYSLEARVRDGIGILTTAASSMLEKFSYIPEAKASC
YGQMERPEVPMHTLHPFMVNVTWDGKDLSFTEEGYQVHPRLVVIVLNKDREWEKVGKWENHTLSLRHAVWPRYKSFSDCE
PDDNHLSIVTLEEAPFVIVEDIDPLTETCVRNTVPCRKFVKINNSTNEGMNVKKCCKGFCIDILKKLSRTVKFTYDLYLV
TNGKHGKKVNNVWNGMIGEVVYQRAVMAVGSLTINEERSEVVDFSVPFVETGISVMVSRSNGTVSPSAFLEPFSASVWVM
MFVMLLIVSAIAVFVFEYFSPVGYNRNLAKGKAPHGPSFTIGKAIWLLWGLVFNNSVPVQNPKGTTSKIMVSVWAFFAVI
FLASYTANLAAFMIQRRFVDQVTGLSDKKFQRPHDYSPPFRFGTVPNGSTERNIRNNYPYMHQYMTKFNQKGVEDALVSL
KTGKLDAFIYDAAVLNYKAGRDEGCKLVTIGSGYIFATTGYGIALQKGSPWKRQIDLALLQFVGDGEMEELETLWLTGIC
HNEKNEVMSSQLDIDNMAGVFYMLAAAMALSLITFIWEHLF
;
D,B
#
# COMPACT_ATOMS: atom_id res chain seq x y z
N LYS A 25 1.56 -65.36 -17.81
CA LYS A 25 0.14 -65.04 -17.91
C LYS A 25 -0.63 -65.62 -16.76
N ILE A 26 -0.22 -66.79 -16.29
CA ILE A 26 -0.95 -67.51 -15.24
C ILE A 26 -0.87 -66.72 -13.95
N VAL A 27 -2.01 -66.24 -13.50
CA VAL A 27 -2.13 -65.38 -12.34
C VAL A 27 -2.68 -66.22 -11.20
N ASN A 28 -1.84 -66.42 -10.18
CA ASN A 28 -2.22 -67.15 -9.00
C ASN A 28 -2.83 -66.15 -8.02
N ILE A 29 -4.03 -66.45 -7.57
CA ILE A 29 -4.83 -65.54 -6.75
C ILE A 29 -5.23 -66.26 -5.48
N GLY A 30 -4.92 -65.67 -4.33
CA GLY A 30 -5.11 -66.30 -3.05
C GLY A 30 -6.52 -66.09 -2.53
N ALA A 31 -6.87 -66.96 -1.58
CA ALA A 31 -8.19 -66.93 -0.97
C ALA A 31 -8.10 -67.56 0.41
N VAL A 32 -8.36 -66.75 1.44
CA VAL A 32 -8.19 -67.20 2.80
C VAL A 32 -9.56 -67.19 3.49
N LEU A 33 -10.05 -68.40 3.76
CA LEU A 33 -11.42 -68.60 4.18
C LEU A 33 -11.43 -69.53 5.39
N SER A 34 -12.61 -70.00 5.74
CA SER A 34 -12.73 -71.07 6.72
C SER A 34 -12.97 -72.40 6.01
N THR A 35 -13.74 -72.37 4.94
CA THR A 35 -14.08 -73.57 4.20
C THR A 35 -13.19 -73.68 2.98
N ARG A 36 -13.27 -74.83 2.34
CA ARG A 36 -12.67 -75.02 1.03
C ARG A 36 -13.74 -75.14 -0.04
N LYS A 37 -15.01 -75.21 0.37
CA LYS A 37 -16.11 -75.16 -0.58
C LYS A 37 -16.21 -73.80 -1.25
N HIS A 38 -16.10 -72.73 -0.47
CA HIS A 38 -16.05 -71.43 -1.11
C HIS A 38 -14.70 -71.16 -1.75
N GLU A 39 -13.66 -71.88 -1.37
CA GLU A 39 -12.45 -71.87 -2.16
C GLU A 39 -12.71 -72.49 -3.53
N GLN A 40 -13.52 -73.54 -3.57
CA GLN A 40 -13.96 -74.08 -4.85
C GLN A 40 -14.87 -73.12 -5.58
N MET A 41 -15.63 -72.31 -4.84
CA MET A 41 -16.39 -71.25 -5.47
C MET A 41 -15.47 -70.24 -6.14
N PHE A 42 -14.33 -69.96 -5.50
CA PHE A 42 -13.29 -69.19 -6.17
C PHE A 42 -12.75 -69.93 -7.39
N ARG A 43 -12.59 -71.24 -7.31
CA ARG A 43 -12.03 -72.00 -8.44
C ARG A 43 -12.97 -71.94 -9.64
N GLU A 44 -14.25 -72.10 -9.38
CA GLU A 44 -15.27 -72.07 -10.42
C GLU A 44 -15.52 -70.66 -10.92
N ALA A 45 -15.38 -69.66 -10.05
CA ALA A 45 -15.43 -68.30 -10.51
C ALA A 45 -14.19 -67.94 -11.31
N VAL A 46 -13.05 -68.54 -10.99
CA VAL A 46 -11.83 -68.44 -11.80
C VAL A 46 -12.05 -69.07 -13.18
N ASN A 47 -12.80 -70.16 -13.21
CA ASN A 47 -13.20 -70.74 -14.49
C ASN A 47 -14.04 -69.74 -15.28
N GLN A 48 -15.05 -69.16 -14.64
CA GLN A 48 -15.86 -68.10 -15.22
C GLN A 48 -15.02 -66.89 -15.62
N ALA A 49 -13.97 -66.62 -14.85
CA ALA A 49 -13.08 -65.51 -15.11
C ALA A 49 -12.30 -65.76 -16.38
N ASN A 50 -11.92 -67.01 -16.63
CA ASN A 50 -11.34 -67.37 -17.91
C ASN A 50 -12.39 -67.30 -19.02
N LYS A 51 -13.65 -67.49 -18.64
CA LYS A 51 -14.75 -67.44 -19.61
C LYS A 51 -15.16 -66.01 -19.91
N ARG A 52 -15.56 -65.27 -18.89
CA ARG A 52 -16.35 -64.05 -19.06
C ARG A 52 -15.47 -62.89 -19.48
N HIS A 53 -15.41 -62.67 -20.78
CA HIS A 53 -14.81 -61.47 -21.40
C HIS A 53 -13.35 -61.26 -21.00
N GLY A 54 -12.72 -62.35 -20.59
CA GLY A 54 -11.32 -62.31 -20.20
C GLY A 54 -10.59 -63.28 -21.11
N SER A 55 -9.53 -62.81 -21.75
CA SER A 55 -8.81 -63.68 -22.67
C SER A 55 -7.39 -64.05 -22.25
N TRP A 56 -7.22 -65.34 -22.00
CA TRP A 56 -5.93 -65.94 -21.66
C TRP A 56 -6.08 -67.44 -21.88
N LYS A 57 -5.00 -68.16 -22.14
CA LYS A 57 -5.14 -69.60 -22.30
C LYS A 57 -5.05 -70.27 -20.95
N ILE A 58 -4.06 -69.88 -20.15
CA ILE A 58 -3.94 -70.36 -18.80
C ILE A 58 -3.56 -69.12 -18.03
N GLN A 59 -4.42 -68.11 -18.03
CA GLN A 59 -3.98 -66.94 -17.29
C GLN A 59 -4.28 -67.03 -15.80
N LEU A 60 -4.69 -68.18 -15.29
CA LEU A 60 -5.03 -68.34 -13.91
C LEU A 60 -4.75 -69.78 -13.48
N ASN A 61 -4.11 -69.93 -12.32
CA ASN A 61 -4.18 -71.16 -11.56
C ASN A 61 -4.59 -70.80 -10.13
N ALA A 62 -5.36 -71.67 -9.52
CA ALA A 62 -6.05 -71.36 -8.27
C ALA A 62 -5.18 -71.72 -7.08
N THR A 63 -5.14 -70.79 -6.13
CA THR A 63 -4.45 -70.98 -4.86
C THR A 63 -5.37 -70.57 -3.73
N SER A 64 -5.58 -71.45 -2.76
CA SER A 64 -6.55 -71.15 -1.72
C SER A 64 -6.27 -71.97 -0.47
N VAL A 65 -5.99 -71.27 0.63
CA VAL A 65 -5.68 -71.88 1.92
C VAL A 65 -6.63 -71.28 2.94
N THR A 66 -7.20 -72.12 3.81
CA THR A 66 -8.10 -71.60 4.83
C THR A 66 -7.34 -70.79 5.89
N HIS A 67 -8.10 -70.15 6.76
CA HIS A 67 -7.53 -69.48 7.93
C HIS A 67 -6.81 -70.47 8.83
N LYS A 68 -5.62 -70.07 9.30
CA LYS A 68 -4.71 -70.89 10.08
C LYS A 68 -5.09 -70.91 11.55
N PRO A 69 -4.87 -72.02 12.26
CA PRO A 69 -5.18 -72.06 13.69
C PRO A 69 -4.25 -71.22 14.54
N ASN A 70 -3.00 -71.08 14.16
CA ASN A 70 -2.13 -70.14 14.84
C ASN A 70 -2.02 -68.87 14.01
N ALA A 71 -2.55 -67.80 14.59
CA ALA A 71 -2.44 -66.45 14.05
C ALA A 71 -1.04 -65.90 14.18
N ILE A 72 -0.12 -66.63 14.79
CA ILE A 72 1.29 -66.34 14.70
C ILE A 72 1.75 -66.64 13.28
N GLN A 73 1.33 -67.78 12.73
CA GLN A 73 2.07 -68.39 11.63
C GLN A 73 1.93 -67.63 10.33
N MET A 74 0.78 -67.73 9.68
CA MET A 74 0.17 -66.74 8.79
C MET A 74 1.02 -66.32 7.59
N ALA A 75 2.21 -66.90 7.44
CA ALA A 75 3.09 -66.60 6.33
C ALA A 75 3.75 -67.86 5.82
N LEU A 76 3.49 -68.98 6.51
CA LEU A 76 3.92 -70.29 6.02
C LEU A 76 3.30 -70.55 4.65
N SER A 77 1.97 -70.54 4.59
CA SER A 77 1.27 -70.67 3.32
C SER A 77 1.64 -69.55 2.35
N VAL A 78 1.86 -68.35 2.88
CA VAL A 78 2.01 -67.18 2.03
C VAL A 78 3.35 -67.21 1.30
N CYS A 79 4.44 -67.25 2.05
CA CYS A 79 5.75 -67.27 1.41
C CYS A 79 6.09 -68.65 0.88
N GLU A 80 5.96 -69.68 1.72
CA GLU A 80 6.28 -71.05 1.33
C GLU A 80 5.41 -71.55 0.21
N ASP A 81 4.18 -71.07 0.10
CA ASP A 81 3.18 -71.67 -0.78
C ASP A 81 2.62 -70.66 -1.77
N LEU A 82 2.22 -69.48 -1.31
CA LEU A 82 1.52 -68.56 -2.20
C LEU A 82 2.50 -67.70 -2.99
N ILE A 83 3.42 -67.02 -2.31
CA ILE A 83 4.41 -66.19 -3.00
C ILE A 83 5.37 -67.07 -3.78
N SER A 84 5.67 -68.26 -3.28
CA SER A 84 6.45 -69.23 -4.05
C SER A 84 5.71 -69.69 -5.30
N SER A 85 4.38 -69.69 -5.28
CA SER A 85 3.59 -69.88 -6.48
C SER A 85 3.24 -68.56 -7.15
N GLN A 86 3.84 -67.46 -6.68
CA GLN A 86 3.69 -66.12 -7.24
C GLN A 86 2.23 -65.65 -7.25
N VAL A 87 1.62 -65.67 -6.07
CA VAL A 87 0.27 -65.15 -5.92
C VAL A 87 0.31 -63.63 -5.93
N TYR A 88 -0.53 -63.04 -6.78
CA TYR A 88 -0.61 -61.60 -6.96
C TYR A 88 -1.55 -60.93 -5.97
N ALA A 89 -2.66 -61.59 -5.62
CA ALA A 89 -3.66 -60.99 -4.74
C ALA A 89 -4.36 -62.10 -3.97
N ILE A 90 -4.72 -61.82 -2.72
CA ILE A 90 -5.33 -62.79 -1.83
C ILE A 90 -6.65 -62.20 -1.33
N LEU A 91 -7.67 -63.05 -1.19
CA LEU A 91 -9.01 -62.63 -0.81
C LEU A 91 -9.41 -63.28 0.51
N VAL A 92 -9.49 -62.49 1.56
CA VAL A 92 -9.47 -63.00 2.93
C VAL A 92 -10.76 -62.61 3.63
N SER A 93 -11.34 -63.55 4.37
CA SER A 93 -12.47 -63.28 5.25
C SER A 93 -11.95 -62.69 6.57
N HIS A 94 -12.78 -62.64 7.61
CA HIS A 94 -12.28 -62.13 8.89
C HIS A 94 -11.35 -63.15 9.52
N PRO A 95 -11.92 -64.31 9.85
CA PRO A 95 -11.18 -65.45 10.33
C PRO A 95 -12.10 -66.65 10.15
N PRO A 96 -11.63 -67.81 10.59
CA PRO A 96 -12.44 -69.02 10.56
C PRO A 96 -13.41 -69.04 11.73
N THR A 97 -13.14 -68.20 12.72
CA THR A 97 -14.11 -67.89 13.75
C THR A 97 -14.57 -66.45 13.69
N PRO A 98 -13.81 -65.56 13.04
CA PRO A 98 -14.18 -64.22 12.64
C PRO A 98 -14.44 -63.27 13.80
N ASN A 99 -14.21 -63.72 15.03
CA ASN A 99 -14.78 -63.02 16.18
C ASN A 99 -13.81 -62.77 17.31
N ASP A 100 -12.64 -63.39 17.32
CA ASP A 100 -11.64 -63.08 18.33
C ASP A 100 -10.90 -61.80 17.94
N HIS A 101 -9.71 -61.63 18.50
CA HIS A 101 -8.76 -60.67 17.97
C HIS A 101 -8.08 -61.16 16.68
N PHE A 102 -8.65 -62.19 16.04
CA PHE A 102 -8.24 -62.77 14.77
C PHE A 102 -8.80 -62.01 13.58
N THR A 103 -9.05 -60.73 13.77
CA THR A 103 -9.08 -59.80 12.66
C THR A 103 -7.73 -59.94 11.96
N PRO A 104 -7.71 -60.06 10.64
CA PRO A 104 -6.51 -60.53 9.95
C PRO A 104 -5.40 -59.51 9.75
N THR A 105 -4.74 -59.09 10.83
CA THR A 105 -3.47 -58.39 10.68
C THR A 105 -2.35 -59.18 10.03
N PRO A 106 -1.99 -60.42 10.47
CA PRO A 106 -0.64 -60.92 10.13
C PRO A 106 -0.44 -61.30 8.68
N VAL A 107 -1.42 -61.96 8.06
CA VAL A 107 -1.34 -62.25 6.63
C VAL A 107 -1.28 -60.97 5.81
N SER A 108 -2.07 -59.96 6.21
CA SER A 108 -2.07 -58.68 5.53
C SER A 108 -0.70 -58.03 5.56
N TYR A 109 -0.13 -57.90 6.75
CA TYR A 109 1.15 -57.25 6.85
C TYR A 109 2.30 -58.08 6.28
N THR A 110 2.19 -59.41 6.24
CA THR A 110 3.17 -60.17 5.48
C THR A 110 2.99 -59.95 3.97
N ALA A 111 1.78 -59.55 3.55
CA ALA A 111 1.63 -59.06 2.18
C ALA A 111 1.97 -57.58 2.09
N GLY A 112 2.26 -56.95 3.23
CA GLY A 112 2.58 -55.53 3.26
C GLY A 112 4.05 -55.23 3.06
N PHE A 113 4.89 -56.26 2.86
CA PHE A 113 6.28 -56.02 2.50
C PHE A 113 6.41 -55.30 1.17
N TYR A 114 6.09 -55.98 0.08
CA TYR A 114 6.59 -55.56 -1.22
C TYR A 114 5.49 -55.03 -2.13
N ARG A 115 4.47 -54.36 -1.56
CA ARG A 115 3.33 -53.75 -2.27
C ARG A 115 2.50 -54.80 -3.01
N ILE A 116 1.94 -55.73 -2.24
CA ILE A 116 1.08 -56.78 -2.80
C ILE A 116 -0.38 -56.43 -2.51
N PRO A 117 -1.20 -56.19 -3.54
CA PRO A 117 -2.57 -55.73 -3.31
C PRO A 117 -3.47 -56.84 -2.78
N VAL A 118 -4.20 -56.53 -1.71
CA VAL A 118 -5.09 -57.46 -1.03
C VAL A 118 -6.44 -56.77 -0.85
N LEU A 119 -7.53 -57.50 -1.09
CA LEU A 119 -8.87 -56.98 -0.87
C LEU A 119 -9.47 -57.66 0.36
N GLY A 120 -9.69 -56.89 1.41
CA GLY A 120 -10.50 -57.31 2.54
C GLY A 120 -11.92 -57.53 2.09
N LEU A 121 -12.35 -58.79 2.13
CA LEU A 121 -13.63 -59.16 1.56
C LEU A 121 -14.78 -58.64 2.40
N THR A 122 -14.68 -58.79 3.71
CA THR A 122 -15.80 -58.56 4.58
C THR A 122 -15.52 -57.53 5.66
N THR A 123 -14.33 -56.97 5.70
CA THR A 123 -13.84 -56.37 6.92
C THR A 123 -14.38 -54.95 7.12
N ARG A 124 -14.62 -54.61 8.39
CA ARG A 124 -15.10 -53.29 8.79
C ARG A 124 -14.25 -52.70 9.90
N MET A 125 -13.13 -53.33 10.23
CA MET A 125 -12.21 -52.76 11.19
C MET A 125 -11.39 -51.68 10.49
N SER A 126 -11.75 -50.40 10.65
CA SER A 126 -11.08 -49.38 9.86
C SER A 126 -9.66 -49.06 10.32
N ILE A 127 -9.15 -49.78 11.32
CA ILE A 127 -7.71 -49.95 11.50
C ILE A 127 -7.06 -50.35 10.18
N TYR A 128 -7.66 -51.29 9.47
CA TYR A 128 -7.16 -51.71 8.17
C TYR A 128 -7.34 -50.66 7.08
N SER A 129 -8.04 -49.56 7.36
CA SER A 129 -8.13 -48.49 6.38
C SER A 129 -6.88 -47.61 6.38
N ASP A 130 -6.01 -47.79 7.37
CA ASP A 130 -4.94 -46.84 7.61
C ASP A 130 -3.84 -46.97 6.57
N LYS A 131 -4.03 -46.29 5.44
CA LYS A 131 -3.20 -46.52 4.26
C LYS A 131 -1.76 -46.10 4.42
N SER A 132 -1.44 -45.31 5.44
CA SER A 132 -0.04 -45.05 5.78
C SER A 132 0.68 -46.34 6.13
N ILE A 133 -0.04 -47.28 6.74
CA ILE A 133 0.53 -48.59 7.00
C ILE A 133 -0.16 -49.64 6.14
N HIS A 134 -1.46 -49.52 5.96
CA HIS A 134 -2.23 -50.45 5.13
C HIS A 134 -2.11 -50.02 3.68
N LEU A 135 -0.97 -50.38 3.10
CA LEU A 135 -0.54 -49.78 1.84
C LEU A 135 -1.37 -50.30 0.66
N SER A 136 -1.55 -51.61 0.59
CA SER A 136 -2.09 -52.30 -0.57
C SER A 136 -3.32 -53.12 -0.19
N PHE A 137 -4.23 -52.52 0.56
CA PHE A 137 -5.29 -53.27 1.23
C PHE A 137 -6.59 -52.47 1.08
N LEU A 138 -7.44 -52.89 0.15
CA LEU A 138 -8.71 -52.21 -0.09
C LEU A 138 -9.86 -53.14 0.22
N ARG A 139 -11.02 -52.57 0.55
CA ARG A 139 -12.12 -53.36 1.07
C ARG A 139 -13.38 -53.30 0.23
N THR A 140 -13.91 -54.48 -0.07
CA THR A 140 -15.24 -54.56 -0.63
C THR A 140 -16.31 -54.12 0.37
N VAL A 141 -16.09 -54.31 1.65
CA VAL A 141 -17.05 -53.87 2.65
C VAL A 141 -16.50 -52.61 3.32
N PRO A 142 -17.23 -51.51 3.23
CA PRO A 142 -16.80 -50.29 3.92
C PRO A 142 -16.99 -50.41 5.43
N PRO A 143 -16.05 -49.93 6.21
CA PRO A 143 -16.18 -49.96 7.67
C PRO A 143 -17.20 -49.00 8.26
N TYR A 144 -17.20 -49.00 9.61
CA TYR A 144 -18.18 -48.30 10.44
C TYR A 144 -18.13 -46.81 10.26
N SER A 145 -16.94 -46.28 9.95
CA SER A 145 -16.77 -44.85 9.86
C SER A 145 -17.48 -44.29 8.64
N HIS A 146 -17.65 -45.11 7.60
CA HIS A 146 -18.51 -44.75 6.50
C HIS A 146 -19.95 -44.60 6.95
N GLN A 147 -20.34 -45.43 7.92
CA GLN A 147 -21.62 -45.31 8.61
C GLN A 147 -21.80 -43.93 9.21
N SER A 148 -20.68 -43.27 9.60
CA SER A 148 -20.67 -41.90 10.06
C SER A 148 -21.42 -41.00 9.09
N SER A 149 -21.05 -41.09 7.81
CA SER A 149 -21.65 -40.29 6.75
C SER A 149 -23.15 -40.52 6.64
N VAL A 150 -23.57 -41.77 6.89
CA VAL A 150 -24.97 -42.14 6.74
C VAL A 150 -25.82 -41.38 7.74
N TRP A 151 -25.27 -41.15 8.94
CA TRP A 151 -26.02 -40.44 9.97
C TRP A 151 -26.31 -39.03 9.54
N PHE A 152 -25.42 -38.45 8.72
CA PHE A 152 -25.60 -37.12 8.20
C PHE A 152 -26.81 -37.03 7.31
N GLU A 153 -27.02 -38.07 6.49
CA GLU A 153 -28.23 -38.23 5.71
C GLU A 153 -29.45 -38.12 6.61
N MET A 154 -29.41 -38.82 7.74
CA MET A 154 -30.55 -38.85 8.62
C MET A 154 -30.68 -37.56 9.40
N MET A 155 -29.55 -36.85 9.58
CA MET A 155 -29.59 -35.46 10.03
C MET A 155 -30.55 -34.69 9.19
N ARG A 156 -30.36 -34.77 7.89
CA ARG A 156 -31.23 -34.10 6.96
C ARG A 156 -32.48 -34.90 6.66
N VAL A 157 -32.64 -36.08 7.27
CA VAL A 157 -33.97 -36.67 7.20
C VAL A 157 -34.72 -36.10 8.37
N TYR A 158 -34.00 -35.76 9.43
CA TYR A 158 -34.71 -35.40 10.65
C TYR A 158 -34.32 -34.08 11.27
N SER A 159 -33.56 -33.25 10.55
CA SER A 159 -33.35 -31.82 10.85
C SER A 159 -32.77 -31.62 12.25
N TRP A 160 -31.61 -32.21 12.46
CA TRP A 160 -31.01 -32.11 13.78
C TRP A 160 -29.91 -31.07 13.79
N ASN A 161 -29.70 -30.49 14.98
CA ASN A 161 -28.60 -29.54 15.21
C ASN A 161 -27.92 -29.70 16.55
N HIS A 162 -28.51 -30.38 17.52
CA HIS A 162 -27.93 -30.56 18.83
C HIS A 162 -27.57 -32.02 19.01
N ILE A 163 -26.28 -32.27 19.22
CA ILE A 163 -25.64 -33.50 18.78
C ILE A 163 -24.87 -34.11 19.93
N ILE A 164 -25.10 -35.40 20.18
CA ILE A 164 -24.38 -36.14 21.19
C ILE A 164 -23.54 -37.21 20.51
N LEU A 165 -22.23 -37.01 20.51
CA LEU A 165 -21.30 -37.95 19.89
C LEU A 165 -20.57 -38.71 20.97
N LEU A 166 -20.54 -40.03 20.83
CA LEU A 166 -20.10 -40.92 21.90
C LEU A 166 -19.14 -41.93 21.32
N VAL A 167 -17.86 -41.80 21.68
CA VAL A 167 -16.78 -42.49 20.99
C VAL A 167 -15.97 -43.30 21.98
N SER A 168 -16.03 -44.63 21.86
CA SER A 168 -15.04 -45.47 22.51
C SER A 168 -13.71 -45.17 21.85
N ASP A 169 -12.70 -44.94 22.67
CA ASP A 169 -11.53 -44.21 22.20
C ASP A 169 -10.63 -45.10 21.39
N ASP A 170 -10.85 -45.07 20.09
CA ASP A 170 -10.35 -46.04 19.15
C ASP A 170 -9.77 -45.29 17.97
N HIS A 171 -8.77 -45.89 17.33
CA HIS A 171 -8.25 -45.35 16.08
C HIS A 171 -9.33 -45.32 15.02
N GLU A 172 -10.15 -46.37 14.99
CA GLU A 172 -11.35 -46.38 14.18
C GLU A 172 -12.34 -45.35 14.68
N GLY A 173 -12.48 -45.26 16.00
CA GLY A 173 -13.40 -44.30 16.58
C GLY A 173 -12.99 -42.88 16.30
N ARG A 174 -11.69 -42.60 16.36
CA ARG A 174 -11.23 -41.24 16.09
C ARG A 174 -11.16 -40.96 14.60
N ALA A 175 -10.97 -41.98 13.77
CA ALA A 175 -11.10 -41.78 12.34
C ALA A 175 -12.55 -41.52 11.95
N ALA A 176 -13.48 -42.20 12.61
CA ALA A 176 -14.88 -41.90 12.43
C ALA A 176 -15.21 -40.50 12.91
N GLN A 177 -14.56 -40.08 14.01
CA GLN A 177 -14.64 -38.69 14.46
C GLN A 177 -14.18 -37.74 13.38
N LYS A 178 -13.10 -38.07 12.69
CA LYS A 178 -12.61 -37.23 11.61
C LYS A 178 -13.63 -37.10 10.51
N ARG A 179 -14.22 -38.23 10.09
CA ARG A 179 -15.27 -38.20 9.08
C ARG A 179 -16.48 -37.40 9.55
N LEU A 180 -16.89 -37.60 10.79
CA LEU A 180 -18.01 -36.86 11.37
C LEU A 180 -17.72 -35.37 11.41
N GLU A 181 -16.57 -34.97 11.93
CA GLU A 181 -16.28 -33.57 12.17
C GLU A 181 -16.11 -32.81 10.86
N THR A 182 -15.50 -33.46 9.87
CA THR A 182 -15.59 -32.96 8.50
C THR A 182 -17.03 -32.79 8.08
N LEU A 183 -17.76 -33.89 7.88
CA LEU A 183 -19.09 -33.89 7.28
C LEU A 183 -20.12 -33.08 8.07
N LEU A 184 -19.84 -32.81 9.34
CA LEU A 184 -20.48 -31.71 10.05
C LEU A 184 -20.11 -30.37 9.46
N GLU A 185 -18.85 -29.99 9.64
CA GLU A 185 -18.48 -28.59 9.55
C GLU A 185 -18.26 -28.15 8.12
N GLU A 186 -18.29 -29.09 7.19
CA GLU A 186 -18.54 -28.84 5.78
C GLU A 186 -19.85 -28.12 5.57
N ARG A 187 -20.91 -28.55 6.28
CA ARG A 187 -22.18 -27.87 6.26
C ARG A 187 -22.40 -27.11 7.55
N GLU A 188 -21.33 -26.99 8.34
CA GLU A 188 -21.23 -26.15 9.53
C GLU A 188 -22.19 -26.55 10.63
N SER A 189 -22.79 -27.73 10.55
CA SER A 189 -23.48 -28.28 11.71
C SER A 189 -22.44 -28.59 12.77
N LYS A 190 -22.82 -28.40 14.03
CA LYS A 190 -21.87 -28.28 15.11
C LYS A 190 -22.28 -29.22 16.23
N ALA A 191 -21.38 -30.13 16.60
CA ALA A 191 -21.69 -31.07 17.66
C ALA A 191 -21.65 -30.38 19.01
N GLU A 192 -22.53 -30.82 19.90
CA GLU A 192 -22.42 -30.34 21.27
C GLU A 192 -21.31 -31.07 22.00
N LYS A 193 -21.47 -32.38 22.17
CA LYS A 193 -20.53 -33.14 22.96
C LYS A 193 -20.05 -34.35 22.17
N VAL A 194 -18.75 -34.58 22.28
CA VAL A 194 -18.16 -35.87 21.95
C VAL A 194 -17.57 -36.39 23.23
N LEU A 195 -18.32 -37.21 23.94
CA LEU A 195 -17.76 -37.88 25.09
C LEU A 195 -17.02 -39.11 24.61
N GLN A 196 -15.98 -39.44 25.36
CA GLN A 196 -14.96 -40.37 24.92
C GLN A 196 -14.69 -41.42 25.99
N PHE A 197 -14.44 -42.64 25.53
CA PHE A 197 -14.66 -43.81 26.35
C PHE A 197 -13.55 -44.81 26.17
N ASP A 198 -13.08 -45.32 27.23
CA ASP A 198 -12.41 -46.57 27.01
C ASP A 198 -13.42 -47.69 26.94
N PRO A 199 -13.09 -48.81 26.33
CA PRO A 199 -13.90 -50.01 26.51
C PRO A 199 -13.77 -50.55 27.92
N GLY A 200 -14.89 -51.05 28.44
CA GLY A 200 -14.96 -51.49 29.81
C GLY A 200 -15.36 -50.41 30.79
N THR A 201 -15.49 -49.17 30.34
CA THR A 201 -15.94 -48.11 31.23
C THR A 201 -17.41 -48.31 31.58
N LYS A 202 -17.64 -48.45 32.88
CA LYS A 202 -18.96 -48.72 33.42
C LYS A 202 -19.40 -47.61 34.37
N ASN A 203 -18.44 -46.87 34.92
CA ASN A 203 -18.72 -45.62 35.60
C ASN A 203 -18.71 -44.50 34.57
N VAL A 204 -19.53 -44.67 33.53
CA VAL A 204 -19.91 -43.62 32.62
C VAL A 204 -20.98 -42.74 33.25
N THR A 205 -21.45 -43.10 34.45
CA THR A 205 -22.49 -42.38 35.16
C THR A 205 -22.14 -40.92 35.38
N ALA A 206 -20.86 -40.59 35.55
CA ALA A 206 -20.45 -39.20 35.54
C ALA A 206 -20.64 -38.57 34.16
N LEU A 207 -20.18 -39.26 33.12
CA LEU A 207 -20.39 -38.80 31.76
C LEU A 207 -21.87 -38.81 31.42
N LEU A 208 -22.63 -39.69 32.07
CA LEU A 208 -24.08 -39.70 31.91
C LEU A 208 -24.73 -38.47 32.54
N MET A 209 -24.23 -38.03 33.69
CA MET A 209 -24.79 -36.82 34.28
C MET A 209 -24.40 -35.60 33.49
N GLU A 210 -23.22 -35.65 32.87
CA GLU A 210 -22.87 -34.67 31.86
C GLU A 210 -23.86 -34.70 30.72
N ALA A 211 -24.32 -35.89 30.34
CA ALA A 211 -25.31 -36.00 29.29
C ALA A 211 -26.68 -35.51 29.76
N LYS A 212 -26.91 -35.44 31.07
CA LYS A 212 -28.17 -34.86 31.55
C LYS A 212 -28.20 -33.35 31.49
N GLU A 213 -27.22 -32.71 30.87
CA GLU A 213 -27.11 -31.26 30.96
C GLU A 213 -27.61 -30.56 29.72
N LEU A 214 -28.23 -31.27 28.78
CA LEU A 214 -28.33 -30.78 27.41
C LEU A 214 -29.77 -30.56 26.97
N GLU A 215 -29.91 -29.69 25.96
CA GLU A 215 -31.07 -29.78 25.09
C GLU A 215 -31.08 -31.11 24.36
N ALA A 216 -29.93 -31.49 23.79
CA ALA A 216 -29.83 -32.63 22.90
C ALA A 216 -30.14 -33.93 23.61
N ARG A 217 -30.82 -34.79 22.88
CA ARG A 217 -31.02 -36.17 23.28
C ARG A 217 -30.67 -37.08 22.12
N VAL A 218 -29.93 -36.53 21.15
CA VAL A 218 -29.51 -37.25 19.96
C VAL A 218 -28.26 -38.04 20.34
N ILE A 219 -28.45 -39.32 20.61
CA ILE A 219 -27.45 -40.12 21.28
C ILE A 219 -26.76 -40.99 20.25
N ILE A 220 -25.55 -40.60 19.87
CA ILE A 220 -24.86 -41.20 18.76
C ILE A 220 -23.74 -42.05 19.32
N LEU A 221 -23.79 -43.33 19.02
CA LEU A 221 -23.25 -44.37 19.87
C LEU A 221 -22.22 -45.19 19.11
N SER A 222 -21.01 -45.30 19.67
CA SER A 222 -19.97 -46.11 19.06
C SER A 222 -19.09 -46.71 20.13
N ALA A 223 -19.18 -48.03 20.30
CA ALA A 223 -18.32 -48.83 21.16
C ALA A 223 -18.48 -50.30 20.77
N SER A 224 -18.03 -51.17 21.65
CA SER A 224 -18.28 -52.59 21.52
C SER A 224 -19.64 -52.91 22.13
N GLU A 225 -19.93 -54.19 22.31
CA GLU A 225 -21.20 -54.62 22.87
C GLU A 225 -21.34 -54.19 24.31
N ASP A 226 -20.29 -54.40 25.10
CA ASP A 226 -20.44 -54.51 26.53
C ASP A 226 -20.46 -53.13 27.18
N ASP A 227 -19.62 -52.23 26.66
CA ASP A 227 -19.68 -50.82 26.99
C ASP A 227 -21.09 -50.30 26.81
N ALA A 228 -21.65 -50.57 25.63
CA ALA A 228 -23.00 -50.18 25.28
C ALA A 228 -24.02 -50.76 26.24
N ALA A 229 -23.90 -52.06 26.54
CA ALA A 229 -24.86 -52.77 27.36
C ALA A 229 -24.91 -52.21 28.78
N THR A 230 -23.73 -52.03 29.40
CA THR A 230 -23.67 -51.42 30.72
C THR A 230 -24.18 -49.99 30.71
N VAL A 231 -23.92 -49.28 29.63
CA VAL A 231 -24.41 -47.91 29.53
C VAL A 231 -25.92 -47.90 29.33
N TYR A 232 -26.48 -48.91 28.67
CA TYR A 232 -27.94 -48.97 28.54
C TYR A 232 -28.57 -49.21 29.89
N ARG A 233 -27.97 -50.11 30.66
CA ARG A 233 -28.38 -50.35 32.05
C ARG A 233 -28.30 -49.08 32.88
N ALA A 234 -27.16 -48.40 32.81
CA ALA A 234 -26.91 -47.25 33.68
C ALA A 234 -27.74 -46.05 33.26
N ALA A 235 -27.90 -45.84 31.96
CA ALA A 235 -28.70 -44.75 31.45
C ALA A 235 -30.19 -44.99 31.66
N ALA A 236 -30.59 -46.22 31.42
CA ALA A 236 -31.95 -46.57 31.74
C ALA A 236 -32.00 -46.30 33.26
N MET A 237 -30.90 -46.64 33.94
CA MET A 237 -30.74 -46.46 35.35
C MET A 237 -30.86 -44.98 35.70
N LEU A 238 -30.30 -44.11 34.88
CA LEU A 238 -30.43 -42.70 35.16
C LEU A 238 -31.93 -42.39 35.13
N ASN A 239 -32.55 -42.94 34.07
CA ASN A 239 -33.94 -42.92 33.56
C ASN A 239 -33.67 -42.74 32.09
N MET A 240 -32.77 -41.80 31.86
CA MET A 240 -32.33 -41.38 30.53
C MET A 240 -32.58 -42.21 29.28
N THR A 241 -33.85 -42.53 29.01
CA THR A 241 -34.19 -43.27 27.80
C THR A 241 -35.43 -42.79 27.04
N GLY A 242 -36.13 -41.83 27.61
CA GLY A 242 -37.39 -41.36 27.06
C GLY A 242 -37.42 -40.72 25.69
N SER A 243 -38.54 -40.90 24.98
CA SER A 243 -38.64 -40.27 23.67
C SER A 243 -37.75 -39.05 23.61
N GLY A 244 -37.20 -38.79 22.44
CA GLY A 244 -36.09 -37.90 22.34
C GLY A 244 -34.74 -38.57 22.44
N TYR A 245 -34.57 -39.50 23.37
CA TYR A 245 -33.28 -40.09 23.64
C TYR A 245 -32.96 -41.11 22.57
N VAL A 246 -32.51 -40.63 21.41
CA VAL A 246 -32.47 -41.43 20.19
C VAL A 246 -31.10 -42.07 20.04
N TRP A 247 -31.09 -43.40 20.02
CA TRP A 247 -29.87 -44.18 20.19
C TRP A 247 -29.31 -44.47 18.81
N LEU A 248 -28.19 -43.86 18.48
CA LEU A 248 -27.67 -43.92 17.12
C LEU A 248 -26.39 -44.75 17.11
N VAL A 249 -26.52 -45.98 16.65
CA VAL A 249 -25.79 -47.12 17.19
C VAL A 249 -24.86 -47.70 16.12
N GLY A 250 -23.59 -47.96 16.49
CA GLY A 250 -22.68 -48.69 15.64
C GLY A 250 -22.90 -50.20 15.76
N GLU A 251 -22.42 -50.94 14.76
CA GLU A 251 -22.92 -52.31 14.63
C GLU A 251 -22.18 -53.30 15.52
N ARG A 252 -21.04 -52.91 16.08
CA ARG A 252 -20.46 -53.67 17.19
C ARG A 252 -21.38 -53.68 18.38
N GLU A 253 -22.07 -52.58 18.59
CA GLU A 253 -23.15 -52.47 19.54
C GLU A 253 -24.45 -53.05 19.02
N ILE A 254 -24.45 -53.72 17.86
CA ILE A 254 -25.66 -54.34 17.35
C ILE A 254 -25.36 -55.84 17.38
N SER A 255 -24.70 -56.25 18.46
CA SER A 255 -24.45 -57.67 18.70
C SER A 255 -24.40 -57.89 20.20
N GLY A 256 -24.54 -59.16 20.61
CA GLY A 256 -24.37 -59.57 21.99
C GLY A 256 -25.29 -58.98 23.03
N ASN A 257 -24.74 -58.40 24.10
CA ASN A 257 -25.58 -57.86 25.16
C ASN A 257 -25.96 -56.42 24.89
N ALA A 258 -25.28 -55.76 23.96
CA ALA A 258 -25.75 -54.48 23.49
C ALA A 258 -27.12 -54.60 22.82
N LEU A 259 -27.42 -55.77 22.27
CA LEU A 259 -28.78 -56.13 21.95
C LEU A 259 -29.66 -56.14 23.18
N ARG A 260 -29.14 -56.63 24.30
CA ARG A 260 -29.95 -57.20 25.35
C ARG A 260 -30.14 -56.26 26.54
N TYR A 261 -29.68 -55.02 26.43
CA TYR A 261 -29.93 -54.05 27.49
C TYR A 261 -30.50 -52.77 26.90
N ALA A 262 -30.48 -52.66 25.58
CA ALA A 262 -30.98 -51.51 24.85
C ALA A 262 -32.51 -51.49 24.83
N PRO A 263 -33.11 -50.30 24.93
CA PRO A 263 -34.57 -50.20 24.81
C PRO A 263 -35.09 -50.36 23.39
N ASP A 264 -36.36 -50.03 23.22
CA ASP A 264 -37.03 -50.45 22.01
C ASP A 264 -37.54 -49.26 21.20
N GLY A 265 -37.42 -49.40 19.90
CA GLY A 265 -37.48 -48.27 19.00
C GLY A 265 -36.13 -47.79 18.53
N ILE A 266 -35.07 -48.56 18.78
CA ILE A 266 -33.73 -48.06 18.54
C ILE A 266 -33.29 -48.32 17.11
N LEU A 267 -32.84 -47.26 16.44
CA LEU A 267 -32.22 -47.38 15.14
C LEU A 267 -30.93 -48.18 15.20
N GLY A 268 -30.86 -49.20 14.37
CA GLY A 268 -29.62 -49.89 14.06
C GLY A 268 -29.35 -49.81 12.58
N LEU A 269 -28.17 -50.27 12.20
CA LEU A 269 -27.72 -50.17 10.83
C LEU A 269 -27.45 -51.55 10.25
N GLN A 270 -27.57 -51.66 8.93
CA GLN A 270 -27.21 -52.87 8.20
C GLN A 270 -26.71 -52.49 6.82
N LEU A 271 -25.55 -53.03 6.45
CA LEU A 271 -25.18 -53.07 5.03
C LEU A 271 -25.88 -54.23 4.36
N ILE A 272 -26.60 -53.92 3.29
CA ILE A 272 -27.22 -54.96 2.49
C ILE A 272 -26.14 -55.64 1.65
N ASN A 273 -26.17 -56.98 1.62
CA ASN A 273 -25.09 -57.84 1.13
C ASN A 273 -23.78 -57.59 1.86
N GLY A 274 -23.89 -57.38 3.16
CA GLY A 274 -22.69 -57.46 3.96
C GLY A 274 -22.23 -58.86 4.26
N LYS A 275 -23.09 -59.85 4.01
CA LYS A 275 -22.81 -61.22 4.40
C LYS A 275 -23.01 -62.25 3.30
N ASN A 276 -23.57 -61.89 2.14
CA ASN A 276 -23.59 -62.82 1.02
C ASN A 276 -22.20 -62.96 0.46
N GLU A 277 -21.38 -63.77 1.13
CA GLU A 277 -19.97 -63.82 0.79
C GLU A 277 -19.75 -64.62 -0.47
N SER A 278 -20.73 -65.44 -0.87
CA SER A 278 -20.74 -66.02 -2.20
C SER A 278 -20.86 -64.94 -3.27
N ALA A 279 -21.73 -63.96 -3.04
CA ALA A 279 -21.81 -62.81 -3.94
C ALA A 279 -20.52 -62.02 -3.92
N HIS A 280 -19.87 -61.96 -2.76
CA HIS A 280 -18.56 -61.31 -2.66
C HIS A 280 -17.51 -62.07 -3.47
N ILE A 281 -17.56 -63.40 -3.49
CA ILE A 281 -16.66 -64.21 -4.31
C ILE A 281 -16.85 -63.89 -5.78
N SER A 282 -18.12 -63.90 -6.22
CA SER A 282 -18.45 -63.64 -7.62
C SER A 282 -17.96 -62.28 -8.07
N ASP A 283 -18.27 -61.24 -7.27
CA ASP A 283 -17.88 -59.89 -7.62
C ASP A 283 -16.38 -59.74 -7.63
N ALA A 284 -15.72 -60.29 -6.61
CA ALA A 284 -14.28 -60.12 -6.47
C ALA A 284 -13.54 -60.81 -7.60
N VAL A 285 -14.02 -61.97 -8.04
CA VAL A 285 -13.32 -62.67 -9.11
C VAL A 285 -13.52 -61.97 -10.45
N GLY A 286 -14.74 -61.46 -10.71
CA GLY A 286 -14.94 -60.68 -11.93
C GLY A 286 -14.10 -59.41 -11.98
N VAL A 287 -14.05 -58.70 -10.85
CA VAL A 287 -13.22 -57.50 -10.69
C VAL A 287 -11.76 -57.80 -10.93
N VAL A 288 -11.20 -58.78 -10.21
CA VAL A 288 -9.77 -59.04 -10.24
C VAL A 288 -9.37 -59.65 -11.58
N ALA A 289 -10.26 -60.41 -12.21
CA ALA A 289 -9.96 -60.97 -13.53
C ALA A 289 -9.84 -59.88 -14.58
N GLN A 290 -10.81 -58.98 -14.63
CA GLN A 290 -10.72 -57.93 -15.63
C GLN A 290 -9.65 -56.90 -15.24
N ALA A 291 -9.29 -56.81 -13.96
CA ALA A 291 -8.15 -55.99 -13.57
C ALA A 291 -6.83 -56.63 -13.98
N VAL A 292 -6.74 -57.96 -13.95
CA VAL A 292 -5.59 -58.69 -14.49
C VAL A 292 -5.48 -58.43 -15.99
N HIS A 293 -6.61 -58.43 -16.68
CA HIS A 293 -6.59 -58.09 -18.09
C HIS A 293 -6.23 -56.63 -18.33
N GLU A 294 -6.54 -55.76 -17.37
CA GLU A 294 -5.99 -54.41 -17.44
C GLU A 294 -4.48 -54.39 -17.20
N LEU A 295 -3.98 -55.28 -16.35
CA LEU A 295 -2.54 -55.40 -16.11
C LEU A 295 -1.81 -55.90 -17.35
N LEU A 296 -2.40 -56.86 -18.06
CA LEU A 296 -1.77 -57.39 -19.26
C LEU A 296 -1.81 -56.40 -20.41
N GLU A 297 -2.73 -55.45 -20.36
CA GLU A 297 -2.69 -54.29 -21.24
C GLU A 297 -1.50 -53.39 -20.96
N LYS A 298 -1.08 -53.28 -19.70
CA LYS A 298 0.06 -52.46 -19.35
C LYS A 298 1.35 -53.11 -19.84
N GLU A 299 2.43 -52.32 -19.83
CA GLU A 299 3.74 -52.76 -20.24
C GLU A 299 4.60 -52.98 -19.02
N ASN A 300 5.72 -53.69 -19.23
CA ASN A 300 6.78 -53.87 -18.25
C ASN A 300 6.26 -54.52 -16.98
N ILE A 301 5.48 -55.60 -17.16
CA ILE A 301 4.84 -56.26 -16.04
C ILE A 301 5.90 -56.95 -15.21
N THR A 302 6.21 -56.36 -14.05
CA THR A 302 7.33 -56.79 -13.23
C THR A 302 7.03 -58.14 -12.61
N ASP A 303 8.11 -58.80 -12.22
CA ASP A 303 7.73 -60.16 -11.90
C ASP A 303 7.48 -60.34 -10.42
N PRO A 304 6.51 -61.20 -10.12
CA PRO A 304 6.38 -61.67 -8.77
C PRO A 304 7.58 -62.51 -8.40
N PRO A 305 8.25 -62.18 -7.32
CA PRO A 305 9.26 -63.07 -6.77
C PRO A 305 8.60 -64.32 -6.21
N ARG A 306 9.31 -65.43 -6.34
CA ARG A 306 8.89 -66.66 -5.68
C ARG A 306 9.32 -66.71 -4.23
N GLY A 307 10.63 -66.60 -4.00
CA GLY A 307 11.13 -66.73 -2.67
C GLY A 307 10.91 -65.48 -1.84
N CYS A 308 10.61 -65.71 -0.57
CA CYS A 308 10.81 -64.71 0.47
C CYS A 308 12.19 -64.84 1.08
N VAL A 309 13.16 -65.24 0.27
CA VAL A 309 14.60 -65.30 0.57
C VAL A 309 15.33 -64.74 -0.64
N GLY A 310 16.24 -63.78 -0.40
CA GLY A 310 17.01 -63.18 -1.48
C GLY A 310 16.26 -62.13 -2.27
N ASN A 311 14.93 -62.10 -2.19
CA ASN A 311 14.10 -61.21 -2.97
C ASN A 311 13.76 -60.00 -2.11
N THR A 312 14.68 -59.05 -2.07
CA THR A 312 14.50 -57.82 -1.31
C THR A 312 13.79 -56.75 -2.12
N ASN A 313 12.97 -57.16 -3.08
CA ASN A 313 12.59 -56.28 -4.17
C ASN A 313 11.08 -56.05 -4.17
N ILE A 314 10.70 -54.80 -3.99
CA ILE A 314 9.31 -54.43 -3.99
C ILE A 314 8.75 -54.57 -5.40
N TRP A 315 7.48 -54.95 -5.49
CA TRP A 315 6.71 -54.68 -6.70
C TRP A 315 6.88 -53.25 -7.17
N LYS A 316 7.45 -53.09 -8.35
CA LYS A 316 7.40 -51.82 -9.02
C LYS A 316 6.01 -51.54 -9.55
N THR A 317 5.29 -52.57 -9.96
CA THR A 317 3.91 -52.41 -10.39
C THR A 317 2.94 -52.50 -9.23
N GLY A 318 3.44 -52.56 -8.00
CA GLY A 318 2.67 -52.35 -6.78
C GLY A 318 1.76 -51.13 -6.83
N PRO A 319 2.35 -49.94 -6.98
CA PRO A 319 1.52 -48.75 -7.26
C PRO A 319 0.81 -48.82 -8.59
N LEU A 320 1.29 -49.61 -9.54
CA LEU A 320 0.52 -49.78 -10.76
C LEU A 320 -0.63 -50.77 -10.56
N PHE A 321 -0.47 -51.74 -9.64
CA PHE A 321 -1.64 -52.52 -9.21
C PHE A 321 -2.67 -51.60 -8.59
N LYS A 322 -2.20 -50.64 -7.78
CA LYS A 322 -3.09 -49.71 -7.12
C LYS A 322 -3.79 -48.80 -8.13
N ARG A 323 -3.05 -48.39 -9.16
CA ARG A 323 -3.67 -47.58 -10.21
C ARG A 323 -4.60 -48.40 -11.09
N VAL A 324 -4.36 -49.70 -11.22
CA VAL A 324 -5.33 -50.57 -11.87
C VAL A 324 -6.59 -50.67 -11.04
N LEU A 325 -6.46 -51.00 -9.76
CA LEU A 325 -7.62 -51.31 -8.94
C LEU A 325 -8.44 -50.09 -8.60
N MET A 326 -7.79 -48.92 -8.49
CA MET A 326 -8.55 -47.70 -8.21
C MET A 326 -9.25 -47.20 -9.46
N SER A 327 -8.63 -47.36 -10.63
CA SER A 327 -9.20 -46.85 -11.86
C SER A 327 -10.04 -47.87 -12.61
N SER A 328 -10.23 -49.06 -12.05
CA SER A 328 -11.12 -50.00 -12.71
C SER A 328 -12.51 -49.95 -12.08
N LYS A 329 -13.52 -49.89 -12.93
CA LYS A 329 -14.90 -49.79 -12.50
C LYS A 329 -15.65 -51.06 -12.84
N TYR A 330 -16.50 -51.49 -11.92
CA TYR A 330 -17.25 -52.72 -12.09
C TYR A 330 -18.65 -52.45 -11.60
N ALA A 331 -19.51 -51.98 -12.51
CA ALA A 331 -20.92 -51.89 -12.19
C ALA A 331 -21.53 -53.28 -12.11
N ASP A 332 -20.91 -54.25 -12.79
CA ASP A 332 -21.38 -55.62 -12.80
C ASP A 332 -20.75 -56.40 -11.65
N GLY A 333 -21.19 -56.04 -10.46
CA GLY A 333 -21.11 -56.92 -9.33
C GLY A 333 -22.50 -57.35 -8.88
N VAL A 334 -22.53 -58.50 -8.22
CA VAL A 334 -23.79 -59.04 -7.71
C VAL A 334 -24.30 -58.16 -6.57
N THR A 335 -23.39 -57.64 -5.76
CA THR A 335 -23.77 -56.70 -4.70
C THR A 335 -24.06 -55.29 -5.19
N GLY A 336 -24.11 -55.07 -6.50
CA GLY A 336 -24.33 -53.75 -7.04
C GLY A 336 -23.12 -53.29 -7.84
N ARG A 337 -22.88 -51.99 -7.88
CA ARG A 337 -21.68 -51.51 -8.52
C ARG A 337 -20.49 -51.72 -7.61
N VAL A 338 -19.61 -52.63 -8.00
CA VAL A 338 -18.38 -52.85 -7.26
C VAL A 338 -17.45 -51.76 -7.75
N GLU A 339 -17.61 -50.57 -7.18
CA GLU A 339 -16.90 -49.36 -7.55
C GLU A 339 -16.58 -48.62 -6.26
N PHE A 340 -15.30 -48.48 -5.99
CA PHE A 340 -14.84 -48.19 -4.64
C PHE A 340 -14.78 -46.70 -4.37
N ASN A 341 -14.50 -46.39 -3.10
CA ASN A 341 -14.10 -45.05 -2.71
C ASN A 341 -12.68 -44.78 -3.14
N GLU A 342 -12.21 -43.61 -2.73
CA GLU A 342 -10.80 -43.26 -2.80
C GLU A 342 -10.04 -44.14 -1.84
N ASP A 343 -10.71 -44.53 -0.76
CA ASP A 343 -10.15 -45.44 0.21
C ASP A 343 -10.32 -46.89 -0.15
N GLY A 344 -10.82 -47.20 -1.34
CA GLY A 344 -11.09 -48.56 -1.68
C GLY A 344 -12.20 -49.20 -0.87
N ASP A 345 -13.30 -48.49 -0.67
CA ASP A 345 -14.53 -49.05 -0.11
C ASP A 345 -15.65 -48.78 -1.09
N ARG A 346 -16.52 -49.78 -1.31
CA ARG A 346 -17.48 -49.73 -2.41
C ARG A 346 -18.49 -48.61 -2.24
N LYS A 347 -18.63 -47.80 -3.28
CA LYS A 347 -19.58 -46.69 -3.28
C LYS A 347 -21.00 -47.19 -3.51
N PHE A 348 -21.95 -46.54 -2.83
CA PHE A 348 -23.39 -46.81 -2.93
C PHE A 348 -23.73 -48.26 -2.57
N ALA A 349 -23.20 -48.70 -1.45
CA ALA A 349 -23.65 -49.95 -0.84
C ALA A 349 -25.00 -49.72 -0.18
N ASN A 350 -25.89 -50.67 -0.37
CA ASN A 350 -27.28 -50.48 0.03
C ASN A 350 -27.41 -50.58 1.53
N TYR A 351 -28.11 -49.62 2.12
CA TYR A 351 -28.29 -49.55 3.56
C TYR A 351 -29.70 -49.95 3.93
N SER A 352 -29.84 -50.61 5.07
CA SER A 352 -31.14 -50.81 5.70
C SER A 352 -31.01 -50.58 7.19
N ILE A 353 -31.92 -49.79 7.70
CA ILE A 353 -31.83 -49.16 9.01
C ILE A 353 -33.06 -49.59 9.80
N MET A 354 -32.80 -50.03 11.02
CA MET A 354 -33.51 -51.09 11.71
C MET A 354 -34.08 -50.51 13.00
N ASN A 355 -35.08 -51.17 13.57
CA ASN A 355 -35.59 -50.75 14.86
C ASN A 355 -35.95 -51.94 15.72
N LEU A 356 -35.11 -52.25 16.69
CA LEU A 356 -35.52 -53.13 17.79
C LEU A 356 -36.73 -52.52 18.43
N GLN A 357 -37.87 -53.17 18.26
CA GLN A 357 -39.11 -52.70 18.84
C GLN A 357 -39.75 -53.92 19.47
N ASN A 358 -39.82 -53.91 20.80
CA ASN A 358 -39.84 -55.11 21.64
C ASN A 358 -38.66 -56.02 21.30
N ARG A 359 -37.51 -55.36 21.06
CA ARG A 359 -36.29 -56.00 20.56
C ARG A 359 -36.55 -56.83 19.31
N LYS A 360 -37.43 -56.33 18.45
CA LYS A 360 -37.76 -57.01 17.20
C LYS A 360 -37.50 -56.00 16.13
N LEU A 361 -36.52 -56.28 15.27
CA LEU A 361 -36.00 -55.29 14.35
C LEU A 361 -37.03 -54.87 13.32
N VAL A 362 -37.20 -53.57 13.21
CA VAL A 362 -38.19 -52.96 12.34
C VAL A 362 -37.44 -52.13 11.32
N GLN A 363 -37.45 -52.59 10.07
CA GLN A 363 -36.75 -51.88 9.01
C GLN A 363 -37.46 -50.58 8.69
N VAL A 364 -36.71 -49.50 8.61
CA VAL A 364 -37.21 -48.26 8.05
C VAL A 364 -36.31 -47.76 6.92
N GLY A 365 -35.05 -47.49 7.22
CA GLY A 365 -34.18 -46.77 6.31
C GLY A 365 -33.59 -47.70 5.26
N ILE A 366 -33.57 -47.22 4.03
CA ILE A 366 -32.95 -47.94 2.93
C ILE A 366 -32.21 -46.90 2.08
N TYR A 367 -31.02 -47.25 1.65
CA TYR A 367 -30.25 -46.38 0.78
C TYR A 367 -29.69 -47.16 -0.39
N ASN A 368 -29.69 -46.53 -1.55
CA ASN A 368 -28.79 -46.97 -2.61
C ASN A 368 -27.40 -46.84 -2.06
N GLY A 369 -26.96 -45.61 -1.85
CA GLY A 369 -26.03 -45.30 -0.77
C GLY A 369 -26.50 -44.07 -0.06
N THR A 370 -27.17 -43.19 -0.84
CA THR A 370 -27.50 -41.84 -0.41
C THR A 370 -28.98 -41.54 -0.54
N HIS A 371 -29.75 -42.42 -1.14
CA HIS A 371 -31.12 -42.11 -1.47
C HIS A 371 -32.06 -42.59 -0.39
N VAL A 372 -32.72 -41.64 0.26
CA VAL A 372 -33.46 -41.86 1.50
C VAL A 372 -34.71 -42.66 1.19
N ILE A 373 -34.82 -43.84 1.76
CA ILE A 373 -36.01 -44.65 1.57
C ILE A 373 -36.48 -45.08 2.95
N PRO A 374 -37.31 -44.31 3.62
CA PRO A 374 -37.91 -44.81 4.85
C PRO A 374 -38.98 -45.82 4.52
N ASN A 375 -38.92 -46.96 5.18
CA ASN A 375 -39.99 -47.92 5.02
C ASN A 375 -41.23 -47.41 5.71
N ASP A 376 -42.36 -47.97 5.29
CA ASP A 376 -43.66 -47.54 5.77
C ASP A 376 -43.89 -47.91 7.22
N ARG A 377 -43.08 -48.84 7.73
CA ARG A 377 -42.95 -49.07 9.16
C ARG A 377 -42.52 -47.78 9.85
N LYS A 378 -43.19 -47.46 10.94
CA LYS A 378 -42.96 -46.21 11.65
C LYS A 378 -41.86 -46.36 12.67
N ILE A 379 -41.17 -45.25 12.95
CA ILE A 379 -40.20 -45.25 14.03
C ILE A 379 -40.90 -44.80 15.30
N ILE A 380 -41.26 -45.77 16.14
CA ILE A 380 -41.44 -45.53 17.56
C ILE A 380 -40.11 -44.98 18.06
N TRP A 381 -40.11 -43.73 18.48
CA TRP A 381 -38.89 -43.13 18.95
C TRP A 381 -38.54 -43.76 20.29
N PRO A 382 -37.27 -44.06 20.54
CA PRO A 382 -36.92 -45.27 21.31
C PRO A 382 -37.25 -45.28 22.79
N GLY A 383 -38.00 -44.29 23.26
CA GLY A 383 -38.82 -44.39 24.44
C GLY A 383 -40.27 -44.33 24.05
N GLY A 384 -40.80 -43.12 23.94
CA GLY A 384 -42.20 -42.90 23.63
C GLY A 384 -42.58 -43.08 22.18
N GLU A 385 -43.32 -42.15 21.62
CA GLU A 385 -44.11 -42.41 20.42
C GLU A 385 -43.39 -42.42 19.08
N THR A 386 -44.18 -42.30 18.03
CA THR A 386 -43.70 -42.17 16.66
C THR A 386 -43.55 -40.72 16.20
N GLU A 387 -43.34 -39.80 17.13
CA GLU A 387 -43.24 -38.39 16.79
C GLU A 387 -41.79 -37.91 16.81
N LYS A 388 -41.41 -37.21 15.74
CA LYS A 388 -40.04 -36.73 15.55
C LYS A 388 -39.67 -35.76 16.66
N PRO A 389 -38.72 -36.07 17.48
CA PRO A 389 -38.58 -35.38 18.76
C PRO A 389 -37.75 -34.12 18.66
N ARG A 390 -37.36 -33.61 19.83
CA ARG A 390 -36.58 -32.38 19.92
C ARG A 390 -35.45 -32.56 20.92
N GLY A 391 -34.22 -32.41 20.44
CA GLY A 391 -33.09 -32.23 21.31
C GLY A 391 -32.83 -30.75 21.47
N TYR A 392 -33.87 -29.99 21.78
CA TYR A 392 -33.89 -28.55 21.63
C TYR A 392 -34.43 -27.85 22.86
N GLN A 393 -34.37 -28.53 24.00
CA GLN A 393 -35.19 -28.18 25.13
C GLN A 393 -34.49 -27.12 25.98
N MET A 394 -34.93 -25.87 25.85
CA MET A 394 -34.34 -24.73 26.53
C MET A 394 -34.45 -24.85 28.06
N SER A 395 -33.65 -24.08 28.77
CA SER A 395 -33.68 -24.06 30.22
C SER A 395 -34.12 -22.74 30.80
N THR A 396 -33.99 -21.64 30.04
CA THR A 396 -34.15 -20.26 30.51
C THR A 396 -33.32 -20.00 31.76
N ARG A 397 -32.11 -20.54 31.78
CA ARG A 397 -31.25 -20.46 32.96
C ARG A 397 -29.88 -20.06 32.46
N LEU A 398 -29.56 -18.80 32.64
CA LEU A 398 -28.49 -18.18 31.87
C LEU A 398 -27.29 -17.93 32.76
N LYS A 399 -26.25 -18.73 32.54
CA LYS A 399 -25.04 -18.67 33.34
C LYS A 399 -24.28 -17.42 32.98
N ILE A 400 -24.24 -16.48 33.91
CA ILE A 400 -23.60 -15.21 33.68
C ILE A 400 -22.46 -15.08 34.67
N VAL A 401 -21.29 -14.74 34.17
CA VAL A 401 -20.15 -14.46 35.03
C VAL A 401 -19.82 -12.99 34.80
N THR A 402 -19.52 -12.26 35.87
CA THR A 402 -19.50 -10.81 35.81
C THR A 402 -18.13 -10.26 36.19
N ILE A 403 -17.56 -9.49 35.27
CA ILE A 403 -16.28 -8.84 35.49
C ILE A 403 -16.56 -7.62 36.37
N HIS A 404 -15.68 -7.37 37.32
CA HIS A 404 -15.93 -6.47 38.43
C HIS A 404 -15.80 -5.03 37.92
N GLN A 405 -16.81 -4.61 37.16
CA GLN A 405 -16.69 -3.45 36.28
C GLN A 405 -17.67 -2.40 36.76
N GLU A 406 -17.18 -1.36 37.37
CA GLU A 406 -18.10 -0.42 37.95
C GLU A 406 -18.20 0.81 37.06
N PRO A 407 -19.41 1.36 36.90
CA PRO A 407 -20.72 1.11 37.50
C PRO A 407 -21.50 -0.01 36.89
N PHE A 408 -20.93 -0.60 35.84
CA PHE A 408 -21.61 -1.60 35.03
C PHE A 408 -22.04 -2.79 35.87
N VAL A 409 -21.12 -3.28 36.70
CA VAL A 409 -21.46 -4.05 37.88
C VAL A 409 -20.63 -3.49 39.00
N TYR A 410 -21.25 -2.70 39.86
CA TYR A 410 -20.71 -2.51 41.18
C TYR A 410 -20.83 -3.85 41.88
N VAL A 411 -19.67 -4.41 42.22
CA VAL A 411 -19.58 -5.59 43.04
C VAL A 411 -19.35 -5.12 44.45
N LYS A 412 -20.40 -5.12 45.24
CA LYS A 412 -20.31 -4.71 46.63
C LYS A 412 -20.76 -5.91 47.44
N PRO A 413 -20.40 -6.00 48.72
CA PRO A 413 -20.84 -7.15 49.49
C PRO A 413 -22.31 -7.04 49.83
N THR A 414 -22.84 -8.17 50.28
CA THR A 414 -24.22 -8.23 50.74
C THR A 414 -24.31 -7.68 52.16
N LEU A 415 -25.46 -7.87 52.79
CA LEU A 415 -25.56 -7.64 54.22
C LEU A 415 -24.84 -8.75 54.99
N SER A 416 -24.86 -8.61 56.30
CA SER A 416 -24.57 -9.74 57.18
C SER A 416 -25.63 -10.82 57.04
N ASP A 417 -26.81 -10.47 56.54
CA ASP A 417 -27.84 -11.43 56.17
C ASP A 417 -27.43 -12.30 54.99
N GLY A 418 -26.37 -11.91 54.26
CA GLY A 418 -26.12 -12.48 52.96
C GLY A 418 -27.01 -11.89 51.90
N THR A 419 -27.76 -10.85 52.22
CA THR A 419 -28.71 -10.27 51.28
C THR A 419 -28.24 -8.89 50.86
N CYS A 420 -28.71 -8.49 49.70
CA CYS A 420 -28.59 -7.12 49.29
C CYS A 420 -29.50 -6.23 50.13
N LYS A 421 -29.13 -4.96 50.21
CA LYS A 421 -29.84 -4.03 51.06
C LYS A 421 -31.08 -3.50 50.33
N GLU A 422 -31.61 -2.40 50.85
CA GLU A 422 -32.54 -1.58 50.10
C GLU A 422 -31.95 -0.19 49.97
N GLU A 423 -31.11 -0.02 48.96
CA GLU A 423 -30.48 1.25 48.71
C GLU A 423 -31.26 1.92 47.60
N PHE A 424 -31.09 3.23 47.48
CA PHE A 424 -31.96 3.97 46.62
C PHE A 424 -31.15 4.87 45.72
N THR A 425 -31.76 5.21 44.60
CA THR A 425 -31.07 6.01 43.61
C THR A 425 -31.02 7.47 44.06
N VAL A 426 -30.49 8.31 43.19
CA VAL A 426 -30.65 9.75 43.32
C VAL A 426 -32.14 10.10 43.24
N ASN A 427 -32.87 9.35 42.42
CA ASN A 427 -34.32 9.40 42.37
C ASN A 427 -34.97 8.63 43.52
N GLY A 428 -34.19 8.12 44.46
CA GLY A 428 -34.73 7.35 45.55
C GLY A 428 -35.35 6.04 45.13
N ASP A 429 -34.82 5.42 44.11
CA ASP A 429 -35.48 4.24 43.64
C ASP A 429 -34.69 3.02 44.06
N PRO A 430 -35.37 1.95 44.49
CA PRO A 430 -34.66 0.76 44.97
C PRO A 430 -33.80 0.15 43.88
N VAL A 431 -32.49 0.23 44.12
CA VAL A 431 -31.49 -0.03 43.11
C VAL A 431 -31.53 -1.52 42.77
N LYS A 432 -31.43 -1.84 41.49
CA LYS A 432 -31.43 -3.24 41.10
C LYS A 432 -30.13 -3.92 41.51
N LYS A 433 -30.25 -4.91 42.38
CA LYS A 433 -29.11 -5.53 43.04
C LYS A 433 -29.16 -7.01 42.73
N VAL A 434 -28.00 -7.62 42.53
CA VAL A 434 -27.95 -9.02 42.13
C VAL A 434 -26.94 -9.76 43.00
N ILE A 435 -27.39 -10.88 43.56
CA ILE A 435 -26.51 -11.89 44.15
C ILE A 435 -25.55 -12.44 43.10
N CYS A 436 -24.26 -12.38 43.40
CA CYS A 436 -23.22 -12.70 42.42
C CYS A 436 -22.17 -13.58 43.07
N THR A 437 -22.07 -14.82 42.64
CA THR A 437 -21.20 -15.76 43.31
C THR A 437 -19.78 -15.66 42.77
N GLY A 438 -18.83 -15.51 43.68
CA GLY A 438 -17.45 -15.57 43.30
C GLY A 438 -16.52 -15.08 44.39
N PRO A 439 -15.23 -15.07 44.11
CA PRO A 439 -14.20 -15.12 45.15
C PRO A 439 -14.18 -13.96 46.12
N ASN A 440 -13.64 -14.22 47.32
CA ASN A 440 -13.38 -13.11 48.22
C ASN A 440 -12.00 -12.51 48.00
N ASP A 441 -10.97 -13.32 48.19
CA ASP A 441 -9.60 -12.82 48.08
C ASP A 441 -9.21 -12.92 46.61
N THR A 442 -9.76 -12.03 45.79
CA THR A 442 -9.82 -12.19 44.34
C THR A 442 -8.47 -12.02 43.66
N SER A 443 -7.52 -12.82 44.05
CA SER A 443 -6.17 -12.79 43.56
C SER A 443 -5.58 -14.18 43.63
N PRO A 444 -4.72 -14.56 42.68
CA PRO A 444 -4.19 -15.92 42.69
C PRO A 444 -3.18 -16.10 43.81
N GLY A 445 -3.16 -17.30 44.37
CA GLY A 445 -2.36 -17.57 45.55
C GLY A 445 -2.97 -17.07 46.83
N SER A 446 -4.21 -16.59 46.78
CA SER A 446 -4.94 -16.15 47.95
C SER A 446 -6.17 -17.04 48.09
N PRO A 447 -6.63 -17.29 49.31
CA PRO A 447 -7.80 -18.16 49.48
C PRO A 447 -9.05 -17.48 48.96
N ARG A 448 -9.46 -17.88 47.77
CA ARG A 448 -10.60 -17.31 47.08
C ARG A 448 -11.88 -17.98 47.54
N HIS A 449 -12.75 -17.22 48.18
CA HIS A 449 -13.93 -17.77 48.81
C HIS A 449 -15.13 -17.28 48.02
N THR A 450 -15.82 -18.19 47.35
CA THR A 450 -16.92 -17.77 46.49
C THR A 450 -18.10 -17.33 47.33
N VAL A 451 -18.17 -16.03 47.58
CA VAL A 451 -19.29 -15.40 48.25
C VAL A 451 -20.19 -14.80 47.17
N PRO A 452 -21.50 -15.00 47.30
CA PRO A 452 -22.44 -14.21 46.52
C PRO A 452 -22.57 -12.81 47.11
N GLN A 453 -22.43 -11.82 46.25
CA GLN A 453 -22.25 -10.44 46.67
C GLN A 453 -23.19 -9.58 45.84
N CYS A 454 -23.58 -8.44 46.40
CA CYS A 454 -24.50 -7.51 45.74
C CYS A 454 -23.88 -6.91 44.49
N CYS A 455 -24.73 -6.71 43.50
CA CYS A 455 -24.29 -6.24 42.21
C CYS A 455 -25.25 -5.17 41.73
N TYR A 456 -24.70 -4.22 40.98
CA TYR A 456 -25.38 -2.99 40.67
C TYR A 456 -25.02 -2.61 39.26
N GLY A 457 -25.98 -2.15 38.47
CA GLY A 457 -25.55 -1.64 37.19
C GLY A 457 -26.53 -1.57 36.06
N PHE A 458 -26.04 -1.02 34.95
CA PHE A 458 -26.69 -1.01 33.64
C PHE A 458 -27.25 -2.37 33.29
N CYS A 459 -26.37 -3.36 33.33
CA CYS A 459 -26.62 -4.62 32.68
C CYS A 459 -27.67 -5.41 33.42
N ILE A 460 -27.75 -5.22 34.73
CA ILE A 460 -28.79 -5.82 35.54
C ILE A 460 -30.15 -5.32 35.11
N ASP A 461 -30.23 -4.01 34.85
CA ASP A 461 -31.46 -3.39 34.41
C ASP A 461 -31.88 -3.99 33.09
N LEU A 462 -30.91 -4.18 32.21
CA LEU A 462 -31.17 -4.76 30.90
C LEU A 462 -31.60 -6.21 31.01
N LEU A 463 -30.97 -6.97 31.89
CA LEU A 463 -31.34 -8.36 32.06
C LEU A 463 -32.72 -8.53 32.62
N ILE A 464 -33.14 -7.59 33.46
CA ILE A 464 -34.49 -7.70 33.95
C ILE A 464 -35.47 -7.28 32.87
N LYS A 465 -35.09 -6.30 32.03
CA LYS A 465 -35.85 -6.00 30.83
C LYS A 465 -36.01 -7.24 29.95
N LEU A 466 -34.97 -8.03 29.85
CA LEU A 466 -35.06 -9.23 29.02
C LEU A 466 -35.73 -10.37 29.76
N ALA A 467 -35.77 -10.35 31.08
CA ALA A 467 -36.63 -11.28 31.80
C ALA A 467 -38.08 -11.00 31.49
N ARG A 468 -38.41 -9.72 31.38
CA ARG A 468 -39.76 -9.32 31.02
C ARG A 468 -40.08 -9.69 29.58
N THR A 469 -39.26 -9.22 28.65
CA THR A 469 -39.53 -9.37 27.23
C THR A 469 -39.17 -10.73 26.71
N MET A 470 -38.49 -11.54 27.49
CA MET A 470 -37.81 -12.70 26.98
C MET A 470 -37.99 -13.93 27.84
N ASN A 471 -38.36 -13.78 29.11
CA ASN A 471 -38.77 -14.85 30.02
C ASN A 471 -37.63 -15.84 30.25
N PHE A 472 -36.58 -15.32 30.86
CA PHE A 472 -35.42 -16.13 31.23
C PHE A 472 -35.09 -15.93 32.70
N THR A 473 -34.31 -16.86 33.23
CA THR A 473 -33.65 -16.67 34.52
C THR A 473 -32.15 -16.62 34.29
N TYR A 474 -31.48 -15.96 35.22
CA TYR A 474 -30.15 -15.44 34.98
C TYR A 474 -29.29 -15.86 36.15
N GLU A 475 -28.19 -16.52 35.85
CA GLU A 475 -27.41 -17.21 36.86
C GLU A 475 -26.06 -16.52 36.93
N VAL A 476 -25.90 -15.70 37.95
CA VAL A 476 -24.99 -14.57 37.89
C VAL A 476 -23.83 -14.77 38.85
N HIS A 477 -22.62 -14.66 38.31
CA HIS A 477 -21.44 -15.08 39.04
C HIS A 477 -20.34 -14.04 38.88
N LEU A 478 -19.32 -14.16 39.72
CA LEU A 478 -18.18 -13.28 39.66
C LEU A 478 -17.04 -14.00 38.98
N VAL A 479 -16.12 -13.24 38.39
CA VAL A 479 -15.00 -13.90 37.72
C VAL A 479 -13.95 -14.19 38.78
N ALA A 480 -13.34 -15.36 38.70
CA ALA A 480 -12.14 -15.59 39.50
C ALA A 480 -10.98 -14.74 39.00
N ASP A 481 -10.83 -14.59 37.69
CA ASP A 481 -9.78 -13.79 37.09
C ASP A 481 -10.00 -12.29 37.22
N GLY A 482 -11.26 -11.85 37.21
CA GLY A 482 -11.57 -10.46 36.96
C GLY A 482 -11.16 -9.98 35.59
N LYS A 483 -11.01 -10.89 34.63
CA LYS A 483 -10.37 -10.59 33.36
C LYS A 483 -11.15 -11.20 32.20
N PHE A 484 -10.98 -10.60 31.04
CA PHE A 484 -11.60 -11.07 29.80
C PHE A 484 -11.01 -12.41 29.43
N GLY A 485 -9.69 -12.45 29.32
CA GLY A 485 -9.06 -13.70 29.03
C GLY A 485 -8.88 -13.92 27.55
N THR A 486 -7.64 -13.90 27.10
CA THR A 486 -7.35 -13.87 25.69
C THR A 486 -6.71 -15.19 25.32
N GLN A 487 -6.54 -15.42 24.02
CA GLN A 487 -5.71 -16.53 23.58
C GLN A 487 -4.27 -16.30 23.98
N GLU A 488 -3.83 -17.08 24.93
CA GLU A 488 -2.45 -17.06 25.41
C GLU A 488 -1.99 -18.51 25.45
N ARG A 489 -0.68 -18.70 25.33
CA ARG A 489 -0.13 -20.05 25.26
C ARG A 489 0.07 -20.64 26.64
N VAL A 490 -0.35 -21.89 26.80
CA VAL A 490 -0.12 -22.66 28.01
C VAL A 490 1.30 -23.21 27.89
N ASN A 491 1.87 -23.70 29.00
CA ASN A 491 3.11 -24.46 29.00
C ASN A 491 3.03 -25.62 28.01
N ASN A 492 4.21 -25.99 27.51
CA ASN A 492 4.57 -26.51 26.18
C ASN A 492 4.56 -25.40 25.14
N SER A 493 4.23 -24.16 25.54
CA SER A 493 4.63 -22.92 24.85
C SER A 493 4.06 -22.80 23.45
N ASN A 494 2.92 -23.43 23.21
CA ASN A 494 2.23 -23.31 21.92
C ASN A 494 0.72 -23.23 22.05
N LYS A 495 0.17 -23.54 23.21
CA LYS A 495 -1.24 -23.82 23.37
C LYS A 495 -1.99 -22.51 23.47
N LYS A 496 -2.31 -21.93 22.33
CA LYS A 496 -2.97 -20.64 22.24
C LYS A 496 -4.44 -20.80 22.59
N GLU A 497 -4.80 -20.45 23.81
CA GLU A 497 -6.13 -20.78 24.32
C GLU A 497 -6.77 -19.55 24.89
N TRP A 498 -8.06 -19.39 24.62
CA TRP A 498 -8.81 -18.31 25.24
C TRP A 498 -8.90 -18.51 26.73
N ASN A 499 -8.55 -17.47 27.46
CA ASN A 499 -8.57 -17.56 28.89
C ASN A 499 -9.87 -16.94 29.37
N GLY A 500 -9.95 -16.71 30.68
CA GLY A 500 -10.91 -15.82 31.32
C GLY A 500 -12.35 -16.02 30.94
N MET A 501 -13.01 -14.92 30.56
CA MET A 501 -14.41 -14.99 30.17
C MET A 501 -14.59 -15.73 28.86
N MET A 502 -13.68 -15.50 27.91
CA MET A 502 -13.67 -16.23 26.65
C MET A 502 -13.51 -17.72 26.88
N GLY A 503 -12.59 -18.10 27.78
CA GLY A 503 -12.49 -19.47 28.18
C GLY A 503 -13.76 -20.01 28.82
N GLU A 504 -14.41 -19.21 29.66
CA GLU A 504 -15.60 -19.65 30.40
C GLU A 504 -16.79 -19.91 29.50
N LEU A 505 -16.99 -19.11 28.45
CA LEU A 505 -17.96 -19.54 27.45
C LEU A 505 -17.46 -20.75 26.70
N LEU A 506 -16.21 -20.71 26.24
CA LEU A 506 -15.72 -21.80 25.42
C LEU A 506 -15.39 -23.05 26.22
N SER A 507 -15.52 -23.02 27.54
CA SER A 507 -15.53 -24.23 28.34
C SER A 507 -16.93 -24.69 28.70
N GLY A 508 -17.96 -23.98 28.30
CA GLY A 508 -19.28 -24.31 28.76
C GLY A 508 -19.63 -23.75 30.12
N GLN A 509 -18.66 -23.17 30.83
CA GLN A 509 -18.86 -22.84 32.24
C GLN A 509 -19.69 -21.60 32.42
N ALA A 510 -19.38 -20.54 31.68
CA ALA A 510 -20.36 -19.47 31.49
C ALA A 510 -21.13 -19.86 30.25
N ASP A 511 -22.42 -19.55 30.24
CA ASP A 511 -23.20 -19.70 29.03
C ASP A 511 -23.68 -18.35 28.52
N MET A 512 -23.50 -17.30 29.30
CA MET A 512 -23.81 -15.94 28.91
C MET A 512 -22.70 -15.07 29.44
N ILE A 513 -22.12 -14.22 28.61
CA ILE A 513 -21.35 -13.11 29.16
C ILE A 513 -22.19 -11.87 29.02
N VAL A 514 -22.58 -11.31 30.15
CA VAL A 514 -23.28 -10.04 30.18
C VAL A 514 -22.23 -9.04 30.68
N ALA A 515 -21.60 -8.34 29.74
CA ALA A 515 -20.57 -7.37 30.02
C ALA A 515 -20.47 -6.42 28.83
N PRO A 516 -20.11 -5.15 29.05
CA PRO A 516 -19.84 -4.26 27.92
C PRO A 516 -18.55 -4.62 27.22
N LEU A 517 -18.65 -5.48 26.22
CA LEU A 517 -17.47 -6.09 25.64
C LEU A 517 -17.04 -5.38 24.36
N THR A 518 -15.83 -4.86 24.39
CA THR A 518 -15.18 -4.33 23.21
C THR A 518 -15.04 -5.42 22.16
N ILE A 519 -15.79 -5.29 21.08
CA ILE A 519 -15.82 -6.39 20.13
C ILE A 519 -14.52 -6.72 19.38
N ASN A 520 -14.29 -8.03 19.19
CA ASN A 520 -13.10 -8.52 18.52
C ASN A 520 -13.43 -9.26 17.24
N ASN A 521 -12.70 -8.93 16.19
CA ASN A 521 -12.85 -9.56 14.90
C ASN A 521 -12.47 -10.99 15.26
N GLU A 522 -11.51 -11.05 16.16
CA GLU A 522 -11.00 -12.32 16.67
C GLU A 522 -11.94 -12.97 17.66
N ARG A 523 -12.54 -12.20 18.58
CA ARG A 523 -13.48 -12.83 19.49
C ARG A 523 -14.75 -13.24 18.76
N ALA A 524 -15.16 -12.44 17.77
CA ALA A 524 -16.27 -12.81 16.90
C ALA A 524 -15.95 -14.00 16.01
N GLN A 525 -14.67 -14.35 15.84
CA GLN A 525 -14.32 -15.60 15.18
C GLN A 525 -14.65 -16.81 16.05
N TYR A 526 -14.94 -16.61 17.33
CA TYR A 526 -15.27 -17.72 18.22
C TYR A 526 -16.62 -17.50 18.85
N ILE A 527 -16.86 -16.29 19.31
CA ILE A 527 -18.03 -15.95 20.11
C ILE A 527 -18.61 -14.68 19.52
N GLU A 528 -19.76 -14.81 18.89
CA GLU A 528 -20.34 -13.72 18.11
C GLU A 528 -21.31 -12.90 18.95
N PHE A 529 -21.11 -11.60 18.91
CA PHE A 529 -21.88 -10.67 19.71
C PHE A 529 -23.32 -10.60 19.23
N SER A 530 -24.16 -10.01 20.07
CA SER A 530 -25.42 -9.46 19.62
C SER A 530 -25.15 -8.04 19.15
N LYS A 531 -26.18 -7.26 19.03
CA LYS A 531 -25.96 -5.85 18.71
C LYS A 531 -25.32 -5.14 19.89
N PRO A 532 -24.23 -4.42 19.66
CA PRO A 532 -23.49 -3.78 20.77
C PRO A 532 -24.20 -2.57 21.32
N PHE A 533 -23.82 -2.22 22.54
CA PHE A 533 -24.47 -1.09 23.20
C PHE A 533 -23.85 0.22 22.77
N LYS A 534 -22.60 0.40 23.15
CA LYS A 534 -21.97 1.69 23.14
C LYS A 534 -20.87 1.67 22.09
N TYR A 535 -20.63 2.80 21.49
CA TYR A 535 -19.73 2.89 20.36
C TYR A 535 -18.62 3.82 20.80
N GLN A 536 -17.60 3.26 21.43
CA GLN A 536 -16.59 4.07 22.08
C GLN A 536 -15.24 3.58 21.60
N GLY A 537 -14.22 4.04 22.28
CA GLY A 537 -12.90 3.52 22.09
C GLY A 537 -12.10 3.78 23.34
N LEU A 538 -10.85 3.34 23.30
CA LEU A 538 -9.94 3.57 24.40
C LEU A 538 -9.59 5.04 24.46
N THR A 539 -9.64 5.61 25.67
CA THR A 539 -9.16 6.94 25.98
C THR A 539 -8.15 6.84 27.11
N ILE A 540 -7.71 8.00 27.60
CA ILE A 540 -6.47 8.13 28.36
C ILE A 540 -6.74 8.93 29.63
N LEU A 541 -6.61 8.27 30.78
CA LEU A 541 -6.57 8.97 32.08
C LEU A 541 -5.25 9.70 32.22
N VAL A 542 -5.33 11.01 32.49
CA VAL A 542 -4.20 11.87 32.76
C VAL A 542 -4.42 12.50 34.12
N LYS A 543 -3.35 12.59 34.91
CA LYS A 543 -3.30 13.32 36.16
C LYS A 543 -3.73 14.77 35.95
N LYS A 544 -4.49 15.31 36.90
CA LYS A 544 -4.82 16.72 36.85
C LYS A 544 -3.71 17.51 37.54
N GLU A 545 -3.21 18.54 36.87
CA GLU A 545 -2.18 19.38 37.45
C GLU A 545 -2.78 20.32 38.49
N ILE A 546 -1.98 20.65 39.49
CA ILE A 546 -2.43 21.52 40.56
C ILE A 546 -2.30 22.99 40.17
N PRO A 547 -2.91 23.85 40.99
CA PRO A 547 -2.85 25.28 40.77
C PRO A 547 -1.51 25.85 41.24
N ARG A 548 -1.31 27.13 40.95
CA ARG A 548 -0.10 27.83 41.38
C ARG A 548 -0.33 28.59 42.68
N SER A 553 -1.90 33.91 44.47
CA SER A 553 -0.88 33.06 43.88
C SER A 553 0.52 33.18 44.50
N PHE A 554 1.10 34.37 44.56
CA PHE A 554 2.52 34.47 44.88
C PHE A 554 2.77 35.58 45.89
N MET A 555 4.03 35.93 46.03
CA MET A 555 4.48 37.23 46.50
C MET A 555 4.79 38.06 45.27
N GLN A 556 5.65 39.08 45.40
CA GLN A 556 6.26 39.74 44.25
C GLN A 556 7.06 38.77 43.39
N PRO A 557 6.78 38.65 42.10
CA PRO A 557 7.76 38.01 41.19
C PRO A 557 8.75 38.99 40.56
N PHE A 558 8.71 40.26 40.92
CA PHE A 558 9.20 41.30 40.02
C PHE A 558 10.61 41.78 40.35
N GLN A 559 11.55 40.88 40.67
CA GLN A 559 12.97 41.21 40.80
C GLN A 559 13.25 42.23 41.89
N SER A 560 13.31 41.79 43.17
CA SER A 560 13.51 42.60 44.37
C SER A 560 14.52 43.75 44.24
N THR A 561 15.53 43.57 43.39
CA THR A 561 16.42 44.63 42.96
C THR A 561 15.67 45.82 42.36
N LEU A 562 14.65 45.55 41.55
CA LEU A 562 13.86 46.64 40.95
C LEU A 562 13.11 47.42 42.02
N TRP A 563 12.65 46.72 43.04
CA TRP A 563 11.96 47.34 44.17
C TRP A 563 12.92 48.20 44.97
N LEU A 564 14.16 47.73 45.10
CA LEU A 564 15.20 48.55 45.72
C LEU A 564 15.50 49.79 44.88
N LEU A 565 15.50 49.64 43.55
CA LEU A 565 15.69 50.78 42.66
C LEU A 565 14.57 51.79 42.81
N VAL A 566 13.35 51.29 43.07
CA VAL A 566 12.23 52.17 43.38
C VAL A 566 12.50 52.98 44.65
N GLY A 567 12.98 52.32 45.70
CA GLY A 567 13.32 53.05 46.92
C GLY A 567 14.40 54.10 46.72
N LEU A 568 15.45 53.73 45.96
CA LEU A 568 16.53 54.65 45.64
C LEU A 568 16.05 55.85 44.85
N SER A 569 15.17 55.61 43.87
CA SER A 569 14.63 56.69 43.06
C SER A 569 13.75 57.63 43.87
N VAL A 570 12.98 57.10 44.84
CA VAL A 570 12.16 57.96 45.70
C VAL A 570 13.04 58.86 46.56
N HIS A 571 14.15 58.31 47.06
CA HIS A 571 15.05 59.18 47.81
C HIS A 571 15.76 60.19 46.90
N VAL A 572 16.01 59.83 45.63
CA VAL A 572 16.53 60.79 44.66
C VAL A 572 15.53 61.93 44.43
N VAL A 573 14.23 61.60 44.38
CA VAL A 573 13.17 62.60 44.29
C VAL A 573 13.23 63.54 45.48
N ALA A 574 13.37 62.97 46.67
CA ALA A 574 13.43 63.79 47.89
C ALA A 574 14.62 64.75 47.86
N VAL A 575 15.78 64.25 47.42
CA VAL A 575 16.99 65.08 47.31
C VAL A 575 16.78 66.22 46.34
N MET A 576 16.24 65.92 45.15
CA MET A 576 16.10 66.95 44.13
C MET A 576 15.02 67.96 44.49
N LEU A 577 14.03 67.56 45.30
CA LEU A 577 13.05 68.53 45.76
C LEU A 577 13.61 69.43 46.86
N TYR A 578 14.38 68.86 47.79
CA TYR A 578 14.83 69.67 48.91
C TYR A 578 16.03 70.55 48.58
N LEU A 579 16.81 70.22 47.56
CA LEU A 579 17.93 71.08 47.21
C LEU A 579 17.49 72.39 46.57
N LEU A 580 16.53 72.35 45.66
CA LEU A 580 16.24 73.48 44.81
C LEU A 580 15.34 74.50 45.47
N ASP A 581 15.12 74.35 46.77
CA ASP A 581 14.33 75.30 47.54
C ASP A 581 15.07 76.62 47.69
N ARG A 582 16.39 76.55 47.82
CA ARG A 582 17.22 77.71 48.10
C ARG A 582 17.69 78.41 46.84
N PHE A 583 17.21 78.00 45.68
CA PHE A 583 17.74 78.56 44.45
C PHE A 583 16.70 79.34 43.67
N SER A 584 15.41 79.12 43.96
CA SER A 584 14.25 79.80 43.36
C SER A 584 14.24 79.75 41.83
N LEU A 601 10.20 74.58 53.44
CA LEU A 601 10.00 73.39 52.63
C LEU A 601 11.20 72.47 52.63
N THR A 602 11.93 72.41 53.74
CA THR A 602 13.25 71.76 53.71
C THR A 602 13.41 70.56 54.64
N LEU A 603 12.42 70.20 55.46
CA LEU A 603 12.64 69.11 56.42
C LEU A 603 11.85 67.86 56.12
N SER A 604 10.53 67.94 56.18
CA SER A 604 9.71 66.77 55.95
C SER A 604 8.55 67.13 55.03
N SER A 605 8.62 68.28 54.36
CA SER A 605 7.56 68.67 53.45
C SER A 605 7.61 67.85 52.17
N ALA A 606 8.67 68.03 51.40
CA ALA A 606 8.76 67.39 50.09
C ALA A 606 8.99 65.89 50.19
N MET A 607 9.40 65.40 51.37
CA MET A 607 9.21 63.99 51.72
C MET A 607 7.76 63.58 51.49
N TRP A 608 6.85 64.16 52.28
CA TRP A 608 5.44 63.83 52.17
C TRP A 608 4.80 64.29 50.86
N PHE A 609 5.42 65.22 50.12
CA PHE A 609 4.91 65.51 48.78
C PHE A 609 5.34 64.46 47.77
N SER A 610 6.54 63.92 47.93
CA SER A 610 6.93 62.76 47.14
C SER A 610 6.04 61.57 47.47
N TRP A 611 5.66 61.43 48.73
CA TRP A 611 4.71 60.37 49.06
C TRP A 611 3.29 60.73 48.67
N ARG A 612 3.01 62.00 48.41
CA ARG A 612 1.73 62.35 47.84
C ARG A 612 1.65 61.97 46.37
N VAL A 613 2.63 62.42 45.61
CA VAL A 613 2.52 62.45 44.17
C VAL A 613 3.15 61.20 43.56
N LEU A 614 4.23 60.71 44.15
CA LEU A 614 4.81 59.45 43.70
C LEU A 614 3.92 58.27 44.05
N LEU A 615 3.12 58.37 45.10
CA LEU A 615 2.06 57.41 45.33
C LEU A 615 0.81 57.77 44.53
N ASN A 616 0.82 58.95 43.90
CA ASN A 616 -0.30 59.52 43.15
C ASN A 616 -1.56 59.59 43.99
N SER A 617 -1.40 59.83 45.29
CA SER A 617 -2.55 60.09 46.15
C SER A 617 -3.16 61.41 45.74
N GLY A 618 -2.40 62.50 45.89
CA GLY A 618 -2.71 63.73 45.21
C GLY A 618 -1.84 63.83 43.97
N ILE A 619 -2.48 63.73 42.82
CA ILE A 619 -1.80 63.71 41.54
C ILE A 619 -1.54 65.11 41.02
N GLY A 620 -2.45 66.04 41.27
CA GLY A 620 -2.27 67.42 40.86
C GLY A 620 -1.32 68.17 41.77
N GLU A 621 -1.78 69.35 42.18
CA GLU A 621 -0.94 70.27 42.91
C GLU A 621 -0.56 69.76 44.30
N GLY A 622 0.45 70.39 44.87
CA GLY A 622 1.07 69.95 46.10
C GLY A 622 2.57 70.05 46.05
N SER A 626 12.02 76.70 41.63
CA SER A 626 10.63 77.16 41.61
C SER A 626 9.83 76.39 40.59
N PHE A 627 9.58 76.99 39.42
CA PHE A 627 8.84 76.31 38.37
C PHE A 627 9.60 75.09 37.84
N SER A 628 10.93 75.15 37.88
CA SER A 628 11.75 74.10 37.28
C SER A 628 11.65 72.80 38.07
N ALA A 629 11.65 72.90 39.40
CA ALA A 629 11.44 71.74 40.25
C ALA A 629 10.06 71.15 40.03
N ARG A 630 9.09 71.98 39.67
CA ARG A 630 7.74 71.50 39.45
C ARG A 630 7.64 70.79 38.11
N ILE A 631 8.31 71.34 37.07
CA ILE A 631 8.49 70.65 35.79
C ILE A 631 9.06 69.26 36.02
N LEU A 632 10.18 69.21 36.76
CA LEU A 632 10.85 67.95 37.05
C LEU A 632 9.97 66.98 37.79
N GLY A 633 9.25 67.46 38.80
CA GLY A 633 8.39 66.60 39.59
C GLY A 633 7.20 66.07 38.80
N MET A 634 6.70 66.85 37.85
CA MET A 634 5.57 66.33 37.09
C MET A 634 6.05 65.37 36.01
N VAL A 635 7.30 65.51 35.57
CA VAL A 635 7.95 64.45 34.81
C VAL A 635 8.07 63.18 35.66
N TRP A 636 8.41 63.33 36.94
CA TRP A 636 8.45 62.17 37.86
C TRP A 636 7.09 61.52 38.01
N ALA A 637 6.03 62.32 38.09
CA ALA A 637 4.69 61.75 38.21
C ALA A 637 4.29 61.03 36.93
N GLY A 638 4.74 61.56 35.78
CA GLY A 638 4.59 60.83 34.54
C GLY A 638 5.28 59.48 34.57
N PHE A 639 6.51 59.44 35.11
CA PHE A 639 7.20 58.18 35.33
C PHE A 639 6.41 57.24 36.23
N ALA A 640 5.85 57.78 37.31
CA ALA A 640 5.11 56.96 38.26
C ALA A 640 3.90 56.33 37.59
N MET A 641 3.23 57.09 36.73
CA MET A 641 2.12 56.56 35.96
C MET A 641 2.59 55.47 34.99
N ILE A 642 3.76 55.68 34.38
CA ILE A 642 4.32 54.67 33.47
C ILE A 642 4.64 53.38 34.20
N ILE A 643 5.21 53.50 35.40
CA ILE A 643 5.61 52.36 36.20
C ILE A 643 4.39 51.57 36.64
N VAL A 644 3.33 52.27 37.05
CA VAL A 644 2.07 51.62 37.36
C VAL A 644 1.51 50.90 36.14
N ALA A 645 1.61 51.54 34.97
CA ALA A 645 1.09 50.95 33.74
C ALA A 645 1.84 49.68 33.38
N SER A 646 3.17 49.70 33.53
CA SER A 646 3.99 48.54 33.21
C SER A 646 3.75 47.39 34.17
N TYR A 647 3.69 47.68 35.47
CA TYR A 647 3.52 46.59 36.43
C TYR A 647 2.11 46.03 36.44
N THR A 648 1.11 46.86 36.19
CA THR A 648 -0.23 46.31 36.05
C THR A 648 -0.40 45.58 34.72
N ALA A 649 0.37 45.98 33.70
CA ALA A 649 0.45 45.19 32.49
C ALA A 649 1.07 43.84 32.77
N ASN A 650 2.03 43.81 33.69
CA ASN A 650 2.61 42.54 34.11
C ASN A 650 1.66 41.75 34.99
N LEU A 651 0.83 42.45 35.79
CA LEU A 651 -0.21 41.80 36.59
C LEU A 651 -1.18 41.06 35.70
N ALA A 652 -1.63 41.70 34.62
CA ALA A 652 -2.47 40.99 33.66
C ALA A 652 -1.66 39.95 32.90
N ALA A 653 -0.40 40.27 32.59
CA ALA A 653 0.41 39.43 31.70
C ALA A 653 0.74 38.10 32.34
N PHE A 654 1.50 38.11 33.42
CA PHE A 654 2.02 36.91 34.05
C PHE A 654 0.94 36.08 34.74
N LEU A 655 -0.30 36.60 34.80
CA LEU A 655 -1.45 35.79 35.15
C LEU A 655 -2.17 35.22 33.95
N VAL A 656 -2.22 35.93 32.83
CA VAL A 656 -3.00 35.50 31.68
C VAL A 656 -2.11 34.90 30.59
N LEU A 657 -0.84 35.32 30.52
CA LEU A 657 0.03 34.82 29.46
C LEU A 657 0.51 33.39 29.68
N ASP A 658 1.52 33.01 28.91
CA ASP A 658 1.93 31.63 28.76
C ASP A 658 2.70 31.16 29.98
N ARG A 663 0.20 19.09 26.26
CA ARG A 663 0.23 17.91 27.12
C ARG A 663 0.17 16.63 26.34
N ILE A 664 -0.37 15.61 26.99
CA ILE A 664 -0.61 14.33 26.34
C ILE A 664 -1.73 14.52 25.33
N THR A 665 -1.41 14.34 24.06
CA THR A 665 -2.39 14.47 23.00
C THR A 665 -2.97 13.13 22.56
N GLY A 666 -2.28 12.05 22.88
CA GLY A 666 -2.67 10.74 22.41
C GLY A 666 -1.45 9.98 21.96
N ILE A 667 -1.70 8.99 21.10
CA ILE A 667 -0.66 8.15 20.51
C ILE A 667 0.31 8.97 19.68
N ASN A 668 -0.17 10.09 19.14
CA ASN A 668 0.58 11.00 18.28
C ASN A 668 1.72 11.70 18.99
N ASP A 669 1.82 11.59 20.29
CA ASP A 669 2.94 12.14 21.00
C ASP A 669 4.22 11.37 20.66
N PRO A 670 5.34 12.08 20.54
CA PRO A 670 6.63 11.40 20.61
C PRO A 670 6.96 10.89 21.99
N ARG A 671 6.17 11.28 22.99
CA ARG A 671 6.16 10.63 24.30
C ARG A 671 5.76 9.17 24.20
N LEU A 672 4.99 8.80 23.19
CA LEU A 672 4.50 7.45 22.97
C LEU A 672 5.04 6.80 21.72
N ARG A 673 5.24 7.59 20.67
CA ARG A 673 5.88 7.08 19.47
C ARG A 673 7.35 6.80 19.75
N ASN A 674 7.96 7.59 20.63
CA ASN A 674 9.28 7.28 21.18
C ASN A 674 9.05 7.13 22.67
N PRO A 675 8.54 5.99 23.13
CA PRO A 675 8.12 5.89 24.53
C PRO A 675 9.31 5.81 25.46
N SER A 676 9.31 6.75 26.40
CA SER A 676 10.42 6.89 27.32
C SER A 676 10.10 6.10 28.56
N ASP A 677 11.10 5.95 29.40
CA ASP A 677 10.91 5.30 30.69
C ASP A 677 10.62 6.32 31.78
N LYS A 678 10.67 7.60 31.43
CA LYS A 678 9.99 8.63 32.21
C LYS A 678 8.51 8.63 31.94
N PHE A 679 8.07 7.96 30.89
CA PHE A 679 6.65 7.78 30.61
C PHE A 679 6.38 6.30 30.39
N ILE A 680 6.31 5.56 31.48
CA ILE A 680 6.01 4.13 31.48
C ILE A 680 4.51 4.00 31.62
N TYR A 681 3.91 3.11 30.85
CA TYR A 681 2.48 2.92 30.91
C TYR A 681 2.15 1.44 30.91
N ALA A 682 0.89 1.12 31.18
CA ALA A 682 0.51 -0.25 31.45
C ALA A 682 -0.98 -0.46 31.18
N THR A 683 -1.41 -1.71 31.30
CA THR A 683 -2.79 -2.13 31.12
C THR A 683 -3.10 -3.18 32.18
N VAL A 684 -4.10 -3.99 31.92
CA VAL A 684 -4.33 -5.24 32.63
C VAL A 684 -4.16 -6.35 31.61
N LYS A 685 -3.48 -7.40 32.01
CA LYS A 685 -3.31 -8.56 31.15
C LYS A 685 -4.63 -9.31 30.98
N GLN A 686 -4.65 -10.23 30.01
CA GLN A 686 -5.86 -10.93 29.54
C GLN A 686 -6.97 -9.97 29.14
N SER A 687 -6.62 -8.83 28.58
CA SER A 687 -7.62 -7.86 28.19
C SER A 687 -7.70 -7.79 26.67
N SER A 688 -8.88 -7.41 26.18
CA SER A 688 -9.01 -7.04 24.78
C SER A 688 -8.26 -5.75 24.47
N VAL A 689 -8.00 -4.92 25.48
CA VAL A 689 -7.13 -3.76 25.32
C VAL A 689 -5.77 -4.19 24.81
N ASP A 690 -5.20 -5.23 25.43
CA ASP A 690 -3.94 -5.78 24.96
C ASP A 690 -4.09 -6.46 23.61
N ILE A 691 -5.29 -6.92 23.27
CA ILE A 691 -5.49 -7.46 21.92
C ILE A 691 -5.38 -6.35 20.88
N TYR A 692 -6.05 -5.21 21.13
CA TYR A 692 -5.94 -4.08 20.21
C TYR A 692 -4.54 -3.50 20.20
N PHE A 693 -3.78 -3.70 21.28
CA PHE A 693 -2.34 -3.52 21.15
C PHE A 693 -1.71 -4.49 20.17
N ARG A 694 -1.83 -5.79 20.44
CA ARG A 694 -1.00 -6.78 19.77
C ARG A 694 -1.41 -7.02 18.33
N ARG A 695 -2.57 -6.53 17.91
CA ARG A 695 -2.89 -6.56 16.49
C ARG A 695 -1.98 -5.63 15.70
N GLN A 696 -1.90 -4.37 16.10
CA GLN A 696 -1.23 -3.43 15.23
C GLN A 696 0.27 -3.38 15.51
N VAL A 697 0.96 -2.65 14.64
CA VAL A 697 2.34 -2.87 14.24
C VAL A 697 3.30 -2.01 15.06
N GLU A 698 3.06 -0.71 15.05
CA GLU A 698 4.01 0.24 15.58
C GLU A 698 3.87 0.46 17.06
N LEU A 699 3.14 -0.42 17.73
CA LEU A 699 3.10 -0.49 19.17
C LEU A 699 4.24 -1.34 19.70
N SER A 700 5.17 -1.71 18.82
CA SER A 700 6.34 -2.50 19.17
C SER A 700 7.20 -1.80 20.21
N THR A 701 7.37 -0.50 20.05
CA THR A 701 8.00 0.30 21.07
C THR A 701 7.11 0.41 22.30
N MET A 702 5.80 0.32 22.11
CA MET A 702 4.89 0.46 23.23
C MET A 702 4.74 -0.84 23.99
N TYR A 703 4.91 -2.01 23.34
CA TYR A 703 4.67 -3.27 24.04
C TYR A 703 5.72 -3.52 25.10
N ARG A 704 6.83 -2.80 25.02
CA ARG A 704 7.78 -2.84 26.11
C ARG A 704 7.36 -1.95 27.26
N HIS A 705 6.19 -1.32 27.16
CA HIS A 705 5.54 -0.73 28.31
C HIS A 705 4.25 -1.46 28.63
N MET A 706 3.43 -1.68 27.62
CA MET A 706 2.06 -2.10 27.81
C MET A 706 1.95 -3.59 28.03
N GLU A 707 3.08 -4.30 27.98
CA GLU A 707 3.11 -5.72 28.28
C GLU A 707 4.09 -6.04 29.39
N LYS A 708 4.78 -5.02 29.92
CA LYS A 708 5.82 -5.23 30.89
C LYS A 708 5.53 -4.57 32.22
N HIS A 709 4.35 -3.98 32.38
CA HIS A 709 4.12 -3.15 33.56
C HIS A 709 2.71 -3.32 34.08
N ASN A 710 1.96 -4.28 33.53
CA ASN A 710 0.51 -4.23 33.57
C ASN A 710 -0.07 -4.60 34.93
N TYR A 711 -1.39 -4.64 34.98
CA TYR A 711 -2.09 -4.77 36.24
C TYR A 711 -3.04 -5.96 36.25
N GLU A 712 -3.79 -6.12 37.34
CA GLU A 712 -4.88 -7.07 37.37
C GLU A 712 -6.26 -6.42 37.40
N SER A 713 -6.38 -5.18 37.87
CA SER A 713 -7.62 -4.46 37.70
C SER A 713 -7.26 -3.10 37.15
N ALA A 714 -8.23 -2.48 36.46
CA ALA A 714 -8.04 -1.12 35.99
C ALA A 714 -7.93 -0.17 37.16
N ALA A 715 -8.57 -0.51 38.29
CA ALA A 715 -8.48 0.26 39.52
C ALA A 715 -7.06 0.38 40.02
N GLU A 716 -6.23 -0.62 39.76
CA GLU A 716 -4.81 -0.52 40.08
C GLU A 716 -4.14 0.57 39.27
N ALA A 717 -4.51 0.68 37.99
CA ALA A 717 -3.99 1.77 37.16
C ALA A 717 -4.61 3.11 37.58
N ILE A 718 -5.84 3.08 38.07
CA ILE A 718 -6.50 4.31 38.52
C ILE A 718 -5.78 4.87 39.74
N GLN A 719 -5.50 4.00 40.69
CA GLN A 719 -4.62 4.31 41.80
C GLN A 719 -3.24 4.73 41.34
N ALA A 720 -2.71 4.12 40.27
CA ALA A 720 -1.41 4.50 39.76
C ALA A 720 -1.39 5.92 39.22
N VAL A 721 -2.52 6.38 38.69
CA VAL A 721 -2.68 7.81 38.43
C VAL A 721 -2.75 8.57 39.74
N ARG A 722 -3.53 8.06 40.70
CA ARG A 722 -3.70 8.73 41.98
C ARG A 722 -2.42 8.71 42.80
N ASP A 723 -1.71 7.59 42.78
CA ASP A 723 -0.41 7.48 43.43
C ASP A 723 0.68 8.10 42.59
N ASN A 724 0.31 8.58 41.41
CA ASN A 724 1.18 9.25 40.44
C ASN A 724 2.30 8.32 39.98
N LYS A 725 1.98 7.03 39.95
CA LYS A 725 2.93 6.01 39.52
C LYS A 725 3.22 6.13 38.05
N LEU A 726 2.22 5.85 37.23
CA LEU A 726 2.37 5.99 35.80
C LEU A 726 1.48 7.13 35.34
N HIS A 727 1.92 7.75 34.26
CA HIS A 727 1.57 9.13 33.96
C HIS A 727 0.17 9.22 33.39
N ALA A 728 -0.25 8.16 32.73
CA ALA A 728 -1.50 8.11 31.99
C ALA A 728 -1.89 6.65 31.84
N PHE A 729 -3.14 6.41 31.47
CA PHE A 729 -3.56 5.06 31.11
C PHE A 729 -4.58 5.07 30.00
N ILE A 730 -4.69 3.93 29.34
CA ILE A 730 -5.49 3.78 28.15
C ILE A 730 -6.54 2.71 28.43
N TRP A 731 -7.77 3.15 28.62
CA TRP A 731 -8.85 2.25 28.99
C TRP A 731 -10.11 2.66 28.27
N ASP A 732 -11.15 1.84 28.39
CA ASP A 732 -12.43 2.14 27.78
C ASP A 732 -13.03 3.37 28.44
N SER A 733 -13.54 4.25 27.60
CA SER A 733 -13.74 5.65 27.98
C SER A 733 -14.82 5.82 29.03
N ALA A 734 -15.73 4.85 29.14
CA ALA A 734 -16.94 5.02 29.94
C ALA A 734 -16.62 5.22 31.41
N VAL A 735 -15.95 4.24 32.02
CA VAL A 735 -15.58 4.28 33.44
C VAL A 735 -14.64 5.45 33.69
N LEU A 736 -13.78 5.75 32.72
CA LEU A 736 -12.78 6.79 32.86
C LEU A 736 -13.43 8.17 32.95
N GLU A 737 -14.37 8.43 32.06
CA GLU A 737 -15.06 9.71 32.03
C GLU A 737 -16.04 9.83 33.19
N PHE A 738 -16.61 8.69 33.62
CA PHE A 738 -17.37 8.64 34.87
C PHE A 738 -16.53 9.13 36.02
N GLU A 739 -15.43 8.45 36.29
CA GLU A 739 -14.58 8.77 37.43
C GLU A 739 -13.89 10.12 37.29
N ALA A 740 -13.69 10.60 36.06
CA ALA A 740 -13.24 11.97 35.86
C ALA A 740 -14.31 12.95 36.29
N SER A 741 -15.58 12.64 35.99
CA SER A 741 -16.67 13.42 36.52
C SER A 741 -16.86 13.21 38.02
N GLN A 742 -16.40 12.09 38.55
CA GLN A 742 -16.54 11.74 39.94
C GLN A 742 -15.36 12.23 40.77
N LYS A 743 -14.15 11.97 40.32
CA LYS A 743 -12.97 12.44 41.01
C LYS A 743 -12.18 13.37 40.11
N CYS A 744 -11.52 14.31 40.75
CA CYS A 744 -10.82 15.39 40.09
C CYS A 744 -9.32 15.16 40.01
N ASP A 745 -8.91 13.94 39.69
CA ASP A 745 -7.53 13.67 39.30
C ASP A 745 -7.41 13.33 37.83
N LEU A 746 -8.51 13.36 37.07
CA LEU A 746 -8.60 12.57 35.86
C LEU A 746 -9.02 13.41 34.66
N VAL A 747 -8.18 13.42 33.63
CA VAL A 747 -8.48 14.05 32.36
C VAL A 747 -8.27 13.02 31.27
N THR A 748 -9.36 12.62 30.61
CA THR A 748 -9.24 11.69 29.50
C THR A 748 -8.83 12.45 28.25
N THR A 749 -7.56 12.33 27.89
CA THR A 749 -7.02 12.94 26.69
C THR A 749 -7.01 11.91 25.57
N GLY A 750 -6.61 12.34 24.39
CA GLY A 750 -6.65 11.49 23.23
C GLY A 750 -8.07 11.31 22.73
N GLU A 751 -8.18 10.53 21.66
CA GLU A 751 -9.48 10.21 21.11
C GLU A 751 -10.00 8.91 21.72
N LEU A 752 -11.17 8.50 21.25
CA LEU A 752 -11.59 7.13 21.39
C LEU A 752 -10.76 6.28 20.46
N PHE A 753 -9.90 5.44 21.04
CA PHE A 753 -9.00 4.68 20.21
C PHE A 753 -9.53 3.27 20.08
N PHE A 754 -9.51 2.74 18.86
CA PHE A 754 -10.26 1.55 18.46
C PHE A 754 -11.71 1.65 18.87
N ARG A 755 -12.52 2.29 18.04
CA ARG A 755 -13.87 2.63 18.45
C ARG A 755 -14.80 1.44 18.27
N SER A 756 -14.69 0.47 19.18
CA SER A 756 -15.50 -0.73 19.12
C SER A 756 -16.89 -0.42 19.66
N GLY A 757 -17.76 -1.42 19.59
CA GLY A 757 -19.01 -1.39 20.28
C GLY A 757 -18.91 -2.31 21.47
N PHE A 758 -19.87 -2.16 22.36
CA PHE A 758 -19.89 -2.93 23.59
C PHE A 758 -21.00 -3.96 23.48
N GLY A 759 -20.61 -5.17 23.11
CA GLY A 759 -21.58 -6.19 22.81
C GLY A 759 -21.58 -7.28 23.86
N ILE A 760 -22.32 -8.35 23.59
CA ILE A 760 -22.70 -9.33 24.59
C ILE A 760 -22.09 -10.68 24.20
N GLY A 761 -21.55 -11.40 25.18
CA GLY A 761 -20.96 -12.69 24.94
C GLY A 761 -22.05 -13.72 24.70
N MET A 762 -22.26 -14.01 23.41
CA MET A 762 -23.25 -14.94 22.89
C MET A 762 -22.53 -15.98 22.07
N ARG A 763 -22.82 -17.24 22.33
CA ARG A 763 -22.19 -18.27 21.53
C ARG A 763 -22.78 -18.29 20.12
N LYS A 764 -22.01 -18.83 19.18
CA LYS A 764 -22.43 -18.79 17.79
C LYS A 764 -23.67 -19.61 17.55
N ASP A 765 -23.86 -20.66 18.33
CA ASP A 765 -25.09 -21.44 18.27
C ASP A 765 -26.12 -21.00 19.29
N SER A 766 -25.91 -19.88 19.96
CA SER A 766 -26.92 -19.36 20.87
C SER A 766 -27.93 -18.54 20.08
N PRO A 767 -29.16 -19.03 19.92
CA PRO A 767 -30.11 -18.39 19.00
C PRO A 767 -30.79 -17.15 19.56
N TRP A 768 -30.40 -16.67 20.72
CA TRP A 768 -31.12 -15.58 21.33
C TRP A 768 -30.36 -14.28 21.26
N LYS A 769 -29.49 -14.16 20.28
CA LYS A 769 -29.03 -12.85 19.84
C LYS A 769 -30.22 -12.06 19.32
N GLN A 770 -31.19 -12.78 18.75
CA GLN A 770 -32.19 -12.28 17.83
C GLN A 770 -33.17 -11.33 18.48
N ASN A 771 -34.00 -11.86 19.38
CA ASN A 771 -35.00 -11.02 19.99
C ASN A 771 -34.36 -10.06 20.97
N VAL A 772 -33.19 -10.43 21.49
CA VAL A 772 -32.35 -9.48 22.21
C VAL A 772 -31.96 -8.33 21.30
N SER A 773 -31.56 -8.61 20.05
CA SER A 773 -31.19 -7.56 19.12
C SER A 773 -32.39 -6.69 18.76
N LEU A 774 -33.57 -7.27 18.76
CA LEU A 774 -34.78 -6.50 18.56
C LEU A 774 -35.05 -5.58 19.74
N SER A 775 -34.79 -6.09 20.95
CA SER A 775 -34.89 -5.26 22.14
C SER A 775 -33.81 -4.19 22.13
N ILE A 776 -32.67 -4.58 21.64
CA ILE A 776 -31.48 -3.80 21.68
C ILE A 776 -31.81 -2.65 20.80
N LEU A 777 -32.97 -2.75 20.20
CA LEU A 777 -33.20 -1.85 19.09
C LEU A 777 -34.28 -0.84 19.43
N LYS A 778 -35.19 -1.55 20.18
CA LYS A 778 -36.13 -0.81 21.02
C LYS A 778 -35.41 0.02 22.07
N SER A 779 -34.21 -0.38 22.46
CA SER A 779 -33.46 0.38 23.43
C SER A 779 -32.95 1.68 22.83
N HIS A 780 -32.35 1.61 21.65
CA HIS A 780 -31.86 2.79 20.98
C HIS A 780 -33.00 3.66 20.47
N GLU A 781 -33.96 3.05 19.81
CA GLU A 781 -35.13 3.71 19.25
C GLU A 781 -35.99 4.39 20.29
N ASN A 782 -36.09 3.83 21.49
CA ASN A 782 -36.91 4.43 22.52
C ASN A 782 -36.08 4.97 23.66
N GLY A 783 -34.78 5.09 23.46
CA GLY A 783 -33.92 5.68 24.46
C GLY A 783 -33.79 4.91 25.75
N PHE A 784 -33.90 3.58 25.72
CA PHE A 784 -33.58 2.85 26.94
C PHE A 784 -32.08 2.88 27.20
N MET A 785 -31.31 2.95 26.12
CA MET A 785 -29.92 3.39 26.20
C MET A 785 -29.83 4.72 26.92
N GLU A 786 -30.68 5.66 26.51
CA GLU A 786 -30.71 6.98 27.10
C GLU A 786 -31.29 6.92 28.51
N ASP A 787 -32.13 5.92 28.78
CA ASP A 787 -32.62 5.72 30.14
C ASP A 787 -31.50 5.28 31.06
N LEU A 788 -30.61 4.40 30.59
CA LEU A 788 -29.46 4.07 31.43
C LEU A 788 -28.49 5.22 31.52
N ASP A 789 -28.49 6.08 30.52
CA ASP A 789 -27.70 7.30 30.61
C ASP A 789 -28.20 8.20 31.71
N LYS A 790 -29.51 8.27 31.86
CA LYS A 790 -30.11 8.95 32.99
C LYS A 790 -29.71 8.26 34.28
N THR A 791 -29.93 6.94 34.33
CA THR A 791 -29.90 6.23 35.60
C THR A 791 -28.51 5.79 36.00
N TRP A 792 -27.54 5.73 35.10
CA TRP A 792 -26.22 5.34 35.55
C TRP A 792 -25.09 6.23 35.05
N VAL A 793 -25.28 6.99 33.98
CA VAL A 793 -24.21 7.79 33.40
C VAL A 793 -24.19 9.20 33.93
N ARG A 794 -25.26 9.94 33.70
CA ARG A 794 -25.19 11.39 33.65
C ARG A 794 -25.36 11.92 35.06
N TYR A 795 -24.27 11.90 35.81
CA TYR A 795 -24.42 12.33 37.19
C TYR A 795 -23.53 13.48 37.64
N GLN A 796 -22.21 13.33 37.58
CA GLN A 796 -21.34 14.18 38.39
C GLN A 796 -20.44 15.01 37.50
N GLU A 797 -19.64 15.88 38.13
CA GLU A 797 -18.74 16.81 37.46
C GLU A 797 -17.56 17.15 38.36
N CYS A 798 -16.59 17.86 37.79
CA CYS A 798 -15.60 18.64 38.52
C CYS A 798 -15.75 20.12 38.17
N ASP A 799 -15.03 20.97 38.90
CA ASP A 799 -15.16 22.42 38.74
C ASP A 799 -14.27 22.94 37.60
N SER A 800 -14.24 24.26 37.47
CA SER A 800 -13.47 24.93 36.42
C SER A 800 -12.72 26.13 36.99
N ARG A 801 -12.54 26.14 38.31
CA ARG A 801 -11.77 27.15 39.07
C ARG A 801 -12.30 28.57 38.84
N SER A 802 -13.59 28.78 39.04
CA SER A 802 -14.17 30.11 38.86
C SER A 802 -15.17 30.44 39.96
N PHE A 810 -7.17 35.20 48.28
CA PHE A 810 -6.24 34.47 47.43
C PHE A 810 -4.89 34.40 48.15
N GLU A 811 -3.89 33.81 47.48
CA GLU A 811 -2.58 33.66 48.10
C GLU A 811 -1.74 34.94 48.02
N ASN A 812 -1.80 35.62 46.86
CA ASN A 812 -1.33 36.99 46.75
C ASN A 812 -1.96 37.86 47.81
N MET A 813 -3.29 37.72 47.97
CA MET A 813 -4.05 38.43 48.97
C MET A 813 -3.51 38.18 50.37
N ALA A 814 -3.31 36.90 50.71
CA ALA A 814 -2.89 36.54 52.06
C ALA A 814 -1.47 37.01 52.35
N GLY A 815 -0.59 36.96 51.35
CA GLY A 815 0.73 37.55 51.50
C GLY A 815 0.69 39.04 51.74
N VAL A 816 -0.21 39.74 51.03
CA VAL A 816 -0.39 41.17 51.27
C VAL A 816 -0.97 41.43 52.65
N PHE A 817 -1.93 40.60 53.11
CA PHE A 817 -2.47 40.69 54.47
C PHE A 817 -1.36 40.60 55.52
N MET A 818 -0.48 39.60 55.39
CA MET A 818 0.58 39.40 56.38
C MET A 818 1.59 40.54 56.37
N LEU A 819 2.01 40.98 55.17
CA LEU A 819 3.01 42.05 55.07
C LEU A 819 2.49 43.37 55.61
N VAL A 820 1.29 43.77 55.18
CA VAL A 820 0.71 45.04 55.60
C VAL A 820 0.40 45.02 57.09
N ALA A 821 -0.02 43.86 57.61
CA ALA A 821 -0.30 43.74 59.04
C ALA A 821 0.95 43.92 59.88
N GLY A 822 2.04 43.23 59.51
CA GLY A 822 3.29 43.37 60.26
C GLY A 822 3.87 44.77 60.19
N GLY A 823 3.78 45.40 59.02
CA GLY A 823 4.24 46.77 58.89
C GLY A 823 3.46 47.75 59.74
N ILE A 824 2.13 47.63 59.76
CA ILE A 824 1.31 48.54 60.56
C ILE A 824 1.53 48.32 62.06
N VAL A 825 1.76 47.07 62.49
CA VAL A 825 2.03 46.82 63.90
C VAL A 825 3.35 47.45 64.35
N ALA A 826 4.42 47.26 63.55
CA ALA A 826 5.70 47.89 63.88
C ALA A 826 5.60 49.42 63.84
N GLY A 827 4.83 49.96 62.90
CA GLY A 827 4.66 51.40 62.81
C GLY A 827 3.97 52.00 64.03
N ILE A 828 2.84 51.40 64.44
CA ILE A 828 2.07 51.91 65.57
C ILE A 828 2.87 51.79 66.87
N PHE A 829 3.58 50.68 67.06
CA PHE A 829 4.41 50.59 68.27
C PHE A 829 5.69 51.40 68.19
N LEU A 830 5.99 52.02 67.05
CA LEU A 830 6.96 53.10 67.10
C LEU A 830 6.34 54.49 67.18
N ILE A 831 5.04 54.64 66.90
CA ILE A 831 4.38 55.95 66.90
C ILE A 831 4.50 56.65 68.25
N PHE A 832 4.26 55.91 69.34
CA PHE A 832 4.20 56.53 70.66
C PHE A 832 5.58 56.99 71.10
N ILE A 833 6.58 56.16 70.81
CA ILE A 833 7.97 56.46 71.09
C ILE A 833 8.41 57.72 70.34
N GLU A 834 8.06 57.78 69.05
CA GLU A 834 8.53 58.88 68.24
C GLU A 834 7.76 60.16 68.53
N ILE A 835 6.48 60.04 68.93
CA ILE A 835 5.75 61.21 69.40
C ILE A 835 6.36 61.75 70.69
N ALA A 836 6.73 60.86 71.61
CA ALA A 836 7.35 61.30 72.86
C ALA A 836 8.69 62.00 72.61
N TYR A 837 9.56 61.38 71.81
CA TYR A 837 10.85 61.99 71.50
C TYR A 837 10.71 63.25 70.66
N LYS A 838 9.70 63.36 69.81
CA LYS A 838 9.52 64.61 69.08
C LYS A 838 8.90 65.69 69.95
N ARG A 839 8.16 65.32 70.99
CA ARG A 839 7.79 66.32 72.00
C ARG A 839 9.01 66.82 72.74
N HIS A 840 9.96 65.93 73.03
CA HIS A 840 11.22 66.35 73.63
C HIS A 840 12.02 67.24 72.67
N LYS A 841 11.96 66.95 71.37
CA LYS A 841 12.71 67.75 70.41
C LYS A 841 12.02 69.07 70.11
N ASP A 842 10.70 69.11 70.23
CA ASP A 842 9.99 70.37 70.07
C ASP A 842 10.09 71.23 71.31
N ALA A 843 10.47 70.63 72.44
CA ALA A 843 10.83 71.43 73.60
C ALA A 843 12.10 72.25 73.35
N ARG A 844 12.94 71.82 72.41
CA ARG A 844 14.18 72.50 72.10
C ARG A 844 13.93 73.82 71.37
N LEU B 34 20.44 -60.31 29.72
CA LEU B 34 21.05 -61.64 29.62
C LEU B 34 21.44 -62.04 28.22
N ASN B 35 20.72 -61.57 27.22
CA ASN B 35 20.97 -61.93 25.84
C ASN B 35 20.52 -60.77 24.97
N ILE B 36 21.24 -60.53 23.88
CA ILE B 36 20.88 -59.55 22.87
C ILE B 36 21.09 -60.19 21.50
N ALA B 37 20.12 -60.03 20.60
CA ALA B 37 20.27 -60.51 19.23
C ALA B 37 20.43 -59.34 18.28
N VAL B 38 21.31 -59.52 17.30
CA VAL B 38 21.75 -58.48 16.39
C VAL B 38 21.89 -59.07 14.99
N MET B 39 21.18 -58.50 14.04
CA MET B 39 21.19 -58.90 12.65
C MET B 39 21.33 -57.63 11.84
N LEU B 40 22.24 -57.63 10.87
CA LEU B 40 22.69 -56.37 10.30
C LEU B 40 22.64 -56.43 8.79
N GLY B 41 22.74 -55.27 8.16
CA GLY B 41 23.19 -55.17 6.80
C GLY B 41 24.67 -55.52 6.78
N HIS B 42 25.12 -56.09 5.67
CA HIS B 42 26.53 -56.44 5.53
C HIS B 42 27.41 -55.20 5.59
N SER B 43 28.21 -55.14 6.65
CA SER B 43 28.88 -53.93 7.10
C SER B 43 30.10 -54.36 7.91
N HIS B 44 30.54 -53.49 8.82
CA HIS B 44 31.58 -53.81 9.79
C HIS B 44 31.30 -55.12 10.50
N ASP B 45 32.35 -55.92 10.70
CA ASP B 45 32.27 -57.37 10.72
C ASP B 45 31.72 -57.91 12.04
N VAL B 46 31.53 -59.23 12.05
CA VAL B 46 31.01 -59.94 13.22
C VAL B 46 32.14 -60.23 14.21
N THR B 47 33.36 -60.43 13.73
CA THR B 47 34.52 -60.49 14.62
C THR B 47 34.72 -59.13 15.29
N GLU B 48 34.57 -58.07 14.51
CA GLU B 48 34.56 -56.71 15.01
C GLU B 48 33.41 -56.51 16.00
N ARG B 49 32.29 -57.19 15.77
CA ARG B 49 31.17 -57.12 16.69
C ARG B 49 31.45 -57.85 17.99
N GLU B 50 32.18 -58.97 17.94
CA GLU B 50 32.53 -59.66 19.17
C GLU B 50 33.53 -58.84 19.98
N LEU B 51 34.41 -58.12 19.28
CA LEU B 51 35.26 -57.14 19.94
C LEU B 51 34.45 -56.02 20.57
N ARG B 52 33.41 -55.55 19.87
CA ARG B 52 32.55 -54.50 20.43
C ARG B 52 31.77 -55.01 21.63
N THR B 53 31.39 -56.28 21.59
CA THR B 53 30.68 -56.89 22.71
C THR B 53 31.59 -57.03 23.92
N LEU B 54 32.82 -57.48 23.69
CA LEU B 54 33.79 -57.56 24.78
C LEU B 54 34.13 -56.17 25.31
N TRP B 55 34.18 -55.17 24.43
CA TRP B 55 34.48 -53.82 24.87
C TRP B 55 33.33 -53.19 25.65
N GLY B 56 32.09 -53.44 25.22
CA GLY B 56 30.95 -52.98 25.99
C GLY B 56 30.82 -53.71 27.31
N PRO B 57 31.14 -55.01 27.32
CA PRO B 57 31.10 -55.81 28.53
C PRO B 57 32.19 -55.42 29.52
N GLU B 58 33.36 -55.03 29.05
CA GLU B 58 34.41 -54.55 29.92
C GLU B 58 34.40 -53.03 30.04
N GLN B 59 33.38 -52.34 29.53
CA GLN B 59 33.36 -50.89 29.58
C GLN B 59 33.07 -50.38 30.98
N ALA B 60 31.87 -50.66 31.48
CA ALA B 60 31.42 -50.13 32.77
C ALA B 60 30.21 -50.92 33.23
N ALA B 61 30.03 -50.96 34.55
CA ALA B 61 28.88 -51.59 35.24
C ALA B 61 28.75 -53.06 34.83
N GLY B 62 29.74 -53.83 35.24
CA GLY B 62 30.06 -55.10 34.58
C GLY B 62 29.10 -56.24 34.86
N LEU B 63 27.83 -56.06 34.48
CA LEU B 63 26.87 -57.09 34.08
C LEU B 63 26.69 -58.30 34.99
N PRO B 64 25.98 -58.18 36.11
CA PRO B 64 25.54 -59.37 36.83
C PRO B 64 24.68 -60.28 35.97
N LEU B 65 23.83 -59.70 35.13
CA LEU B 65 23.22 -60.43 34.03
C LEU B 65 24.32 -60.74 33.04
N ASP B 66 24.54 -62.01 32.76
CA ASP B 66 25.57 -62.39 31.80
C ASP B 66 25.02 -62.08 30.41
N VAL B 67 25.08 -60.82 30.01
CA VAL B 67 24.39 -60.36 28.81
C VAL B 67 25.17 -60.79 27.59
N ASN B 68 24.53 -61.54 26.69
CA ASN B 68 25.23 -62.31 25.68
C ASN B 68 24.50 -62.20 24.33
N VAL B 69 25.27 -61.95 23.27
CA VAL B 69 24.74 -61.40 22.02
C VAL B 69 24.98 -62.38 20.88
N VAL B 70 23.98 -62.54 20.01
CA VAL B 70 24.10 -63.29 18.76
C VAL B 70 23.97 -62.30 17.60
N ALA B 71 25.08 -62.04 16.93
CA ALA B 71 25.17 -60.96 15.93
C ALA B 71 25.62 -61.49 14.58
N LEU B 72 25.02 -60.96 13.52
CA LEU B 72 25.37 -61.33 12.15
C LEU B 72 25.19 -60.14 11.21
N LEU B 73 25.69 -60.31 9.99
CA LEU B 73 25.56 -59.38 8.89
C LEU B 73 24.79 -60.07 7.78
N MET B 74 23.79 -59.40 7.20
CA MET B 74 23.01 -59.96 6.10
C MET B 74 22.70 -58.88 5.07
N ASN B 75 21.79 -59.20 4.14
CA ASN B 75 21.29 -58.26 3.14
C ASN B 75 19.81 -58.40 2.83
N ARG B 76 19.05 -59.14 3.63
CA ARG B 76 17.71 -59.53 3.24
C ARG B 76 16.64 -58.68 3.92
N THR B 77 15.61 -58.32 3.15
CA THR B 77 14.37 -57.83 3.72
C THR B 77 13.36 -58.95 3.81
N ASP B 78 13.85 -60.16 4.01
CA ASP B 78 13.13 -61.31 3.59
C ASP B 78 12.40 -61.96 4.75
N PRO B 79 11.09 -62.13 4.64
CA PRO B 79 10.33 -62.64 5.79
C PRO B 79 10.59 -64.09 6.09
N LYS B 80 10.96 -64.93 5.13
CA LYS B 80 11.41 -66.27 5.49
C LYS B 80 12.72 -66.20 6.26
N SER B 81 13.60 -65.26 5.89
CA SER B 81 14.80 -65.07 6.69
C SER B 81 14.43 -64.56 8.07
N LEU B 82 13.43 -63.70 8.15
CA LEU B 82 12.91 -63.25 9.44
C LEU B 82 12.41 -64.43 10.26
N ILE B 83 11.69 -65.35 9.61
CA ILE B 83 11.13 -66.52 10.29
C ILE B 83 12.23 -67.42 10.80
N THR B 84 13.26 -67.62 9.98
CA THR B 84 14.38 -68.45 10.39
C THR B 84 15.10 -67.85 11.57
N HIS B 85 15.43 -66.56 11.50
CA HIS B 85 16.19 -65.96 12.60
C HIS B 85 15.34 -65.86 13.86
N VAL B 86 14.04 -65.61 13.71
CA VAL B 86 13.14 -65.63 14.85
C VAL B 86 13.08 -67.00 15.47
N CYS B 87 12.81 -68.05 14.68
CA CYS B 87 12.63 -69.36 15.27
C CYS B 87 13.93 -69.92 15.82
N ASP B 88 15.05 -69.55 15.20
CA ASP B 88 16.33 -70.01 15.69
C ASP B 88 16.72 -69.32 16.98
N LEU B 89 16.42 -68.03 17.13
CA LEU B 89 16.89 -67.36 18.33
C LEU B 89 15.86 -67.39 19.45
N MET B 90 14.59 -67.59 19.12
CA MET B 90 13.59 -67.90 20.12
C MET B 90 13.78 -69.31 20.64
N SER B 91 14.08 -70.24 19.75
CA SER B 91 14.52 -71.56 20.18
C SER B 91 15.88 -71.49 20.85
N GLY B 92 16.73 -70.57 20.40
CA GLY B 92 18.06 -70.52 20.96
C GLY B 92 18.10 -69.68 22.20
N ALA B 93 17.91 -70.33 23.37
CA ALA B 93 18.11 -69.79 24.71
C ALA B 93 17.23 -68.58 25.04
N ARG B 94 16.24 -68.28 24.20
CA ARG B 94 15.24 -67.24 24.42
C ARG B 94 15.89 -65.87 24.63
N ILE B 95 16.44 -65.36 23.54
CA ILE B 95 17.32 -64.20 23.59
C ILE B 95 16.54 -62.94 23.96
N HIS B 96 17.15 -62.10 24.81
CA HIS B 96 16.45 -61.15 25.66
C HIS B 96 16.53 -59.69 25.21
N GLY B 97 17.56 -59.30 24.47
CA GLY B 97 17.69 -57.92 24.02
C GLY B 97 17.78 -57.89 22.52
N LEU B 98 17.60 -56.73 21.89
CA LEU B 98 17.51 -56.66 20.44
C LEU B 98 18.05 -55.33 19.92
N VAL B 99 19.15 -55.39 19.17
CA VAL B 99 19.83 -54.22 18.65
C VAL B 99 20.03 -54.44 17.15
N PHE B 100 19.55 -53.50 16.32
CA PHE B 100 19.54 -53.72 14.87
C PHE B 100 19.81 -52.43 14.12
N GLY B 101 20.92 -52.41 13.37
CA GLY B 101 21.13 -51.40 12.36
C GLY B 101 21.50 -51.95 10.99
N ASP B 102 20.63 -51.81 10.00
CA ASP B 102 20.80 -52.55 8.76
C ASP B 102 21.31 -51.62 7.67
N ASP B 103 21.63 -52.22 6.53
CA ASP B 103 22.12 -51.44 5.41
C ASP B 103 21.08 -51.40 4.31
N THR B 104 19.82 -51.42 4.73
CA THR B 104 18.70 -51.41 3.81
C THR B 104 17.94 -50.11 3.94
N ASP B 105 16.77 -50.03 3.30
CA ASP B 105 15.91 -48.86 3.40
C ASP B 105 14.43 -49.19 3.51
N GLN B 106 14.04 -50.46 3.41
CA GLN B 106 12.62 -50.80 3.36
C GLN B 106 11.98 -50.61 4.73
N GLU B 107 11.11 -49.61 4.81
CA GLU B 107 10.59 -49.07 6.05
C GLU B 107 9.60 -50.02 6.70
N ALA B 108 8.80 -50.70 5.88
CA ALA B 108 7.71 -51.53 6.36
C ALA B 108 8.16 -52.81 7.01
N VAL B 109 9.42 -53.19 6.84
CA VAL B 109 9.95 -54.37 7.50
C VAL B 109 10.11 -54.03 8.97
N ALA B 110 10.44 -52.77 9.26
CA ALA B 110 10.39 -52.29 10.63
C ALA B 110 8.97 -52.31 11.17
N GLN B 111 7.98 -52.10 10.32
CA GLN B 111 6.61 -52.37 10.72
C GLN B 111 6.32 -53.86 10.78
N MET B 112 7.13 -54.69 10.11
CA MET B 112 6.95 -56.14 10.23
C MET B 112 7.65 -56.67 11.46
N LEU B 113 8.40 -55.82 12.14
CA LEU B 113 8.94 -56.17 13.45
C LEU B 113 7.87 -56.16 14.52
N ASP B 114 6.67 -55.67 14.19
CA ASP B 114 5.52 -55.76 15.09
C ASP B 114 5.26 -57.17 15.53
N PHE B 115 5.46 -58.12 14.64
CA PHE B 115 5.12 -59.50 14.97
C PHE B 115 6.18 -60.12 15.83
N ILE B 116 7.37 -59.55 15.84
CA ILE B 116 8.36 -59.96 16.82
C ILE B 116 8.09 -59.29 18.14
N SER B 117 7.77 -58.00 18.09
CA SER B 117 7.50 -57.22 19.29
C SER B 117 6.20 -57.63 19.94
N SER B 118 5.40 -58.42 19.24
CA SER B 118 4.08 -58.82 19.68
C SER B 118 3.86 -60.30 19.52
N HIS B 119 4.88 -61.04 19.12
CA HIS B 119 4.86 -62.49 19.16
C HIS B 119 6.06 -63.05 19.86
N THR B 120 7.00 -62.18 20.25
CA THR B 120 8.01 -62.50 21.23
C THR B 120 7.96 -61.54 22.40
N PHE B 121 7.46 -60.33 22.14
CA PHE B 121 7.31 -59.25 23.11
C PHE B 121 8.65 -58.87 23.72
N VAL B 122 9.61 -58.69 22.83
CA VAL B 122 10.97 -58.39 23.22
C VAL B 122 11.27 -57.02 22.62
N PRO B 123 11.86 -56.09 23.38
CA PRO B 123 12.04 -54.72 22.88
C PRO B 123 13.09 -54.61 21.78
N ILE B 124 12.74 -53.85 20.74
CA ILE B 124 13.45 -53.85 19.46
C ILE B 124 14.11 -52.49 19.27
N LEU B 125 15.44 -52.48 19.12
CA LEU B 125 16.19 -51.25 18.90
C LEU B 125 16.45 -51.10 17.41
N GLY B 126 15.88 -50.05 16.82
CA GLY B 126 16.07 -49.76 15.41
C GLY B 126 17.03 -48.59 15.21
N ILE B 127 18.08 -48.83 14.44
CA ILE B 127 19.20 -47.90 14.38
C ILE B 127 19.46 -47.47 12.94
N HIS B 128 19.58 -48.46 12.06
CA HIS B 128 19.80 -48.23 10.65
C HIS B 128 18.90 -49.17 9.86
N GLY B 129 19.03 -49.10 8.54
CA GLY B 129 18.14 -49.87 7.69
C GLY B 129 16.75 -49.27 7.71
N GLY B 130 15.75 -50.09 7.41
CA GLY B 130 14.38 -49.67 7.64
C GLY B 130 14.05 -49.57 9.11
N ALA B 131 14.80 -50.29 9.96
CA ALA B 131 14.63 -50.24 11.41
C ALA B 131 14.93 -48.86 11.96
N SER B 132 15.80 -48.09 11.32
CA SER B 132 15.83 -46.66 11.57
C SER B 132 14.56 -45.98 11.12
N MET B 133 14.05 -46.39 9.97
CA MET B 133 13.07 -45.61 9.24
C MET B 133 11.70 -45.82 9.88
N ILE B 134 11.29 -44.86 10.71
CA ILE B 134 10.08 -45.02 11.50
C ILE B 134 8.90 -44.39 10.78
N MET B 135 8.10 -45.22 10.13
CA MET B 135 6.71 -44.90 9.86
C MET B 135 5.81 -45.78 10.71
N ALA B 136 6.39 -46.57 11.61
CA ALA B 136 5.63 -47.44 12.48
C ALA B 136 5.03 -46.60 13.60
N ASP B 137 3.73 -46.33 13.49
CA ASP B 137 3.01 -45.69 14.58
C ASP B 137 2.81 -46.73 15.67
N LYS B 138 3.50 -46.52 16.80
CA LYS B 138 3.82 -47.60 17.71
C LYS B 138 2.61 -48.04 18.51
N ASP B 139 2.49 -49.36 18.65
CA ASP B 139 1.30 -50.00 19.15
C ASP B 139 1.40 -50.19 20.66
N PRO B 140 0.27 -50.44 21.34
CA PRO B 140 0.37 -50.95 22.71
C PRO B 140 0.93 -52.36 22.78
N THR B 141 0.89 -53.12 21.69
CA THR B 141 1.45 -54.45 21.64
C THR B 141 2.88 -54.46 21.14
N SER B 142 3.29 -53.42 20.43
CA SER B 142 4.64 -53.35 19.93
C SER B 142 5.58 -52.92 21.04
N THR B 143 6.83 -53.35 20.92
CA THR B 143 7.91 -53.06 21.84
C THR B 143 9.03 -52.37 21.10
N PHE B 144 8.70 -51.35 20.32
CA PHE B 144 9.67 -50.68 19.46
C PHE B 144 10.34 -49.55 20.22
N PHE B 145 11.65 -49.44 20.05
CA PHE B 145 12.40 -48.24 20.37
C PHE B 145 13.40 -48.06 19.24
N GLN B 146 13.10 -47.15 18.34
CA GLN B 146 13.89 -47.04 17.14
C GLN B 146 14.41 -45.61 17.07
N PHE B 147 15.64 -45.48 16.59
CA PHE B 147 16.42 -44.26 16.80
C PHE B 147 16.10 -43.18 15.78
N GLY B 148 15.24 -43.48 14.82
CA GLY B 148 15.10 -42.68 13.64
C GLY B 148 13.90 -41.77 13.70
N ALA B 149 13.02 -41.93 12.72
CA ALA B 149 12.13 -40.88 12.25
C ALA B 149 11.06 -40.48 13.25
N SER B 150 11.47 -39.88 14.37
CA SER B 150 10.57 -39.08 15.18
C SER B 150 10.09 -37.89 14.36
N ILE B 151 8.87 -38.02 13.85
CA ILE B 151 8.35 -37.12 12.83
C ILE B 151 8.04 -35.75 13.44
N GLN B 152 7.68 -35.77 14.72
CA GLN B 152 7.41 -34.54 15.45
C GLN B 152 8.67 -33.72 15.62
N GLN B 153 9.74 -34.39 16.06
CA GLN B 153 11.04 -33.76 16.22
C GLN B 153 11.57 -33.27 14.89
N GLN B 154 11.29 -34.01 13.82
CA GLN B 154 11.59 -33.57 12.46
C GLN B 154 10.90 -32.26 12.13
N ALA B 155 9.61 -32.19 12.45
CA ALA B 155 8.83 -30.99 12.14
C ALA B 155 9.34 -29.78 12.92
N THR B 156 9.65 -29.98 14.20
CA THR B 156 10.18 -28.89 15.02
C THR B 156 11.55 -28.43 14.53
N VAL B 157 12.38 -29.38 14.10
CA VAL B 157 13.67 -29.02 13.53
C VAL B 157 13.50 -28.21 12.25
N MET B 158 12.61 -28.66 11.36
CA MET B 158 12.32 -27.93 10.13
C MET B 158 11.85 -26.51 10.40
N LEU B 159 11.00 -26.34 11.41
CA LEU B 159 10.54 -25.01 11.77
C LEU B 159 11.65 -24.15 12.32
N LYS B 160 12.54 -24.72 13.12
CA LYS B 160 13.65 -23.90 13.61
C LYS B 160 14.66 -23.64 12.52
N ILE B 161 14.67 -24.46 11.47
CA ILE B 161 15.45 -24.12 10.28
C ILE B 161 14.86 -22.89 9.62
N MET B 162 13.54 -22.81 9.58
CA MET B 162 12.90 -21.63 9.00
C MET B 162 13.13 -20.41 9.90
N GLN B 163 13.32 -20.67 11.19
CA GLN B 163 13.70 -19.61 12.12
C GLN B 163 15.10 -19.08 11.87
N ASP B 164 16.07 -19.97 11.84
CA ASP B 164 17.42 -19.55 12.18
C ASP B 164 18.16 -18.88 11.04
N TYR B 165 17.58 -18.82 9.84
CA TYR B 165 17.94 -17.78 8.91
C TYR B 165 16.72 -16.98 8.49
N ASP B 166 15.66 -16.99 9.33
CA ASP B 166 14.47 -16.15 9.20
C ASP B 166 13.74 -16.43 7.90
N TRP B 167 13.69 -17.69 7.52
CA TRP B 167 12.93 -18.05 6.34
C TRP B 167 11.47 -18.17 6.75
N HIS B 168 10.84 -17.01 6.82
CA HIS B 168 9.43 -16.97 7.11
C HIS B 168 8.59 -17.28 5.88
N VAL B 169 9.09 -16.95 4.71
CA VAL B 169 8.35 -17.07 3.48
C VAL B 169 8.49 -18.49 2.96
N PHE B 170 7.36 -19.14 2.73
CA PHE B 170 7.34 -20.57 2.46
C PHE B 170 6.97 -20.82 1.02
N SER B 171 7.21 -22.04 0.59
CA SER B 171 6.38 -22.72 -0.39
C SER B 171 6.43 -24.18 -0.05
N LEU B 172 5.28 -24.80 0.03
CA LEU B 172 5.11 -26.10 0.65
C LEU B 172 4.64 -27.07 -0.42
N VAL B 173 5.38 -28.15 -0.60
CA VAL B 173 4.99 -29.23 -1.50
C VAL B 173 5.21 -30.54 -0.80
N THR B 174 4.14 -31.30 -0.64
CA THR B 174 4.29 -32.71 -0.36
C THR B 174 3.78 -33.47 -1.56
N THR B 175 3.71 -34.78 -1.43
CA THR B 175 2.81 -35.56 -2.24
C THR B 175 1.79 -36.19 -1.30
N ILE B 176 1.03 -37.14 -1.83
CA ILE B 176 -0.11 -37.63 -1.06
C ILE B 176 0.16 -39.09 -0.76
N PHE B 177 1.42 -39.41 -0.45
CA PHE B 177 1.66 -40.58 0.33
C PHE B 177 0.87 -40.47 1.63
N PRO B 178 0.07 -41.48 1.95
CA PRO B 178 -0.62 -41.50 3.24
C PRO B 178 0.40 -41.56 4.36
N GLY B 179 0.30 -40.59 5.25
CA GLY B 179 1.39 -40.24 6.11
C GLY B 179 2.02 -38.90 5.82
N TYR B 180 1.71 -38.28 4.68
CA TYR B 180 2.11 -36.89 4.45
C TYR B 180 1.04 -35.92 4.89
N ARG B 181 -0.21 -36.38 4.93
CA ARG B 181 -1.30 -35.63 5.51
C ARG B 181 -1.03 -35.35 6.99
N GLU B 182 -0.33 -36.29 7.64
CA GLU B 182 0.32 -36.07 8.92
C GLU B 182 1.14 -34.79 8.94
N PHE B 183 2.10 -34.69 8.02
CA PHE B 183 2.97 -33.51 7.95
C PHE B 183 2.18 -32.25 7.64
N ILE B 184 1.11 -32.39 6.86
CA ILE B 184 0.23 -31.27 6.59
C ILE B 184 -0.42 -30.79 7.88
N SER B 185 -0.83 -31.74 8.72
CA SER B 185 -1.38 -31.39 10.03
C SER B 185 -0.31 -30.78 10.93
N PHE B 186 0.92 -31.29 10.85
CA PHE B 186 2.06 -30.66 11.52
C PHE B 186 2.22 -29.20 11.14
N VAL B 187 2.16 -28.91 9.85
CA VAL B 187 2.32 -27.54 9.38
C VAL B 187 1.19 -26.66 9.88
N LYS B 188 -0.05 -27.17 9.76
CA LYS B 188 -1.22 -26.43 10.18
C LYS B 188 -1.19 -26.09 11.66
N THR B 189 -1.00 -27.12 12.50
CA THR B 189 -0.95 -26.92 13.94
C THR B 189 0.22 -26.04 14.36
N THR B 190 1.43 -26.41 13.95
CA THR B 190 2.61 -25.75 14.48
C THR B 190 2.81 -24.35 13.92
N VAL B 191 2.23 -24.01 12.77
CA VAL B 191 2.19 -22.62 12.37
C VAL B 191 1.09 -21.89 13.11
N ASP B 192 -0.05 -22.55 13.30
CA ASP B 192 -1.15 -21.92 14.01
C ASP B 192 -0.90 -21.89 15.51
N ASN B 193 0.01 -22.72 16.00
CA ASN B 193 0.51 -22.56 17.35
C ASN B 193 1.71 -21.63 17.44
N SER B 194 2.02 -20.93 16.35
CA SER B 194 3.13 -19.99 16.34
C SER B 194 2.61 -18.57 16.22
N PHE B 195 2.96 -17.73 17.19
CA PHE B 195 2.74 -16.30 17.07
C PHE B 195 3.78 -15.62 16.21
N VAL B 196 4.73 -16.37 15.66
CA VAL B 196 5.77 -15.80 14.81
C VAL B 196 5.16 -15.26 13.52
N GLY B 197 4.14 -15.93 13.00
CA GLY B 197 3.49 -15.44 11.81
C GLY B 197 4.21 -15.93 10.58
N TRP B 198 4.28 -17.24 10.44
CA TRP B 198 5.03 -17.85 9.35
C TRP B 198 4.31 -17.65 8.03
N ASP B 199 5.04 -17.17 7.03
CA ASP B 199 4.45 -16.67 5.80
C ASP B 199 4.18 -17.88 4.90
N MET B 200 2.91 -18.12 4.62
CA MET B 200 2.46 -19.40 4.11
C MET B 200 2.26 -19.36 2.61
N GLN B 201 2.96 -20.24 1.91
CA GLN B 201 2.45 -20.71 0.64
C GLN B 201 2.13 -22.19 0.77
N ASN B 202 0.93 -22.51 0.31
CA ASN B 202 0.19 -23.66 0.80
C ASN B 202 0.80 -24.96 0.30
N VAL B 203 0.41 -26.06 0.95
CA VAL B 203 1.00 -27.35 0.65
C VAL B 203 0.45 -27.83 -0.68
N ILE B 204 1.22 -27.60 -1.74
CA ILE B 204 0.80 -27.95 -3.09
C ILE B 204 1.22 -29.39 -3.33
N THR B 205 0.25 -30.30 -3.22
CA THR B 205 0.50 -31.74 -3.19
C THR B 205 0.38 -32.28 -4.61
N LEU B 206 1.41 -32.97 -5.08
CA LEU B 206 1.25 -33.70 -6.34
C LEU B 206 0.37 -34.91 -6.11
N ASP B 207 -0.66 -35.04 -6.95
CA ASP B 207 -1.74 -35.98 -6.68
C ASP B 207 -1.31 -37.40 -6.99
N THR B 208 -1.04 -37.68 -8.27
CA THR B 208 -0.35 -38.89 -8.67
C THR B 208 0.86 -38.47 -9.49
N SER B 209 1.82 -39.38 -9.55
CA SER B 209 2.97 -39.18 -10.41
C SER B 209 2.55 -39.30 -11.87
N PHE B 210 3.35 -38.69 -12.73
CA PHE B 210 3.23 -38.77 -14.19
C PHE B 210 1.92 -38.18 -14.71
N GLU B 211 1.34 -37.26 -13.96
CA GLU B 211 0.32 -36.40 -14.53
C GLU B 211 0.95 -35.45 -15.53
N ASP B 212 1.98 -34.72 -15.07
CA ASP B 212 2.99 -34.01 -15.87
C ASP B 212 2.46 -32.79 -16.59
N ALA B 213 1.14 -32.58 -16.57
CA ALA B 213 0.54 -31.34 -17.03
C ALA B 213 -0.20 -30.74 -15.86
N LYS B 214 -0.95 -31.59 -15.15
CA LYS B 214 -1.60 -31.18 -13.91
C LYS B 214 -0.56 -30.84 -12.85
N THR B 215 0.56 -31.55 -12.86
CA THR B 215 1.65 -31.24 -11.93
C THR B 215 2.16 -29.84 -12.18
N GLN B 216 2.52 -29.50 -13.42
CA GLN B 216 3.10 -28.18 -13.65
C GLN B 216 2.04 -27.08 -13.65
N VAL B 217 0.76 -27.42 -13.84
CA VAL B 217 -0.30 -26.48 -13.48
C VAL B 217 -0.24 -26.17 -11.99
N GLN B 218 -0.09 -27.20 -11.16
CA GLN B 218 0.07 -27.00 -9.73
C GLN B 218 1.41 -26.36 -9.38
N LEU B 219 2.40 -26.50 -10.27
CA LEU B 219 3.76 -26.05 -9.98
C LEU B 219 4.01 -24.63 -10.45
N LYS B 220 3.17 -24.09 -11.33
CA LYS B 220 3.19 -22.65 -11.57
C LYS B 220 2.44 -21.87 -10.50
N LYS B 221 2.05 -22.52 -9.40
CA LYS B 221 1.42 -21.93 -8.23
C LYS B 221 2.42 -21.73 -7.09
N ILE B 222 3.68 -22.11 -7.29
CA ILE B 222 4.75 -21.87 -6.32
C ILE B 222 5.38 -20.52 -6.64
N HIS B 223 5.40 -19.62 -5.66
CA HIS B 223 5.80 -18.25 -5.94
C HIS B 223 6.71 -17.69 -4.84
N SER B 224 7.62 -18.53 -4.33
CA SER B 224 8.58 -18.02 -3.35
C SER B 224 9.87 -18.81 -3.45
N SER B 225 10.80 -18.49 -2.56
CA SER B 225 12.17 -18.98 -2.58
C SER B 225 12.33 -20.35 -1.96
N VAL B 226 12.01 -20.48 -0.67
CA VAL B 226 12.30 -21.71 0.06
C VAL B 226 11.23 -22.73 -0.26
N ILE B 227 11.66 -23.86 -0.80
CA ILE B 227 10.74 -24.87 -1.30
C ILE B 227 10.90 -26.12 -0.46
N LEU B 228 9.83 -26.51 0.21
CA LEU B 228 9.88 -27.45 1.31
C LEU B 228 9.19 -28.74 0.90
N LEU B 229 9.92 -29.84 0.91
CA LEU B 229 9.53 -31.02 0.16
C LEU B 229 9.39 -32.25 1.04
N TYR B 230 8.33 -33.02 0.78
CA TYR B 230 8.11 -34.34 1.36
C TYR B 230 7.56 -35.22 0.25
N CYS B 231 8.42 -36.08 -0.30
CA CYS B 231 8.06 -36.87 -1.47
C CYS B 231 8.77 -38.21 -1.35
N SER B 232 8.89 -38.91 -2.47
CA SER B 232 9.82 -40.00 -2.59
C SER B 232 11.05 -39.49 -3.34
N LYS B 233 11.94 -40.42 -3.68
CA LYS B 233 13.19 -40.03 -4.32
C LYS B 233 12.99 -39.82 -5.82
N ASP B 234 12.29 -40.76 -6.47
CA ASP B 234 12.05 -40.63 -7.90
C ASP B 234 11.04 -39.56 -8.21
N GLU B 235 10.10 -39.32 -7.28
CA GLU B 235 9.28 -38.12 -7.36
C GLU B 235 10.14 -36.87 -7.31
N ALA B 236 11.21 -36.89 -6.50
CA ALA B 236 12.09 -35.72 -6.47
C ALA B 236 12.92 -35.60 -7.74
N VAL B 237 13.24 -36.72 -8.38
CA VAL B 237 13.83 -36.68 -9.71
C VAL B 237 12.88 -35.98 -10.67
N LEU B 238 11.61 -36.36 -10.62
CA LEU B 238 10.57 -35.73 -11.44
C LEU B 238 10.47 -34.25 -11.14
N ILE B 239 10.49 -33.87 -9.87
CA ILE B 239 10.21 -32.50 -9.48
C ILE B 239 11.40 -31.60 -9.80
N LEU B 240 12.62 -32.08 -9.56
CA LEU B 240 13.76 -31.26 -9.95
C LEU B 240 13.92 -31.16 -11.45
N SER B 241 13.57 -32.21 -12.18
CA SER B 241 13.52 -32.11 -13.63
C SER B 241 12.47 -31.10 -14.09
N GLU B 242 11.31 -31.10 -13.44
CA GLU B 242 10.23 -30.19 -13.83
C GLU B 242 10.50 -28.78 -13.37
N ALA B 243 11.20 -28.59 -12.26
CA ALA B 243 11.42 -27.27 -11.72
C ALA B 243 12.67 -26.63 -12.30
N ARG B 244 13.55 -27.43 -12.89
CA ARG B 244 14.57 -26.85 -13.76
C ARG B 244 13.94 -26.37 -15.06
N SER B 245 12.79 -26.92 -15.44
CA SER B 245 12.02 -26.33 -16.53
C SER B 245 11.20 -25.15 -16.06
N LEU B 246 10.77 -25.15 -14.80
CA LEU B 246 10.09 -24.01 -14.22
C LEU B 246 11.07 -22.90 -13.85
N GLY B 247 12.34 -23.23 -13.64
CA GLY B 247 13.27 -22.25 -13.13
C GLY B 247 13.16 -22.04 -11.64
N LEU B 248 12.35 -22.84 -10.95
CA LEU B 248 12.24 -22.76 -9.52
C LEU B 248 13.46 -23.34 -8.82
N THR B 249 14.32 -24.05 -9.55
CA THR B 249 15.63 -24.47 -9.06
C THR B 249 16.68 -23.38 -9.21
N GLY B 250 16.28 -22.12 -9.35
CA GLY B 250 17.22 -21.04 -9.38
C GLY B 250 17.94 -20.88 -8.05
N TYR B 251 19.09 -20.23 -8.10
CA TYR B 251 20.02 -20.32 -6.99
C TYR B 251 19.99 -19.09 -6.10
N ASP B 252 18.78 -18.53 -5.95
CA ASP B 252 18.38 -17.83 -4.74
C ASP B 252 17.18 -18.48 -4.07
N PHE B 253 16.55 -19.46 -4.73
CA PHE B 253 15.57 -20.32 -4.09
C PHE B 253 16.26 -21.21 -3.06
N PHE B 254 15.47 -21.85 -2.21
CA PHE B 254 16.04 -22.79 -1.25
C PHE B 254 15.15 -24.01 -1.11
N TRP B 255 15.75 -25.07 -0.58
CA TRP B 255 15.25 -26.42 -0.79
C TRP B 255 15.68 -27.25 0.41
N ILE B 256 14.75 -27.60 1.28
CA ILE B 256 15.09 -28.32 2.51
C ILE B 256 14.32 -29.62 2.51
N VAL B 257 15.02 -30.71 2.24
CA VAL B 257 14.34 -31.99 2.05
C VAL B 257 14.94 -33.02 2.99
N PRO B 258 14.21 -33.50 4.00
CA PRO B 258 14.81 -34.37 5.01
C PRO B 258 15.09 -35.79 4.53
N SER B 259 15.37 -36.69 5.48
CA SER B 259 15.93 -37.99 5.16
C SER B 259 14.94 -38.94 4.49
N LEU B 260 13.71 -38.50 4.24
CA LEU B 260 12.77 -39.26 3.42
C LEU B 260 13.26 -39.46 2.00
N VAL B 261 13.92 -38.46 1.45
CA VAL B 261 14.34 -38.48 0.06
C VAL B 261 15.86 -38.52 -0.05
N SER B 262 16.57 -38.01 0.95
CA SER B 262 18.01 -38.24 0.95
C SER B 262 18.25 -39.70 1.26
N GLY B 263 17.73 -40.15 2.40
CA GLY B 263 17.95 -41.49 2.88
C GLY B 263 19.42 -41.73 3.13
N ASN B 264 20.04 -42.53 2.28
CA ASN B 264 21.49 -42.65 2.27
C ASN B 264 22.07 -41.38 1.71
N THR B 265 22.83 -40.66 2.54
CA THR B 265 23.67 -39.57 2.06
C THR B 265 24.79 -40.11 1.16
N GLU B 266 25.10 -41.39 1.30
CA GLU B 266 25.90 -42.15 0.37
C GLU B 266 25.27 -42.24 -1.01
N LEU B 267 23.95 -42.07 -1.12
CA LEU B 267 23.25 -42.01 -2.39
C LEU B 267 23.03 -40.55 -2.74
N ILE B 268 23.78 -40.04 -3.71
CA ILE B 268 23.63 -38.68 -4.21
C ILE B 268 23.26 -38.77 -5.68
N PRO B 269 21.97 -38.75 -6.00
CA PRO B 269 21.56 -38.76 -7.41
C PRO B 269 21.81 -37.42 -8.09
N LYS B 270 21.53 -37.40 -9.39
CA LYS B 270 22.28 -36.51 -10.28
C LYS B 270 21.64 -35.14 -10.40
N GLU B 271 20.31 -35.07 -10.39
CA GLU B 271 19.65 -33.78 -10.58
C GLU B 271 19.59 -32.94 -9.32
N PHE B 272 20.48 -33.15 -8.38
CA PHE B 272 20.18 -32.84 -7.01
C PHE B 272 21.19 -31.83 -6.48
N PRO B 273 20.91 -30.54 -6.60
CA PRO B 273 21.95 -29.51 -6.60
C PRO B 273 22.50 -29.16 -5.22
N SER B 274 23.21 -28.04 -5.20
CA SER B 274 23.70 -27.39 -4.01
C SER B 274 22.56 -27.01 -3.08
N GLY B 275 22.90 -26.93 -1.79
CA GLY B 275 21.95 -26.43 -0.82
C GLY B 275 20.81 -27.35 -0.51
N LEU B 276 20.89 -28.63 -0.86
CA LEU B 276 19.82 -29.53 -0.47
C LEU B 276 20.11 -30.06 0.92
N ILE B 277 19.10 -30.00 1.78
CA ILE B 277 19.28 -30.07 3.22
C ILE B 277 18.43 -31.18 3.79
N SER B 278 19.06 -32.17 4.39
CA SER B 278 18.33 -33.24 5.06
C SER B 278 18.70 -33.25 6.52
N VAL B 279 17.87 -33.93 7.30
CA VAL B 279 18.08 -34.13 8.73
C VAL B 279 18.01 -35.63 8.98
N SER B 280 19.07 -36.20 9.54
CA SER B 280 19.15 -37.66 9.61
C SER B 280 20.08 -38.07 10.75
N TYR B 281 19.72 -39.18 11.40
CA TYR B 281 20.45 -39.73 12.54
C TYR B 281 21.58 -40.64 12.06
N ASP B 282 22.44 -40.11 11.20
CA ASP B 282 23.36 -40.94 10.44
C ASP B 282 24.63 -41.22 11.21
N ASP B 283 25.38 -42.23 10.76
CA ASP B 283 26.75 -42.44 11.22
C ASP B 283 27.70 -41.55 10.43
N TRP B 284 27.43 -40.24 10.46
CA TRP B 284 28.41 -39.25 10.05
C TRP B 284 28.96 -38.66 11.33
N ASP B 285 28.07 -38.33 12.27
CA ASP B 285 28.51 -37.99 13.61
C ASP B 285 28.85 -39.23 14.43
N TYR B 286 28.43 -40.40 14.00
CA TYR B 286 28.47 -41.58 14.86
C TYR B 286 29.13 -42.75 14.17
N SER B 287 29.33 -43.82 14.93
CA SER B 287 29.61 -45.09 14.31
C SER B 287 28.46 -46.02 14.56
N LEU B 288 28.58 -47.22 14.01
CA LEU B 288 27.72 -48.29 14.45
C LEU B 288 27.99 -48.61 15.92
N GLU B 289 29.22 -49.00 16.25
CA GLU B 289 29.49 -49.67 17.52
C GLU B 289 29.38 -48.73 18.71
N ALA B 290 29.55 -47.42 18.51
CA ALA B 290 29.31 -46.47 19.60
C ALA B 290 27.84 -46.48 19.98
N ARG B 291 26.97 -46.37 18.97
CA ARG B 291 25.53 -46.51 19.16
C ARG B 291 25.17 -47.85 19.74
N VAL B 292 25.92 -48.88 19.34
CA VAL B 292 25.68 -50.23 19.82
C VAL B 292 25.93 -50.32 21.32
N ARG B 293 27.07 -49.81 21.77
CA ARG B 293 27.39 -49.91 23.19
C ARG B 293 26.48 -49.01 24.01
N ASP B 294 26.06 -47.88 23.41
CA ASP B 294 25.01 -47.07 24.00
C ASP B 294 23.73 -47.87 24.21
N GLY B 295 23.25 -48.54 23.16
CA GLY B 295 21.96 -49.20 23.23
C GLY B 295 21.99 -50.48 24.06
N ILE B 296 23.11 -51.19 24.04
CA ILE B 296 23.31 -52.33 24.94
C ILE B 296 23.26 -51.88 26.38
N GLY B 297 23.92 -50.75 26.69
CA GLY B 297 23.85 -50.23 28.03
C GLY B 297 22.46 -49.77 28.41
N ILE B 298 21.71 -49.22 27.44
CA ILE B 298 20.31 -48.87 27.65
C ILE B 298 19.50 -50.09 28.06
N LEU B 299 19.69 -51.20 27.33
CA LEU B 299 18.99 -52.45 27.62
C LEU B 299 19.35 -52.96 29.01
N THR B 300 20.62 -52.82 29.39
CA THR B 300 21.01 -53.33 30.70
C THR B 300 20.60 -52.40 31.84
N THR B 301 20.42 -51.11 31.59
CA THR B 301 19.85 -50.24 32.62
C THR B 301 18.36 -50.46 32.78
N ALA B 302 17.65 -50.73 31.69
CA ALA B 302 16.25 -51.12 31.83
C ALA B 302 16.15 -52.48 32.54
N ALA B 303 17.12 -53.37 32.29
CA ALA B 303 17.16 -54.64 33.00
C ALA B 303 17.57 -54.45 34.46
N SER B 304 18.34 -53.41 34.73
CA SER B 304 18.63 -53.06 36.11
C SER B 304 17.38 -52.60 36.82
N SER B 305 16.56 -51.79 36.14
CA SER B 305 15.31 -51.33 36.71
C SER B 305 14.31 -52.48 36.87
N MET B 306 14.41 -53.49 35.99
CA MET B 306 13.73 -54.76 36.23
C MET B 306 14.13 -55.33 37.58
N LEU B 307 15.42 -55.64 37.73
CA LEU B 307 15.93 -56.29 38.92
C LEU B 307 15.84 -55.43 40.18
N GLU B 308 15.57 -54.13 40.01
CA GLU B 308 15.08 -53.28 41.08
C GLU B 308 13.66 -53.69 41.42
N LYS B 309 12.78 -53.48 40.45
CA LYS B 309 11.35 -53.50 40.69
C LYS B 309 10.80 -54.92 40.70
N PHE B 310 11.37 -55.80 39.91
CA PHE B 310 11.30 -57.24 40.08
C PHE B 310 12.58 -57.65 40.76
N SER B 311 12.82 -58.95 40.77
CA SER B 311 14.17 -59.47 40.70
C SER B 311 14.24 -60.50 39.59
N TYR B 312 13.33 -60.38 38.62
CA TYR B 312 13.12 -61.38 37.59
C TYR B 312 12.94 -60.68 36.26
N ILE B 313 12.97 -61.51 35.22
CA ILE B 313 12.90 -61.10 33.83
C ILE B 313 11.89 -62.01 33.14
N PRO B 314 10.96 -61.46 32.36
CA PRO B 314 10.17 -62.35 31.50
C PRO B 314 11.05 -62.81 30.35
N GLU B 315 11.27 -64.13 30.23
CA GLU B 315 12.06 -64.59 29.11
C GLU B 315 11.28 -64.45 27.82
N ALA B 316 11.94 -64.80 26.72
CA ALA B 316 11.23 -64.90 25.47
C ALA B 316 10.28 -66.10 25.50
N LYS B 317 9.42 -66.20 24.50
CA LYS B 317 8.52 -67.33 24.44
C LYS B 317 9.28 -68.62 24.11
N ALA B 318 8.59 -69.74 24.28
CA ALA B 318 9.20 -71.04 24.07
C ALA B 318 9.46 -71.27 22.59
N SER B 319 8.52 -70.89 21.74
CA SER B 319 8.56 -71.29 20.34
C SER B 319 7.98 -70.18 19.49
N CYS B 320 8.12 -70.37 18.18
CA CYS B 320 7.41 -69.52 17.22
C CYS B 320 5.95 -69.89 17.12
N TYR B 321 5.66 -71.11 16.68
CA TYR B 321 4.35 -71.50 16.20
C TYR B 321 3.35 -71.76 17.32
N GLY B 322 3.80 -71.75 18.57
CA GLY B 322 3.00 -72.17 19.70
C GLY B 322 2.27 -71.00 20.34
N GLN B 323 0.97 -71.17 20.51
CA GLN B 323 0.13 -70.27 21.30
C GLN B 323 -0.09 -71.01 22.61
N MET B 324 0.82 -70.84 23.56
CA MET B 324 1.01 -71.82 24.63
C MET B 324 0.03 -71.64 25.77
N GLU B 325 0.09 -70.54 26.50
CA GLU B 325 -0.94 -70.25 27.48
C GLU B 325 -1.68 -69.00 27.07
N ARG B 326 -0.91 -67.93 26.95
CA ARG B 326 -1.38 -66.60 26.58
C ARG B 326 -0.13 -65.80 26.26
N PRO B 327 -0.31 -64.49 26.13
CA PRO B 327 0.82 -63.60 26.08
C PRO B 327 0.89 -62.77 27.36
N GLU B 328 0.47 -63.36 28.48
CA GLU B 328 0.44 -62.63 29.75
C GLU B 328 1.86 -62.42 30.25
N VAL B 329 2.42 -61.25 29.97
CA VAL B 329 3.76 -60.89 30.43
C VAL B 329 3.66 -60.59 31.91
N PRO B 330 3.71 -61.67 32.70
CA PRO B 330 3.59 -61.56 34.15
C PRO B 330 4.82 -60.94 34.79
N MET B 331 5.93 -60.83 34.05
CA MET B 331 7.06 -60.06 34.53
C MET B 331 7.34 -58.83 33.67
N HIS B 332 6.39 -58.41 32.84
CA HIS B 332 6.12 -56.99 32.53
C HIS B 332 7.29 -56.28 31.84
N THR B 333 7.36 -56.51 30.53
CA THR B 333 8.37 -55.94 29.63
C THR B 333 8.53 -54.43 29.75
N LEU B 334 9.63 -53.93 29.22
CA LEU B 334 10.38 -52.73 29.58
C LEU B 334 9.68 -51.45 29.31
N HIS B 335 8.44 -51.36 28.90
CA HIS B 335 7.85 -50.05 28.62
C HIS B 335 7.75 -49.11 29.81
N PRO B 336 7.51 -49.55 31.05
CA PRO B 336 7.80 -48.65 32.18
C PRO B 336 9.28 -48.58 32.53
N PHE B 337 10.09 -49.50 32.03
CA PHE B 337 11.49 -49.58 32.39
C PHE B 337 12.37 -48.87 31.40
N MET B 338 11.88 -48.66 30.17
CA MET B 338 12.49 -47.79 29.18
C MET B 338 12.10 -46.35 29.34
N VAL B 339 11.42 -46.03 30.44
CA VAL B 339 11.09 -44.65 30.74
C VAL B 339 12.33 -43.89 31.15
N ASN B 340 13.10 -44.43 32.08
CA ASN B 340 14.26 -43.75 32.63
C ASN B 340 15.52 -44.52 32.28
N VAL B 341 16.20 -44.07 31.22
CA VAL B 341 17.53 -44.55 30.86
C VAL B 341 18.38 -43.36 30.47
N THR B 342 19.52 -43.21 31.11
CA THR B 342 20.53 -42.26 30.66
C THR B 342 21.85 -43.00 30.50
N TRP B 343 22.60 -42.62 29.48
CA TRP B 343 23.92 -43.17 29.30
C TRP B 343 24.94 -42.09 29.06
N ASP B 344 25.86 -41.99 30.03
CA ASP B 344 27.15 -41.35 29.89
C ASP B 344 26.98 -39.85 29.68
N GLY B 345 25.96 -39.29 30.35
CA GLY B 345 25.54 -37.93 30.15
C GLY B 345 24.47 -37.75 29.10
N LYS B 346 24.24 -38.73 28.23
CA LYS B 346 23.18 -38.64 27.24
C LYS B 346 21.92 -39.19 27.85
N ASP B 347 20.88 -38.38 27.87
CA ASP B 347 19.56 -38.83 28.28
C ASP B 347 19.03 -39.74 27.18
N LEU B 348 19.39 -41.02 27.25
CA LEU B 348 19.01 -41.93 26.19
C LEU B 348 17.70 -42.62 26.54
N SER B 349 16.90 -41.98 27.37
CA SER B 349 15.52 -42.36 27.57
C SER B 349 14.75 -42.06 26.29
N PHE B 350 13.62 -42.73 26.12
CA PHE B 350 12.80 -42.46 24.98
C PHE B 350 11.53 -41.77 25.39
N THR B 351 10.80 -41.31 24.38
CA THR B 351 9.43 -40.92 24.60
C THR B 351 8.60 -42.17 24.89
N GLU B 352 7.35 -41.92 25.27
CA GLU B 352 6.37 -42.99 25.38
C GLU B 352 6.11 -43.61 24.02
N GLU B 353 6.23 -42.81 22.96
CA GLU B 353 6.25 -43.32 21.61
C GLU B 353 7.63 -43.76 21.16
N GLY B 354 8.56 -44.00 22.09
CA GLY B 354 9.82 -44.57 21.75
C GLY B 354 10.73 -43.70 20.92
N TYR B 355 10.60 -42.38 21.01
CA TYR B 355 11.50 -41.54 20.27
C TYR B 355 12.43 -40.83 21.24
N GLN B 356 13.53 -40.33 20.70
CA GLN B 356 14.62 -39.89 21.54
C GLN B 356 14.28 -38.60 22.25
N VAL B 357 14.50 -38.61 23.57
CA VAL B 357 14.24 -37.44 24.39
C VAL B 357 15.21 -36.32 24.06
N HIS B 358 16.50 -36.65 23.97
CA HIS B 358 17.48 -35.82 23.27
C HIS B 358 17.83 -36.51 21.96
N PRO B 359 17.17 -36.14 20.87
CA PRO B 359 17.53 -36.67 19.57
C PRO B 359 18.84 -36.12 19.03
N ARG B 360 19.32 -36.76 17.98
CA ARG B 360 20.62 -36.44 17.41
C ARG B 360 20.49 -35.51 16.23
N LEU B 361 19.80 -35.96 15.18
CA LEU B 361 19.32 -35.13 14.06
C LEU B 361 20.50 -34.44 13.36
N VAL B 362 21.32 -35.29 12.80
CA VAL B 362 22.50 -34.87 12.06
C VAL B 362 22.03 -34.19 10.77
N VAL B 363 22.09 -32.87 10.74
CA VAL B 363 21.54 -32.10 9.62
C VAL B 363 22.66 -31.84 8.65
N ILE B 364 22.51 -32.44 7.48
CA ILE B 364 23.56 -32.60 6.50
C ILE B 364 23.07 -31.92 5.23
N VAL B 365 23.95 -31.24 4.52
CA VAL B 365 23.54 -30.36 3.42
C VAL B 365 24.35 -30.66 2.17
N LEU B 366 23.67 -30.87 1.04
CA LEU B 366 24.36 -30.93 -0.24
C LEU B 366 24.94 -29.59 -0.63
N ASN B 367 26.06 -29.64 -1.31
CA ASN B 367 26.73 -28.42 -1.71
C ASN B 367 26.91 -28.44 -3.21
N LYS B 368 27.69 -27.48 -3.72
CA LYS B 368 27.92 -27.26 -5.15
C LYS B 368 28.33 -28.53 -5.87
N ASP B 369 29.19 -29.31 -5.22
CA ASP B 369 29.70 -30.55 -5.75
C ASP B 369 28.76 -31.71 -5.49
N ARG B 370 27.54 -31.42 -4.98
CA ARG B 370 26.54 -32.40 -4.59
C ARG B 370 27.12 -33.33 -3.53
N GLU B 371 27.48 -32.70 -2.41
CA GLU B 371 28.16 -33.35 -1.30
C GLU B 371 27.40 -33.08 -0.03
N TRP B 372 26.85 -34.14 0.56
CA TRP B 372 26.15 -34.03 1.83
C TRP B 372 27.15 -33.65 2.91
N GLU B 373 27.03 -32.43 3.40
CA GLU B 373 27.92 -31.95 4.44
C GLU B 373 27.12 -31.34 5.57
N LYS B 374 27.64 -31.53 6.77
CA LYS B 374 26.88 -31.31 7.99
C LYS B 374 26.66 -29.82 8.19
N VAL B 375 25.48 -29.46 8.69
CA VAL B 375 25.34 -28.12 9.21
C VAL B 375 24.87 -28.17 10.65
N GLY B 376 23.73 -28.81 10.89
CA GLY B 376 23.03 -28.64 12.15
C GLY B 376 23.07 -29.88 13.02
N LYS B 377 22.97 -29.66 14.33
CA LYS B 377 22.83 -30.72 15.31
C LYS B 377 21.82 -30.29 16.36
N TRP B 378 21.24 -31.28 17.05
CA TRP B 378 20.01 -31.07 17.80
C TRP B 378 20.02 -31.78 19.14
N GLU B 379 21.18 -31.91 19.75
CA GLU B 379 21.29 -32.79 20.90
C GLU B 379 21.15 -32.04 22.22
N ASN B 380 21.30 -30.73 22.18
CA ASN B 380 21.32 -29.90 23.38
C ASN B 380 19.96 -29.23 23.43
N HIS B 381 19.04 -29.83 24.20
CA HIS B 381 17.68 -29.34 24.43
C HIS B 381 16.89 -29.24 23.13
N THR B 382 17.27 -30.06 22.14
CA THR B 382 16.87 -29.97 20.74
C THR B 382 17.00 -28.53 20.24
N LEU B 383 18.21 -28.02 20.33
CA LEU B 383 18.46 -26.69 19.83
C LEU B 383 19.48 -26.78 18.71
N SER B 384 19.38 -25.83 17.79
CA SER B 384 20.11 -25.82 16.54
C SER B 384 21.59 -25.56 16.79
N LEU B 385 22.44 -26.20 15.99
CA LEU B 385 23.89 -26.15 16.19
C LEU B 385 24.56 -26.08 14.82
N ARG B 386 24.72 -24.88 14.26
CA ARG B 386 24.88 -24.69 12.82
C ARG B 386 26.14 -23.88 12.51
N HIS B 387 26.25 -23.42 11.24
CA HIS B 387 27.45 -22.73 10.77
C HIS B 387 27.24 -21.27 10.41
N ALA B 388 26.02 -20.73 10.57
CA ALA B 388 25.65 -19.36 10.17
C ALA B 388 25.95 -19.08 8.71
N VAL B 389 25.65 -20.03 7.83
CA VAL B 389 25.88 -19.87 6.40
C VAL B 389 24.53 -19.80 5.71
N TRP B 390 24.06 -18.59 5.41
CA TRP B 390 22.74 -18.44 4.81
C TRP B 390 22.75 -18.82 3.34
N PRO B 391 23.64 -18.23 2.57
CA PRO B 391 23.68 -18.44 1.12
C PRO B 391 24.45 -19.71 0.83
N ARG B 392 23.78 -20.67 0.18
CA ARG B 392 24.41 -21.88 -0.29
C ARG B 392 23.94 -22.31 -1.67
N TYR B 393 22.84 -21.76 -2.18
CA TYR B 393 22.39 -22.05 -3.52
C TYR B 393 23.33 -21.36 -4.51
N LYS B 394 24.30 -22.11 -5.01
CA LYS B 394 25.54 -21.52 -5.49
C LYS B 394 26.06 -22.23 -6.75
N SER B 395 25.22 -22.29 -7.79
CA SER B 395 25.60 -22.67 -9.16
C SER B 395 26.04 -24.13 -9.25
N PHE B 396 25.10 -25.01 -8.88
CA PHE B 396 25.31 -26.44 -9.17
C PHE B 396 24.80 -26.78 -10.56
N SER B 397 23.50 -26.61 -10.82
CA SER B 397 22.96 -26.77 -12.17
C SER B 397 22.70 -25.42 -12.83
N ASP B 398 23.60 -24.47 -12.63
CA ASP B 398 23.53 -23.21 -13.35
C ASP B 398 23.90 -23.42 -14.80
N GLU B 400 21.78 -20.43 -14.06
CA GLU B 400 21.05 -20.17 -12.82
C GLU B 400 21.96 -19.51 -11.79
N PRO B 401 23.08 -18.95 -12.25
CA PRO B 401 23.96 -18.19 -11.38
C PRO B 401 23.28 -16.90 -10.95
N ASP B 402 23.28 -16.64 -9.65
CA ASP B 402 22.48 -15.55 -9.10
C ASP B 402 23.40 -14.51 -8.50
N ASP B 403 23.54 -13.37 -9.19
CA ASP B 403 24.42 -12.28 -8.76
C ASP B 403 23.56 -11.05 -8.54
N ASN B 404 22.98 -10.96 -7.35
CA ASN B 404 22.08 -9.87 -6.99
C ASN B 404 22.37 -9.34 -5.61
N HIS B 405 23.36 -9.90 -4.94
CA HIS B 405 23.55 -9.69 -3.52
C HIS B 405 24.46 -8.50 -3.32
N LEU B 406 23.93 -7.46 -2.69
CA LEU B 406 24.57 -6.15 -2.74
C LEU B 406 25.18 -5.82 -1.39
N SER B 407 26.51 -5.85 -1.33
CA SER B 407 27.26 -5.71 -0.09
C SER B 407 27.11 -4.28 0.39
N ILE B 408 26.35 -4.11 1.46
CA ILE B 408 26.08 -2.78 2.00
C ILE B 408 26.57 -2.75 3.43
N VAL B 409 27.70 -2.09 3.65
CA VAL B 409 28.31 -2.05 4.97
C VAL B 409 28.34 -0.59 5.39
N THR B 410 27.50 -0.23 6.37
CA THR B 410 27.34 1.18 6.71
C THR B 410 27.66 1.48 8.17
N LEU B 411 27.48 2.73 8.59
CA LEU B 411 27.69 3.14 9.97
C LEU B 411 26.35 3.19 10.69
N GLU B 412 26.39 3.08 12.02
CA GLU B 412 25.20 3.27 12.82
C GLU B 412 24.95 4.76 12.93
N GLU B 413 23.95 5.22 12.19
CA GLU B 413 23.69 6.64 11.97
C GLU B 413 22.23 6.85 12.27
N ALA B 414 21.89 7.15 13.51
CA ALA B 414 20.49 7.30 13.86
C ALA B 414 19.96 8.62 13.33
N PRO B 415 18.70 8.66 12.87
CA PRO B 415 17.76 7.55 12.69
C PRO B 415 17.74 7.03 11.28
N PHE B 416 18.85 7.19 10.58
CA PHE B 416 18.99 6.51 9.30
C PHE B 416 19.33 5.05 9.54
N VAL B 417 20.16 4.80 10.55
CA VAL B 417 20.57 3.47 10.94
C VAL B 417 20.49 3.39 12.47
N ILE B 418 19.59 2.56 12.95
CA ILE B 418 19.38 2.29 14.37
C ILE B 418 19.42 0.79 14.53
N VAL B 419 20.50 0.27 15.11
CA VAL B 419 20.75 -1.16 15.13
C VAL B 419 20.36 -1.71 16.49
N GLU B 420 19.39 -2.60 16.48
CA GLU B 420 18.88 -3.31 17.65
C GLU B 420 19.61 -4.64 17.75
N ASP B 421 19.32 -5.37 18.81
CA ASP B 421 19.86 -6.70 18.91
C ASP B 421 18.75 -7.72 18.72
N ILE B 422 19.15 -8.98 18.70
CA ILE B 422 18.20 -10.08 18.68
C ILE B 422 17.55 -10.19 20.04
N ASP B 423 16.24 -10.02 20.08
CA ASP B 423 15.47 -10.37 21.25
C ASP B 423 15.08 -11.83 21.13
N PRO B 424 14.97 -12.51 22.27
CA PRO B 424 14.44 -13.87 22.28
C PRO B 424 12.92 -13.77 22.27
N LEU B 425 12.40 -13.39 21.10
CA LEU B 425 11.00 -13.04 20.95
C LEU B 425 10.34 -14.08 20.08
N THR B 426 10.60 -15.35 20.42
CA THR B 426 10.27 -16.60 19.72
C THR B 426 11.07 -16.77 18.43
N GLU B 427 11.88 -15.81 18.04
CA GLU B 427 12.74 -15.83 16.87
C GLU B 427 13.70 -14.66 17.00
N THR B 428 14.40 -14.36 15.91
CA THR B 428 15.16 -13.13 15.78
C THR B 428 14.39 -12.34 14.72
N CYS B 429 13.31 -11.71 15.14
CA CYS B 429 12.39 -11.10 14.20
C CYS B 429 11.63 -10.01 14.93
N VAL B 430 12.11 -8.79 14.77
CA VAL B 430 11.35 -7.62 15.14
C VAL B 430 10.81 -7.06 13.83
N ARG B 431 9.59 -6.48 13.88
CA ARG B 431 8.72 -6.31 12.71
C ARG B 431 9.38 -5.51 11.59
N ASN B 432 10.25 -4.57 11.95
CA ASN B 432 10.86 -3.70 10.96
C ASN B 432 12.36 -3.84 10.90
N THR B 433 12.91 -4.88 11.49
CA THR B 433 14.35 -5.04 11.53
C THR B 433 14.86 -5.96 10.45
N VAL B 434 16.12 -5.75 10.09
CA VAL B 434 16.86 -6.72 9.30
C VAL B 434 18.10 -7.01 10.12
N PRO B 435 18.53 -8.26 10.27
CA PRO B 435 19.83 -8.50 10.88
C PRO B 435 20.97 -8.06 9.97
N CYS B 436 22.04 -7.62 10.63
CA CYS B 436 23.17 -6.98 10.01
C CYS B 436 24.36 -7.61 10.68
N ARG B 437 25.22 -8.25 9.91
CA ARG B 437 26.33 -8.97 10.51
C ARG B 437 27.47 -8.02 10.81
N LYS B 438 27.55 -7.61 12.06
CA LYS B 438 28.70 -6.91 12.59
C LYS B 438 29.89 -7.84 12.67
N PHE B 439 31.04 -7.23 12.90
CA PHE B 439 32.27 -7.94 13.15
C PHE B 439 32.69 -7.66 14.59
N VAL B 440 32.34 -8.57 15.48
CA VAL B 440 32.57 -8.42 16.91
C VAL B 440 33.89 -9.10 17.25
N LYS B 441 34.90 -8.31 17.52
CA LYS B 441 36.23 -8.83 17.80
C LYS B 441 36.23 -9.63 19.09
N ILE B 442 37.03 -10.69 19.10
CA ILE B 442 37.06 -11.55 20.28
C ILE B 442 37.80 -10.87 21.42
N ASN B 443 38.97 -10.30 21.13
CA ASN B 443 39.72 -9.58 22.15
C ASN B 443 40.15 -8.25 21.59
N ASN B 444 40.98 -7.55 22.36
CA ASN B 444 41.86 -6.54 21.82
C ASN B 444 43.05 -7.18 21.12
N SER B 445 43.40 -8.40 21.50
CA SER B 445 44.45 -9.16 20.83
C SER B 445 43.93 -10.04 19.71
N THR B 446 43.04 -10.98 20.01
CA THR B 446 42.36 -11.76 18.97
C THR B 446 41.20 -10.90 18.50
N ASN B 447 41.44 -10.16 17.44
CA ASN B 447 40.51 -9.18 16.92
C ASN B 447 39.56 -9.78 15.90
N GLU B 448 39.22 -11.05 16.07
CA GLU B 448 38.48 -11.75 15.05
C GLU B 448 37.02 -11.30 15.09
N GLY B 449 36.69 -10.44 14.14
CA GLY B 449 35.38 -9.81 14.10
C GLY B 449 34.34 -10.81 13.71
N MET B 450 33.58 -11.26 14.69
CA MET B 450 32.60 -12.31 14.51
C MET B 450 31.34 -11.68 13.95
N ASN B 451 30.93 -12.14 12.78
CA ASN B 451 29.73 -11.61 12.15
C ASN B 451 28.51 -11.99 12.96
N VAL B 452 28.16 -11.07 13.84
CA VAL B 452 26.95 -11.19 14.64
C VAL B 452 25.82 -10.50 13.90
N LYS B 453 24.80 -11.29 13.54
CA LYS B 453 23.56 -10.74 13.02
C LYS B 453 22.89 -9.91 14.09
N LYS B 454 22.54 -8.67 13.78
CA LYS B 454 21.84 -7.82 14.72
C LYS B 454 20.68 -7.14 14.04
N CYS B 455 19.62 -6.94 14.79
CA CYS B 455 18.39 -6.39 14.25
C CYS B 455 18.62 -4.93 13.84
N CYS B 456 17.89 -4.46 12.85
CA CYS B 456 18.23 -3.18 12.24
C CYS B 456 17.00 -2.43 11.77
N LYS B 457 16.97 -1.11 12.02
CA LYS B 457 15.92 -0.18 11.60
C LYS B 457 16.55 1.16 11.22
N GLY B 458 15.72 2.11 10.83
CA GLY B 458 16.17 3.44 10.49
C GLY B 458 15.58 3.90 9.16
N PHE B 459 15.89 5.16 8.80
CA PHE B 459 15.52 5.70 7.48
C PHE B 459 16.02 4.83 6.36
N CYS B 460 17.34 4.70 6.26
CA CYS B 460 17.96 4.09 5.09
C CYS B 460 17.58 2.63 4.95
N ILE B 461 17.21 1.99 6.06
CA ILE B 461 16.69 0.64 5.98
C ILE B 461 15.29 0.63 5.40
N ASP B 462 14.49 1.64 5.74
CA ASP B 462 13.17 1.77 5.11
C ASP B 462 13.34 2.04 3.62
N ILE B 463 14.35 2.82 3.28
CA ILE B 463 14.63 3.16 1.90
C ILE B 463 15.13 1.92 1.14
N LEU B 464 15.94 1.10 1.79
CA LEU B 464 16.38 -0.14 1.15
C LEU B 464 15.25 -1.12 1.01
N LYS B 465 14.28 -1.07 1.91
CA LYS B 465 13.06 -1.83 1.71
C LYS B 465 12.30 -1.30 0.50
N LYS B 466 12.24 0.03 0.34
CA LYS B 466 11.65 0.65 -0.84
C LYS B 466 12.40 0.27 -2.11
N LEU B 467 13.69 0.03 -1.99
CA LEU B 467 14.47 -0.35 -3.15
C LEU B 467 14.40 -1.85 -3.39
N SER B 468 14.07 -2.62 -2.37
CA SER B 468 13.63 -3.98 -2.61
C SER B 468 12.27 -4.01 -3.26
N ARG B 469 11.51 -2.93 -3.11
CA ARG B 469 10.21 -2.77 -3.75
C ARG B 469 10.31 -2.16 -5.13
N THR B 470 11.39 -1.47 -5.44
CA THR B 470 11.54 -0.83 -6.75
C THR B 470 12.73 -1.38 -7.52
N VAL B 471 13.93 -1.30 -6.94
CA VAL B 471 15.10 -1.84 -7.63
C VAL B 471 15.12 -3.34 -7.48
N LYS B 472 14.65 -3.85 -6.33
CA LYS B 472 14.25 -5.24 -6.09
C LYS B 472 15.45 -6.19 -6.21
N PHE B 473 16.36 -6.07 -5.25
CA PHE B 473 17.44 -7.03 -5.18
C PHE B 473 17.64 -7.47 -3.73
N THR B 474 18.77 -8.09 -3.48
CA THR B 474 19.13 -8.57 -2.16
C THR B 474 20.33 -7.78 -1.68
N TYR B 475 20.29 -7.36 -0.42
CA TYR B 475 21.14 -6.28 0.01
C TYR B 475 21.87 -6.74 1.27
N ASP B 476 23.19 -6.72 1.22
CA ASP B 476 23.96 -7.50 2.17
C ASP B 476 24.46 -6.58 3.26
N LEU B 477 23.85 -6.68 4.44
CA LEU B 477 23.92 -5.62 5.42
C LEU B 477 24.94 -5.94 6.50
N TYR B 478 25.96 -5.09 6.61
CA TYR B 478 27.03 -5.25 7.59
C TYR B 478 27.32 -3.87 8.14
N LEU B 479 28.25 -3.79 9.10
CA LEU B 479 28.51 -2.52 9.73
C LEU B 479 30.00 -2.20 9.74
N VAL B 480 30.30 -0.91 9.60
CA VAL B 480 31.66 -0.39 9.40
C VAL B 480 32.41 -0.46 10.72
N THR B 481 33.60 -1.05 10.68
CA THR B 481 34.49 -1.04 11.83
C THR B 481 35.75 -0.23 11.60
N ASN B 482 36.33 -0.28 10.40
CA ASN B 482 37.65 0.30 10.15
C ASN B 482 37.46 1.67 9.52
N GLY B 483 37.59 2.69 10.34
CA GLY B 483 37.28 4.04 9.92
C GLY B 483 35.80 4.29 10.10
N LYS B 484 35.38 5.49 9.72
CA LYS B 484 33.99 5.90 9.85
C LYS B 484 33.36 6.05 8.49
N HIS B 485 33.81 7.06 7.74
CA HIS B 485 33.41 7.26 6.37
C HIS B 485 34.60 7.00 5.46
N GLY B 486 35.70 7.67 5.73
CA GLY B 486 36.82 7.57 4.85
C GLY B 486 37.82 8.60 5.28
N LYS B 487 39.09 8.26 5.22
CA LYS B 487 40.12 9.18 5.65
C LYS B 487 41.21 9.14 4.59
N LYS B 488 41.80 10.28 4.31
CA LYS B 488 42.93 10.34 3.40
C LYS B 488 44.18 9.96 4.16
N VAL B 489 44.29 8.70 4.56
CA VAL B 489 45.46 8.23 5.28
C VAL B 489 46.44 7.87 4.17
N ASN B 490 47.13 8.89 3.66
CA ASN B 490 47.83 8.88 2.37
C ASN B 490 46.87 8.42 1.27
N ASN B 491 45.65 8.96 1.36
CA ASN B 491 44.51 8.64 0.50
C ASN B 491 44.12 7.16 0.55
N VAL B 492 44.56 6.44 1.56
CA VAL B 492 44.09 5.10 1.78
C VAL B 492 42.82 5.24 2.57
N TRP B 493 41.71 5.00 1.89
CA TRP B 493 40.42 5.33 2.46
C TRP B 493 40.01 4.35 3.53
N ASN B 494 39.36 4.90 4.53
CA ASN B 494 38.80 4.13 5.61
C ASN B 494 37.30 4.08 5.44
N GLY B 495 36.61 3.59 6.46
CA GLY B 495 35.19 3.63 6.68
C GLY B 495 34.37 3.17 5.50
N MET B 496 33.34 3.95 5.23
CA MET B 496 32.49 3.82 4.04
C MET B 496 33.34 3.86 2.77
N ILE B 497 34.29 4.79 2.70
CA ILE B 497 35.00 5.04 1.46
C ILE B 497 36.07 3.97 1.23
N GLY B 498 36.65 3.43 2.31
CA GLY B 498 37.47 2.24 2.14
C GLY B 498 36.67 1.06 1.67
N GLU B 499 35.47 0.90 2.20
CA GLU B 499 34.63 -0.21 1.78
C GLU B 499 34.11 -0.03 0.37
N VAL B 500 34.09 1.21 -0.11
CA VAL B 500 33.75 1.48 -1.51
C VAL B 500 34.96 1.26 -2.41
N VAL B 501 36.07 1.91 -2.08
CA VAL B 501 37.27 1.86 -2.90
C VAL B 501 37.83 0.45 -2.94
N TYR B 502 38.00 -0.15 -1.77
CA TYR B 502 38.52 -1.49 -1.75
C TYR B 502 37.39 -2.50 -1.86
N GLN B 503 36.17 -1.99 -2.11
CA GLN B 503 35.02 -2.71 -2.62
C GLN B 503 34.52 -3.76 -1.65
N ARG B 504 34.72 -3.48 -0.37
CA ARG B 504 34.15 -4.28 0.68
C ARG B 504 32.63 -4.10 0.72
N ALA B 505 32.19 -2.85 0.68
CA ALA B 505 30.80 -2.53 0.48
C ALA B 505 30.66 -1.98 -0.93
N VAL B 506 30.22 -2.85 -1.83
CA VAL B 506 30.01 -2.46 -3.23
C VAL B 506 28.94 -1.39 -3.33
N MET B 507 27.92 -1.49 -2.50
CA MET B 507 27.00 -0.40 -2.29
C MET B 507 27.20 0.14 -0.89
N ALA B 508 27.07 1.45 -0.74
CA ALA B 508 27.22 2.05 0.58
C ALA B 508 26.28 3.22 0.65
N VAL B 509 25.48 3.27 1.72
CA VAL B 509 24.34 4.18 1.72
C VAL B 509 24.62 5.39 2.59
N GLY B 510 24.77 5.15 3.89
CA GLY B 510 25.04 6.17 4.88
C GLY B 510 24.10 7.36 4.96
N SER B 511 24.41 8.27 5.87
CA SER B 511 23.89 9.64 5.82
C SER B 511 24.96 10.55 5.22
N LEU B 512 25.38 10.22 4.01
CA LEU B 512 26.68 10.64 3.54
C LEU B 512 26.67 12.12 3.16
N THR B 513 27.43 12.89 3.93
CA THR B 513 27.89 14.17 3.45
C THR B 513 28.72 13.96 2.21
N ILE B 514 28.08 14.14 1.07
CA ILE B 514 28.70 13.87 -0.21
C ILE B 514 29.63 15.04 -0.50
N ASN B 515 30.93 14.81 -0.38
CA ASN B 515 31.89 15.88 -0.58
C ASN B 515 32.16 15.99 -2.07
N GLU B 516 32.61 17.16 -2.50
CA GLU B 516 33.28 17.25 -3.79
C GLU B 516 34.53 16.38 -3.77
N GLU B 517 35.22 16.36 -2.62
CA GLU B 517 36.34 15.46 -2.38
C GLU B 517 35.95 14.00 -2.49
N ARG B 518 34.82 13.63 -1.90
CA ARG B 518 34.37 12.25 -2.00
C ARG B 518 33.91 11.95 -3.41
N SER B 519 33.34 12.95 -4.09
CA SER B 519 32.90 12.76 -5.46
C SER B 519 34.07 12.52 -6.40
N GLU B 520 35.22 13.10 -6.07
CA GLU B 520 36.47 12.75 -6.72
C GLU B 520 36.79 11.27 -6.56
N VAL B 521 36.40 10.70 -5.44
CA VAL B 521 36.87 9.37 -5.09
C VAL B 521 35.78 8.36 -5.40
N VAL B 522 34.53 8.73 -5.12
CA VAL B 522 33.40 7.83 -5.18
C VAL B 522 32.33 8.49 -6.04
N ASP B 523 31.61 7.72 -6.86
CA ASP B 523 30.42 8.34 -7.43
C ASP B 523 29.27 8.37 -6.43
N PHE B 524 28.32 9.24 -6.69
CA PHE B 524 27.25 9.43 -5.73
C PHE B 524 25.92 9.60 -6.41
N SER B 525 24.89 9.26 -5.67
CA SER B 525 23.52 9.56 -6.04
C SER B 525 23.18 10.95 -5.51
N VAL B 526 21.89 11.12 -5.28
CA VAL B 526 21.35 12.34 -4.77
C VAL B 526 21.83 12.49 -3.34
N PRO B 527 21.73 13.71 -2.81
CA PRO B 527 22.14 13.98 -1.45
C PRO B 527 21.26 13.16 -0.55
N PHE B 528 21.85 12.69 0.52
CA PHE B 528 21.18 11.84 1.48
C PHE B 528 19.95 12.54 2.03
N VAL B 529 20.09 13.81 2.38
CA VAL B 529 18.99 14.64 2.86
C VAL B 529 19.40 16.09 2.72
N GLU B 530 18.49 17.07 2.74
CA GLU B 530 19.24 18.32 2.66
C GLU B 530 20.08 18.46 3.92
N THR B 531 21.33 18.88 3.75
CA THR B 531 22.18 19.11 4.90
C THR B 531 23.20 20.23 4.60
N GLY B 532 24.21 20.34 5.44
CA GLY B 532 25.26 21.34 5.33
C GLY B 532 25.86 21.48 6.71
N ILE B 533 26.44 22.66 7.04
CA ILE B 533 27.06 22.84 8.35
C ILE B 533 26.21 23.81 9.13
N SER B 534 25.82 23.41 10.35
CA SER B 534 25.05 24.24 11.24
C SER B 534 25.78 24.38 12.56
N VAL B 535 25.28 25.26 13.41
CA VAL B 535 25.90 25.52 14.71
C VAL B 535 24.82 25.38 15.78
N MET B 536 25.07 24.51 16.75
CA MET B 536 24.19 24.30 17.88
C MET B 536 24.69 25.07 19.08
N VAL B 537 23.78 25.81 19.74
CA VAL B 537 24.13 26.60 20.93
C VAL B 537 22.93 26.50 21.92
N SER B 538 23.12 27.00 23.14
CA SER B 538 22.01 27.10 24.09
C SER B 538 21.18 28.29 23.57
N ALA B 555 5.35 58.80 17.64
CA ALA B 555 5.99 59.96 17.04
C ALA B 555 5.00 61.10 16.88
N SER B 556 4.00 60.88 16.03
CA SER B 556 3.01 61.89 15.70
C SER B 556 2.00 62.12 16.82
N VAL B 557 1.79 61.14 17.70
CA VAL B 557 0.85 61.31 18.81
C VAL B 557 1.40 62.34 19.81
N TRP B 558 2.73 62.37 19.94
CA TRP B 558 3.44 63.28 20.84
C TRP B 558 3.18 64.74 20.50
N VAL B 559 3.33 65.08 19.21
CA VAL B 559 3.12 66.45 18.74
C VAL B 559 1.69 66.87 18.98
N MET B 560 0.74 65.95 18.75
CA MET B 560 -0.67 66.20 19.04
C MET B 560 -0.89 66.51 20.51
N MET B 561 -0.17 65.81 21.39
CA MET B 561 -0.27 66.06 22.83
C MET B 561 0.22 67.47 23.19
N PHE B 562 1.38 67.86 22.63
CA PHE B 562 1.90 69.20 22.87
C PHE B 562 0.94 70.28 22.37
N VAL B 563 0.36 70.06 21.20
CA VAL B 563 -0.58 71.03 20.61
C VAL B 563 -1.81 71.19 21.50
N MET B 564 -2.41 70.07 21.91
CA MET B 564 -3.65 70.15 22.68
C MET B 564 -3.43 70.72 24.08
N LEU B 565 -2.29 70.40 24.71
CA LEU B 565 -2.02 71.00 26.02
C LEU B 565 -1.77 72.49 25.92
N LEU B 566 -1.13 72.96 24.85
CA LEU B 566 -0.97 74.41 24.68
C LEU B 566 -2.31 75.08 24.42
N ILE B 567 -3.20 74.40 23.70
CA ILE B 567 -4.56 74.91 23.46
C ILE B 567 -5.29 75.11 24.77
N VAL B 568 -5.28 74.08 25.63
CA VAL B 568 -6.05 74.15 26.87
C VAL B 568 -5.40 75.15 27.85
N SER B 569 -4.08 75.31 27.80
CA SER B 569 -3.43 76.32 28.62
C SER B 569 -3.82 77.73 28.20
N ALA B 570 -3.91 77.96 26.88
CA ALA B 570 -4.36 79.26 26.40
C ALA B 570 -5.82 79.52 26.76
N ILE B 571 -6.66 78.48 26.67
CA ILE B 571 -8.06 78.59 27.06
C ILE B 571 -8.19 78.94 28.53
N ALA B 572 -7.32 78.35 29.37
CA ALA B 572 -7.27 78.69 30.79
C ALA B 572 -6.87 80.14 30.99
N VAL B 573 -5.89 80.63 30.22
CA VAL B 573 -5.49 82.05 30.27
C VAL B 573 -6.69 82.95 29.98
N PHE B 574 -7.46 82.61 28.93
CA PHE B 574 -8.63 83.43 28.60
C PHE B 574 -9.73 83.34 29.64
N VAL B 575 -9.92 82.16 30.25
CA VAL B 575 -11.00 82.05 31.23
C VAL B 575 -10.63 82.80 32.50
N PHE B 576 -9.34 82.79 32.89
CA PHE B 576 -8.91 83.62 34.01
C PHE B 576 -8.98 85.11 33.66
N GLU B 577 -8.84 85.46 32.38
CA GLU B 577 -9.13 86.83 32.00
C GLU B 577 -10.61 87.16 32.08
N TYR B 578 -11.47 86.18 31.88
CA TYR B 578 -12.90 86.42 31.97
C TYR B 578 -13.54 85.98 33.27
N PHE B 579 -12.76 85.71 34.32
CA PHE B 579 -13.32 85.85 35.65
C PHE B 579 -13.25 87.29 36.12
N SER B 580 -12.39 88.08 35.48
CA SER B 580 -12.20 89.49 35.85
C SER B 580 -13.43 90.35 35.59
N PRO B 581 -14.34 90.02 34.63
CA PRO B 581 -15.64 90.65 34.87
C PRO B 581 -16.53 89.78 35.75
N SER B 598 -5.03 80.48 40.45
CA SER B 598 -5.12 81.92 40.23
C SER B 598 -4.09 82.39 39.22
N PHE B 599 -3.07 81.57 38.99
CA PHE B 599 -2.03 81.91 38.02
C PHE B 599 -2.10 80.95 36.84
N THR B 600 -2.53 81.47 35.69
CA THR B 600 -2.53 80.67 34.48
C THR B 600 -1.10 80.41 34.01
N ILE B 601 -0.19 81.36 34.32
CA ILE B 601 1.24 81.13 34.13
C ILE B 601 1.75 80.11 35.13
N GLY B 602 1.19 80.11 36.33
CA GLY B 602 1.65 79.24 37.38
C GLY B 602 0.77 78.04 37.59
N LYS B 603 -0.14 78.17 38.57
CA LYS B 603 -0.95 77.10 39.14
C LYS B 603 -1.71 76.27 38.13
N ALA B 604 -2.31 76.92 37.13
CA ALA B 604 -3.17 76.22 36.19
C ALA B 604 -2.40 75.25 35.34
N ILE B 605 -1.14 75.55 35.06
CA ILE B 605 -0.29 74.65 34.28
C ILE B 605 0.05 73.41 35.09
N TRP B 606 0.29 73.56 36.40
CA TRP B 606 0.61 72.37 37.18
C TRP B 606 -0.66 71.56 37.43
N LEU B 607 -1.80 72.22 37.46
CA LEU B 607 -3.07 71.53 37.35
C LEU B 607 -3.23 70.78 36.05
N LEU B 608 -2.82 71.36 34.92
CA LEU B 608 -2.88 70.67 33.63
C LEU B 608 -1.98 69.44 33.64
N TRP B 609 -0.81 69.58 34.25
CA TRP B 609 0.06 68.43 34.49
C TRP B 609 -0.62 67.36 35.31
N GLY B 610 -1.29 67.76 36.40
CA GLY B 610 -1.95 66.78 37.24
C GLY B 610 -3.11 66.11 36.54
N LEU B 611 -3.73 66.79 35.58
CA LEU B 611 -4.88 66.26 34.87
C LEU B 611 -4.51 65.53 33.59
N VAL B 612 -3.24 65.62 33.16
CA VAL B 612 -2.73 64.61 32.26
C VAL B 612 -2.74 63.25 32.96
N PHE B 613 -2.41 63.25 34.24
CA PHE B 613 -2.20 62.00 34.94
C PHE B 613 -3.28 61.80 36.00
N THR B 625 -14.34 78.72 38.10
CA THR B 625 -13.85 77.36 38.02
C THR B 625 -14.79 76.52 37.18
N THR B 626 -15.64 77.19 36.41
CA THR B 626 -16.58 76.53 35.53
C THR B 626 -15.91 75.94 34.30
N SER B 627 -14.87 76.58 33.79
CA SER B 627 -14.08 75.95 32.74
C SER B 627 -13.27 74.80 33.28
N LYS B 628 -13.00 74.80 34.59
CA LYS B 628 -12.25 73.71 35.19
C LYS B 628 -13.07 72.42 35.18
N ILE B 629 -14.39 72.56 35.16
CA ILE B 629 -15.28 71.43 34.91
C ILE B 629 -15.04 70.87 33.51
N MET B 630 -14.91 71.76 32.53
CA MET B 630 -14.62 71.35 31.18
C MET B 630 -13.22 70.75 31.05
N VAL B 631 -12.30 71.15 31.93
CA VAL B 631 -10.99 70.54 31.92
C VAL B 631 -11.04 69.15 32.55
N SER B 632 -11.86 68.98 33.61
CA SER B 632 -12.10 67.68 34.21
C SER B 632 -12.70 66.69 33.22
N VAL B 633 -13.50 67.20 32.29
CA VAL B 633 -13.88 66.42 31.11
C VAL B 633 -12.64 65.95 30.36
N TRP B 634 -11.74 66.88 30.03
CA TRP B 634 -10.54 66.49 29.28
C TRP B 634 -9.52 65.78 30.16
N ALA B 635 -9.64 65.92 31.48
CA ALA B 635 -8.85 65.09 32.37
C ALA B 635 -9.29 63.64 32.27
N PHE B 636 -10.61 63.43 32.23
CA PHE B 636 -11.18 62.10 32.04
C PHE B 636 -10.78 61.55 30.67
N PHE B 637 -10.74 62.43 29.66
CA PHE B 637 -10.11 62.09 28.38
C PHE B 637 -8.68 61.62 28.53
N ALA B 638 -7.85 62.33 29.29
CA ALA B 638 -6.46 61.94 29.46
C ALA B 638 -6.34 60.59 30.14
N VAL B 639 -7.27 60.29 31.05
CA VAL B 639 -7.34 58.96 31.66
C VAL B 639 -7.71 57.91 30.63
N ILE B 640 -8.59 58.26 29.69
CA ILE B 640 -8.91 57.34 28.58
C ILE B 640 -7.66 57.07 27.75
N PHE B 641 -6.86 58.11 27.51
CA PHE B 641 -5.61 57.91 26.79
C PHE B 641 -4.61 57.09 27.57
N LEU B 642 -4.65 57.18 28.90
CA LEU B 642 -3.85 56.30 29.74
C LEU B 642 -4.27 54.85 29.54
N ALA B 643 -5.59 54.59 29.53
CA ALA B 643 -6.10 53.24 29.36
C ALA B 643 -5.74 52.68 27.98
N SER B 644 -5.73 53.57 26.97
CA SER B 644 -5.42 53.15 25.61
C SER B 644 -3.97 52.69 25.48
N TYR B 645 -3.04 53.48 25.99
CA TYR B 645 -1.66 53.02 25.95
C TYR B 645 -1.27 52.07 27.07
N THR B 646 -2.18 51.74 28.00
CA THR B 646 -1.95 50.51 28.74
C THR B 646 -2.28 49.30 27.88
N ALA B 647 -3.38 49.38 27.11
CA ALA B 647 -3.67 48.33 26.15
C ALA B 647 -2.59 48.23 25.08
N ASN B 648 -2.00 49.37 24.71
CA ASN B 648 -0.93 49.37 23.73
C ASN B 648 0.34 48.75 24.29
N LEU B 649 0.72 49.11 25.52
CA LEU B 649 1.91 48.50 26.11
C LEU B 649 1.70 47.03 26.45
N ALA B 650 0.45 46.62 26.65
CA ALA B 650 0.14 45.20 26.69
C ALA B 650 0.35 44.57 25.33
N ALA B 651 0.00 45.27 24.25
CA ALA B 651 0.26 44.74 22.91
C ALA B 651 1.75 44.67 22.64
N PHE B 652 2.53 45.62 23.17
CA PHE B 652 3.98 45.51 23.12
C PHE B 652 4.52 44.35 23.91
N MET B 653 4.16 44.24 25.19
CA MET B 653 4.80 43.30 26.11
C MET B 653 4.17 41.92 26.06
N ILE B 654 3.35 41.64 25.07
CA ILE B 654 2.93 40.29 24.75
C ILE B 654 3.46 39.87 23.40
N GLN B 655 3.37 40.74 22.42
CA GLN B 655 3.62 40.39 21.04
C GLN B 655 5.03 40.80 20.66
N ARG B 657 11.25 39.79 24.34
CA ARG B 657 10.66 38.94 23.32
C ARG B 657 11.57 37.77 22.99
N PHE B 658 11.52 37.32 21.74
CA PHE B 658 12.38 36.25 21.25
C PHE B 658 13.68 36.87 20.75
N VAL B 659 14.80 36.41 21.28
CA VAL B 659 16.09 36.99 20.93
C VAL B 659 17.10 35.86 20.77
N ASP B 660 18.14 36.12 19.98
CA ASP B 660 19.22 35.17 19.76
C ASP B 660 20.52 35.96 19.64
N GLN B 661 21.64 35.25 19.61
CA GLN B 661 22.94 35.85 19.81
C GLN B 661 23.91 35.60 18.66
N VAL B 662 23.99 34.37 18.16
CA VAL B 662 25.04 33.96 17.23
C VAL B 662 24.54 34.08 15.80
N THR B 663 25.37 34.66 14.93
CA THR B 663 25.07 34.73 13.50
C THR B 663 25.60 33.53 12.74
N GLY B 664 26.89 33.25 12.85
CA GLY B 664 27.49 32.19 12.08
C GLY B 664 28.97 32.44 11.99
N LEU B 665 29.58 31.98 10.89
CA LEU B 665 31.00 32.20 10.64
C LEU B 665 31.35 33.68 10.57
N SER B 666 30.38 34.53 10.23
CA SER B 666 30.50 35.98 10.30
C SER B 666 30.83 36.49 11.69
N ASP B 667 30.46 35.76 12.74
CA ASP B 667 30.96 36.08 14.06
C ASP B 667 32.46 35.81 14.11
N LYS B 668 33.22 36.78 14.58
CA LYS B 668 34.58 36.54 14.98
C LYS B 668 34.67 35.93 16.34
N LYS B 669 33.53 35.78 17.01
CA LYS B 669 33.38 34.86 18.12
C LYS B 669 34.01 33.51 17.80
N PHE B 670 33.73 33.03 16.60
CA PHE B 670 34.39 31.85 16.10
C PHE B 670 35.79 32.17 15.63
N GLN B 671 35.93 33.27 14.88
CA GLN B 671 37.15 33.51 14.14
C GLN B 671 38.28 33.99 15.03
N ARG B 672 37.97 34.78 16.05
CA ARG B 672 38.96 35.31 16.98
C ARG B 672 38.40 35.14 18.38
N PRO B 673 38.30 33.90 18.87
CA PRO B 673 37.54 33.66 20.11
C PRO B 673 38.21 34.25 21.32
N HIS B 674 39.53 34.24 21.29
CA HIS B 674 40.37 34.78 22.33
C HIS B 674 40.41 36.29 22.31
N ASP B 675 39.87 36.89 21.26
CA ASP B 675 39.59 38.31 21.24
C ASP B 675 38.22 38.63 21.82
N TYR B 676 37.68 37.75 22.64
CA TYR B 676 36.47 37.99 23.40
C TYR B 676 36.64 37.32 24.75
N SER B 677 36.19 37.96 25.78
CA SER B 677 36.19 37.25 27.05
C SER B 677 34.78 36.78 27.38
N PRO B 678 34.57 35.50 27.67
CA PRO B 678 35.53 34.39 27.68
C PRO B 678 35.83 33.91 26.28
N PRO B 679 37.00 33.31 26.06
CA PRO B 679 37.30 32.75 24.75
C PRO B 679 36.36 31.60 24.40
N PHE B 680 36.01 31.53 23.14
CA PHE B 680 34.91 30.68 22.72
C PHE B 680 35.33 29.23 22.60
N ARG B 681 34.34 28.35 22.74
CA ARG B 681 34.54 26.98 23.20
C ARG B 681 33.79 26.07 22.23
N PHE B 682 34.49 25.54 21.25
CA PHE B 682 33.81 24.86 20.15
C PHE B 682 34.59 23.64 19.72
N GLY B 683 33.94 22.49 19.74
CA GLY B 683 34.59 21.24 19.44
C GLY B 683 33.72 20.36 18.56
N THR B 684 34.34 19.36 17.95
CA THR B 684 33.62 18.39 17.12
C THR B 684 34.14 16.98 17.34
N VAL B 685 33.39 16.04 16.78
CA VAL B 685 33.78 14.63 16.69
C VAL B 685 34.74 14.47 15.51
N PRO B 686 35.93 13.90 15.70
CA PRO B 686 37.00 14.10 14.71
C PRO B 686 36.76 13.37 13.40
N ASN B 687 37.62 13.71 12.43
CA ASN B 687 37.69 13.06 11.12
C ASN B 687 36.40 13.26 10.32
N GLY B 688 35.81 14.43 10.48
CA GLY B 688 34.58 14.75 9.77
C GLY B 688 34.83 15.45 8.45
N SER B 689 33.82 15.37 7.60
CA SER B 689 33.88 16.08 6.32
C SER B 689 33.75 17.58 6.53
N THR B 690 32.93 17.99 7.51
CA THR B 690 32.85 19.39 7.91
C THR B 690 34.17 19.89 8.40
N GLU B 691 34.92 19.03 9.06
CA GLU B 691 36.27 19.36 9.50
C GLU B 691 37.19 19.58 8.31
N ARG B 692 37.06 18.74 7.28
CA ARG B 692 37.80 18.93 6.05
C ARG B 692 37.45 20.25 5.40
N ASN B 693 36.18 20.62 5.48
CA ASN B 693 35.73 21.89 4.93
C ASN B 693 36.29 23.07 5.68
N ILE B 694 36.48 22.94 6.98
CA ILE B 694 37.09 24.03 7.72
C ILE B 694 38.61 24.04 7.55
N ARG B 695 39.23 22.87 7.28
CA ARG B 695 40.61 22.83 6.84
C ARG B 695 40.77 23.61 5.55
N ASN B 696 39.77 23.47 4.68
CA ASN B 696 39.66 24.31 3.51
C ASN B 696 39.37 25.75 3.87
N ASN B 697 38.68 26.00 4.97
CA ASN B 697 38.32 27.35 5.36
C ASN B 697 39.37 27.98 6.26
N TYR B 698 39.57 27.44 7.46
CA TYR B 698 40.44 28.04 8.46
C TYR B 698 40.98 26.88 9.27
N PRO B 699 42.17 26.43 9.00
CA PRO B 699 42.79 25.46 9.91
C PRO B 699 43.22 26.11 11.20
N TYR B 700 43.32 27.45 11.24
CA TYR B 700 43.41 28.17 12.50
C TYR B 700 42.20 27.93 13.36
N MET B 701 41.05 27.86 12.73
CA MET B 701 39.86 27.56 13.48
CA MET B 701 39.84 27.55 13.46
C MET B 701 39.91 26.12 13.99
N HIS B 702 40.54 25.22 13.24
CA HIS B 702 40.80 23.89 13.76
C HIS B 702 41.77 23.90 14.93
N GLN B 703 42.73 24.83 14.90
CA GLN B 703 43.61 25.00 16.05
C GLN B 703 42.79 25.40 17.26
N TYR B 704 41.74 26.20 17.05
CA TYR B 704 40.81 26.46 18.13
C TYR B 704 39.99 25.21 18.46
N MET B 705 39.50 24.48 17.46
CA MET B 705 38.60 23.35 17.72
C MET B 705 39.28 22.23 18.47
N THR B 706 40.53 21.92 18.15
CA THR B 706 41.31 20.88 18.82
C THR B 706 41.57 21.17 20.29
N LYS B 707 41.36 22.40 20.73
CA LYS B 707 41.29 22.72 22.14
C LYS B 707 40.01 22.19 22.76
N PHE B 708 39.03 21.77 21.93
CA PHE B 708 37.71 21.49 22.45
C PHE B 708 37.06 20.29 21.79
N ASN B 709 37.74 19.66 20.80
CA ASN B 709 37.07 18.67 19.97
C ASN B 709 36.66 17.41 20.73
N GLN B 710 35.50 16.89 20.36
CA GLN B 710 34.76 15.89 21.13
C GLN B 710 34.77 14.57 20.40
N LYS B 711 33.95 13.64 20.87
CA LYS B 711 33.83 12.31 20.29
C LYS B 711 32.42 11.83 20.15
N GLY B 712 31.48 12.40 20.89
CA GLY B 712 30.10 11.98 20.78
C GLY B 712 29.18 13.16 20.66
N VAL B 713 27.94 12.87 20.31
CA VAL B 713 26.92 13.90 20.31
C VAL B 713 26.46 14.17 21.72
N GLU B 714 26.51 13.14 22.57
CA GLU B 714 26.19 13.31 23.97
C GLU B 714 27.27 14.08 24.71
N ASP B 715 28.50 14.06 24.20
CA ASP B 715 29.53 14.98 24.67
C ASP B 715 29.08 16.41 24.47
N ALA B 716 28.49 16.69 23.30
CA ALA B 716 27.95 18.01 23.03
C ALA B 716 26.74 18.30 23.89
N LEU B 717 25.94 17.27 24.19
CA LEU B 717 24.77 17.44 25.04
C LEU B 717 25.17 17.86 26.44
N VAL B 718 26.20 17.21 26.97
CA VAL B 718 26.75 17.60 28.27
C VAL B 718 27.32 19.00 28.21
N SER B 719 28.22 19.25 27.25
CA SER B 719 28.97 20.50 27.23
C SER B 719 28.09 21.70 26.90
N LEU B 720 26.92 21.47 26.30
CA LEU B 720 25.91 22.52 26.25
C LEU B 720 25.14 22.63 27.54
N LYS B 721 24.66 21.50 28.08
CA LYS B 721 23.88 21.56 29.30
C LYS B 721 24.73 21.84 30.52
N THR B 722 26.05 21.70 30.41
CA THR B 722 26.96 22.11 31.46
C THR B 722 27.79 23.31 31.05
N GLY B 723 27.52 23.90 29.88
CA GLY B 723 28.20 25.13 29.48
C GLY B 723 29.66 24.96 29.15
N LYS B 724 30.11 23.72 28.99
CA LYS B 724 31.53 23.47 28.78
C LYS B 724 31.98 23.85 27.39
N LEU B 725 31.14 23.64 26.39
CA LEU B 725 31.34 24.22 25.07
C LEU B 725 30.11 25.05 24.73
N ASP B 726 30.33 26.08 23.94
CA ASP B 726 29.37 27.18 23.87
C ASP B 726 28.16 26.82 23.02
N ALA B 727 28.39 26.47 21.77
CA ALA B 727 27.33 26.03 20.85
C ALA B 727 27.96 24.99 19.94
N PHE B 728 27.39 24.43 18.96
CA PHE B 728 27.92 23.39 18.08
C PHE B 728 27.41 23.54 16.67
N ILE B 729 28.31 23.22 15.74
CA ILE B 729 28.03 23.15 14.32
C ILE B 729 28.43 21.77 13.85
N TYR B 730 27.31 21.16 13.19
CA TYR B 730 27.56 19.86 12.61
C TYR B 730 26.73 19.78 11.34
N ASP B 731 26.50 18.55 10.89
CA ASP B 731 25.41 18.31 9.97
C ASP B 731 24.14 18.70 10.71
N ALA B 732 23.50 19.78 10.26
CA ALA B 732 22.49 20.44 11.08
C ALA B 732 21.21 19.63 11.24
N ALA B 733 21.04 18.58 10.44
CA ALA B 733 19.85 17.74 10.56
C ALA B 733 19.81 16.99 11.88
N VAL B 734 20.97 16.49 12.32
CA VAL B 734 21.08 15.84 13.62
C VAL B 734 20.76 16.83 14.74
N LEU B 735 21.21 18.06 14.56
CA LEU B 735 20.84 19.16 15.44
C LEU B 735 19.34 19.44 15.37
N ASN B 736 18.71 19.14 14.24
CA ASN B 736 17.28 19.41 14.12
C ASN B 736 16.45 18.34 14.80
N TYR B 737 16.94 17.10 14.82
CA TYR B 737 16.32 16.12 15.69
C TYR B 737 16.50 16.53 17.13
N LYS B 738 17.76 16.56 17.55
CA LYS B 738 18.11 16.54 18.94
C LYS B 738 17.91 17.89 19.61
N ALA B 739 17.85 18.96 18.81
CA ALA B 739 17.44 20.26 19.34
C ALA B 739 15.96 20.24 19.70
N GLY B 740 15.13 19.70 18.81
CA GLY B 740 13.78 19.40 19.18
C GLY B 740 13.67 18.36 20.25
N ARG B 741 14.61 17.43 20.28
CA ARG B 741 14.62 16.41 21.30
C ARG B 741 15.38 16.85 22.55
N ASP B 742 15.73 18.13 22.65
CA ASP B 742 16.24 18.68 23.90
C ASP B 742 15.15 18.76 24.95
N GLU B 743 15.60 18.77 26.20
CA GLU B 743 14.74 18.99 27.34
C GLU B 743 14.73 20.49 27.63
N GLY B 744 13.59 21.13 27.38
CA GLY B 744 13.48 22.56 27.53
C GLY B 744 13.93 23.36 26.34
N CYS B 745 14.82 22.81 25.51
CA CYS B 745 15.18 23.32 24.19
C CYS B 745 15.82 24.71 24.26
N LYS B 746 16.51 24.98 25.36
CA LYS B 746 17.31 26.19 25.46
C LYS B 746 18.63 26.08 24.71
N LEU B 747 19.01 24.88 24.31
CA LEU B 747 20.30 24.66 23.67
C LEU B 747 20.11 25.08 22.22
N VAL B 748 20.26 26.37 21.99
CA VAL B 748 19.99 26.94 20.68
C VAL B 748 20.90 26.34 19.67
N THR B 749 20.42 26.08 18.46
CA THR B 749 21.42 25.47 17.59
C THR B 749 22.09 26.47 16.68
N ILE B 750 22.55 25.94 15.55
CA ILE B 750 23.36 26.67 14.62
C ILE B 750 22.40 27.58 13.91
N GLY B 751 22.11 28.65 14.65
CA GLY B 751 21.15 29.65 14.20
C GLY B 751 19.72 29.14 14.08
N SER B 752 18.73 29.98 13.77
CA SER B 752 17.46 29.31 13.58
C SER B 752 17.57 28.39 12.37
N GLY B 753 18.42 27.38 12.53
CA GLY B 753 18.62 26.41 11.48
C GLY B 753 19.40 26.91 10.28
N TYR B 754 20.33 27.83 10.49
CA TYR B 754 21.13 28.32 9.38
C TYR B 754 22.18 27.29 9.01
N ILE B 755 21.96 26.63 7.88
CA ILE B 755 22.82 25.59 7.39
C ILE B 755 24.12 26.21 6.93
N PHE B 756 25.19 25.87 7.63
CA PHE B 756 26.52 26.07 7.13
C PHE B 756 27.05 24.69 6.80
N ALA B 757 28.04 24.65 5.92
CA ALA B 757 28.31 23.52 5.04
C ALA B 757 27.00 23.15 4.32
N THR B 758 26.61 24.06 3.43
CA THR B 758 25.38 23.96 2.67
C THR B 758 25.43 22.79 1.71
N THR B 759 24.24 22.30 1.32
CA THR B 759 24.04 21.21 0.36
C THR B 759 24.86 19.93 0.63
N ILE B 763 24.47 9.13 -1.13
CA ILE B 763 24.74 7.69 -1.16
C ILE B 763 25.85 7.35 -2.13
N ALA B 764 26.83 6.59 -1.61
CA ALA B 764 28.00 6.19 -2.35
C ALA B 764 27.67 5.22 -3.47
N LEU B 765 28.21 5.48 -4.65
CA LEU B 765 28.11 4.60 -5.80
C LEU B 765 29.51 4.26 -6.26
N GLN B 766 29.83 2.97 -6.34
CA GLN B 766 31.09 2.62 -6.96
C GLN B 766 31.07 2.98 -8.43
N LYS B 767 32.18 3.53 -8.89
CA LYS B 767 32.20 4.28 -10.13
C LYS B 767 31.99 3.37 -11.33
N GLY B 768 31.03 3.75 -12.16
CA GLY B 768 30.62 2.92 -13.26
C GLY B 768 29.49 1.95 -12.93
N SER B 769 28.84 2.11 -11.79
CA SER B 769 27.73 1.22 -11.49
C SER B 769 26.53 1.60 -12.36
N PRO B 770 25.85 0.61 -12.94
CA PRO B 770 24.79 0.91 -13.92
C PRO B 770 23.48 1.29 -13.27
N TRP B 771 23.49 1.28 -11.96
CA TRP B 771 22.31 1.42 -11.14
C TRP B 771 21.80 2.85 -11.11
N LYS B 772 22.58 3.78 -11.62
CA LYS B 772 22.47 5.18 -11.22
C LYS B 772 21.20 5.81 -11.76
N ARG B 773 20.90 5.55 -13.03
CA ARG B 773 19.67 6.07 -13.62
C ARG B 773 18.44 5.46 -12.99
N GLN B 774 18.54 4.16 -12.66
CA GLN B 774 17.47 3.44 -12.00
C GLN B 774 17.16 4.09 -10.67
N ILE B 775 18.21 4.30 -9.87
CA ILE B 775 18.16 5.01 -8.59
C ILE B 775 17.51 6.37 -8.75
N ASP B 776 17.97 7.16 -9.71
CA ASP B 776 17.66 8.57 -9.68
C ASP B 776 16.29 8.87 -10.29
N LEU B 777 15.88 8.09 -11.29
CA LEU B 777 14.51 8.18 -11.75
C LEU B 777 13.55 7.67 -10.69
N ALA B 778 13.94 6.64 -9.97
CA ALA B 778 13.08 6.15 -8.90
C ALA B 778 12.91 7.28 -7.89
N LEU B 779 14.03 7.97 -7.72
CA LEU B 779 14.20 9.04 -6.78
C LEU B 779 13.23 10.18 -7.01
N LEU B 780 12.97 10.56 -8.26
CA LEU B 780 12.03 11.66 -8.51
C LEU B 780 10.65 11.30 -8.01
N GLN B 781 10.26 10.06 -8.29
CA GLN B 781 8.99 9.54 -7.91
C GLN B 781 8.86 9.51 -6.40
N PHE B 782 9.93 9.12 -5.73
CA PHE B 782 9.88 9.11 -4.27
C PHE B 782 9.64 10.53 -3.84
N VAL B 783 10.37 11.46 -4.44
CA VAL B 783 10.12 12.85 -4.07
C VAL B 783 8.86 13.36 -4.75
N GLY B 784 8.58 12.85 -5.96
CA GLY B 784 7.33 13.17 -6.62
C GLY B 784 6.13 12.54 -5.94
N ASP B 785 6.36 11.59 -5.05
CA ASP B 785 5.31 11.02 -4.22
C ASP B 785 5.37 11.52 -2.78
N GLY B 786 6.43 12.24 -2.42
CA GLY B 786 6.59 12.71 -1.06
C GLY B 786 6.74 11.62 -0.02
N GLU B 787 7.37 10.51 -0.36
CA GLU B 787 7.46 9.40 0.56
C GLU B 787 8.59 9.60 1.55
N MET B 788 9.59 10.39 1.14
CA MET B 788 10.58 10.88 2.07
C MET B 788 9.92 11.69 3.18
N GLU B 789 8.89 12.45 2.83
CA GLU B 789 8.12 13.23 3.79
C GLU B 789 7.36 12.34 4.74
N GLU B 790 6.99 11.15 4.28
CA GLU B 790 6.36 10.18 5.14
C GLU B 790 7.37 9.64 6.13
N LEU B 791 8.59 9.39 5.68
CA LEU B 791 9.69 9.09 6.61
C LEU B 791 9.98 10.26 7.55
N GLU B 792 9.77 11.48 7.09
CA GLU B 792 9.96 12.65 7.93
C GLU B 792 8.96 12.67 9.05
N THR B 793 7.71 12.37 8.73
CA THR B 793 6.69 12.18 9.76
C THR B 793 7.05 11.02 10.67
N LEU B 794 7.77 10.03 10.17
CA LEU B 794 8.23 8.96 11.04
C LEU B 794 9.27 9.44 12.04
N TRP B 795 10.36 10.05 11.57
CA TRP B 795 11.58 10.02 12.37
C TRP B 795 12.06 11.36 12.91
N LEU B 796 11.46 12.50 12.53
CA LEU B 796 12.14 13.78 12.77
C LEU B 796 11.96 14.34 14.17
N THR B 797 10.73 14.65 14.56
CA THR B 797 10.48 15.78 15.44
C THR B 797 10.76 15.50 16.90
N GLY B 798 11.06 16.57 17.64
CA GLY B 798 10.95 16.60 19.07
C GLY B 798 10.01 17.69 19.56
N ILE B 799 10.57 18.75 20.17
CA ILE B 799 9.78 19.79 20.80
C ILE B 799 9.97 21.14 20.09
N CYS B 800 11.14 21.41 19.51
CA CYS B 800 11.32 22.64 18.72
C CYS B 800 10.49 22.64 17.45
N HIS B 801 9.98 21.48 17.03
CA HIS B 801 8.91 21.43 16.05
C HIS B 801 7.67 22.17 16.52
N ASN B 802 7.43 22.21 17.83
CA ASN B 802 6.39 23.05 18.44
C ASN B 802 6.98 24.25 19.15
N GLU B 803 8.01 24.89 18.57
CA GLU B 803 8.56 26.13 19.11
C GLU B 803 7.48 27.21 19.12
N LYS B 804 7.37 27.93 20.24
CA LYS B 804 6.17 28.70 20.50
C LYS B 804 6.43 30.16 20.85
N ASN B 805 7.26 30.84 20.05
CA ASN B 805 7.54 32.28 20.13
C ASN B 805 8.08 32.66 21.52
N GLU B 806 9.30 32.16 21.77
CA GLU B 806 9.88 32.12 23.12
C GLU B 806 10.23 33.53 23.57
N VAL B 807 9.23 34.21 24.13
CA VAL B 807 9.38 35.53 24.72
C VAL B 807 9.57 35.35 26.22
N MET B 808 9.60 36.46 26.94
CA MET B 808 9.72 36.42 28.39
C MET B 808 8.41 35.95 29.00
N SER B 809 8.52 35.28 30.15
CA SER B 809 7.36 34.73 30.84
C SER B 809 7.64 34.58 32.33
N ILE B 814 10.39 42.17 36.99
CA ILE B 814 10.77 41.05 36.14
C ILE B 814 11.62 41.55 34.98
N ASP B 815 11.32 42.74 34.48
CA ASP B 815 11.99 43.21 33.29
C ASP B 815 13.09 44.22 33.61
N ASN B 816 14.04 44.33 32.69
CA ASN B 816 15.22 45.16 32.86
C ASN B 816 15.57 45.89 31.58
N MET B 817 14.54 46.38 30.89
CA MET B 817 14.77 47.26 29.75
C MET B 817 15.29 48.61 30.23
N ALA B 818 16.02 49.30 29.35
CA ALA B 818 16.56 50.60 29.71
C ALA B 818 15.46 51.64 29.89
N GLY B 819 14.88 52.11 28.78
CA GLY B 819 13.79 53.09 28.87
C GLY B 819 14.18 54.35 29.63
N VAL B 820 13.76 54.33 30.89
CA VAL B 820 14.01 55.39 31.87
C VAL B 820 15.51 55.62 32.06
N PHE B 821 16.33 54.59 31.86
CA PHE B 821 17.78 54.76 31.94
C PHE B 821 18.30 55.69 30.84
N TYR B 822 17.59 55.76 29.71
CA TYR B 822 17.74 56.91 28.83
C TYR B 822 17.25 58.17 29.50
N MET B 823 16.00 58.14 29.95
CA MET B 823 15.23 59.32 30.30
C MET B 823 15.81 60.04 31.53
N LEU B 824 16.35 59.26 32.48
CA LEU B 824 17.04 59.84 33.64
C LEU B 824 18.19 60.74 33.23
N ALA B 825 18.89 60.35 32.16
CA ALA B 825 20.02 61.14 31.65
C ALA B 825 19.57 62.49 31.13
N ALA B 826 18.29 62.64 30.80
CA ALA B 826 17.79 63.96 30.46
C ALA B 826 17.65 64.85 31.70
N ALA B 827 17.07 64.29 32.77
CA ALA B 827 16.32 65.09 33.74
C ALA B 827 17.20 66.07 34.51
N MET B 828 18.36 65.60 34.97
CA MET B 828 19.29 66.43 35.73
C MET B 828 19.76 67.63 34.91
N ALA B 829 19.95 67.43 33.61
CA ALA B 829 20.45 68.50 32.75
C ALA B 829 19.42 69.63 32.63
N LEU B 830 18.14 69.30 32.88
CA LEU B 830 17.09 70.31 32.89
C LEU B 830 17.36 71.36 33.96
N SER B 831 17.79 70.92 35.15
CA SER B 831 18.19 71.87 36.19
C SER B 831 19.39 72.67 35.74
N LEU B 832 20.28 72.03 34.98
CA LEU B 832 21.46 72.72 34.45
C LEU B 832 21.07 73.75 33.40
N ILE B 833 19.88 73.62 32.83
CA ILE B 833 19.35 74.70 32.02
C ILE B 833 18.97 75.88 32.89
N THR B 834 18.19 75.62 33.93
CA THR B 834 17.36 76.69 34.49
C THR B 834 18.11 77.51 35.52
N PHE B 835 18.92 76.86 36.35
CA PHE B 835 19.56 77.58 37.44
C PHE B 835 20.78 78.36 37.00
N ILE B 836 21.15 78.26 35.72
CA ILE B 836 22.01 79.28 35.14
C ILE B 836 21.17 80.50 34.76
N TRP B 837 19.97 80.28 34.23
CA TRP B 837 19.07 81.39 33.90
C TRP B 837 18.41 81.98 35.14
N GLU B 838 19.19 82.64 35.98
CA GLU B 838 18.64 83.32 37.13
C GLU B 838 18.45 84.80 36.80
N HIS B 839 17.79 85.50 37.71
CA HIS B 839 17.47 86.92 37.50
C HIS B 839 18.75 87.73 37.67
N LEU B 840 19.51 87.82 36.58
CA LEU B 840 20.85 88.37 36.64
C LEU B 840 20.85 89.88 36.80
N PHE B 841 19.75 90.55 36.44
CA PHE B 841 19.70 92.00 36.51
C PHE B 841 18.32 92.42 36.96
N LYS C 25 9.48 -39.18 -54.52
CA LYS C 25 10.83 -38.96 -54.05
C LYS C 25 11.57 -37.96 -54.93
N ILE C 26 11.28 -37.99 -56.23
CA ILE C 26 12.01 -37.15 -57.19
C ILE C 26 11.68 -35.69 -56.93
N VAL C 27 12.71 -34.96 -56.53
CA VAL C 27 12.59 -33.58 -56.13
C VAL C 27 13.12 -32.72 -57.27
N ASN C 28 12.24 -31.98 -57.90
CA ASN C 28 12.59 -31.06 -58.96
C ASN C 28 12.95 -29.74 -58.33
N ILE C 29 14.15 -29.23 -58.65
CA ILE C 29 14.71 -28.05 -58.01
C ILE C 29 15.08 -27.07 -59.10
N GLY C 30 14.58 -25.84 -58.99
CA GLY C 30 14.74 -24.84 -60.02
C GLY C 30 16.05 -24.09 -59.89
N ALA C 31 16.42 -23.44 -60.99
CA ALA C 31 17.66 -22.69 -61.05
C ALA C 31 17.52 -21.63 -62.13
N VAL C 32 17.56 -20.37 -61.72
CA VAL C 32 17.33 -19.27 -62.65
C VAL C 32 18.59 -18.45 -62.76
N LEU C 33 19.23 -18.53 -63.92
CA LEU C 33 20.57 -18.02 -64.13
C LEU C 33 20.59 -17.23 -65.43
N SER C 34 21.79 -16.88 -65.87
CA SER C 34 21.96 -16.32 -67.20
C SER C 34 22.45 -17.40 -68.16
N THR C 35 23.32 -18.27 -67.68
CA THR C 35 23.90 -19.33 -68.49
C THR C 35 23.16 -20.63 -68.24
N ARG C 36 23.45 -21.60 -69.08
CA ARG C 36 23.02 -22.96 -68.85
C ARG C 36 24.19 -23.85 -68.47
N LYS C 37 25.41 -23.32 -68.55
CA LYS C 37 26.59 -24.02 -68.06
C LYS C 37 26.56 -24.17 -66.55
N HIS C 38 26.21 -23.10 -65.84
CA HIS C 38 26.05 -23.25 -64.42
C HIS C 38 24.74 -23.94 -64.06
N GLU C 39 23.78 -23.97 -64.97
CA GLU C 39 22.66 -24.88 -64.79
C GLU C 39 23.14 -26.32 -64.86
N GLN C 40 24.09 -26.61 -65.74
CA GLN C 40 24.73 -27.92 -65.75
C GLN C 40 25.56 -28.15 -64.50
N MET C 41 26.12 -27.07 -63.94
CA MET C 41 26.79 -27.18 -62.64
C MET C 41 25.80 -27.59 -61.57
N PHE C 42 24.57 -27.07 -61.64
CA PHE C 42 23.51 -27.57 -60.79
C PHE C 42 23.20 -29.04 -61.09
N ARG C 43 23.22 -29.44 -62.36
CA ARG C 43 22.89 -30.83 -62.71
C ARG C 43 23.92 -31.79 -62.13
N GLU C 44 25.18 -31.42 -62.24
CA GLU C 44 26.28 -32.22 -61.75
C GLU C 44 26.37 -32.17 -60.24
N ALA C 45 26.02 -31.04 -59.64
CA ALA C 45 25.92 -30.98 -58.19
C ALA C 45 24.73 -31.79 -57.70
N VAL C 46 23.65 -31.85 -58.50
CA VAL C 46 22.52 -32.75 -58.22
C VAL C 46 22.96 -34.20 -58.29
N ASN C 47 23.85 -34.51 -59.23
CA ASN C 47 24.46 -35.84 -59.26
C ASN C 47 25.22 -36.12 -57.97
N GLN C 48 26.07 -35.17 -57.57
CA GLN C 48 26.77 -35.23 -56.28
C GLN C 48 25.81 -35.32 -55.10
N ALA C 49 24.68 -34.64 -55.23
CA ALA C 49 23.67 -34.64 -54.20
C ALA C 49 23.04 -36.02 -54.05
N ASN C 50 22.87 -36.73 -55.16
CA ASN C 50 22.49 -38.12 -55.10
C ASN C 50 23.61 -38.98 -54.53
N LYS C 51 24.85 -38.52 -54.71
CA LYS C 51 26.02 -39.25 -54.22
C LYS C 51 26.26 -38.98 -52.74
N ARG C 52 26.44 -37.71 -52.38
CA ARG C 52 27.06 -37.33 -51.11
C ARG C 52 26.07 -37.46 -49.97
N HIS C 53 26.11 -38.61 -49.28
CA HIS C 53 25.43 -38.85 -48.00
C HIS C 53 23.92 -38.63 -48.09
N GLY C 54 23.41 -38.70 -49.31
CA GLY C 54 21.98 -38.53 -49.55
C GLY C 54 21.49 -39.81 -50.19
N SER C 55 20.44 -40.40 -49.63
CA SER C 55 19.95 -41.65 -50.19
C SER C 55 18.56 -41.59 -50.82
N TRP C 56 18.55 -41.83 -52.12
CA TRP C 56 17.33 -41.89 -52.93
C TRP C 56 17.72 -42.59 -54.23
N LYS C 57 16.77 -43.24 -54.90
CA LYS C 57 17.13 -43.86 -56.17
C LYS C 57 17.00 -42.84 -57.29
N ILE C 58 15.91 -42.11 -57.30
CA ILE C 58 15.71 -41.04 -58.24
C ILE C 58 15.09 -39.96 -57.41
N GLN C 59 15.80 -39.49 -56.38
CA GLN C 59 15.12 -38.46 -55.62
C GLN C 59 15.28 -37.07 -56.19
N LEU C 60 15.80 -36.94 -57.40
CA LEU C 60 16.03 -35.65 -58.02
C LEU C 60 15.91 -35.78 -59.53
N ASN C 61 15.18 -34.85 -60.14
CA ASN C 61 15.36 -34.55 -61.56
C ASN C 61 15.56 -33.05 -61.68
N ALA C 62 16.38 -32.67 -62.66
CA ALA C 62 16.90 -31.31 -62.74
C ALA C 62 15.98 -30.44 -63.58
N THR C 63 15.70 -29.24 -63.08
CA THR C 63 14.92 -28.22 -63.79
C THR C 63 15.67 -26.90 -63.71
N SER C 64 15.90 -26.27 -64.87
CA SER C 64 16.71 -25.07 -64.86
C SER C 64 16.43 -24.22 -66.10
N VAL C 65 15.96 -23.00 -65.87
CA VAL C 65 15.60 -22.05 -66.92
C VAL C 65 16.35 -20.77 -66.64
N THR C 66 16.95 -20.17 -67.67
CA THR C 66 17.66 -18.92 -67.47
C THR C 66 16.69 -17.77 -67.18
N HIS C 67 17.27 -16.62 -66.81
CA HIS C 67 16.50 -15.39 -66.66
C HIS C 67 15.84 -15.00 -67.98
N LYS C 68 14.56 -14.58 -67.89
CA LYS C 68 13.71 -14.28 -69.03
C LYS C 68 13.94 -12.86 -69.53
N PRO C 69 13.80 -12.62 -70.84
CA PRO C 69 13.98 -11.26 -71.36
C PRO C 69 12.87 -10.32 -70.96
N ASN C 70 11.64 -10.80 -70.83
CA ASN C 70 10.59 -9.97 -70.28
C ASN C 70 10.38 -10.31 -68.81
N ALA C 71 10.71 -9.33 -67.97
CA ALA C 71 10.45 -9.39 -66.54
C ALA C 71 8.97 -9.27 -66.20
N ILE C 72 8.12 -9.09 -67.20
CA ILE C 72 6.70 -9.27 -67.04
C ILE C 72 6.42 -10.76 -66.86
N GLN C 73 7.05 -11.60 -67.67
CA GLN C 73 6.53 -12.94 -67.92
C GLN C 73 6.67 -13.86 -66.73
N MET C 74 7.89 -14.35 -66.48
CA MET C 74 8.43 -14.75 -65.18
C MET C 74 7.66 -15.84 -64.44
N ALA C 75 6.59 -16.34 -65.05
CA ALA C 75 5.78 -17.39 -64.46
C ALA C 75 5.37 -18.39 -65.51
N LEU C 76 5.70 -18.10 -66.78
CA LEU C 76 5.51 -19.06 -67.85
C LEU C 76 6.29 -20.34 -67.55
N SER C 77 7.61 -20.20 -67.39
CA SER C 77 8.45 -21.32 -66.98
C SER C 77 8.03 -21.90 -65.63
N VAL C 78 7.58 -21.02 -64.72
CA VAL C 78 7.35 -21.44 -63.35
C VAL C 78 6.10 -22.31 -63.25
N CYS C 79 4.96 -21.78 -63.66
CA CYS C 79 3.74 -22.57 -63.58
C CYS C 79 3.65 -23.58 -64.70
N GLU C 80 3.85 -23.13 -65.94
CA GLU C 80 3.77 -24.01 -67.11
C GLU C 80 4.80 -25.11 -67.08
N ASP C 81 5.96 -24.86 -66.48
CA ASP C 81 7.10 -25.74 -66.63
C ASP C 81 7.62 -26.24 -65.29
N LEU C 82 7.80 -25.36 -64.31
CA LEU C 82 8.44 -25.77 -63.07
C LEU C 82 7.43 -26.35 -62.09
N ILE C 83 6.36 -25.61 -61.79
CA ILE C 83 5.34 -26.11 -60.87
C ILE C 83 4.59 -27.27 -61.50
N SER C 84 4.42 -27.25 -62.82
CA SER C 84 3.86 -28.41 -63.52
C SER C 84 4.77 -29.62 -63.42
N SER C 85 6.08 -29.41 -63.30
CA SER C 85 7.02 -30.49 -62.97
C SER C 85 7.22 -30.61 -61.47
N GLN C 86 6.44 -29.86 -60.68
CA GLN C 86 6.46 -29.92 -59.21
C GLN C 86 7.83 -29.56 -58.64
N VAL C 87 8.31 -28.38 -59.01
CA VAL C 87 9.55 -27.87 -58.45
C VAL C 87 9.30 -27.37 -57.04
N TYR C 88 10.13 -27.83 -56.11
CA TYR C 88 10.02 -27.50 -54.70
C TYR C 88 10.77 -26.22 -54.34
N ALA C 89 11.92 -25.96 -54.96
CA ALA C 89 12.72 -24.80 -54.64
C ALA C 89 13.50 -24.37 -55.86
N ILE C 90 13.69 -23.05 -56.01
CA ILE C 90 14.35 -22.47 -57.17
C ILE C 90 15.51 -21.62 -56.68
N LEU C 91 16.61 -21.63 -57.42
CA LEU C 91 17.84 -20.95 -57.03
C LEU C 91 18.20 -19.89 -58.07
N VAL C 92 18.06 -18.63 -57.70
CA VAL C 92 17.97 -17.54 -58.67
C VAL C 92 19.13 -16.57 -58.42
N SER C 93 19.75 -16.12 -59.51
CA SER C 93 20.75 -15.05 -59.46
C SER C 93 20.03 -13.69 -59.44
N HIS C 94 20.73 -12.60 -59.69
CA HIS C 94 20.03 -11.31 -59.72
C HIS C 94 19.21 -11.21 -60.98
N PRO C 95 19.89 -11.22 -62.12
CA PRO C 95 19.29 -11.26 -63.43
C PRO C 95 20.38 -11.71 -64.38
N PRO C 96 20.04 -11.77 -65.66
CA PRO C 96 21.01 -12.09 -66.70
C PRO C 96 21.86 -10.88 -67.04
N THR C 97 21.36 -9.71 -66.64
CA THR C 97 22.17 -8.50 -66.62
C THR C 97 22.44 -8.00 -65.22
N PRO C 98 21.62 -8.41 -64.24
CA PRO C 98 21.83 -8.27 -62.82
C PRO C 98 21.85 -6.83 -62.32
N ASN C 99 21.56 -5.87 -63.20
CA ASN C 99 21.92 -4.49 -62.91
C ASN C 99 20.81 -3.49 -63.18
N ASP C 100 19.74 -3.86 -63.87
CA ASP C 100 18.62 -2.96 -64.04
C ASP C 100 17.75 -2.98 -62.78
N HIS C 101 16.50 -2.57 -62.94
CA HIS C 101 15.47 -2.88 -61.96
C HIS C 101 15.00 -4.34 -62.02
N PHE C 102 15.77 -5.20 -62.69
CA PHE C 102 15.58 -6.64 -62.81
C PHE C 102 16.13 -7.40 -61.63
N THR C 103 16.18 -6.75 -60.48
CA THR C 103 16.19 -7.46 -59.22
C THR C 103 14.95 -8.35 -59.23
N PRO C 104 15.08 -9.62 -58.86
CA PRO C 104 14.03 -10.59 -59.17
C PRO C 104 12.81 -10.58 -58.26
N THR C 105 11.99 -9.53 -58.33
CA THR C 105 10.65 -9.61 -57.73
C THR C 105 9.72 -10.65 -58.36
N PRO C 106 9.51 -10.72 -59.69
CA PRO C 106 8.28 -11.38 -60.17
C PRO C 106 8.28 -12.89 -60.03
N VAL C 107 9.40 -13.56 -60.32
CA VAL C 107 9.51 -15.00 -60.09
C VAL C 107 9.34 -15.33 -58.61
N SER C 108 9.94 -14.51 -57.75
CA SER C 108 9.83 -14.69 -56.30
C SER C 108 8.38 -14.63 -55.86
N TYR C 109 7.69 -13.57 -56.22
CA TYR C 109 6.31 -13.44 -55.77
C TYR C 109 5.35 -14.41 -56.44
N THR C 110 5.66 -14.88 -57.66
CA THR C 110 4.88 -15.99 -58.18
C THR C 110 5.18 -17.29 -57.43
N ALA C 111 6.34 -17.37 -56.79
CA ALA C 111 6.56 -18.46 -55.83
C ALA C 111 6.03 -18.07 -54.45
N GLY C 112 5.53 -16.85 -54.31
CA GLY C 112 5.01 -16.38 -53.03
C GLY C 112 3.54 -16.67 -52.82
N PHE C 113 2.89 -17.32 -53.79
CA PHE C 113 1.52 -17.77 -53.58
C PHE C 113 1.41 -18.78 -52.44
N TYR C 114 1.94 -19.98 -52.65
CA TYR C 114 1.51 -21.12 -51.85
C TYR C 114 2.61 -21.62 -50.92
N ARG C 115 3.47 -20.72 -50.40
CA ARG C 115 4.57 -21.01 -49.47
C ARG C 115 5.61 -21.93 -50.10
N ILE C 116 6.22 -21.46 -51.18
CA ILE C 116 7.27 -22.21 -51.87
C ILE C 116 8.63 -21.63 -51.51
N PRO C 117 9.50 -22.39 -50.85
CA PRO C 117 10.77 -21.82 -50.36
C PRO C 117 11.76 -21.58 -51.49
N VAL C 118 12.33 -20.38 -51.51
CA VAL C 118 13.27 -19.94 -52.54
C VAL C 118 14.48 -19.34 -51.83
N LEU C 119 15.68 -19.66 -52.31
CA LEU C 119 16.91 -19.08 -51.78
C LEU C 119 17.48 -18.10 -52.80
N GLY C 120 17.48 -16.82 -52.43
CA GLY C 120 18.23 -15.81 -53.14
C GLY C 120 19.70 -16.10 -53.05
N LEU C 121 20.30 -16.43 -54.19
CA LEU C 121 21.67 -16.91 -54.20
C LEU C 121 22.64 -15.79 -53.91
N THR C 122 22.44 -14.64 -54.53
CA THR C 122 23.43 -13.58 -54.51
C THR C 122 22.91 -12.27 -53.98
N THR C 123 21.64 -12.21 -53.59
CA THR C 123 20.96 -10.94 -53.51
C THR C 123 21.27 -10.20 -52.22
N ARG C 124 21.34 -8.87 -52.33
CA ARG C 124 21.58 -7.97 -51.20
C ARG C 124 20.54 -6.85 -51.13
N MET C 125 19.51 -6.92 -51.94
CA MET C 125 18.42 -5.97 -51.85
C MET C 125 17.53 -6.36 -50.67
N SER C 126 17.69 -5.72 -49.51
CA SER C 126 16.96 -6.20 -48.34
C SER C 126 15.48 -5.87 -48.35
N ILE C 127 14.97 -5.26 -49.42
CA ILE C 127 13.56 -5.36 -49.78
C ILE C 127 13.10 -6.80 -49.75
N TYR C 128 13.90 -7.71 -50.31
CA TYR C 128 13.60 -9.14 -50.29
C TYR C 128 13.73 -9.75 -48.90
N SER C 129 14.23 -9.02 -47.92
CA SER C 129 14.27 -9.56 -46.56
C SER C 129 12.91 -9.43 -45.87
N ASP C 130 11.99 -8.70 -46.47
CA ASP C 130 10.78 -8.29 -45.77
C ASP C 130 9.81 -9.46 -45.63
N LYS C 131 10.01 -10.26 -44.58
CA LYS C 131 9.34 -11.53 -44.46
C LYS C 131 7.84 -11.45 -44.26
N SER C 132 7.32 -10.28 -43.91
CA SER C 132 5.88 -10.07 -43.94
C SER C 132 5.31 -10.30 -45.34
N ILE C 133 6.10 -9.94 -46.35
CA ILE C 133 5.69 -10.23 -47.72
C ILE C 133 6.60 -11.29 -48.32
N HIS C 134 7.89 -11.24 -48.01
CA HIS C 134 8.85 -12.22 -48.51
C HIS C 134 8.82 -13.43 -47.61
N LEU C 135 7.81 -14.27 -47.83
CA LEU C 135 7.42 -15.28 -46.88
C LEU C 135 8.42 -16.44 -46.86
N SER C 136 8.79 -16.92 -48.02
CA SER C 136 9.54 -18.16 -48.20
C SER C 136 10.82 -17.92 -48.99
N PHE C 137 11.57 -16.89 -48.60
CA PHE C 137 12.65 -16.37 -49.43
C PHE C 137 13.83 -16.05 -48.51
N LEU C 138 14.82 -16.94 -48.48
CA LEU C 138 16.00 -16.75 -47.64
C LEU C 138 17.24 -16.63 -48.51
N ARG C 139 18.26 -15.95 -47.98
CA ARG C 139 19.41 -15.58 -48.79
C ARG C 139 20.72 -16.16 -48.31
N THR C 140 21.43 -16.77 -49.25
CA THR C 140 22.81 -17.12 -48.99
C THR C 140 23.72 -15.91 -48.84
N VAL C 141 23.39 -14.80 -49.50
CA VAL C 141 24.19 -13.59 -49.34
C VAL C 141 23.40 -12.62 -48.48
N PRO C 142 23.96 -12.21 -47.34
CA PRO C 142 23.32 -11.22 -46.51
C PRO C 142 23.37 -9.84 -47.14
N PRO C 143 22.29 -9.08 -47.06
CA PRO C 143 22.28 -7.72 -47.60
C PRO C 143 23.09 -6.69 -46.83
N TYR C 144 22.97 -5.45 -47.30
CA TYR C 144 23.75 -4.30 -46.85
C TYR C 144 23.50 -3.96 -45.41
N SER C 145 22.29 -4.23 -44.92
CA SER C 145 21.92 -3.84 -43.57
C SER C 145 22.67 -4.69 -42.55
N HIS C 146 23.05 -5.91 -42.93
CA HIS C 146 23.96 -6.69 -42.11
C HIS C 146 25.31 -6.01 -42.00
N GLN C 147 25.71 -5.35 -43.08
CA GLN C 147 26.89 -4.48 -43.08
C GLN C 147 26.81 -3.43 -42.00
N SER C 148 25.59 -2.99 -41.65
CA SER C 148 25.34 -2.09 -40.52
C SER C 148 26.04 -2.58 -39.27
N SER C 149 25.81 -3.85 -38.93
CA SER C 149 26.39 -4.49 -37.76
C SER C 149 27.91 -4.45 -37.78
N VAL C 150 28.49 -4.58 -38.99
CA VAL C 150 29.92 -4.64 -39.15
C VAL C 150 30.56 -3.35 -38.72
N TRP C 151 29.86 -2.23 -38.98
CA TRP C 151 30.40 -0.92 -38.62
C TRP C 151 30.54 -0.80 -37.12
N PHE C 152 29.66 -1.49 -36.39
CA PHE C 152 29.69 -1.49 -34.94
C PHE C 152 30.97 -2.11 -34.43
N GLU C 153 31.39 -3.20 -35.07
CA GLU C 153 32.69 -3.81 -34.82
C GLU C 153 33.78 -2.77 -34.93
N MET C 154 33.73 -1.96 -35.99
CA MET C 154 34.78 -0.99 -36.22
C MET C 154 34.64 0.20 -35.29
N MET C 155 33.41 0.45 -34.79
CA MET C 155 33.21 1.34 -33.67
C MET C 155 34.14 0.96 -32.55
N ARG C 156 34.08 -0.30 -32.18
CA ARG C 156 34.93 -0.81 -31.15
C ARG C 156 36.30 -1.18 -31.66
N VAL C 157 36.58 -1.00 -32.95
CA VAL C 157 37.97 -1.08 -33.35
C VAL C 157 38.52 0.31 -33.16
N TYR C 158 37.66 1.31 -33.30
CA TYR C 158 38.19 2.67 -33.34
C TYR C 158 37.55 3.63 -32.37
N SER C 159 36.75 3.14 -31.41
CA SER C 159 36.32 3.89 -30.22
C SER C 159 35.58 5.17 -30.59
N TRP C 160 34.50 5.00 -31.32
CA TRP C 160 33.77 6.17 -31.76
C TRP C 160 32.53 6.39 -30.90
N ASN C 161 32.13 7.66 -30.81
CA ASN C 161 30.89 8.05 -30.11
C ASN C 161 30.10 9.15 -30.81
N HIS C 162 30.70 9.89 -31.74
CA HIS C 162 30.01 10.97 -32.43
C HIS C 162 29.86 10.58 -33.89
N ILE C 163 28.60 10.50 -34.32
CA ILE C 163 28.19 9.58 -35.36
C ILE C 163 27.39 10.33 -36.43
N ILE C 164 27.78 10.15 -37.68
CA ILE C 164 27.08 10.74 -38.80
C ILE C 164 26.47 9.62 -39.62
N LEU C 165 25.15 9.50 -39.58
CA LEU C 165 24.43 8.48 -40.32
C LEU C 165 23.72 9.11 -41.49
N LEU C 166 23.89 8.52 -42.66
CA LEU C 166 23.47 9.16 -43.90
C LEU C 166 22.72 8.13 -44.74
N VAL C 167 21.41 8.33 -44.87
CA VAL C 167 20.51 7.30 -45.37
C VAL C 167 19.73 7.83 -46.56
N SER C 168 19.99 7.27 -47.74
CA SER C 168 19.06 7.44 -48.84
C SER C 168 17.78 6.75 -48.46
N ASP C 169 16.67 7.44 -48.65
CA ASP C 169 15.46 7.09 -47.90
C ASP C 169 14.77 5.90 -48.54
N ASP C 170 15.13 4.74 -48.02
CA ASP C 170 14.87 3.47 -48.63
C ASP C 170 14.30 2.54 -47.57
N HIS C 171 13.46 1.59 -48.00
CA HIS C 171 12.99 0.55 -47.11
C HIS C 171 14.15 -0.27 -46.60
N GLU C 172 15.11 -0.54 -47.47
CA GLU C 172 16.38 -1.12 -47.08
C GLU C 172 17.15 -0.16 -46.21
N GLY C 173 17.16 1.11 -46.57
CA GLY C 173 17.88 2.11 -45.80
C GLY C 173 17.30 2.27 -44.41
N ARG C 174 15.98 2.24 -44.31
CA ARG C 174 15.35 2.40 -43.00
C ARG C 174 15.39 1.10 -42.21
N ALA C 175 15.42 -0.05 -42.88
CA ALA C 175 15.67 -1.30 -42.16
C ALA C 175 17.09 -1.36 -41.64
N ALA C 176 18.03 -0.85 -42.43
CA ALA C 176 19.40 -0.71 -41.95
C ALA C 176 19.47 0.26 -40.79
N GLN C 177 18.67 1.33 -40.85
CA GLN C 177 18.50 2.23 -39.71
C GLN C 177 18.03 1.50 -38.49
N LYS C 178 17.08 0.58 -38.65
CA LYS C 178 16.58 -0.20 -37.53
C LYS C 178 17.68 -1.03 -36.91
N ARG C 179 18.46 -1.72 -37.76
CA ARG C 179 19.59 -2.50 -37.27
C ARG C 179 20.62 -1.63 -36.58
N LEU C 180 20.92 -0.48 -37.17
CA LEU C 180 21.87 0.46 -36.57
C LEU C 180 21.37 0.98 -35.23
N GLU C 181 20.13 1.43 -35.17
CA GLU C 181 19.62 2.10 -33.98
C GLU C 181 19.47 1.12 -32.82
N THR C 182 19.07 -0.12 -33.13
CA THR C 182 19.21 -1.20 -32.17
C THR C 182 20.66 -1.33 -31.71
N LEU C 183 21.55 -1.79 -32.60
CA LEU C 183 22.91 -2.15 -32.25
C LEU C 183 23.74 -0.99 -31.68
N LEU C 184 23.29 0.24 -31.91
CA LEU C 184 23.70 1.37 -31.09
C LEU C 184 23.21 1.21 -29.67
N GLU C 185 21.90 1.33 -29.49
CA GLU C 185 21.34 1.68 -28.21
C GLU C 185 21.21 0.47 -27.29
N GLU C 186 21.46 -0.71 -27.84
CA GLU C 186 21.80 -1.90 -27.08
C GLU C 186 23.03 -1.66 -26.21
N ARG C 187 24.04 -1.00 -26.76
CA ARG C 187 25.21 -0.60 -25.99
C ARG C 187 25.18 0.89 -25.73
N GLU C 188 24.04 1.51 -26.00
CA GLU C 188 23.70 2.89 -25.66
C GLU C 188 24.61 3.91 -26.32
N SER C 189 25.37 3.52 -27.33
CA SER C 189 26.00 4.50 -28.19
C SER C 189 24.92 5.24 -28.96
N LYS C 190 25.15 6.52 -29.20
CA LYS C 190 24.08 7.44 -29.58
C LYS C 190 24.52 8.21 -30.81
N ALA C 191 23.73 8.12 -31.87
CA ALA C 191 24.06 8.82 -33.09
C ALA C 191 23.78 10.30 -32.94
N GLU C 192 24.63 11.10 -33.58
CA GLU C 192 24.33 12.52 -33.64
C GLU C 192 23.26 12.79 -34.68
N LYS C 193 23.58 12.54 -35.94
CA LYS C 193 22.68 12.86 -37.03
C LYS C 193 22.47 11.64 -37.91
N VAL C 194 21.21 11.48 -38.30
CA VAL C 194 20.85 10.66 -39.43
C VAL C 194 20.20 11.59 -40.43
N LEU C 195 20.99 12.07 -41.37
CA LEU C 195 20.42 12.83 -42.46
C LEU C 195 19.91 11.84 -43.50
N GLN C 196 18.87 12.28 -44.18
CA GLN C 196 18.04 11.42 -44.99
C GLN C 196 17.81 12.01 -46.36
N PHE C 197 17.78 11.13 -47.35
CA PHE C 197 18.09 11.53 -48.72
C PHE C 197 17.14 10.85 -49.68
N ASP C 198 16.66 11.60 -50.59
CA ASP C 198 16.19 10.87 -51.73
C ASP C 198 17.36 10.57 -52.66
N PRO C 199 17.24 9.56 -53.51
CA PRO C 199 18.19 9.44 -54.61
C PRO C 199 18.01 10.54 -55.62
N GLY C 200 19.13 11.02 -56.17
CA GLY C 200 19.12 12.15 -57.06
C GLY C 200 19.27 13.48 -56.37
N THR C 201 19.27 13.51 -55.04
CA THR C 201 19.48 14.76 -54.33
C THR C 201 20.91 15.24 -54.50
N LYS C 202 21.04 16.42 -55.08
CA LYS C 202 22.33 17.02 -55.39
C LYS C 202 22.50 18.34 -54.66
N ASN C 203 21.40 18.97 -54.26
CA ASN C 203 21.44 20.07 -53.30
C ASN C 203 21.36 19.49 -51.90
N VAL C 204 22.30 18.59 -51.61
CA VAL C 204 22.60 18.16 -50.26
C VAL C 204 23.48 19.20 -49.58
N THR C 205 23.87 20.24 -50.29
CA THR C 205 24.72 21.31 -49.78
C THR C 205 24.16 21.97 -48.53
N ALA C 206 22.83 22.06 -48.41
CA ALA C 206 22.23 22.47 -47.15
C ALA C 206 22.47 21.43 -46.06
N LEU C 207 22.22 20.16 -46.38
CA LEU C 207 22.49 19.08 -45.44
C LEU C 207 23.98 18.97 -45.18
N LEU C 208 24.79 19.38 -46.16
CA LEU C 208 26.23 19.43 -45.97
C LEU C 208 26.64 20.53 -44.99
N MET C 209 25.98 21.68 -45.04
CA MET C 209 26.30 22.73 -44.08
C MET C 209 25.83 22.35 -42.70
N GLU C 210 24.73 21.59 -42.64
CA GLU C 210 24.33 20.93 -41.40
C GLU C 210 25.44 20.01 -40.92
N ALA C 211 26.08 19.31 -41.85
CA ALA C 211 27.19 18.45 -41.47
C ALA C 211 28.42 19.24 -41.05
N LYS C 212 28.51 20.51 -41.44
CA LYS C 212 29.61 21.33 -40.95
C LYS C 212 29.44 21.81 -39.52
N GLU C 213 28.44 21.30 -38.79
CA GLU C 213 28.12 21.87 -37.50
C GLU C 213 28.64 21.03 -36.34
N LEU C 214 29.43 20.00 -36.61
CA LEU C 214 29.60 18.92 -35.67
C LEU C 214 31.03 18.77 -35.17
N GLU C 215 31.15 18.17 -33.97
CA GLU C 215 32.39 17.49 -33.63
C GLU C 215 32.65 16.36 -34.61
N ALA C 216 31.64 15.54 -34.86
CA ALA C 216 31.78 14.31 -35.62
C ALA C 216 32.21 14.56 -37.05
N ARG C 217 33.07 13.68 -37.52
CA ARG C 217 33.42 13.61 -38.93
C ARG C 217 33.32 12.17 -39.39
N VAL C 218 32.61 11.36 -38.61
CA VAL C 218 32.41 9.95 -38.89
C VAL C 218 31.26 9.85 -39.88
N ILE C 219 31.59 9.69 -41.14
CA ILE C 219 30.65 9.90 -42.23
C ILE C 219 30.20 8.54 -42.74
N ILE C 220 28.99 8.15 -42.35
CA ILE C 220 28.51 6.81 -42.58
C ILE C 220 27.47 6.89 -43.68
N LEU C 221 27.73 6.18 -44.75
CA LEU C 221 27.27 6.52 -46.08
C LEU C 221 26.43 5.40 -46.67
N SER C 222 25.21 5.72 -47.09
CA SER C 222 24.36 4.72 -47.72
C SER C 222 23.46 5.39 -48.76
N ALA C 223 23.73 5.10 -50.03
CA ALA C 223 22.91 5.51 -51.17
C ALA C 223 23.30 4.67 -52.36
N SER C 224 22.90 5.11 -53.54
CA SER C 224 23.36 4.55 -54.79
C SER C 224 24.69 5.20 -55.17
N GLU C 225 25.13 4.96 -56.40
CA GLU C 225 26.40 5.51 -56.88
C GLU C 225 26.33 7.03 -56.98
N ASP C 226 25.25 7.52 -57.55
CA ASP C 226 25.27 8.85 -58.15
C ASP C 226 25.03 9.92 -57.10
N ASP C 227 24.13 9.63 -56.17
CA ASP C 227 23.96 10.43 -54.97
C ASP C 227 25.29 10.65 -54.28
N ALA C 228 25.99 9.53 -54.05
CA ALA C 228 27.30 9.53 -53.43
C ALA C 228 28.29 10.38 -54.21
N ALA C 229 28.33 10.19 -55.54
CA ALA C 229 29.31 10.84 -56.40
C ALA C 229 29.13 12.36 -56.39
N THR C 230 27.89 12.83 -56.55
CA THR C 230 27.60 14.26 -56.47
C THR C 230 27.91 14.80 -55.09
N VAL C 231 27.66 14.01 -54.06
CA VAL C 231 27.96 14.45 -52.71
C VAL C 231 29.47 14.50 -52.48
N TYR C 232 30.22 13.60 -53.13
CA TYR C 232 31.68 13.67 -53.00
C TYR C 232 32.21 14.93 -53.64
N ARG C 233 31.67 15.26 -54.81
CA ARG C 233 31.97 16.51 -55.49
C ARG C 233 31.63 17.71 -54.61
N ALA C 234 30.41 17.72 -54.07
CA ALA C 234 29.91 18.88 -53.35
C ALA C 234 30.61 19.03 -51.99
N ALA C 235 30.86 17.92 -51.32
CA ALA C 235 31.55 17.94 -50.04
C ALA C 235 33.02 18.27 -50.19
N ALA C 236 33.62 17.66 -51.20
CA ALA C 236 34.98 18.03 -51.52
C ALA C 236 34.84 19.54 -51.81
N MET C 237 33.74 19.91 -52.47
CA MET C 237 33.41 21.26 -52.83
C MET C 237 33.30 22.11 -51.56
N LEU C 238 32.71 21.56 -50.52
CA LEU C 238 32.60 22.32 -49.30
C LEU C 238 34.03 22.60 -48.85
N ASN C 239 34.82 21.52 -48.92
CA ASN C 239 36.24 21.26 -48.59
C ASN C 239 36.09 19.92 -47.92
N MET C 240 35.10 19.90 -47.05
CA MET C 240 34.73 18.75 -46.23
C MET C 240 35.23 17.34 -46.53
N THR C 241 36.54 17.16 -46.60
CA THR C 241 37.10 15.82 -46.83
C THR C 241 38.33 15.46 -45.99
N GLY C 242 38.84 16.41 -45.23
CA GLY C 242 40.06 16.24 -44.47
C GLY C 242 40.13 15.20 -43.39
N SER C 243 41.33 14.64 -43.18
CA SER C 243 41.47 13.64 -42.13
C SER C 243 40.43 13.89 -41.06
N GLY C 244 39.97 12.81 -40.47
CA GLY C 244 38.75 12.86 -39.70
C GLY C 244 37.51 12.53 -40.49
N TYR C 245 37.39 13.05 -41.70
CA TYR C 245 36.16 12.92 -42.48
C TYR C 245 36.10 11.53 -43.07
N VAL C 246 35.70 10.55 -42.26
CA VAL C 246 35.89 9.15 -42.56
C VAL C 246 34.65 8.59 -43.24
N TRP C 247 34.83 8.12 -44.47
CA TRP C 247 33.73 7.83 -45.37
C TRP C 247 33.35 6.37 -45.21
N LEU C 248 32.19 6.11 -44.63
CA LEU C 248 31.82 4.75 -44.25
C LEU C 248 30.68 4.29 -45.14
N VAL C 249 31.03 3.46 -46.12
CA VAL C 249 30.41 3.46 -47.43
C VAL C 249 29.69 2.14 -47.67
N GLY C 250 28.44 2.22 -48.16
CA GLY C 250 27.72 1.04 -48.64
C GLY C 250 28.13 0.66 -50.06
N GLU C 251 27.86 -0.59 -50.45
CA GLU C 251 28.57 -1.09 -51.62
C GLU C 251 27.89 -0.72 -52.93
N ARG C 252 26.66 -0.22 -52.87
CA ARG C 252 26.09 0.45 -54.04
C ARG C 252 26.88 1.69 -54.38
N GLU C 253 27.39 2.36 -53.36
CA GLU C 253 28.33 3.43 -53.51
C GLU C 253 29.76 2.93 -53.72
N ILE C 254 29.95 1.63 -53.93
CA ILE C 254 31.29 1.11 -54.20
C ILE C 254 31.21 0.60 -55.64
N SER C 255 30.50 1.35 -56.47
CA SER C 255 30.43 1.06 -57.89
C SER C 255 30.26 2.36 -58.65
N GLY C 256 30.55 2.34 -59.95
CA GLY C 256 30.29 3.45 -60.85
C GLY C 256 31.03 4.75 -60.58
N ASN C 257 30.29 5.86 -60.48
CA ASN C 257 30.94 7.15 -60.27
C ASN C 257 31.15 7.44 -58.81
N ALA C 258 30.48 6.71 -57.93
CA ALA C 258 30.80 6.79 -56.51
C ALA C 258 32.22 6.32 -56.26
N LEU C 259 32.74 5.45 -57.12
CA LEU C 259 34.16 5.21 -57.20
C LEU C 259 34.91 6.48 -57.57
N ARG C 260 34.36 7.28 -58.47
CA ARG C 260 35.13 8.18 -59.30
C ARG C 260 35.07 9.62 -58.84
N TYR C 261 34.45 9.89 -57.69
CA TYR C 261 34.46 11.24 -57.14
C TYR C 261 34.89 11.21 -55.69
N ALA C 262 34.99 10.02 -55.12
CA ALA C 262 35.40 9.81 -53.75
C ALA C 262 36.90 10.01 -53.56
N PRO C 263 37.32 10.60 -52.45
CA PRO C 263 38.75 10.72 -52.16
C PRO C 263 39.42 9.42 -51.75
N ASP C 264 40.65 9.55 -51.26
CA ASP C 264 41.48 8.38 -51.15
C ASP C 264 41.90 8.13 -49.71
N GLY C 265 41.92 6.84 -49.38
CA GLY C 265 41.92 6.40 -48.00
C GLY C 265 40.56 5.94 -47.52
N ILE C 266 39.60 5.75 -48.42
CA ILE C 266 38.23 5.52 -48.00
C ILE C 266 37.98 4.04 -47.78
N LEU C 267 37.46 3.72 -46.60
CA LEU C 267 36.98 2.38 -46.31
C LEU C 267 35.82 1.98 -47.20
N GLY C 268 35.99 0.84 -47.85
CA GLY C 268 34.89 0.15 -48.51
C GLY C 268 34.75 -1.24 -47.92
N LEU C 269 33.68 -1.91 -48.33
CA LEU C 269 33.37 -3.22 -47.79
C LEU C 269 33.35 -4.27 -48.90
N GLN C 270 33.62 -5.51 -48.52
CA GLN C 270 33.50 -6.66 -49.41
C GLN C 270 33.09 -7.88 -48.61
N LEU C 271 32.07 -8.58 -49.10
CA LEU C 271 31.84 -9.95 -48.67
C LEU C 271 32.76 -10.88 -49.43
N ILE C 272 33.54 -11.67 -48.69
CA ILE C 272 34.37 -12.68 -49.32
C ILE C 272 33.49 -13.84 -49.75
N ASN C 273 33.71 -14.33 -50.98
CA ASN C 273 32.83 -15.24 -51.72
C ASN C 273 31.42 -14.66 -51.87
N GLY C 274 31.37 -13.35 -52.13
CA GLY C 274 30.11 -12.80 -52.60
C GLY C 274 29.84 -13.08 -54.05
N LYS C 275 30.84 -13.52 -54.80
CA LYS C 275 30.73 -13.68 -56.25
C LYS C 275 31.18 -15.02 -56.78
N ASN C 276 31.80 -15.89 -55.99
CA ASN C 276 32.06 -17.25 -56.45
C ASN C 276 30.75 -18.01 -56.50
N GLU C 277 30.00 -17.79 -57.58
CA GLU C 277 28.65 -18.32 -57.65
C GLU C 277 28.67 -19.80 -57.96
N SER C 278 29.79 -20.30 -58.48
CA SER C 278 30.01 -21.73 -58.54
C SER C 278 30.08 -22.35 -57.15
N ALA C 279 30.78 -21.67 -56.23
CA ALA C 279 30.79 -22.10 -54.84
C ALA C 279 29.40 -21.99 -54.24
N HIS C 280 28.63 -20.98 -54.65
CA HIS C 280 27.25 -20.87 -54.21
C HIS C 280 26.39 -22.02 -54.73
N ILE C 281 26.64 -22.49 -55.96
CA ILE C 281 25.95 -23.66 -56.51
C ILE C 281 26.23 -24.88 -55.66
N SER C 282 27.52 -25.12 -55.38
CA SER C 282 27.95 -26.29 -54.61
C SER C 282 27.32 -26.30 -53.23
N ASP C 283 27.40 -25.16 -52.53
CA ASP C 283 26.86 -25.07 -51.19
C ASP C 283 25.36 -25.25 -51.19
N ALA C 284 24.68 -24.57 -52.12
CA ALA C 284 23.23 -24.60 -52.16
C ALA C 284 22.71 -25.99 -52.47
N VAL C 285 23.40 -26.73 -53.35
CA VAL C 285 22.90 -28.06 -53.69
C VAL C 285 23.13 -29.04 -52.53
N GLY C 286 24.29 -28.93 -51.85
CA GLY C 286 24.50 -29.77 -50.67
C GLY C 286 23.49 -29.50 -49.55
N VAL C 287 23.24 -28.22 -49.30
CA VAL C 287 22.24 -27.77 -48.32
C VAL C 287 20.86 -28.30 -48.67
N VAL C 288 20.39 -28.04 -49.89
CA VAL C 288 19.01 -28.36 -50.26
C VAL C 288 18.82 -29.88 -50.37
N ALA C 289 19.87 -30.60 -50.77
CA ALA C 289 19.78 -32.06 -50.84
C ALA C 289 19.61 -32.68 -49.47
N GLN C 290 20.46 -32.28 -48.52
CA GLN C 290 20.31 -32.86 -47.20
C GLN C 290 19.08 -32.30 -46.48
N ALA C 291 18.59 -31.12 -46.89
CA ALA C 291 17.30 -30.64 -46.39
C ALA C 291 16.13 -31.43 -46.96
N VAL C 292 16.24 -31.87 -48.22
CA VAL C 292 15.26 -32.79 -48.80
C VAL C 292 15.25 -34.10 -48.05
N HIS C 293 16.44 -34.58 -47.69
CA HIS C 293 16.50 -35.79 -46.88
C HIS C 293 15.98 -35.55 -45.47
N GLU C 294 16.05 -34.32 -44.96
CA GLU C 294 15.33 -34.00 -43.74
C GLU C 294 13.83 -33.98 -43.96
N LEU C 295 13.37 -33.57 -45.14
CA LEU C 295 11.95 -33.59 -45.48
C LEU C 295 11.42 -35.02 -45.56
N LEU C 296 12.20 -35.93 -46.14
CA LEU C 296 11.77 -37.32 -46.28
C LEU C 296 11.79 -38.04 -44.94
N GLU C 297 12.56 -37.53 -43.98
CA GLU C 297 12.44 -37.95 -42.60
C GLU C 297 11.10 -37.55 -41.98
N LYS C 298 10.56 -36.41 -42.37
CA LYS C 298 9.29 -35.96 -41.84
C LYS C 298 8.15 -36.83 -42.39
N GLU C 299 6.98 -36.70 -41.78
CA GLU C 299 5.79 -37.42 -42.16
C GLU C 299 4.85 -36.47 -42.89
N ASN C 300 3.88 -37.07 -43.58
CA ASN C 300 2.76 -36.38 -44.20
C ASN C 300 3.23 -35.35 -45.21
N ILE C 301 4.17 -35.77 -46.07
CA ILE C 301 4.80 -34.87 -47.02
C ILE C 301 3.76 -34.48 -48.06
N THR C 302 3.26 -33.25 -47.96
CA THR C 302 2.14 -32.79 -48.76
C THR C 302 2.55 -32.64 -50.21
N ASP C 303 1.56 -32.66 -51.07
CA ASP C 303 2.08 -32.77 -52.41
C ASP C 303 2.22 -31.42 -53.07
N PRO C 304 3.26 -31.30 -53.89
CA PRO C 304 3.32 -30.19 -54.80
C PRO C 304 2.22 -30.31 -55.83
N PRO C 305 1.42 -29.28 -55.98
CA PRO C 305 0.49 -29.22 -57.09
C PRO C 305 1.26 -29.03 -58.39
N ARG C 306 0.73 -29.64 -59.45
CA ARG C 306 1.26 -29.39 -60.78
C ARG C 306 0.69 -28.12 -61.39
N GLY C 307 -0.63 -28.06 -61.50
CA GLY C 307 -1.24 -26.93 -62.15
C GLY C 307 -1.28 -25.70 -61.26
N CYS C 308 -1.07 -24.56 -61.89
CA CYS C 308 -1.51 -23.28 -61.36
C CYS C 308 -2.91 -22.96 -61.84
N VAL C 309 -3.74 -23.99 -62.01
CA VAL C 309 -5.16 -23.93 -62.32
C VAL C 309 -5.86 -24.96 -61.43
N GLY C 310 -6.91 -24.54 -60.71
CA GLY C 310 -7.64 -25.44 -59.85
C GLY C 310 -6.97 -25.71 -58.51
N ASN C 311 -5.69 -25.43 -58.39
CA ASN C 311 -4.92 -25.73 -57.20
C ASN C 311 -4.84 -24.49 -56.36
N THR C 312 -5.88 -24.24 -55.57
CA THR C 312 -5.95 -23.09 -54.68
C THR C 312 -5.32 -23.38 -53.33
N ASN C 313 -4.36 -24.29 -53.28
CA ASN C 313 -4.01 -24.94 -52.04
C ASN C 313 -2.56 -24.67 -51.68
N ILE C 314 -2.37 -24.02 -50.56
CA ILE C 314 -1.05 -23.69 -50.07
C ILE C 314 -0.34 -24.96 -49.64
N TRP C 315 0.98 -25.00 -49.83
CA TRP C 315 1.81 -25.92 -49.08
C TRP C 315 1.49 -25.89 -47.60
N LYS C 316 1.02 -27.01 -47.09
CA LYS C 316 0.95 -27.20 -45.65
C LYS C 316 2.34 -27.39 -45.07
N THR C 317 3.23 -28.03 -45.82
CA THR C 317 4.60 -28.18 -45.38
C THR C 317 5.46 -26.99 -45.78
N GLY C 318 4.86 -25.94 -46.33
CA GLY C 318 5.47 -24.63 -46.48
C GLY C 318 6.20 -24.13 -45.25
N PRO C 319 5.46 -23.93 -44.14
CA PRO C 319 6.14 -23.67 -42.86
C PRO C 319 6.98 -24.83 -42.39
N LEU C 320 6.70 -26.06 -42.82
CA LEU C 320 7.61 -27.14 -42.48
C LEU C 320 8.86 -27.12 -43.35
N PHE C 321 8.75 -26.62 -44.59
CA PHE C 321 9.97 -26.32 -45.35
C PHE C 321 10.80 -25.29 -44.63
N LYS C 322 10.12 -24.29 -44.07
CA LYS C 322 10.81 -23.22 -43.36
C LYS C 322 11.46 -23.75 -42.09
N ARG C 323 10.78 -24.66 -41.40
CA ARG C 323 11.37 -25.28 -40.22
C ARG C 323 12.49 -26.24 -40.57
N VAL C 324 12.45 -26.84 -41.76
CA VAL C 324 13.59 -27.61 -42.24
C VAL C 324 14.77 -26.69 -42.50
N LEU C 325 14.57 -25.64 -43.28
CA LEU C 325 15.67 -24.83 -43.75
C LEU C 325 16.27 -23.97 -42.65
N MET C 326 15.46 -23.57 -41.67
CA MET C 326 16.00 -22.78 -40.57
C MET C 326 16.74 -23.66 -39.58
N SER C 327 16.27 -24.89 -39.38
CA SER C 327 16.88 -25.78 -38.40
C SER C 327 17.93 -26.70 -39.00
N SER C 328 18.23 -26.57 -40.29
CA SER C 328 19.30 -27.38 -40.84
C SER C 328 20.60 -26.57 -40.89
N LYS C 329 21.67 -27.20 -40.43
CA LYS C 329 22.98 -26.58 -40.35
C LYS C 329 23.92 -27.22 -41.34
N TYR C 330 24.73 -26.38 -41.98
CA TYR C 330 25.66 -26.87 -42.99
C TYR C 330 26.96 -26.12 -42.79
N ALA C 331 27.82 -26.67 -41.93
CA ALA C 331 29.17 -26.15 -41.82
C ALA C 331 29.95 -26.47 -43.09
N ASP C 332 29.55 -27.51 -43.80
CA ASP C 332 30.21 -27.92 -45.02
C ASP C 332 29.58 -27.21 -46.22
N GLY C 333 29.85 -25.92 -46.26
CA GLY C 333 29.78 -25.19 -47.49
C GLY C 333 31.17 -24.73 -47.92
N VAL C 334 31.31 -24.51 -49.23
CA VAL C 334 32.57 -24.03 -49.79
C VAL C 334 32.84 -22.60 -49.34
N THR C 335 31.79 -21.80 -49.21
CA THR C 335 31.92 -20.44 -48.71
C THR C 335 32.06 -20.36 -47.19
N GLY C 336 32.21 -21.50 -46.51
CA GLY C 336 32.29 -21.53 -45.06
C GLY C 336 31.11 -22.27 -44.47
N ARG C 337 30.70 -21.90 -43.27
CA ARG C 337 29.51 -22.51 -42.70
C ARG C 337 28.28 -21.90 -43.34
N VAL C 338 27.57 -22.69 -44.13
CA VAL C 338 26.32 -22.26 -44.72
C VAL C 338 25.29 -22.47 -43.62
N GLU C 339 25.24 -21.51 -42.71
CA GLU C 339 24.39 -21.54 -41.53
C GLU C 339 23.85 -20.14 -41.33
N PHE C 340 22.53 -20.02 -41.43
CA PHE C 340 21.92 -18.73 -41.67
C PHE C 340 21.62 -17.98 -40.40
N ASN C 341 21.18 -16.73 -40.59
CA ASN C 341 20.56 -15.97 -39.53
C ASN C 341 19.15 -16.47 -39.26
N GLU C 342 18.49 -15.76 -38.37
CA GLU C 342 17.07 -15.90 -38.15
C GLU C 342 16.34 -15.42 -39.40
N ASP C 343 16.96 -14.47 -40.08
CA ASP C 343 16.43 -13.94 -41.32
C ASP C 343 16.83 -14.76 -42.52
N GLY C 344 17.50 -15.89 -42.33
CA GLY C 344 17.99 -16.65 -43.46
C GLY C 344 19.08 -15.95 -44.23
N ASP C 345 20.05 -15.36 -43.54
CA ASP C 345 21.28 -14.86 -44.13
C ASP C 345 22.45 -15.51 -43.42
N ARG C 346 23.46 -15.94 -44.19
CA ARG C 346 24.52 -16.81 -43.65
C ARG C 346 25.34 -16.12 -42.57
N LYS C 347 25.46 -16.80 -41.43
CA LYS C 347 26.24 -16.28 -40.32
C LYS C 347 27.73 -16.46 -40.57
N PHE C 348 28.51 -15.47 -40.11
CA PHE C 348 29.98 -15.46 -40.18
C PHE C 348 30.48 -15.58 -41.61
N ALA C 349 29.92 -14.76 -42.49
CA ALA C 349 30.47 -14.56 -43.81
C ALA C 349 31.70 -13.67 -43.70
N ASN C 350 32.74 -14.05 -44.43
CA ASN C 350 34.04 -13.42 -44.27
C ASN C 350 34.04 -12.03 -44.89
N TYR C 351 34.54 -11.06 -44.13
CA TYR C 351 34.56 -9.68 -44.56
C TYR C 351 35.97 -9.28 -44.93
N SER C 352 36.09 -8.42 -45.94
CA SER C 352 37.33 -7.72 -46.22
C SER C 352 37.02 -6.27 -46.55
N ILE C 353 37.76 -5.40 -45.91
CA ILE C 353 37.45 -3.98 -45.81
C ILE C 353 38.64 -3.23 -46.37
N MET C 354 38.34 -2.28 -47.24
CA MET C 354 39.12 -1.90 -48.39
C MET C 354 39.46 -0.42 -48.27
N ASN C 355 40.49 0.02 -48.99
CA ASN C 355 40.81 1.44 -49.01
C ASN C 355 41.25 1.88 -50.39
N LEU C 356 40.36 2.57 -51.11
CA LEU C 356 40.78 3.33 -52.28
C LEU C 356 41.83 4.31 -51.83
N GLN C 357 43.05 4.10 -52.24
CA GLN C 357 44.16 4.96 -51.90
C GLN C 357 44.91 5.22 -53.20
N ASN C 358 44.83 6.47 -53.66
CA ASN C 358 44.94 6.85 -55.07
C ASN C 358 43.94 6.06 -55.91
N ARG C 359 42.75 5.88 -55.32
CA ARG C 359 41.69 5.03 -55.85
C ARG C 359 42.18 3.63 -56.16
N LYS C 360 43.06 3.12 -55.30
CA LYS C 360 43.60 1.78 -55.45
C LYS C 360 43.31 1.08 -54.15
N LEU C 361 42.46 0.05 -54.20
CA LEU C 361 41.90 -0.54 -53.00
C LEU C 361 42.96 -1.21 -52.15
N VAL C 362 42.96 -0.84 -50.88
CA VAL C 362 43.94 -1.29 -49.92
C VAL C 362 43.18 -2.06 -48.84
N GLN C 363 43.37 -3.37 -48.81
CA GLN C 363 42.69 -4.22 -47.85
C GLN C 363 43.24 -3.97 -46.46
N VAL C 364 42.35 -3.77 -45.51
CA VAL C 364 42.72 -3.81 -44.10
C VAL C 364 41.87 -4.81 -43.33
N GLY C 365 40.56 -4.61 -43.31
CA GLY C 365 39.70 -5.34 -42.40
C GLY C 365 39.35 -6.71 -42.93
N ILE C 366 39.38 -7.70 -42.05
CA ILE C 366 38.98 -9.06 -42.39
C ILE C 366 38.19 -9.58 -41.20
N TYR C 367 37.10 -10.27 -41.48
CA TYR C 367 36.31 -10.89 -40.44
C TYR C 367 35.99 -12.32 -40.81
N ASN C 368 36.01 -13.20 -39.80
CA ASN C 368 35.30 -14.45 -39.91
C ASN C 368 33.84 -14.09 -40.13
N GLY C 369 33.22 -13.53 -39.10
CA GLY C 369 32.16 -12.57 -39.30
C GLY C 369 32.38 -11.41 -38.35
N THR C 370 32.98 -11.73 -37.20
CA THR C 370 33.08 -10.83 -36.06
C THR C 370 34.50 -10.63 -35.60
N HIS C 371 35.45 -11.40 -36.12
CA HIS C 371 36.78 -11.40 -35.57
C HIS C 371 37.67 -10.42 -36.33
N VAL C 372 38.13 -9.40 -35.60
CA VAL C 372 38.77 -8.22 -36.18
C VAL C 372 40.14 -8.60 -36.68
N ILE C 373 40.35 -8.46 -37.99
CA ILE C 373 41.66 -8.76 -38.55
C ILE C 373 42.06 -7.55 -39.40
N PRO C 374 42.69 -6.54 -38.84
CA PRO C 374 43.23 -5.50 -39.69
C PRO C 374 44.47 -6.00 -40.40
N ASN C 375 44.50 -5.78 -41.71
CA ASN C 375 45.71 -6.11 -42.43
C ASN C 375 46.79 -5.11 -42.09
N ASP C 376 48.02 -5.53 -42.34
CA ASP C 376 49.20 -4.76 -41.98
C ASP C 376 49.33 -3.51 -42.84
N ARG C 377 48.62 -3.46 -43.95
CA ARG C 377 48.38 -2.24 -44.68
C ARG C 377 47.70 -1.21 -43.79
N LYS C 378 48.23 0.01 -43.80
CA LYS C 378 47.75 1.06 -42.92
C LYS C 378 46.57 1.80 -43.53
N ILE C 379 45.72 2.34 -42.67
CA ILE C 379 44.65 3.21 -43.15
C ILE C 379 45.15 4.64 -43.13
N ILE C 380 45.57 5.13 -44.29
CA ILE C 380 45.57 6.56 -44.55
C ILE C 380 44.14 7.03 -44.36
N TRP C 381 43.92 7.85 -43.35
CA TRP C 381 42.58 8.32 -43.07
C TRP C 381 42.19 9.30 -44.17
N GLY C 383 41.45 11.79 -45.77
CA GLY C 383 42.15 12.97 -46.21
C GLY C 383 43.61 12.83 -45.88
N GLY C 384 43.97 13.23 -44.66
CA GLY C 384 45.35 13.22 -44.21
C GLY C 384 45.88 11.85 -43.83
N GLU C 385 46.55 11.76 -42.68
CA GLU C 385 47.48 10.67 -42.41
C GLU C 385 46.90 9.32 -42.03
N THR C 386 47.76 8.49 -41.45
CA THR C 386 47.41 7.20 -40.89
C THR C 386 47.10 7.25 -39.41
N GLU C 387 46.67 8.40 -38.90
CA GLU C 387 46.41 8.56 -37.47
C GLU C 387 44.91 8.53 -37.18
N LYS C 388 44.54 7.72 -36.18
CA LYS C 388 43.14 7.52 -35.81
C LYS C 388 42.54 8.83 -35.34
N PRO C 389 41.56 9.34 -36.01
CA PRO C 389 41.21 10.75 -35.84
C PRO C 389 40.22 10.98 -34.71
N ARG C 390 39.64 12.17 -34.69
CA ARG C 390 38.69 12.57 -33.67
C ARG C 390 37.51 13.28 -34.30
N GLY C 391 36.33 12.71 -34.11
CA GLY C 391 35.09 13.42 -34.37
C GLY C 391 34.62 14.04 -33.07
N TYR C 392 35.51 14.74 -32.38
CA TYR C 392 35.32 15.10 -30.97
C TYR C 392 35.64 16.56 -30.72
N GLN C 393 35.58 17.37 -31.76
CA GLN C 393 36.21 18.67 -31.76
C GLN C 393 35.29 19.71 -31.15
N MET C 394 35.56 20.08 -29.89
CA MET C 394 34.76 21.02 -29.14
C MET C 394 34.73 22.41 -29.78
N SER C 395 33.76 23.23 -29.40
CA SER C 395 33.65 24.59 -29.90
C SER C 395 33.84 25.63 -28.83
N THR C 396 33.63 25.29 -27.56
CA THR C 396 33.55 26.23 -26.43
C THR C 396 32.56 27.36 -26.72
N ARG C 397 31.46 27.02 -27.35
CA ARG C 397 30.48 28.02 -27.78
C ARG C 397 29.11 27.50 -27.36
N LEU C 398 28.60 28.06 -26.28
CA LEU C 398 27.54 27.40 -25.54
C LEU C 398 26.24 28.13 -25.73
N LYS C 399 25.35 27.52 -26.51
CA LYS C 399 24.07 28.10 -26.86
C LYS C 399 23.18 28.10 -25.63
N ILE C 400 22.92 29.27 -25.11
CA ILE C 400 22.13 29.41 -23.91
C ILE C 400 20.89 30.21 -24.26
N VAL C 401 19.73 29.69 -23.88
CA VAL C 401 18.50 30.43 -24.02
C VAL C 401 17.97 30.66 -22.62
N THR C 402 17.49 31.87 -22.35
CA THR C 402 17.25 32.31 -20.99
C THR C 402 15.80 32.65 -20.74
N ILE C 403 15.21 31.98 -19.76
CA ILE C 403 13.84 32.23 -19.35
C ILE C 403 13.86 33.49 -18.51
N HIS C 404 12.85 34.34 -18.70
CA HIS C 404 12.87 35.73 -18.24
C HIS C 404 12.59 35.73 -16.73
N GLN C 405 13.60 35.31 -15.97
CA GLN C 405 13.41 34.87 -14.59
C GLN C 405 14.17 35.81 -13.69
N GLU C 406 13.48 36.66 -12.99
CA GLU C 406 14.20 37.66 -12.23
C GLU C 406 14.22 37.27 -10.77
N PRO C 407 15.34 37.49 -10.08
CA PRO C 407 16.61 38.14 -10.39
C PRO C 407 17.60 37.30 -11.14
N PHE C 408 17.22 36.04 -11.38
CA PHE C 408 18.11 35.04 -11.95
C PHE C 408 18.62 35.48 -13.29
N VAL C 409 17.71 35.95 -14.15
CA VAL C 409 18.03 36.82 -15.25
C VAL C 409 17.02 37.94 -15.22
N TYR C 410 17.43 39.10 -14.72
CA TYR C 410 16.74 40.31 -15.09
C TYR C 410 16.98 40.52 -16.56
N VAL C 411 15.89 40.49 -17.30
CA VAL C 411 15.89 40.82 -18.71
C VAL C 411 15.46 42.26 -18.80
N LYS C 412 16.41 43.14 -18.98
CA LYS C 412 16.14 44.56 -19.11
C LYS C 412 16.66 44.97 -20.47
N PRO C 413 16.19 46.07 -21.04
CA PRO C 413 16.72 46.46 -22.35
C PRO C 413 18.12 47.02 -22.22
N THR C 414 18.76 47.13 -23.37
CA THR C 414 20.07 47.74 -23.46
C THR C 414 19.96 49.25 -23.45
N LEU C 415 21.06 49.94 -23.74
CA LEU C 415 20.97 51.35 -24.03
C LEU C 415 20.35 51.58 -25.40
N SER C 416 20.22 52.86 -25.74
CA SER C 416 20.01 53.24 -27.13
C SER C 416 21.21 52.88 -27.99
N ASP C 417 22.38 52.72 -27.36
CA ASP C 417 23.56 52.18 -28.03
C ASP C 417 23.39 50.73 -28.45
N GLY C 418 22.38 50.05 -27.93
CA GLY C 418 22.34 48.61 -28.02
C GLY C 418 23.23 47.93 -27.01
N THR C 419 23.79 48.70 -26.08
CA THR C 419 24.73 48.18 -25.12
C THR C 419 24.12 48.18 -23.74
N CYS C 420 24.64 47.32 -22.90
CA CYS C 420 24.36 47.38 -21.48
C CYS C 420 25.07 48.59 -20.88
N LYS C 421 24.52 49.05 -19.77
CA LYS C 421 24.99 50.26 -19.13
C LYS C 421 26.20 49.94 -18.25
N GLU C 422 26.52 50.88 -17.38
CA GLU C 422 27.40 50.59 -16.24
C GLU C 422 26.63 50.87 -14.97
N GLU C 423 25.88 49.87 -14.53
CA GLU C 423 25.10 49.98 -13.32
C GLU C 423 25.88 49.29 -12.23
N PHE C 424 25.55 49.60 -11.00
CA PHE C 424 26.39 49.18 -9.90
C PHE C 424 25.55 48.53 -8.83
N THR C 425 26.21 47.69 -8.05
CA THR C 425 25.51 46.95 -7.02
C THR C 425 25.22 47.87 -5.84
N VAL C 426 24.65 47.28 -4.79
CA VAL C 426 24.61 47.92 -3.48
C VAL C 426 26.02 48.17 -2.99
N ASN C 427 26.93 47.26 -3.32
CA ASN C 427 28.36 47.43 -3.12
C ASN C 427 29.00 48.33 -4.17
N GLY C 428 28.21 48.91 -5.07
CA GLY C 428 28.74 49.75 -6.12
C GLY C 428 29.57 48.98 -7.11
N ASP C 429 29.24 47.75 -7.38
CA ASP C 429 30.11 46.99 -8.24
C ASP C 429 29.46 46.86 -9.60
N PRO C 430 30.24 46.99 -10.68
CA PRO C 430 29.67 46.93 -12.04
C PRO C 430 29.01 45.59 -12.29
N VAL C 431 27.69 45.65 -12.42
CA VAL C 431 26.83 44.48 -12.41
C VAL C 431 27.12 43.67 -13.67
N LYS C 432 27.19 42.35 -13.52
CA LYS C 432 27.43 41.51 -14.68
C LYS C 432 26.20 41.46 -15.58
N LYS C 433 26.37 41.96 -16.80
CA LYS C 433 25.27 42.19 -17.72
C LYS C 433 25.56 41.40 -18.98
N VAL C 434 24.52 40.84 -19.59
CA VAL C 434 24.71 39.99 -20.75
C VAL C 434 23.74 40.41 -21.85
N ILE C 435 24.28 40.59 -23.04
CA ILE C 435 23.50 40.68 -24.27
C ILE C 435 22.73 39.38 -24.51
N CYS C 436 21.42 39.49 -24.69
CA CYS C 436 20.56 38.33 -24.74
C CYS C 436 19.57 38.48 -25.89
N THR C 437 19.69 37.63 -26.89
CA THR C 437 18.90 37.81 -28.09
C THR C 437 17.53 37.15 -27.95
N GLY C 438 16.49 37.91 -28.22
CA GLY C 438 15.18 37.34 -28.28
C GLY C 438 14.09 38.39 -28.31
N PRO C 439 12.84 37.95 -28.32
CA PRO C 439 11.73 38.76 -28.84
C PRO C 439 11.45 40.05 -28.11
N ASN C 440 10.84 41.00 -28.83
CA ASN C 440 10.34 42.19 -28.16
C ASN C 440 8.91 41.98 -27.65
N ASP C 441 7.99 41.73 -28.57
CA ASP C 441 6.60 41.61 -28.19
C ASP C 441 6.36 40.16 -27.81
N THR C 442 6.86 39.78 -26.64
CA THR C 442 7.09 38.38 -26.26
C THR C 442 5.79 37.62 -25.99
N SER C 443 4.94 37.58 -26.96
CA SER C 443 3.65 36.95 -26.89
C SER C 443 3.25 36.44 -28.27
N PRO C 444 2.56 35.31 -28.36
CA PRO C 444 2.23 34.78 -29.69
C PRO C 444 1.14 35.61 -30.35
N GLY C 445 1.25 35.72 -31.67
CA GLY C 445 0.38 36.61 -32.41
C GLY C 445 0.78 38.06 -32.34
N SER C 446 1.94 38.36 -31.76
CA SER C 446 2.49 39.69 -31.70
C SER C 446 3.80 39.69 -32.47
N PRO C 447 4.18 40.80 -33.08
CA PRO C 447 5.43 40.82 -33.84
C PRO C 447 6.63 40.75 -32.91
N ARG C 448 7.19 39.56 -32.81
CA ARG C 448 8.31 39.29 -31.92
C ARG C 448 9.62 39.66 -32.59
N HIS C 449 10.30 40.64 -32.01
CA HIS C 449 11.48 41.20 -32.64
C HIS C 449 12.67 40.81 -31.79
N THR C 450 13.54 39.98 -32.32
CA THR C 450 14.65 39.47 -31.53
C THR C 450 15.67 40.57 -31.29
N VAL C 451 15.53 41.26 -30.17
CA VAL C 451 16.48 42.25 -29.72
C VAL C 451 17.39 41.59 -28.69
N PRO C 452 18.69 41.82 -28.79
CA PRO C 452 19.59 41.50 -27.69
C PRO C 452 19.46 42.55 -26.59
N GLN C 453 19.27 42.07 -25.36
CA GLN C 453 18.85 42.90 -24.25
C GLN C 453 19.74 42.57 -23.06
N CYS C 454 19.91 43.54 -22.16
CA CYS C 454 20.74 43.36 -20.98
C CYS C 454 20.17 42.32 -20.04
N CYS C 455 21.09 41.59 -19.42
CA CYS C 455 20.71 40.50 -18.56
C CYS C 455 21.55 40.54 -17.30
N TYR C 456 20.94 40.10 -16.21
CA TYR C 456 21.47 40.34 -14.88
C TYR C 456 21.20 39.09 -14.06
N GLY C 457 22.16 38.66 -13.26
CA GLY C 457 21.79 37.59 -12.36
C GLY C 457 22.85 36.70 -11.80
N PHE C 458 22.40 35.78 -10.94
CA PHE C 458 23.16 34.67 -10.40
C PHE C 458 23.95 33.96 -11.48
N CYS C 459 23.22 33.53 -12.50
CA CYS C 459 23.71 32.53 -13.41
C CYS C 459 24.79 33.09 -14.31
N ILE C 460 24.70 34.39 -14.59
CA ILE C 460 25.73 35.09 -15.34
C ILE C 460 27.04 35.04 -14.59
N ASP C 461 26.96 35.27 -13.28
CA ASP C 461 28.13 35.24 -12.42
C ASP C 461 28.77 33.88 -12.46
N LEU C 462 27.92 32.86 -12.42
CA LEU C 462 28.38 31.47 -12.47
C LEU C 462 29.00 31.13 -13.82
N LEU C 463 28.40 31.62 -14.89
CA LEU C 463 28.94 31.33 -16.22
C LEU C 463 30.27 32.00 -16.44
N ILE C 464 30.47 33.15 -15.83
CA ILE C 464 31.76 33.77 -15.96
C ILE C 464 32.78 33.06 -15.09
N LYS C 465 32.35 32.56 -13.93
CA LYS C 465 33.18 31.64 -13.14
C LYS C 465 33.60 30.43 -13.95
N LEU C 466 32.69 29.91 -14.76
CA LEU C 466 33.03 28.75 -15.57
C LEU C 466 33.79 29.14 -16.82
N ALA C 467 33.69 30.38 -17.27
CA ALA C 467 34.59 30.85 -18.32
C ALA C 467 36.01 30.86 -17.79
N ARG C 468 36.17 31.24 -16.54
CA ARG C 468 37.47 31.23 -15.91
C ARG C 468 37.98 29.82 -15.71
N THR C 469 37.21 29.00 -15.02
CA THR C 469 37.63 27.68 -14.61
C THR C 469 37.52 26.66 -15.73
N MET C 470 36.88 27.02 -16.83
CA MET C 470 36.43 26.05 -17.79
C MET C 470 36.70 26.45 -19.22
N ASN C 471 36.91 27.75 -19.50
CA ASN C 471 37.38 28.28 -20.77
C ASN C 471 36.38 27.99 -21.90
N PHE C 472 35.20 28.58 -21.74
CA PHE C 472 34.14 28.48 -22.73
C PHE C 472 33.64 29.87 -23.10
N THR C 473 32.96 29.94 -24.23
CA THR C 473 32.16 31.10 -24.58
C THR C 473 30.69 30.70 -24.60
N TYR C 474 29.85 31.69 -24.38
CA TYR C 474 28.49 31.47 -23.94
C TYR C 474 27.58 32.28 -24.84
N GLU C 475 26.63 31.62 -25.45
CA GLU C 475 25.85 32.20 -26.54
C GLU C 475 24.42 32.32 -26.05
N VAL C 476 24.04 33.52 -25.67
CA VAL C 476 23.00 33.74 -24.68
C VAL C 476 21.79 34.38 -25.33
N HIS C 477 20.63 33.76 -25.15
CA HIS C 477 19.46 34.11 -25.91
C HIS C 477 18.24 34.18 -25.01
N LEU C 478 17.18 34.77 -25.51
CA LEU C 478 15.93 34.85 -24.77
C LEU C 478 14.97 33.80 -25.32
N VAL C 479 14.01 33.39 -24.49
CA VAL C 479 13.07 32.39 -24.97
C VAL C 479 11.98 33.12 -25.72
N ALA C 480 11.55 32.56 -26.85
CA ALA C 480 10.32 33.04 -27.46
C ALA C 480 9.11 32.72 -26.59
N ASP C 481 9.08 31.52 -26.01
CA ASP C 481 7.98 31.10 -25.15
C ASP C 481 7.98 31.77 -23.79
N GLY C 482 9.15 32.09 -23.25
CA GLY C 482 9.28 32.37 -21.84
C GLY C 482 8.95 31.21 -20.94
N LYS C 483 9.01 29.98 -21.47
CA LYS C 483 8.47 28.82 -20.79
C LYS C 483 9.44 27.65 -20.88
N PHE C 484 9.31 26.74 -19.90
CA PHE C 484 10.10 25.52 -19.84
C PHE C 484 9.75 24.64 -21.01
N GLY C 485 8.47 24.33 -21.14
CA GLY C 485 8.05 23.54 -22.26
C GLY C 485 8.06 22.07 -21.95
N THR C 486 6.87 21.48 -21.90
CA THR C 486 6.71 20.14 -21.39
C THR C 486 6.31 19.25 -22.55
N GLN C 487 6.31 17.95 -22.32
CA GLN C 487 5.68 17.04 -23.27
C GLN C 487 4.20 17.28 -23.33
N GLU C 488 3.77 17.83 -24.45
CA GLU C 488 2.37 18.09 -24.73
C GLU C 488 2.11 17.57 -26.13
N ARG C 489 0.87 17.21 -26.40
CA ARG C 489 0.52 16.60 -27.68
C ARG C 489 0.27 17.65 -28.74
N VAL C 490 0.84 17.43 -29.92
CA VAL C 490 0.61 18.26 -31.09
C VAL C 490 -0.70 17.76 -31.69
N ASN C 491 -1.30 18.54 -32.60
CA ASN C 491 -2.41 18.10 -33.43
C ASN C 491 -2.07 16.80 -34.15
N ASN C 492 -3.14 16.04 -34.43
CA ASN C 492 -3.30 14.58 -34.47
C ASN C 492 -3.34 13.99 -33.06
N SER C 493 -3.23 14.83 -32.02
CA SER C 493 -3.73 14.56 -30.67
C SER C 493 -3.04 13.38 -29.99
N ASN C 494 -1.80 13.10 -30.38
CA ASN C 494 -1.01 12.05 -29.75
C ASN C 494 0.44 12.41 -29.56
N LYS C 495 0.91 13.46 -30.22
CA LYS C 495 2.33 13.71 -30.41
C LYS C 495 2.86 14.37 -29.14
N LYS C 496 3.22 13.54 -28.16
CA LYS C 496 3.69 14.00 -26.86
C LYS C 496 5.14 14.47 -26.99
N GLU C 497 5.32 15.78 -27.07
CA GLU C 497 6.62 16.32 -27.44
C GLU C 497 7.03 17.37 -26.43
N TRP C 498 8.30 17.36 -26.06
CA TRP C 498 8.82 18.41 -25.21
C TRP C 498 8.79 19.74 -25.92
N ASN C 499 8.23 20.71 -25.26
CA ASN C 499 8.12 22.02 -25.86
C ASN C 499 9.27 22.86 -25.31
N GLY C 500 9.20 24.17 -25.57
CA GLY C 500 9.94 25.20 -24.87
C GLY C 500 11.43 24.98 -24.78
N MET C 501 11.95 25.11 -23.56
CA MET C 501 13.39 24.92 -23.34
C MET C 501 13.80 23.47 -23.55
N MET C 502 12.96 22.54 -23.09
CA MET C 502 13.18 21.12 -23.31
C MET C 502 13.20 20.81 -24.79
N GLY C 503 12.27 21.38 -25.56
CA GLY C 503 12.33 21.26 -26.99
C GLY C 503 13.59 21.85 -27.58
N GLU C 504 14.04 23.00 -27.08
CA GLU C 504 15.19 23.70 -27.63
C GLU C 504 16.50 22.95 -27.44
N LEU C 505 16.68 22.27 -26.31
CA LEU C 505 17.81 21.34 -26.25
C LEU C 505 17.55 20.16 -27.16
N LEU C 506 16.36 19.57 -27.08
CA LEU C 506 16.10 18.36 -27.83
C LEU C 506 15.89 18.62 -29.32
N SER C 507 15.87 19.88 -29.75
CA SER C 507 15.97 20.20 -31.16
C SER C 507 17.38 20.59 -31.59
N GLY C 508 18.34 20.61 -30.68
CA GLY C 508 19.64 21.11 -31.01
C GLY C 508 19.77 22.61 -30.95
N GLN C 509 18.67 23.34 -30.76
CA GLN C 509 18.68 24.78 -30.94
C GLN C 509 19.31 25.50 -29.76
N ALA C 510 18.93 25.12 -28.56
CA ALA C 510 19.75 25.44 -27.39
C ALA C 510 20.69 24.28 -27.23
N ASP C 511 21.92 24.55 -26.82
CA ASP C 511 22.83 23.50 -26.45
C ASP C 511 23.16 23.54 -24.97
N MET C 512 22.76 24.59 -24.28
CA MET C 512 22.90 24.74 -22.85
C MET C 512 21.64 25.39 -22.34
N ILE C 513 21.03 24.83 -21.30
CA ILE C 513 20.06 25.60 -20.56
C ILE C 513 20.73 26.02 -19.28
N VAL C 514 20.92 27.31 -19.12
CA VAL C 514 21.42 27.88 -17.88
C VAL C 514 20.21 28.53 -17.23
N ALA C 515 19.58 27.81 -16.31
CA ALA C 515 18.38 28.26 -15.61
C ALA C 515 18.28 27.47 -14.31
N PRO C 516 17.71 28.06 -13.26
CA PRO C 516 17.45 27.27 -12.04
C PRO C 516 16.28 26.33 -12.26
N LEU C 517 16.60 25.12 -12.69
CA LEU C 517 15.59 24.19 -13.16
C LEU C 517 15.20 23.19 -12.09
N THR C 518 13.91 23.22 -11.73
CA THR C 518 13.32 22.22 -10.88
C THR C 518 13.44 20.84 -11.52
N ILE C 519 14.26 19.99 -10.95
CA ILE C 519 14.54 18.74 -11.63
C ILE C 519 13.39 17.75 -11.80
N ASN C 520 13.36 17.09 -12.96
CA ASN C 520 12.32 16.13 -13.29
C ASN C 520 12.88 14.74 -13.49
N ASN C 521 12.22 13.76 -12.87
CA ASN C 521 12.59 12.37 -12.99
C ASN C 521 12.37 12.17 -14.47
N GLU C 522 11.35 12.85 -14.96
CA GLU C 522 10.98 12.82 -16.37
C GLU C 522 11.90 13.65 -17.23
N ARG C 523 12.29 14.83 -16.79
CA ARG C 523 13.22 15.61 -17.61
C ARG C 523 14.59 14.97 -17.61
N ALA C 524 14.99 14.38 -16.47
CA ALA C 524 16.21 13.60 -16.38
C ALA C 524 16.15 12.32 -17.22
N GLN C 525 14.96 11.86 -17.59
CA GLN C 525 14.85 10.78 -18.56
C GLN C 525 15.27 11.21 -19.96
N TYR C 526 15.41 12.51 -20.21
CA TYR C 526 15.78 13.00 -21.51
C TYR C 526 17.04 13.86 -21.41
N ILE C 527 17.05 14.74 -20.43
CA ILE C 527 18.07 15.77 -20.28
C ILE C 527 18.53 15.72 -18.83
N GLU C 528 19.75 15.26 -18.62
CA GLU C 528 20.23 14.99 -17.28
C GLU C 528 20.98 16.19 -16.72
N PHE C 529 20.62 16.57 -15.52
CA PHE C 529 21.17 17.74 -14.86
C PHE C 529 22.62 17.53 -14.48
N SER C 530 23.28 18.63 -14.16
CA SER C 530 24.49 18.57 -13.37
C SER C 530 24.06 18.59 -11.90
N LYS C 531 24.99 18.89 -11.02
CA LYS C 531 24.60 19.05 -9.63
C LYS C 531 23.75 20.30 -9.45
N PRO C 532 22.60 20.17 -8.81
CA PRO C 532 21.68 21.31 -8.69
C PRO C 532 22.15 22.34 -7.68
N PHE C 533 21.61 23.55 -7.84
CA PHE C 533 22.02 24.63 -6.97
C PHE C 533 21.27 24.60 -5.65
N LYS C 534 19.97 24.83 -5.74
CA LYS C 534 19.16 25.17 -4.59
C LYS C 534 18.18 24.04 -4.36
N TYR C 535 17.86 23.84 -3.11
CA TYR C 535 17.07 22.69 -2.70
C TYR C 535 15.79 23.25 -2.11
N GLN C 536 14.81 23.51 -2.96
CA GLN C 536 13.63 24.24 -2.54
C GLN C 536 12.43 23.44 -2.94
N GLY C 537 11.28 24.09 -2.87
CA GLY C 537 10.08 23.54 -3.41
C GLY C 537 9.13 24.68 -3.69
N LEU C 538 7.97 24.30 -4.21
CA LEU C 538 6.93 25.29 -4.48
C LEU C 538 6.37 25.80 -3.16
N THR C 539 6.21 27.12 -3.07
CA THR C 539 5.52 27.80 -1.99
C THR C 539 4.43 28.67 -2.58
N ILE C 540 3.79 29.46 -1.72
CA ILE C 540 2.49 30.04 -2.00
C ILE C 540 2.51 31.53 -1.68
N LEU C 541 2.36 32.36 -2.71
CA LEU C 541 2.09 33.78 -2.54
C LEU C 541 0.68 33.99 -2.03
N VAL C 542 0.55 34.69 -0.91
CA VAL C 542 -0.72 35.09 -0.32
C VAL C 542 -0.74 36.60 -0.20
N LYS C 543 -1.87 37.21 -0.51
CA LYS C 543 -2.15 38.62 -0.28
C LYS C 543 -1.90 38.98 1.18
N LYS C 544 -1.32 40.15 1.41
CA LYS C 544 -1.20 40.64 2.79
C LYS C 544 -2.46 41.39 3.15
N GLU C 545 -3.04 41.04 4.30
CA GLU C 545 -4.24 41.72 4.78
C GLU C 545 -3.87 43.10 5.34
N ILE C 546 -4.82 44.03 5.20
CA ILE C 546 -4.59 45.39 5.67
C ILE C 546 -4.89 45.51 7.16
N PRO C 547 -4.50 46.65 7.73
CA PRO C 547 -4.74 46.93 9.14
C PRO C 547 -6.18 47.37 9.36
N ARG C 548 -6.53 47.52 10.63
CA ARG C 548 -7.86 47.97 11.02
C ARG C 548 -7.87 49.48 11.27
N SER C 553 -7.26 53.18 15.74
CA SER C 553 -8.08 52.20 15.06
C SER C 553 -9.53 52.63 14.80
N PHE C 554 -10.28 53.00 15.84
CA PHE C 554 -11.72 53.13 15.68
C PHE C 554 -12.22 54.42 16.32
N MET C 555 -13.52 54.49 16.48
CA MET C 555 -14.20 55.32 17.46
C MET C 555 -14.51 54.41 18.65
N GLN C 556 -15.50 54.76 19.46
CA GLN C 556 -16.09 53.83 20.43
C GLN C 556 -16.65 52.59 19.76
N PRO C 557 -16.24 51.37 20.13
CA PRO C 557 -17.02 50.18 19.77
C PRO C 557 -18.07 49.79 20.80
N PHE C 558 -18.26 50.56 21.86
CA PHE C 558 -18.80 50.02 23.11
C PHE C 558 -20.28 50.29 23.29
N GLN C 559 -21.10 50.15 22.24
CA GLN C 559 -22.56 50.18 22.36
C GLN C 559 -23.09 51.50 22.89
N SER C 560 -23.22 52.52 22.03
CA SER C 560 -23.65 53.90 22.35
C SER C 560 -24.79 54.03 23.36
N THR C 561 -25.67 53.02 23.39
CA THR C 561 -26.66 52.86 24.44
C THR C 561 -26.03 52.82 25.83
N LEU C 562 -24.91 52.12 25.98
CA LEU C 562 -24.23 52.05 27.28
C LEU C 562 -23.71 53.41 27.69
N TRP C 563 -23.26 54.19 26.72
CA TRP C 563 -22.77 55.54 26.96
C TRP C 563 -23.92 56.45 27.38
N LEU C 564 -25.09 56.24 26.79
CA LEU C 564 -26.28 56.94 27.22
C LEU C 564 -26.69 56.55 28.64
N LEU C 565 -26.52 55.26 28.97
CA LEU C 565 -26.78 54.80 30.33
C LEU C 565 -25.83 55.44 31.32
N VAL C 566 -24.60 55.70 30.89
CA VAL C 566 -23.64 56.44 31.69
C VAL C 566 -24.15 57.85 31.97
N GLY C 567 -24.63 58.54 30.94
CA GLY C 567 -25.19 59.87 31.13
C GLY C 567 -26.39 59.88 32.08
N LEU C 568 -27.29 58.91 31.91
CA LEU C 568 -28.46 58.77 32.77
C LEU C 568 -28.06 58.52 34.22
N SER C 569 -27.07 57.66 34.44
CA SER C 569 -26.62 57.35 35.78
C SER C 569 -25.95 58.56 36.45
N VAL C 570 -25.22 59.37 35.68
CA VAL C 570 -24.62 60.59 36.26
C VAL C 570 -25.70 61.56 36.69
N HIS C 571 -26.76 61.69 35.91
CA HIS C 571 -27.85 62.56 36.36
C HIS C 571 -28.60 61.96 37.55
N VAL C 572 -28.67 60.62 37.64
CA VAL C 572 -29.22 59.97 38.83
C VAL C 572 -28.38 60.29 40.07
N VAL C 573 -27.05 60.31 39.91
CA VAL C 573 -26.12 60.72 40.97
C VAL C 573 -26.43 62.15 41.42
N ALA C 574 -26.62 63.04 40.45
CA ALA C 574 -26.91 64.43 40.76
C ALA C 574 -28.21 64.57 41.55
N VAL C 575 -29.25 63.82 41.13
CA VAL C 575 -30.55 63.83 41.82
C VAL C 575 -30.40 63.35 43.26
N MET C 576 -29.71 62.23 43.45
CA MET C 576 -29.62 61.65 44.78
C MET C 576 -28.74 62.49 45.70
N LEU C 577 -27.78 63.23 45.13
CA LEU C 577 -27.00 64.14 45.97
C LEU C 577 -27.79 65.38 46.35
N TYR C 578 -28.56 65.95 45.41
CA TYR C 578 -29.22 67.20 45.72
C TYR C 578 -30.49 67.03 46.54
N LEU C 579 -31.11 65.85 46.52
CA LEU C 579 -32.30 65.66 47.34
C LEU C 579 -32.00 65.59 48.82
N LEU C 580 -30.95 64.86 49.21
CA LEU C 580 -30.75 64.49 50.59
C LEU C 580 -30.07 65.60 51.39
N ASP C 581 -29.96 66.78 50.81
CA ASP C 581 -29.39 67.93 51.49
C ASP C 581 -30.32 68.41 52.59
N ARG C 582 -31.62 68.32 52.35
CA ARG C 582 -32.63 68.86 53.25
C ARG C 582 -33.07 67.87 54.30
N PHE C 583 -32.43 66.72 54.38
CA PHE C 583 -32.91 65.70 55.29
C PHE C 583 -31.91 65.38 56.39
N SER C 584 -30.64 65.75 56.21
CA SER C 584 -29.55 65.60 57.17
C SER C 584 -29.36 64.16 57.67
N LEU C 601 -25.79 73.75 49.12
CA LEU C 601 -25.35 72.62 48.33
C LEU C 601 -26.40 72.13 47.35
N THR C 602 -27.23 73.03 46.82
CA THR C 602 -28.42 72.61 46.11
C THR C 602 -28.50 73.03 44.64
N LEU C 603 -27.57 73.81 44.11
CA LEU C 603 -27.72 74.31 42.73
C LEU C 603 -26.74 73.70 41.75
N SER C 604 -25.45 73.96 41.93
CA SER C 604 -24.45 73.46 41.01
C SER C 604 -23.27 72.90 41.79
N SER C 605 -23.43 72.66 43.08
CA SER C 605 -22.36 72.10 43.88
C SER C 605 -22.17 70.63 43.57
N ALA C 606 -23.17 69.82 43.91
CA ALA C 606 -23.03 68.38 43.78
C ALA C 606 -23.07 67.93 42.33
N MET C 607 -23.51 68.79 41.40
CA MET C 607 -23.16 68.65 39.99
C MET C 607 -21.66 68.51 39.83
N TRP C 608 -20.91 69.57 40.18
CA TRP C 608 -19.47 69.56 40.06
C TRP C 608 -18.78 68.58 41.01
N PHE C 609 -19.44 68.13 42.08
CA PHE C 609 -18.84 67.06 42.88
C PHE C 609 -19.02 65.70 42.22
N SER C 610 -20.15 65.48 41.54
CA SER C 610 -20.29 64.30 40.71
C SER C 610 -19.27 64.33 39.57
N TRP C 611 -19.00 65.51 39.03
CA TRP C 611 -17.95 65.58 38.02
C TRP C 611 -16.56 65.55 38.64
N ARG C 612 -16.45 65.78 39.93
CA ARG C 612 -15.17 65.56 40.58
C ARG C 612 -14.90 64.07 40.77
N VAL C 613 -15.86 63.38 41.36
CA VAL C 613 -15.61 62.06 41.92
C VAL C 613 -15.99 60.99 40.91
N LEU C 614 -17.04 61.22 40.13
CA LEU C 614 -17.38 60.27 39.08
C LEU C 614 -16.39 60.32 37.93
N LEU C 615 -15.71 61.45 37.74
CA LEU C 615 -14.54 61.48 36.87
C LEU C 615 -13.29 61.03 37.61
N ASN C 616 -13.42 60.85 38.93
CA ASN C 616 -12.32 60.51 39.84
C ASN C 616 -11.17 61.50 39.71
N SER C 617 -11.48 62.77 39.46
CA SER C 617 -10.48 63.81 39.51
C SER C 617 -10.02 63.98 40.95
N GLY C 618 -10.93 64.38 41.82
CA GLY C 618 -10.74 64.21 43.24
C GLY C 618 -11.50 62.98 43.68
N ILE C 619 -10.73 61.96 44.07
CA ILE C 619 -11.26 60.66 44.46
C ILE C 619 -11.68 60.63 45.90
N GLY C 620 -10.94 61.30 46.77
CA GLY C 620 -11.26 61.37 48.18
C GLY C 620 -12.40 62.34 48.46
N GLU C 621 -12.15 63.19 49.46
CA GLU C 621 -13.17 64.07 49.97
C GLU C 621 -13.61 65.13 48.95
N GLY C 622 -14.76 65.73 49.25
CA GLY C 622 -15.43 66.63 48.34
C GLY C 622 -16.93 66.41 48.29
N SER C 626 -26.73 63.24 55.13
CA SER C 626 -25.43 63.59 55.70
C SER C 626 -24.42 62.49 55.42
N PHE C 627 -24.15 61.64 56.42
CA PHE C 627 -23.23 60.53 56.24
C PHE C 627 -23.75 59.53 55.23
N SER C 628 -25.07 59.38 55.14
CA SER C 628 -25.67 58.36 54.30
C SER C 628 -25.47 58.66 52.82
N ALA C 629 -25.61 59.93 52.44
CA ALA C 629 -25.32 60.36 51.08
C ALA C 629 -23.87 60.14 50.74
N ARG C 630 -22.98 60.23 51.73
CA ARG C 630 -21.57 60.05 51.49
C ARG C 630 -21.23 58.57 51.33
N ILE C 631 -21.87 57.71 52.15
CA ILE C 631 -21.83 56.25 51.95
C ILE C 631 -22.21 55.90 50.52
N LEU C 632 -23.37 56.41 50.09
CA LEU C 632 -23.90 56.15 48.76
C LEU C 632 -22.95 56.64 47.68
N GLY C 633 -22.42 57.85 47.84
CA GLY C 633 -21.52 58.40 46.83
C GLY C 633 -20.21 57.65 46.73
N MET C 634 -19.73 57.12 47.86
CA MET C 634 -18.47 56.39 47.76
C MET C 634 -18.70 54.98 47.20
N VAL C 635 -19.91 54.46 47.37
CA VAL C 635 -20.32 53.29 46.59
C VAL C 635 -20.34 53.62 45.09
N TRP C 636 -20.82 54.83 44.74
CA TRP C 636 -20.79 55.26 43.34
C TRP C 636 -19.38 55.38 42.79
N ALA C 637 -18.44 55.88 43.62
CA ALA C 637 -17.06 55.99 43.19
C ALA C 637 -16.44 54.61 43.02
N GLY C 638 -16.84 53.66 43.87
CA GLY C 638 -16.48 52.27 43.65
C GLY C 638 -16.96 51.74 42.32
N PHE C 639 -18.22 52.06 41.97
CA PHE C 639 -18.75 51.73 40.65
C PHE C 639 -17.93 52.35 39.54
N ALA C 640 -17.55 53.62 39.71
CA ALA C 640 -16.81 54.32 38.67
C ALA C 640 -15.45 53.67 38.44
N MET C 641 -14.82 53.22 39.53
CA MET C 641 -13.57 52.48 39.42
C MET C 641 -13.79 51.14 38.72
N ILE C 642 -14.91 50.47 39.00
CA ILE C 642 -15.24 49.20 38.35
C ILE C 642 -15.45 49.40 36.85
N ILE C 643 -16.14 50.47 36.48
CA ILE C 643 -16.44 50.77 35.09
C ILE C 643 -15.17 51.07 34.31
N VAL C 644 -14.27 51.84 34.93
CA VAL C 644 -12.96 52.10 34.33
C VAL C 644 -12.20 50.79 34.16
N ALA C 645 -12.26 49.91 35.16
CA ALA C 645 -11.55 48.63 35.11
C ALA C 645 -12.08 47.76 33.98
N SER C 646 -13.40 47.73 33.81
CA SER C 646 -14.02 46.91 32.78
C SER C 646 -13.71 47.44 31.39
N TYR C 647 -13.82 48.76 31.20
CA TYR C 647 -13.60 49.30 29.86
C TYR C 647 -12.13 49.32 29.48
N THR C 648 -11.23 49.51 30.44
CA THR C 648 -9.83 49.38 30.10
C THR C 648 -9.42 47.93 29.91
N ALA C 649 -10.14 47.00 30.57
CA ALA C 649 -9.99 45.59 30.27
C ALA C 649 -10.44 45.31 28.85
N ASN C 650 -11.47 46.01 28.40
CA ASN C 650 -11.89 45.89 27.01
C ASN C 650 -10.93 46.57 26.06
N LEU C 651 -10.29 47.67 26.50
CA LEU C 651 -9.26 48.32 25.71
C LEU C 651 -8.10 47.40 25.44
N ALA C 652 -7.64 46.67 26.47
CA ALA C 652 -6.63 45.66 26.24
C ALA C 652 -7.20 44.48 25.47
N ALA C 653 -8.46 44.13 25.74
CA ALA C 653 -9.05 42.89 25.21
C ALA C 653 -9.24 42.98 23.71
N PHE C 654 -10.12 43.88 23.26
CA PHE C 654 -10.51 43.98 21.86
C PHE C 654 -9.39 44.49 20.96
N LEU C 655 -8.26 44.91 21.53
CA LEU C 655 -7.05 45.11 20.77
C LEU C 655 -6.13 43.90 20.75
N VAL C 656 -6.07 43.12 21.81
CA VAL C 656 -5.13 42.01 21.89
C VAL C 656 -5.82 40.67 21.64
N LEU C 657 -7.13 40.57 21.92
CA LEU C 657 -7.81 39.29 21.75
C LEU C 657 -8.11 38.94 20.30
N ASP C 658 -8.96 37.94 20.13
CA ASP C 658 -9.16 37.27 18.86
C ASP C 658 -9.97 38.14 17.90
N ARG C 663 -5.44 30.90 8.28
CA ARG C 663 -5.39 31.30 6.89
C ARG C 663 -5.08 30.13 5.97
N ILE C 664 -4.45 30.47 4.84
CA ILE C 664 -3.98 29.45 3.91
C ILE C 664 -2.79 28.74 4.55
N THR C 665 -2.96 27.45 4.81
CA THR C 665 -1.91 26.65 5.41
C THR C 665 -1.11 25.87 4.38
N GLY C 666 -1.67 25.70 3.19
CA GLY C 666 -1.04 24.86 2.19
C GLY C 666 -2.10 24.01 1.51
N ILE C 667 -1.63 22.91 0.93
CA ILE C 667 -2.48 21.93 0.26
C ILE C 667 -3.48 21.31 1.23
N ASN C 668 -3.10 21.25 2.51
CA ASN C 668 -3.88 20.66 3.58
C ASN C 668 -5.18 21.40 3.87
N ASP C 669 -5.39 22.55 3.29
CA ASP C 669 -6.65 23.24 3.43
C ASP C 669 -7.75 22.48 2.72
N PRO C 670 -8.95 22.46 3.31
CA PRO C 670 -10.14 22.10 2.53
C PRO C 670 -10.51 23.17 1.53
N ARG C 671 -9.89 24.34 1.60
CA ARG C 671 -9.92 25.34 0.54
C ARG C 671 -9.32 24.80 -0.75
N LEU C 672 -8.41 23.84 -0.65
CA LEU C 672 -7.70 23.24 -1.78
C LEU C 672 -8.02 21.79 -1.98
N ARG C 673 -8.22 21.05 -0.89
CA ARG C 673 -8.68 19.68 -1.00
C ARG C 673 -10.10 19.63 -1.51
N ASN C 674 -10.91 20.63 -1.15
CA ASN C 674 -12.21 20.85 -1.76
C ASN C 674 -12.12 22.22 -2.41
N PRO C 675 -11.50 22.33 -3.59
CA PRO C 675 -11.20 23.64 -4.13
C PRO C 675 -12.45 24.32 -4.66
N SER C 676 -12.69 25.51 -4.13
CA SER C 676 -13.88 26.25 -4.43
C SER C 676 -13.57 27.18 -5.58
N ASP C 677 -14.63 27.77 -6.12
CA ASP C 677 -14.47 28.78 -7.16
C ASP C 677 -14.43 30.17 -6.57
N LYS C 678 -14.63 30.29 -5.27
CA LYS C 678 -14.19 31.45 -4.53
C LYS C 678 -12.69 31.41 -4.27
N PHE C 679 -12.06 30.26 -4.48
CA PHE C 679 -10.62 30.15 -4.41
C PHE C 679 -10.13 29.47 -5.68
N ILE C 680 -10.06 30.25 -6.75
CA ILE C 680 -9.56 29.80 -8.05
C ILE C 680 -8.07 30.10 -8.07
N TYR C 681 -7.28 29.16 -8.57
CA TYR C 681 -5.85 29.35 -8.62
C TYR C 681 -5.32 28.89 -9.97
N ALA C 682 -4.05 29.21 -10.23
CA ALA C 682 -3.51 29.04 -11.57
C ALA C 682 -1.99 28.93 -11.52
N THR C 683 -1.42 28.68 -12.69
CA THR C 683 0.03 28.57 -12.87
C THR C 683 0.37 29.24 -14.19
N VAL C 684 1.50 28.85 -14.76
CA VAL C 684 1.84 29.11 -16.15
C VAL C 684 1.93 27.76 -16.83
N LYS C 685 1.37 27.67 -18.02
CA LYS C 685 1.45 26.46 -18.80
C LYS C 685 2.87 26.24 -19.30
N GLN C 686 3.12 25.02 -19.82
CA GLN C 686 4.45 24.51 -20.18
C GLN C 686 5.46 24.63 -19.04
N SER C 687 5.00 24.45 -17.81
CA SER C 687 5.89 24.55 -16.67
C SER C 687 6.10 23.18 -16.06
N SER C 688 7.26 23.03 -15.41
CA SER C 688 7.47 21.87 -14.55
C SER C 688 6.59 21.91 -13.33
N VAL C 689 6.12 23.11 -12.94
CA VAL C 689 5.10 23.24 -11.89
C VAL C 689 3.87 22.42 -12.24
N ASP C 690 3.41 22.55 -13.49
CA ASP C 690 2.28 21.76 -13.94
C ASP C 690 2.65 20.28 -14.08
N ILE C 691 3.94 19.98 -14.27
CA ILE C 691 4.36 18.58 -14.27
C ILE C 691 4.18 17.98 -12.88
N TYR C 692 4.66 18.69 -11.85
CA TYR C 692 4.48 18.21 -10.49
C TYR C 692 3.02 18.21 -10.07
N PHE C 693 2.19 19.02 -10.71
CA PHE C 693 0.76 18.77 -10.64
C PHE C 693 0.39 17.43 -11.26
N ARG C 694 0.64 17.25 -12.54
CA ARG C 694 0.05 16.18 -13.30
C ARG C 694 0.61 14.81 -12.97
N ARG C 695 1.73 14.75 -12.25
CA ARG C 695 2.19 13.47 -11.75
C ARG C 695 1.24 12.93 -10.68
N GLN C 696 0.94 13.72 -9.67
CA GLN C 696 0.23 13.14 -8.55
C GLN C 696 -1.28 13.20 -8.75
N VAL C 697 -1.97 12.54 -7.83
CA VAL C 697 -3.26 11.91 -8.02
C VAL C 697 -4.41 12.82 -7.61
N GLU C 698 -4.36 13.29 -6.38
CA GLU C 698 -5.49 13.98 -5.77
C GLU C 698 -5.52 15.45 -6.09
N LEU C 699 -4.73 15.87 -7.07
CA LEU C 699 -4.84 17.20 -7.65
C LEU C 699 -5.89 17.23 -8.75
N SER C 700 -6.67 16.15 -8.87
CA SER C 700 -7.74 16.05 -9.84
C SER C 700 -8.78 17.13 -9.64
N THR C 701 -9.11 17.39 -8.39
CA THR C 701 -9.95 18.54 -8.07
C THR C 701 -9.22 19.84 -8.32
N MET C 702 -7.89 19.82 -8.22
CA MET C 702 -7.13 21.04 -8.40
C MET C 702 -6.87 21.32 -9.86
N TYR C 703 -6.80 20.29 -10.72
CA TYR C 703 -6.46 20.54 -12.13
C TYR C 703 -7.57 21.29 -12.84
N ARG C 704 -8.75 21.30 -12.26
CA ARG C 704 -9.79 22.17 -12.77
C ARG C 704 -9.61 23.61 -12.32
N HIS C 705 -8.54 23.90 -11.58
CA HIS C 705 -8.10 25.26 -11.38
C HIS C 705 -6.75 25.49 -12.06
N MET C 706 -5.82 24.59 -11.81
CA MET C 706 -4.42 24.81 -12.14
C MET C 706 -4.13 24.52 -13.59
N GLU C 707 -5.13 24.07 -14.35
CA GLU C 707 -4.99 23.86 -15.77
C GLU C 707 -6.02 24.65 -16.56
N LYS C 708 -6.90 25.38 -15.87
CA LYS C 708 -7.99 26.07 -16.51
C LYS C 708 -7.92 27.58 -16.35
N HIS C 709 -6.87 28.09 -15.73
CA HIS C 709 -6.87 29.50 -15.37
C HIS C 709 -5.50 30.13 -15.58
N ASN C 710 -4.59 29.39 -16.20
CA ASN C 710 -3.16 29.65 -16.03
C ASN C 710 -2.67 30.87 -16.79
N TYR C 711 -1.36 31.09 -16.73
CA TYR C 711 -0.78 32.31 -17.23
C TYR C 711 0.32 32.04 -18.24
N GLU C 712 0.97 33.11 -18.71
CA GLU C 712 2.18 32.97 -19.49
C GLU C 712 3.44 33.41 -18.77
N SER C 713 3.34 34.29 -17.78
CA SER C 713 4.47 34.56 -16.92
C SER C 713 3.98 34.47 -15.49
N ALA C 714 4.92 34.18 -14.59
CA ALA C 714 4.59 34.17 -13.17
C ALA C 714 4.23 35.57 -12.71
N ALA C 715 4.79 36.59 -13.38
CA ALA C 715 4.47 37.99 -13.10
C ALA C 715 3.00 38.30 -13.31
N GLU C 716 2.35 37.59 -14.23
CA GLU C 716 0.91 37.72 -14.40
C GLU C 716 0.18 37.25 -13.15
N ALA C 717 0.65 36.15 -12.55
CA ALA C 717 0.07 35.68 -11.30
C ALA C 717 0.45 36.61 -10.14
N ILE C 718 1.62 37.24 -10.22
CA ILE C 718 2.05 38.16 -9.18
C ILE C 718 1.15 39.39 -9.16
N GLN C 719 0.90 39.93 -10.34
CA GLN C 719 -0.12 40.95 -10.54
C GLN C 719 -1.50 40.47 -10.12
N ALA C 720 -1.82 39.19 -10.35
CA ALA C 720 -3.11 38.66 -9.94
C ALA C 720 -3.28 38.66 -8.43
N VAL C 721 -2.18 38.47 -7.70
CA VAL C 721 -2.20 38.74 -6.27
C VAL C 721 -2.37 40.24 -6.02
N ARG C 722 -1.62 41.05 -6.76
CA ARG C 722 -1.67 42.50 -6.59
C ARG C 722 -3.01 43.07 -7.02
N ASP C 723 -3.55 42.56 -8.11
CA ASP C 723 -4.88 42.95 -8.58
C ASP C 723 -5.95 42.23 -7.81
N ASN C 724 -5.55 41.35 -6.91
CA ASN C 724 -6.40 40.56 -6.03
C ASN C 724 -7.32 39.66 -6.83
N LYS C 725 -6.83 39.23 -7.99
CA LYS C 725 -7.58 38.34 -8.87
C LYS C 725 -7.73 36.98 -8.27
N LEU C 726 -6.63 36.25 -8.14
CA LEU C 726 -6.66 34.96 -7.51
C LEU C 726 -5.90 35.05 -6.21
N HIS C 727 -6.32 34.20 -5.28
CA HIS C 727 -6.14 34.44 -3.86
C HIS C 727 -4.72 34.14 -3.44
N ALA C 728 -4.07 33.22 -4.14
CA ALA C 728 -2.77 32.69 -3.80
C ALA C 728 -2.17 32.11 -5.07
N PHE C 729 -0.86 31.86 -5.03
CA PHE C 729 -0.23 31.13 -6.12
C PHE C 729 0.88 30.24 -5.61
N ILE C 730 1.22 29.25 -6.43
CA ILE C 730 2.15 28.20 -6.06
C ILE C 730 3.29 28.26 -7.05
N TRP C 731 4.43 28.75 -6.59
CA TRP C 731 5.58 28.94 -7.46
C TRP C 731 6.84 28.59 -6.68
N ASP C 732 7.98 28.58 -7.39
CA ASP C 732 9.26 28.29 -6.77
C ASP C 732 9.60 29.40 -5.81
N SER C 733 10.07 29.00 -4.63
CA SER C 733 10.03 29.86 -3.46
C SER C 733 10.96 31.04 -3.57
N ALA C 734 11.98 30.95 -4.42
CA ALA C 734 13.07 31.92 -4.43
C ALA C 734 12.59 33.32 -4.80
N VAL C 735 12.00 33.44 -6.00
CA VAL C 735 11.51 34.72 -6.49
C VAL C 735 10.37 35.23 -5.60
N LEU C 736 9.59 34.30 -5.05
CA LEU C 736 8.45 34.65 -4.23
C LEU C 736 8.87 35.30 -2.93
N GLU C 737 9.85 34.69 -2.27
CA GLU C 737 10.36 35.21 -1.00
C GLU C 737 11.19 36.46 -1.22
N PHE C 738 11.87 36.55 -2.37
CA PHE C 738 12.50 37.80 -2.79
C PHE C 738 11.49 38.92 -2.83
N GLU C 739 10.48 38.79 -3.67
CA GLU C 739 9.49 39.83 -3.85
C GLU C 739 8.63 40.06 -2.63
N ALA C 740 8.49 39.06 -1.75
CA ALA C 740 7.87 39.27 -0.46
C ALA C 740 8.75 40.16 0.41
N SER C 741 10.06 39.96 0.35
CA SER C 741 10.98 40.88 0.99
C SER C 741 11.05 42.22 0.28
N GLN C 742 10.69 42.26 -1.00
CA GLN C 742 10.75 43.46 -1.80
C GLN C 742 9.45 44.23 -1.77
N LYS C 743 8.33 43.55 -1.97
CA LYS C 743 7.03 44.19 -1.89
C LYS C 743 6.21 43.55 -0.79
N CYS C 744 5.36 44.38 -0.20
CA CYS C 744 4.59 44.04 0.98
C CYS C 744 3.15 43.67 0.64
N ASP C 745 2.95 42.90 -0.42
CA ASP C 745 1.67 42.25 -0.66
C ASP C 745 1.74 40.75 -0.47
N LEU C 746 2.89 40.20 -0.06
CA LEU C 746 3.21 38.82 -0.35
C LEU C 746 3.62 38.06 0.90
N VAL C 747 2.90 36.99 1.19
CA VAL C 747 3.23 36.06 2.27
C VAL C 747 3.29 34.67 1.68
N THR C 748 4.46 34.07 1.65
CA THR C 748 4.59 32.71 1.16
C THR C 748 4.20 31.75 2.29
N THR C 749 3.00 31.20 2.18
CA THR C 749 2.50 30.21 3.12
C THR C 749 2.75 28.83 2.55
N GLY C 750 2.40 27.82 3.35
CA GLY C 750 2.69 26.44 2.98
C GLY C 750 4.15 26.12 3.12
N GLU C 751 4.48 24.87 2.80
CA GLU C 751 5.86 24.45 2.81
C GLU C 751 6.49 24.64 1.45
N LEU C 752 7.75 24.23 1.35
CA LEU C 752 8.35 23.95 0.06
C LEU C 752 7.74 22.67 -0.47
N PHE C 753 6.95 22.80 -1.54
CA PHE C 753 6.26 21.64 -2.05
C PHE C 753 6.99 21.13 -3.26
N PHE C 754 7.16 19.79 -3.31
CA PHE C 754 8.11 19.12 -4.20
C PHE C 754 9.48 19.74 -4.11
N ARG C 755 10.27 19.31 -3.13
CA ARG C 755 11.51 19.99 -2.84
C ARG C 755 12.62 19.56 -3.79
N SER C 756 12.56 20.05 -5.02
CA SER C 756 13.53 19.70 -6.04
C SER C 756 14.80 20.50 -5.81
N GLY C 757 15.80 20.21 -6.63
CA GLY C 757 16.97 21.04 -6.73
C GLY C 757 16.88 21.82 -8.02
N PHE C 758 17.73 22.83 -8.10
CA PHE C 758 17.73 23.71 -9.25
C PHE C 758 18.96 23.43 -10.06
N GLY C 759 18.81 22.61 -11.09
CA GLY C 759 19.93 22.12 -11.84
C GLY C 759 19.99 22.71 -13.23
N ILE C 760 20.89 22.20 -14.05
CA ILE C 760 21.30 22.84 -15.28
C ILE C 760 20.93 21.94 -16.45
N GLY C 761 20.41 22.53 -17.53
CA GLY C 761 20.03 21.77 -18.70
C GLY C 761 21.27 21.35 -19.45
N MET C 762 21.65 20.08 -19.25
CA MET C 762 22.80 19.43 -19.82
C MET C 762 22.32 18.20 -20.57
N ARG C 763 22.76 18.05 -21.80
CA ARG C 763 22.35 16.86 -22.53
C ARG C 763 23.08 15.65 -21.99
N LYS C 764 22.49 14.48 -22.23
CA LYS C 764 23.03 13.25 -21.66
C LYS C 764 24.41 12.92 -22.22
N ASP C 765 24.67 13.31 -23.45
CA ASP C 765 25.99 13.16 -24.02
C ASP C 765 26.84 14.42 -23.89
N SER C 766 26.41 15.39 -23.11
CA SER C 766 27.24 16.56 -22.85
C SER C 766 28.20 16.25 -21.71
N PRO C 767 29.50 16.10 -21.97
CA PRO C 767 30.42 15.60 -20.96
C PRO C 767 30.87 16.63 -19.96
N TRP C 768 30.30 17.82 -19.97
CA TRP C 768 30.80 18.87 -19.09
C TRP C 768 29.87 19.15 -17.94
N LYS C 769 29.10 18.14 -17.55
CA LYS C 769 28.51 18.12 -16.24
C LYS C 769 29.61 18.09 -15.19
N GLN C 770 30.72 17.45 -15.56
CA GLN C 770 31.72 16.90 -14.67
C GLN C 770 32.50 17.97 -13.93
N ASN C 771 33.30 18.75 -14.67
CA ASN C 771 34.11 19.75 -14.00
C ASN C 771 33.25 20.89 -13.53
N VAL C 772 32.10 21.08 -14.17
CA VAL C 772 31.06 21.95 -13.62
C VAL C 772 30.60 21.45 -12.26
N SER C 773 30.38 20.14 -12.13
CA SER C 773 29.95 19.58 -10.85
C SER C 773 31.04 19.72 -9.80
N LEU C 774 32.29 19.68 -10.23
CA LEU C 774 33.39 19.93 -9.32
C LEU C 774 33.40 21.38 -8.86
N SER C 775 33.11 22.29 -9.79
CA SER C 775 32.97 23.69 -9.43
C SER C 775 31.77 23.90 -8.54
N ILE C 776 30.74 23.15 -8.85
CA ILE C 776 29.46 23.28 -8.24
C ILE C 776 29.70 22.91 -6.84
N LEU C 777 30.92 22.48 -6.60
CA LEU C 777 31.13 21.79 -5.34
C LEU C 777 32.01 22.60 -4.42
N LYS C 778 32.94 23.19 -5.25
CA LYS C 778 33.68 24.36 -4.78
C LYS C 778 32.75 25.50 -4.44
N SER C 779 31.58 25.57 -5.08
CA SER C 779 30.63 26.62 -4.79
C SER C 779 30.02 26.44 -3.42
N HIS C 780 29.55 25.23 -3.14
CA HIS C 780 28.96 24.95 -1.83
C HIS C 780 30.01 24.93 -0.73
N GLU C 781 31.12 24.25 -0.97
CA GLU C 781 32.23 24.12 -0.04
C GLU C 781 32.88 25.44 0.29
N ASN C 782 32.94 26.38 -0.65
CA ASN C 782 33.56 27.65 -0.37
C ASN C 782 32.55 28.79 -0.36
N GLY C 783 31.27 28.46 -0.31
CA GLY C 783 30.25 29.47 -0.20
C GLY C 783 30.11 30.38 -1.39
N PHE C 784 30.39 29.92 -2.60
CA PHE C 784 30.06 30.75 -3.75
C PHE C 784 28.56 30.79 -3.96
N MET C 785 27.89 29.69 -3.58
CA MET C 785 26.46 29.72 -3.34
C MET C 785 26.11 30.84 -2.37
N GLU C 786 26.86 30.91 -1.27
CA GLU C 786 26.64 31.91 -0.25
C GLU C 786 27.08 33.27 -0.74
N ASP C 787 28.03 33.31 -1.69
CA ASP C 787 28.40 34.56 -2.32
C ASP C 787 27.27 35.11 -3.18
N LEU C 788 26.56 34.25 -3.91
CA LEU C 788 25.41 34.75 -4.63
C LEU C 788 24.27 35.09 -3.69
N ASP C 789 24.25 34.46 -2.52
CA ASP C 789 23.29 34.85 -1.50
C ASP C 789 23.54 36.24 -1.01
N LYS C 790 24.81 36.59 -0.86
CA LYS C 790 25.19 37.97 -0.59
C LYS C 790 24.78 38.87 -1.74
N THR C 791 25.17 38.50 -2.94
CA THR C 791 25.11 39.42 -4.06
C THR C 791 23.77 39.45 -4.76
N TRP C 792 22.91 38.46 -4.57
CA TRP C 792 21.61 38.55 -5.24
C TRP C 792 20.43 38.24 -4.33
N VAL C 793 20.62 37.53 -3.22
CA VAL C 793 19.51 37.11 -2.39
C VAL C 793 19.24 38.09 -1.27
N ARG C 794 20.21 38.27 -0.39
CA ARG C 794 19.94 38.72 0.97
C ARG C 794 19.88 40.24 0.97
N TYR C 795 18.75 40.77 0.58
CA TYR C 795 18.70 42.22 0.49
C TYR C 795 17.62 42.90 1.32
N GLN C 796 16.35 42.61 1.07
CA GLN C 796 15.29 43.53 1.49
C GLN C 796 14.36 42.86 2.49
N GLU C 797 13.40 43.63 2.99
CA GLU C 797 12.44 43.19 4.00
C GLU C 797 11.14 43.98 3.88
N CYS C 798 10.14 43.57 4.65
CA CYS C 798 8.99 44.37 5.02
C CYS C 798 8.96 44.57 6.53
N ASP C 799 8.06 45.44 6.99
CA ASP C 799 7.99 45.80 8.40
C ASP C 799 7.16 44.81 9.20
N SER C 800 6.95 45.12 10.48
CA SER C 800 6.20 44.27 11.40
C SER C 800 5.25 45.10 12.24
N ARG C 801 4.93 46.32 11.76
CA ARG C 801 3.97 47.25 12.35
C ARG C 801 4.30 47.60 13.81
N SER C 802 5.53 48.03 14.05
CA SER C 802 5.92 48.41 15.41
C SER C 802 6.75 49.69 15.42
N PHE C 810 -2.61 57.91 16.08
CA PHE C 810 -3.35 56.74 15.62
C PHE C 810 -4.73 57.20 15.16
N GLU C 811 -5.57 56.23 14.77
CA GLU C 811 -6.90 56.58 14.27
C GLU C 811 -7.89 56.81 15.41
N ASN C 812 -7.82 55.98 16.45
CA ASN C 812 -8.48 56.28 17.73
C ASN C 812 -8.07 57.66 18.21
N MET C 813 -6.77 57.94 18.15
CA MET C 813 -6.20 59.22 18.53
C MET C 813 -6.84 60.36 17.75
N ALA C 814 -6.89 60.21 16.42
CA ALA C 814 -7.39 61.27 15.56
C ALA C 814 -8.89 61.51 15.75
N GLY C 815 -9.64 60.43 15.98
CA GLY C 815 -11.05 60.59 16.34
C GLY C 815 -11.23 61.34 17.64
N VAL C 816 -10.39 61.05 18.63
CA VAL C 816 -10.42 61.77 19.90
C VAL C 816 -10.03 63.24 19.69
N PHE C 817 -9.02 63.51 18.86
CA PHE C 817 -8.63 64.88 18.50
C PHE C 817 -9.81 65.67 17.94
N MET C 818 -10.53 65.08 16.98
CA MET C 818 -11.64 65.77 16.33
C MET C 818 -12.80 66.02 17.30
N LEU C 819 -13.15 65.00 18.09
CA LEU C 819 -14.28 65.13 19.02
C LEU C 819 -14.01 66.16 20.11
N VAL C 820 -12.83 66.06 20.74
CA VAL C 820 -12.48 66.97 21.83
C VAL C 820 -12.32 68.40 21.31
N ALA C 821 -11.79 68.54 20.08
CA ALA C 821 -11.64 69.87 19.49
C ALA C 821 -12.98 70.54 19.23
N GLY C 822 -13.92 69.79 18.63
CA GLY C 822 -15.24 70.35 18.35
C GLY C 822 -16.01 70.69 19.63
N GLY C 823 -15.89 69.84 20.64
CA GLY C 823 -16.53 70.11 21.92
C GLY C 823 -15.99 71.35 22.61
N ILE C 824 -14.65 71.52 22.62
CA ILE C 824 -14.05 72.69 23.25
C ILE C 824 -14.39 73.98 22.49
N VAL C 825 -14.48 73.91 21.16
CA VAL C 825 -14.84 75.11 20.38
C VAL C 825 -16.28 75.54 20.69
N ALA C 826 -17.23 74.58 20.69
CA ALA C 826 -18.61 74.93 21.04
C ALA C 826 -18.74 75.43 22.48
N GLY C 827 -17.95 74.85 23.39
CA GLY C 827 -17.98 75.29 24.78
C GLY C 827 -17.51 76.72 24.96
N ILE C 828 -16.36 77.06 24.37
CA ILE C 828 -15.78 78.39 24.51
C ILE C 828 -16.66 79.44 23.86
N PHE C 829 -17.24 79.14 22.69
CA PHE C 829 -18.14 80.11 22.10
C PHE C 829 -19.51 80.14 22.76
N LEU C 830 -19.80 79.25 23.70
CA LEU C 830 -20.91 79.52 24.60
C LEU C 830 -20.51 80.18 25.92
N ILE C 831 -19.22 80.14 26.29
CA ILE C 831 -18.75 80.69 27.57
C ILE C 831 -19.10 82.16 27.72
N PHE C 832 -18.86 82.96 26.67
CA PHE C 832 -19.02 84.40 26.78
C PHE C 832 -20.49 84.76 26.91
N ILE C 833 -21.33 84.07 26.14
CA ILE C 833 -22.77 84.24 26.20
C ILE C 833 -23.30 83.91 27.58
N GLU C 834 -22.85 82.78 28.13
CA GLU C 834 -23.38 82.33 29.41
C GLU C 834 -22.83 83.17 30.56
N ILE C 835 -21.60 83.67 30.44
CA ILE C 835 -21.09 84.62 31.43
C ILE C 835 -21.89 85.91 31.40
N ALA C 836 -22.22 86.42 30.21
CA ALA C 836 -23.02 87.64 30.12
C ALA C 836 -24.41 87.45 30.73
N TYR C 837 -25.10 86.37 30.35
CA TYR C 837 -26.43 86.11 30.89
C TYR C 837 -26.38 85.78 32.39
N LYS C 838 -25.32 85.17 32.89
CA LYS C 838 -25.26 84.94 34.33
C LYS C 838 -24.87 86.21 35.08
N ARG C 839 -24.20 87.16 34.43
CA ARG C 839 -24.07 88.48 35.04
C ARG C 839 -25.42 89.18 35.12
N HIS C 840 -26.25 89.00 34.10
CA HIS C 840 -27.61 89.53 34.15
C HIS C 840 -28.44 88.84 35.24
N LYS C 841 -28.21 87.53 35.45
CA LYS C 841 -28.97 86.80 36.46
C LYS C 841 -28.44 87.07 37.86
N ASP C 842 -27.16 87.40 37.98
CA ASP C 842 -26.62 87.77 39.28
C ASP C 842 -26.96 89.21 39.62
N ALA C 843 -27.37 90.00 38.62
CA ALA C 843 -27.95 91.30 38.92
C ALA C 843 -29.28 91.17 39.64
N ARG C 844 -29.97 90.03 39.49
CA ARG C 844 -31.26 89.80 40.13
C ARG C 844 -31.12 89.62 41.63
N LEU D 34 -14.49 4.02 -68.68
CA LEU D 34 -14.90 3.40 -69.93
C LEU D 34 -15.08 1.90 -69.84
N ASN D 35 -14.34 1.23 -68.98
CA ASN D 35 -14.40 -0.21 -68.84
C ASN D 35 -14.04 -0.54 -67.41
N ILE D 36 -14.67 -1.57 -66.86
CA ILE D 36 -14.35 -2.13 -65.56
C ILE D 36 -14.34 -3.65 -65.70
N ALA D 37 -13.33 -4.30 -65.13
CA ALA D 37 -13.27 -5.76 -65.09
C ALA D 37 -13.50 -6.26 -63.68
N VAL D 38 -14.25 -7.36 -63.58
CA VAL D 38 -14.74 -7.91 -62.33
C VAL D 38 -14.66 -9.43 -62.40
N MET D 39 -13.94 -10.01 -61.45
CA MET D 39 -13.76 -11.45 -61.33
C MET D 39 -13.99 -11.79 -59.87
N LEU D 40 -14.79 -12.81 -59.61
CA LEU D 40 -15.36 -12.97 -58.30
C LEU D 40 -15.15 -14.39 -57.81
N GLY D 41 -15.36 -14.59 -56.51
CA GLY D 41 -15.69 -15.88 -55.96
C GLY D 41 -17.09 -16.23 -56.43
N HIS D 42 -17.34 -17.52 -56.61
CA HIS D 42 -18.67 -17.98 -57.02
C HIS D 42 -19.72 -17.61 -55.98
N SER D 43 -20.61 -16.72 -56.38
CA SER D 43 -21.49 -15.98 -55.48
C SER D 43 -22.71 -15.55 -56.28
N HIS D 44 -23.36 -14.48 -55.85
CA HIS D 44 -24.43 -13.83 -56.60
C HIS D 44 -24.03 -13.58 -58.05
N ASP D 45 -24.97 -13.81 -58.95
CA ASP D 45 -24.69 -14.27 -60.31
C ASP D 45 -24.21 -13.16 -61.22
N VAL D 46 -23.84 -13.58 -62.44
CA VAL D 46 -23.34 -12.66 -63.45
C VAL D 46 -24.51 -12.00 -64.19
N THR D 47 -25.63 -12.69 -64.33
CA THR D 47 -26.85 -12.05 -64.81
C THR D 47 -27.32 -10.99 -63.81
N GLU D 48 -27.24 -11.33 -62.53
CA GLU D 48 -27.47 -10.40 -61.45
C GLU D 48 -26.47 -9.25 -61.51
N ARG D 49 -25.24 -9.53 -61.95
CA ARG D 49 -24.23 -8.49 -62.10
C ARG D 49 -24.54 -7.57 -63.27
N GLU D 50 -25.09 -8.11 -64.36
CA GLU D 50 -25.47 -7.25 -65.48
C GLU D 50 -26.64 -6.36 -65.10
N LEU D 51 -27.54 -6.90 -64.28
CA LEU D 51 -28.58 -6.06 -63.68
C LEU D 51 -28.00 -4.98 -62.79
N ARG D 52 -26.98 -5.32 -61.99
CA ARG D 52 -26.34 -4.32 -61.14
C ARG D 52 -25.61 -3.27 -61.97
N THR D 53 -25.05 -3.69 -63.10
CA THR D 53 -24.38 -2.76 -64.00
C THR D 53 -25.37 -1.81 -64.64
N LEU D 54 -26.50 -2.35 -65.10
CA LEU D 54 -27.55 -1.51 -65.64
C LEU D 54 -28.14 -0.60 -64.58
N TRP D 55 -28.24 -1.06 -63.35
CA TRP D 55 -28.76 -0.23 -62.28
C TRP D 55 -27.80 0.86 -61.87
N GLY D 56 -26.50 0.55 -61.83
CA GLY D 56 -25.51 1.59 -61.56
C GLY D 56 -25.41 2.58 -62.70
N PRO D 57 -25.56 2.10 -63.94
CA PRO D 57 -25.52 2.96 -65.11
C PRO D 57 -26.73 3.86 -65.21
N GLU D 58 -27.90 3.39 -64.80
CA GLU D 58 -29.09 4.21 -64.76
C GLU D 58 -29.31 4.84 -63.40
N GLN D 59 -28.35 4.75 -62.48
CA GLN D 59 -28.55 5.30 -61.13
C GLN D 59 -28.46 6.82 -61.14
N ALA D 60 -27.29 7.36 -61.46
CA ALA D 60 -27.05 8.79 -61.39
C ALA D 60 -25.78 9.13 -62.16
N ALA D 61 -25.73 10.37 -62.66
CA ALA D 61 -24.58 10.95 -63.38
C ALA D 61 -24.20 10.09 -64.58
N GLY D 62 -25.11 10.05 -65.55
CA GLY D 62 -25.18 8.96 -66.50
C GLY D 62 -24.10 8.98 -67.58
N LEU D 63 -22.84 8.86 -67.15
CA LEU D 63 -21.71 8.27 -67.87
C LEU D 63 -21.46 8.73 -69.30
N PRO D 64 -20.88 9.91 -69.51
CA PRO D 64 -20.35 10.23 -70.85
C PRO D 64 -19.28 9.25 -71.29
N LEU D 65 -18.45 8.78 -70.37
CA LEU D 65 -17.64 7.60 -70.60
C LEU D 65 -18.57 6.40 -70.64
N ASP D 66 -18.59 5.69 -71.75
CA ASP D 66 -19.46 4.52 -71.85
C ASP D 66 -18.83 3.42 -71.02
N VAL D 67 -19.02 3.46 -69.70
CA VAL D 67 -18.28 2.61 -68.78
C VAL D 67 -18.88 1.22 -68.82
N ASN D 68 -18.05 0.22 -69.13
CA ASN D 68 -18.52 -1.09 -69.55
C ASN D 68 -17.70 -2.20 -68.90
N VAL D 69 -18.37 -3.21 -68.35
CA VAL D 69 -17.82 -4.10 -67.35
C VAL D 69 -17.81 -5.53 -67.87
N VAL D 70 -16.72 -6.25 -67.62
CA VAL D 70 -16.61 -7.69 -67.88
C VAL D 70 -16.50 -8.42 -66.54
N ALA D 71 -17.56 -9.10 -66.15
CA ALA D 71 -17.70 -9.66 -64.82
C ALA D 71 -17.94 -11.16 -64.87
N LEU D 72 -17.33 -11.89 -63.93
CA LEU D 72 -17.48 -13.34 -63.81
C LEU D 72 -17.38 -13.77 -62.36
N LEU D 73 -17.72 -15.03 -62.14
CA LEU D 73 -17.63 -15.71 -60.86
C LEU D 73 -16.66 -16.88 -61.04
N MET D 74 -15.72 -17.05 -60.11
CA MET D 74 -14.76 -18.16 -60.15
C MET D 74 -14.50 -18.69 -58.75
N ASN D 75 -13.47 -19.54 -58.62
CA ASN D 75 -13.01 -20.07 -57.34
C ASN D 75 -11.50 -20.20 -57.23
N ARG D 76 -10.73 -19.60 -58.13
CA ARG D 76 -9.32 -19.91 -58.22
C ARG D 76 -8.45 -18.84 -57.56
N THR D 77 -7.41 -19.29 -56.85
CA THR D 77 -6.32 -18.40 -56.47
C THR D 77 -5.17 -18.56 -57.46
N ASP D 78 -5.50 -18.86 -58.69
CA ASP D 78 -4.59 -19.55 -59.54
C ASP D 78 -3.89 -18.58 -60.50
N PRO D 79 -2.56 -18.56 -60.47
CA PRO D 79 -1.85 -17.57 -61.29
C PRO D 79 -1.95 -17.81 -62.76
N LYS D 80 -2.09 -19.05 -63.23
CA LYS D 80 -2.38 -19.24 -64.65
C LYS D 80 -3.75 -18.68 -65.00
N SER D 81 -4.71 -18.83 -64.09
CA SER D 81 -6.00 -18.19 -64.30
C SER D 81 -5.86 -16.68 -64.30
N LEU D 82 -5.00 -16.17 -63.42
CA LEU D 82 -4.67 -14.75 -63.42
C LEU D 82 -4.09 -14.32 -64.76
N ILE D 83 -3.19 -15.13 -65.31
CA ILE D 83 -2.53 -14.82 -66.57
C ILE D 83 -3.54 -14.81 -67.71
N THR D 84 -4.45 -15.80 -67.71
CA THR D 84 -5.48 -15.87 -68.73
C THR D 84 -6.40 -14.66 -68.66
N HIS D 85 -6.88 -14.32 -67.47
CA HIS D 85 -7.82 -13.21 -67.38
C HIS D 85 -7.14 -11.89 -67.66
N VAL D 86 -5.87 -11.75 -67.24
CA VAL D 86 -5.09 -10.57 -67.57
C VAL D 86 -4.90 -10.46 -69.07
N CYS D 87 -4.40 -11.51 -69.73
CA CYS D 87 -4.09 -11.40 -71.15
C CYS D 87 -5.35 -11.26 -71.99
N ASP D 88 -6.45 -11.86 -71.53
CA ASP D 88 -7.69 -11.75 -72.27
C ASP D 88 -8.31 -10.37 -72.12
N LEU D 89 -8.20 -9.74 -70.96
CA LEU D 89 -8.89 -8.47 -70.80
C LEU D 89 -7.98 -7.29 -71.12
N MET D 90 -6.65 -7.49 -71.07
CA MET D 90 -5.73 -6.52 -71.63
C MET D 90 -5.77 -6.54 -73.13
N SER D 91 -5.85 -7.73 -73.71
CA SER D 91 -6.12 -7.85 -75.13
C SER D 91 -7.55 -7.39 -75.44
N GLY D 92 -8.47 -7.62 -74.50
CA GLY D 92 -9.84 -7.26 -74.80
C GLY D 92 -10.13 -5.82 -74.46
N ALA D 93 -9.95 -4.95 -75.46
CA ALA D 93 -10.36 -3.54 -75.46
C ALA D 93 -9.70 -2.69 -74.37
N ARG D 94 -8.69 -3.24 -73.69
CA ARG D 94 -7.87 -2.53 -72.70
C ARG D 94 -8.72 -1.95 -71.57
N ILE D 95 -9.23 -2.88 -70.77
CA ILE D 95 -10.27 -2.56 -69.79
C ILE D 95 -9.71 -1.66 -68.68
N HIS D 96 -10.52 -0.68 -68.26
CA HIS D 96 -10.04 0.53 -67.61
C HIS D 96 -10.28 0.60 -66.11
N GLY D 97 -11.28 -0.09 -65.57
CA GLY D 97 -11.56 -0.06 -64.15
C GLY D 97 -11.51 -1.45 -63.59
N LEU D 98 -11.43 -1.61 -62.27
CA LEU D 98 -11.22 -2.93 -61.68
C LEU D 98 -11.88 -3.02 -60.31
N VAL D 99 -12.88 -3.89 -60.20
CA VAL D 99 -13.67 -4.07 -59.00
C VAL D 99 -13.68 -5.57 -58.68
N PHE D 100 -13.26 -5.94 -57.47
CA PHE D 100 -13.09 -7.37 -57.16
C PHE D 100 -13.46 -7.67 -55.72
N GLY D 101 -14.48 -8.52 -55.53
CA GLY D 101 -14.72 -9.14 -54.25
C GLY D 101 -14.88 -10.65 -54.31
N ASP D 102 -13.94 -11.39 -53.75
CA ASP D 102 -13.88 -12.83 -54.00
C ASP D 102 -14.40 -13.59 -52.81
N ASP D 103 -14.54 -14.91 -52.98
CA ASP D 103 -15.02 -15.75 -51.90
C ASP D 103 -13.88 -16.60 -51.38
N THR D 104 -12.68 -16.04 -51.42
CA THR D 104 -11.50 -16.75 -50.97
C THR D 104 -10.94 -16.06 -49.74
N ASP D 105 -9.74 -16.46 -49.32
CA ASP D 105 -9.07 -15.85 -48.18
C ASP D 105 -7.57 -15.65 -48.38
N GLN D 106 -6.99 -16.12 -49.49
CA GLN D 106 -5.54 -16.09 -49.65
C GLN D 106 -5.08 -14.66 -49.89
N GLU D 107 -4.38 -14.12 -48.91
CA GLU D 107 -4.06 -12.70 -48.80
C GLU D 107 -3.02 -12.29 -49.83
N ALA D 108 -2.05 -13.16 -50.09
CA ALA D 108 -0.90 -12.85 -50.91
C ALA D 108 -1.23 -12.75 -52.39
N VAL D 109 -2.40 -13.21 -52.81
CA VAL D 109 -2.83 -13.09 -54.20
C VAL D 109 -3.17 -11.62 -54.41
N ALA D 110 -3.71 -10.97 -53.37
CA ALA D 110 -3.86 -9.53 -53.42
C ALA D 110 -2.51 -8.83 -53.50
N GLN D 111 -1.47 -9.41 -52.90
CA GLN D 111 -0.13 -8.94 -53.16
C GLN D 111 0.36 -9.35 -54.54
N MET D 112 -0.25 -10.37 -55.14
CA MET D 112 0.11 -10.73 -56.51
C MET D 112 -0.62 -9.88 -57.52
N LEU D 113 -1.54 -9.05 -57.04
CA LEU D 113 -2.16 -8.04 -57.89
C LEU D 113 -1.21 -6.88 -58.16
N ASP D 114 -0.05 -6.85 -57.47
CA ASP D 114 0.99 -5.88 -57.76
C ASP D 114 1.41 -5.92 -59.21
N PHE D 115 1.44 -7.10 -59.79
CA PHE D 115 1.93 -7.23 -61.14
C PHE D 115 0.89 -6.78 -62.14
N ILE D 116 -0.37 -6.75 -61.72
CA ILE D 116 -1.38 -6.12 -62.55
C ILE D 116 -1.33 -4.63 -62.38
N SER D 117 -1.19 -4.18 -61.13
CA SER D 117 -1.16 -2.77 -60.80
C SER D 117 0.12 -2.11 -61.29
N SER D 118 1.09 -2.92 -61.70
CA SER D 118 2.40 -2.47 -62.09
C SER D 118 2.84 -3.10 -63.39
N HIS D 119 1.98 -3.86 -64.04
CA HIS D 119 2.20 -4.31 -65.40
C HIS D 119 1.03 -4.03 -66.29
N THR D 120 -0.05 -3.50 -65.71
CA THR D 120 -1.10 -2.85 -66.47
C THR D 120 -1.31 -1.43 -65.98
N PHE D 121 -0.96 -1.18 -64.71
CA PHE D 121 -1.06 0.12 -64.05
C PHE D 121 -2.49 0.62 -64.03
N VAL D 122 -3.37 -0.28 -63.64
CA VAL D 122 -4.80 -0.01 -63.63
C VAL D 122 -5.23 -0.14 -62.18
N PRO D 123 -6.01 0.80 -61.65
CA PRO D 123 -6.34 0.79 -60.22
C PRO D 123 -7.27 -0.35 -59.81
N ILE D 124 -6.94 -1.01 -58.71
CA ILE D 124 -7.52 -2.30 -58.32
C ILE D 124 -8.34 -2.10 -57.06
N LEU D 125 -9.63 -2.43 -57.13
CA LEU D 125 -10.52 -2.32 -55.98
C LEU D 125 -10.66 -3.68 -55.33
N GLY D 126 -10.19 -3.78 -54.09
CA GLY D 126 -10.28 -5.03 -53.33
C GLY D 126 -11.36 -4.93 -52.27
N ILE D 127 -12.29 -5.89 -52.31
CA ILE D 127 -13.52 -5.78 -51.54
C ILE D 127 -13.70 -7.01 -50.66
N HIS D 128 -13.59 -8.18 -51.27
CA HIS D 128 -13.70 -9.45 -50.56
C HIS D 128 -12.61 -10.37 -51.07
N GLY D 129 -12.61 -11.60 -50.55
CA GLY D 129 -11.54 -12.52 -50.88
C GLY D 129 -10.27 -12.10 -50.18
N GLY D 130 -9.13 -12.52 -50.73
CA GLY D 130 -7.87 -11.97 -50.30
C GLY D 130 -7.70 -10.52 -50.71
N ALA D 131 -8.42 -10.10 -51.75
CA ALA D 131 -8.40 -8.71 -52.20
C ALA D 131 -8.93 -7.75 -51.14
N SER D 132 -9.85 -8.21 -50.29
CA SER D 132 -10.11 -7.49 -49.06
C SER D 132 -8.90 -7.50 -48.14
N MET D 133 -8.23 -8.64 -48.06
CA MET D 133 -7.29 -8.91 -46.97
C MET D 133 -5.99 -8.19 -47.26
N ILE D 134 -5.80 -7.03 -46.63
CA ILE D 134 -4.66 -6.18 -46.95
C ILE D 134 -3.52 -6.47 -45.99
N MET D 135 -2.55 -7.25 -46.44
CA MET D 135 -1.19 -7.18 -45.92
C MET D 135 -0.27 -6.57 -46.95
N ALA D 136 -0.82 -6.09 -48.06
CA ALA D 136 -0.03 -5.47 -49.11
C ALA D 136 0.34 -4.06 -48.67
N ASP D 137 1.58 -3.88 -48.26
CA ASP D 137 2.10 -2.56 -47.98
C ASP D 137 2.33 -1.87 -49.32
N LYS D 138 1.51 -0.85 -49.59
CA LYS D 138 1.26 -0.42 -50.95
C LYS D 138 2.44 0.35 -51.53
N ASP D 139 2.72 0.04 -52.79
CA ASP D 139 3.94 0.45 -53.45
C ASP D 139 3.72 1.79 -54.17
N PRO D 140 4.80 2.48 -54.54
CA PRO D 140 4.65 3.57 -55.52
C PRO D 140 4.29 3.07 -56.90
N THR D 141 4.55 1.81 -57.21
CA THR D 141 4.18 1.22 -58.49
C THR D 141 2.82 0.55 -58.46
N SER D 142 2.34 0.19 -57.28
CA SER D 142 1.04 -0.44 -57.16
C SER D 142 -0.06 0.61 -57.26
N THR D 143 -1.21 0.17 -57.73
CA THR D 143 -2.40 0.97 -57.91
C THR D 143 -3.53 0.35 -57.10
N PHE D 144 -3.27 0.04 -55.85
CA PHE D 144 -4.23 -0.67 -55.01
C PHE D 144 -5.13 0.32 -54.29
N PHE D 145 -6.42 0.02 -54.26
CA PHE D 145 -7.36 0.62 -53.33
C PHE D 145 -8.26 -0.51 -52.87
N GLN D 146 -8.00 -0.99 -51.66
CA GLN D 146 -8.68 -2.18 -51.21
C GLN D 146 -9.38 -1.83 -49.91
N PHE D 147 -10.57 -2.40 -49.73
CA PHE D 147 -11.53 -1.89 -48.75
C PHE D 147 -11.28 -2.43 -47.36
N GLY D 148 -10.29 -3.31 -47.21
CA GLY D 148 -10.15 -4.11 -46.03
C GLY D 148 -9.10 -3.57 -45.08
N ALA D 149 -8.11 -4.41 -44.80
CA ALA D 149 -7.34 -4.36 -43.56
C ALA D 149 -6.44 -3.13 -43.45
N SER D 150 -7.05 -1.96 -43.34
CA SER D 150 -6.34 -0.80 -42.80
C SER D 150 -5.95 -1.08 -41.35
N ILE D 151 -4.69 -1.43 -41.17
CA ILE D 151 -4.20 -1.99 -39.91
C ILE D 151 -4.16 -0.92 -38.84
N GLN D 152 -3.92 0.31 -39.26
CA GLN D 152 -3.90 1.46 -38.37
C GLN D 152 -5.28 1.70 -37.79
N GLN D 153 -6.27 1.74 -38.67
CA GLN D 153 -7.66 1.93 -38.27
C GLN D 153 -8.12 0.78 -37.39
N GLN D 154 -7.64 -0.43 -37.67
CA GLN D 154 -7.86 -1.59 -36.80
C GLN D 154 -7.33 -1.33 -35.41
N ALA D 155 -6.10 -0.84 -35.32
CA ALA D 155 -5.47 -0.60 -34.03
C ALA D 155 -6.22 0.45 -33.23
N THR D 156 -6.63 1.53 -33.90
CA THR D 156 -7.39 2.59 -33.24
C THR D 156 -8.75 2.11 -32.76
N VAL D 157 -9.39 1.27 -33.57
CA VAL D 157 -10.66 0.67 -33.17
C VAL D 157 -10.48 -0.20 -31.95
N MET D 158 -9.45 -1.06 -31.94
CA MET D 158 -9.14 -1.93 -30.80
C MET D 158 -8.91 -1.11 -29.53
N LEU D 159 -8.19 0.00 -29.66
CA LEU D 159 -7.97 0.86 -28.51
C LEU D 159 -9.24 1.51 -28.01
N LYS D 160 -10.12 1.93 -28.91
CA LYS D 160 -11.36 2.50 -28.44
C LYS D 160 -12.30 1.44 -27.90
N ILE D 161 -12.09 0.19 -28.29
CA ILE D 161 -12.79 -0.90 -27.63
C ILE D 161 -12.32 -1.02 -26.19
N MET D 162 -11.02 -0.85 -25.97
CA MET D 162 -10.51 -0.89 -24.61
C MET D 162 -10.98 0.32 -23.82
N GLN D 163 -11.26 1.42 -24.53
CA GLN D 163 -11.88 2.60 -23.93
C GLN D 163 -13.30 2.34 -23.48
N ASP D 164 -14.14 1.87 -24.40
CA ASP D 164 -15.57 2.14 -24.25
C ASP D 164 -16.27 1.20 -23.29
N TYR D 165 -15.58 0.20 -22.76
CA TYR D 165 -16.00 -0.36 -21.49
C TYR D 165 -14.86 -0.31 -20.48
N ASP D 166 -13.92 0.62 -20.68
CA ASP D 166 -12.84 0.95 -19.74
C ASP D 166 -11.95 -0.25 -19.45
N TRP D 167 -11.70 -1.02 -20.49
CA TRP D 167 -10.78 -2.13 -20.33
C TRP D 167 -9.36 -1.60 -20.44
N HIS D 168 -8.91 -1.04 -19.33
CA HIS D 168 -7.55 -0.56 -19.26
C HIS D 168 -6.57 -1.68 -19.03
N VAL D 169 -6.99 -2.72 -18.36
CA VAL D 169 -6.12 -3.81 -17.95
C VAL D 169 -6.01 -4.80 -19.10
N PHE D 170 -4.79 -5.07 -19.51
CA PHE D 170 -4.53 -5.80 -20.74
C PHE D 170 -3.99 -7.17 -20.42
N SER D 171 -4.01 -8.04 -21.42
CA SER D 171 -3.00 -9.06 -21.62
C SER D 171 -2.88 -9.25 -23.11
N LEU D 172 -1.66 -9.22 -23.60
CA LEU D 172 -1.39 -9.07 -25.02
C LEU D 172 -0.68 -10.33 -25.47
N VAL D 173 -1.23 -10.98 -26.49
CA VAL D 173 -0.61 -12.13 -27.13
C VAL D 173 -0.70 -11.95 -28.63
N THR D 174 0.44 -11.92 -29.28
CA THR D 174 0.47 -12.15 -30.70
C THR D 174 1.19 -13.47 -30.93
N THR D 175 1.43 -13.77 -32.18
CA THR D 175 2.51 -14.67 -32.54
C THR D 175 3.51 -13.88 -33.36
N ILE D 176 4.45 -14.57 -33.98
CA ILE D 176 5.57 -13.87 -34.59
C ILE D 176 5.47 -14.14 -36.09
N PHE D 177 4.25 -14.13 -36.60
CA PHE D 177 4.10 -13.83 -38.01
C PHE D 177 4.74 -12.48 -38.29
N PRO D 178 5.63 -12.42 -39.27
CA PRO D 178 6.19 -11.13 -39.68
C PRO D 178 5.08 -10.25 -40.23
N GLY D 179 4.96 -9.08 -39.64
CA GLY D 179 3.74 -8.32 -39.73
C GLY D 179 2.97 -8.21 -38.44
N TYR D 180 3.30 -9.01 -37.42
CA TYR D 180 2.73 -8.81 -36.10
C TYR D 180 3.61 -7.93 -35.24
N ARG D 181 4.90 -7.86 -35.58
CA ARG D 181 5.81 -6.91 -34.97
C ARG D 181 5.36 -5.49 -35.27
N GLU D 182 4.73 -5.31 -36.44
CA GLU D 182 3.95 -4.12 -36.76
C GLU D 182 2.96 -3.79 -35.66
N PHE D 183 2.08 -4.73 -35.33
CA PHE D 183 1.07 -4.53 -34.29
C PHE D 183 1.70 -4.28 -32.94
N ILE D 184 2.84 -4.90 -32.68
CA ILE D 184 3.58 -4.63 -31.45
C ILE D 184 4.02 -3.18 -31.42
N SER D 185 4.48 -2.66 -32.56
CA SER D 185 4.85 -1.26 -32.64
C SER D 185 3.63 -0.36 -32.51
N PHE D 186 2.48 -0.79 -33.07
CA PHE D 186 1.21 -0.11 -32.83
C PHE D 186 0.89 0.02 -31.36
N VAL D 187 1.03 -1.07 -30.61
CA VAL D 187 0.72 -1.07 -29.19
C VAL D 187 1.67 -0.14 -28.45
N LYS D 188 2.96 -0.24 -28.75
CA LYS D 188 3.98 0.57 -28.10
C LYS D 188 3.74 2.05 -28.33
N THR D 189 3.62 2.45 -29.59
CA THR D 189 3.41 3.85 -29.93
C THR D 189 2.09 4.38 -29.38
N THR D 190 0.99 3.70 -29.69
CA THR D 190 -0.32 4.25 -29.39
C THR D 190 -0.67 4.17 -27.91
N VAL D 191 -0.02 3.31 -27.13
CA VAL D 191 -0.15 3.42 -25.68
C VAL D 191 0.78 4.51 -25.16
N ASP D 192 1.98 4.62 -25.73
CA ASP D 192 2.88 5.65 -25.29
C ASP D 192 2.49 7.02 -25.83
N ASN D 193 1.66 7.06 -26.86
CA ASN D 193 1.02 8.31 -27.25
C ASN D 193 -0.30 8.53 -26.53
N SER D 194 -0.61 7.72 -25.52
CA SER D 194 -1.83 7.87 -24.75
C SER D 194 -1.50 8.32 -23.34
N PHE D 195 -2.06 9.47 -22.94
CA PHE D 195 -2.03 9.87 -21.55
C PHE D 195 -3.08 9.17 -20.70
N VAL D 196 -3.85 8.25 -21.30
CA VAL D 196 -4.87 7.52 -20.57
C VAL D 196 -4.22 6.59 -19.55
N GLY D 197 -3.07 6.04 -19.89
CA GLY D 197 -2.38 5.18 -18.94
C GLY D 197 -2.90 3.76 -19.02
N TRP D 198 -2.77 3.18 -20.20
CA TRP D 198 -3.32 1.85 -20.45
C TRP D 198 -2.50 0.79 -19.71
N ASP D 199 -3.19 -0.08 -18.99
CA ASP D 199 -2.56 -0.96 -18.03
C ASP D 199 -2.04 -2.17 -18.81
N MET D 200 -0.73 -2.34 -18.80
CA MET D 200 -0.05 -3.18 -19.77
C MET D 200 0.28 -4.54 -19.17
N GLN D 201 -0.21 -5.58 -19.80
CA GLN D 201 0.48 -6.86 -19.74
C GLN D 201 1.00 -7.20 -21.12
N ASN D 202 2.27 -7.56 -21.15
CA ASN D 202 3.11 -7.40 -22.32
C ASN D 202 2.74 -8.39 -23.41
N VAL D 203 3.22 -8.11 -24.61
CA VAL D 203 2.85 -8.92 -25.77
C VAL D 203 3.59 -10.24 -25.69
N ILE D 204 2.91 -11.25 -25.17
CA ILE D 204 3.50 -12.56 -24.97
C ILE D 204 3.31 -13.34 -26.26
N THR D 205 4.38 -13.41 -27.05
CA THR D 205 4.34 -13.91 -28.42
C THR D 205 4.68 -15.40 -28.40
N LEU D 206 3.80 -16.22 -28.98
CA LEU D 206 4.19 -17.62 -29.19
C LEU D 206 5.21 -17.70 -30.31
N ASP D 207 6.32 -18.37 -30.02
CA ASP D 207 7.49 -18.29 -30.89
C ASP D 207 7.29 -19.14 -32.15
N THR D 208 7.20 -20.44 -31.97
CA THR D 208 6.73 -21.33 -33.01
C THR D 208 5.56 -22.13 -32.46
N SER D 209 4.74 -22.63 -33.37
CA SER D 209 3.67 -23.52 -32.99
C SER D 209 4.24 -24.86 -32.54
N PHE D 210 3.45 -25.57 -31.74
CA PHE D 210 3.72 -26.93 -31.28
C PHE D 210 4.98 -27.03 -30.43
N GLU D 211 5.35 -25.92 -29.78
CA GLU D 211 6.29 -26.02 -28.67
C GLU D 211 5.63 -26.71 -27.49
N ASP D 212 4.47 -26.18 -27.08
CA ASP D 212 3.46 -26.82 -26.24
C ASP D 212 3.88 -27.00 -24.79
N ALA D 213 5.14 -26.72 -24.48
CA ALA D 213 5.60 -26.64 -23.11
C ALA D 213 6.13 -25.24 -22.90
N LYS D 214 6.91 -24.77 -23.87
CA LYS D 214 7.37 -23.38 -23.86
C LYS D 214 6.21 -22.43 -24.03
N THR D 215 5.20 -22.84 -24.80
CA THR D 215 4.00 -22.03 -24.94
C THR D 215 3.31 -21.84 -23.60
N GLN D 216 3.03 -22.94 -22.89
CA GLN D 216 2.30 -22.78 -21.63
C GLN D 216 3.19 -22.25 -20.51
N VAL D 217 4.52 -22.37 -20.63
CA VAL D 217 5.39 -21.56 -19.78
C VAL D 217 5.15 -20.08 -20.03
N GLN D 218 5.06 -19.69 -21.30
CA GLN D 218 4.74 -18.29 -21.63
C GLN D 218 3.29 -17.95 -21.31
N LEU D 219 2.42 -18.96 -21.22
CA LEU D 219 1.00 -18.74 -21.03
C LEU D 219 0.58 -18.71 -19.56
N LYS D 220 1.42 -19.23 -18.67
CA LYS D 220 1.23 -18.96 -17.24
C LYS D 220 1.75 -17.60 -16.83
N LYS D 221 2.12 -16.74 -17.80
CA LYS D 221 2.54 -15.37 -17.61
C LYS D 221 1.42 -14.38 -17.92
N ILE D 222 0.25 -14.87 -18.32
CA ILE D 222 -0.93 -14.04 -18.55
C ILE D 222 -1.71 -13.96 -17.25
N HIS D 223 -1.96 -12.75 -16.76
CA HIS D 223 -2.52 -12.59 -15.43
C HIS D 223 -3.60 -11.51 -15.40
N SER D 224 -4.43 -11.46 -16.43
CA SER D 224 -5.55 -10.50 -16.41
C SER D 224 -6.69 -11.05 -17.24
N SER D 225 -7.75 -10.25 -17.34
CA SER D 225 -9.02 -10.63 -17.93
C SER D 225 -9.04 -10.54 -19.44
N VAL D 226 -8.84 -9.36 -19.99
CA VAL D 226 -9.02 -9.13 -21.41
C VAL D 226 -7.79 -9.63 -22.14
N ILE D 227 -8.00 -10.58 -23.04
CA ILE D 227 -6.91 -11.26 -23.71
C ILE D 227 -6.97 -10.92 -25.19
N LEU D 228 -5.92 -10.28 -25.70
CA LEU D 228 -5.94 -9.60 -26.97
C LEU D 228 -5.04 -10.32 -27.94
N LEU D 229 -5.61 -10.79 -29.05
CA LEU D 229 -4.98 -11.84 -29.84
C LEU D 229 -4.75 -11.42 -31.28
N TYR D 230 -3.59 -11.78 -31.79
CA TYR D 230 -3.22 -11.65 -33.20
C TYR D 230 -2.46 -12.91 -33.58
N CYS D 231 -3.13 -13.85 -34.25
CA CYS D 231 -2.55 -15.15 -34.54
C CYS D 231 -3.08 -15.60 -35.89
N SER D 232 -2.98 -16.90 -36.15
CA SER D 232 -3.74 -17.52 -37.23
C SER D 232 -4.94 -18.21 -36.60
N LYS D 233 -5.65 -18.96 -37.43
CA LYS D 233 -6.88 -19.60 -36.96
C LYS D 233 -6.57 -20.89 -36.21
N ASP D 234 -5.68 -21.72 -36.77
CA ASP D 234 -5.32 -22.98 -36.13
C ASP D 234 -4.44 -22.75 -34.92
N GLU D 235 -3.64 -21.68 -34.94
CA GLU D 235 -3.00 -21.23 -33.71
C GLU D 235 -4.02 -20.86 -32.66
N ALA D 236 -5.16 -20.28 -33.06
CA ALA D 236 -6.19 -19.97 -32.08
C ALA D 236 -6.89 -21.22 -31.59
N VAL D 237 -7.00 -22.25 -32.43
CA VAL D 237 -7.46 -23.56 -31.98
C VAL D 237 -6.53 -24.07 -30.89
N LEU D 238 -5.22 -23.98 -31.15
CA LEU D 238 -4.21 -24.37 -30.16
C LEU D 238 -4.34 -23.57 -28.88
N ILE D 239 -4.54 -22.26 -28.99
CA ILE D 239 -4.51 -21.39 -27.82
C ILE D 239 -5.77 -21.55 -27.00
N LEU D 240 -6.93 -21.66 -27.64
CA LEU D 240 -8.13 -21.90 -26.86
C LEU D 240 -8.15 -23.29 -26.25
N SER D 241 -7.58 -24.28 -26.92
CA SER D 241 -7.41 -25.59 -26.31
C SER D 241 -6.48 -25.51 -25.10
N GLU D 242 -5.39 -24.75 -25.21
CA GLU D 242 -4.43 -24.65 -24.13
C GLU D 242 -4.93 -23.77 -23.01
N ALA D 243 -5.76 -22.78 -23.31
CA ALA D 243 -6.21 -21.85 -22.29
C ALA D 243 -7.48 -22.34 -21.61
N ARG D 244 -8.18 -23.29 -22.23
CA ARG D 244 -9.17 -24.05 -21.48
C ARG D 244 -8.50 -25.00 -20.50
N SER D 245 -7.25 -25.38 -20.76
CA SER D 245 -6.47 -26.08 -19.76
C SER D 245 -5.87 -25.12 -18.74
N LEU D 246 -5.57 -23.90 -19.16
CA LEU D 246 -5.13 -22.87 -18.23
C LEU D 246 -6.27 -22.29 -17.43
N GLY D 247 -7.50 -22.39 -17.94
CA GLY D 247 -8.60 -21.70 -17.30
C GLY D 247 -8.67 -20.24 -17.63
N LEU D 248 -7.82 -19.75 -18.54
CA LEU D 248 -7.88 -18.37 -18.97
C LEU D 248 -9.06 -18.09 -19.87
N THR D 249 -9.74 -19.14 -20.35
CA THR D 249 -11.01 -19.03 -21.04
C THR D 249 -12.19 -18.93 -20.09
N GLY D 250 -11.95 -18.58 -18.82
CA GLY D 250 -13.05 -18.37 -17.91
C GLY D 250 -13.90 -17.19 -18.30
N TYR D 251 -15.11 -17.16 -17.78
CA TYR D 251 -16.13 -16.30 -18.36
C TYR D 251 -16.36 -15.04 -17.53
N ASP D 252 -15.27 -14.54 -16.95
CA ASP D 252 -15.09 -13.12 -16.69
C ASP D 252 -13.88 -12.56 -17.42
N PHE D 253 -13.06 -13.40 -18.03
CA PHE D 253 -12.03 -12.97 -18.97
C PHE D 253 -12.69 -12.42 -20.23
N PHE D 254 -11.89 -11.73 -21.05
CA PHE D 254 -12.43 -11.24 -22.32
C PHE D 254 -11.39 -11.41 -23.42
N TRP D 255 -11.88 -11.36 -24.65
CA TRP D 255 -11.18 -11.95 -25.79
C TRP D 255 -11.60 -11.19 -27.03
N ILE D 256 -10.72 -10.36 -27.58
CA ILE D 256 -11.08 -9.52 -28.71
C ILE D 256 -10.14 -9.86 -29.84
N VAL D 257 -10.65 -10.58 -30.84
CA VAL D 257 -9.77 -11.09 -31.88
C VAL D 257 -10.31 -10.66 -33.24
N PRO D 258 -9.63 -9.79 -33.96
CA PRO D 258 -10.18 -9.23 -35.20
C PRO D 258 -10.22 -10.20 -36.37
N SER D 259 -10.46 -9.66 -37.57
CA SER D 259 -10.80 -10.50 -38.72
C SER D 259 -9.61 -11.29 -39.26
N LEU D 260 -8.44 -11.20 -38.64
CA LEU D 260 -7.33 -12.09 -38.97
C LEU D 260 -7.65 -13.54 -38.70
N VAL D 261 -8.39 -13.82 -37.64
CA VAL D 261 -8.66 -15.17 -37.20
C VAL D 261 -10.15 -15.51 -37.34
N SER D 262 -11.02 -14.50 -37.29
CA SER D 262 -12.40 -14.78 -37.64
C SER D 262 -12.46 -15.02 -39.15
N GLY D 263 -11.99 -14.03 -39.91
CA GLY D 263 -12.06 -14.10 -41.35
C GLY D 263 -13.50 -14.14 -41.80
N ASN D 264 -13.91 -15.31 -42.30
CA ASN D 264 -15.33 -15.55 -42.57
C ASN D 264 -16.04 -15.73 -41.23
N THR D 265 -16.96 -14.82 -40.93
CA THR D 265 -17.90 -15.01 -39.84
C THR D 265 -18.82 -16.18 -40.13
N GLU D 266 -18.96 -16.54 -41.39
CA GLU D 266 -19.55 -17.78 -41.85
C GLU D 266 -18.79 -19.00 -41.37
N LEU D 267 -17.50 -18.85 -41.04
CA LEU D 267 -16.70 -19.92 -40.46
C LEU D 267 -16.65 -19.70 -38.96
N ILE D 268 -17.36 -20.54 -38.22
CA ILE D 268 -17.37 -20.52 -36.77
C ILE D 268 -16.85 -21.87 -36.28
N PRO D 269 -15.54 -21.97 -36.02
CA PRO D 269 -15.00 -23.22 -35.48
C PRO D 269 -15.37 -23.42 -34.02
N LYS D 270 -14.97 -24.58 -33.51
CA LYS D 270 -15.74 -25.22 -32.44
C LYS D 270 -15.30 -24.76 -31.07
N GLU D 271 -14.00 -24.55 -30.87
CA GLU D 271 -13.51 -24.19 -29.54
C GLU D 271 -13.69 -22.73 -29.21
N PHE D 272 -14.63 -22.05 -29.83
CA PHE D 272 -14.52 -20.62 -30.00
C PHE D 272 -15.71 -19.94 -29.35
N PRO D 273 -15.60 -19.56 -28.07
CA PRO D 273 -16.77 -19.36 -27.22
C PRO D 273 -17.50 -18.04 -27.45
N SER D 274 -18.35 -17.73 -26.48
CA SER D 274 -19.05 -16.47 -26.37
C SER D 274 -18.07 -15.32 -26.22
N GLY D 275 -18.53 -14.14 -26.64
CA GLY D 275 -17.78 -12.93 -26.43
C GLY D 275 -16.54 -12.80 -27.29
N LEU D 276 -16.41 -13.57 -28.35
CA LEU D 276 -15.27 -13.37 -29.22
C LEU D 276 -15.62 -12.30 -30.25
N ILE D 277 -14.72 -11.34 -30.39
CA ILE D 277 -15.03 -10.05 -31.00
C ILE D 277 -14.08 -9.79 -32.15
N SER D 278 -14.63 -9.65 -33.35
CA SER D 278 -13.82 -9.30 -34.51
C SER D 278 -14.33 -8.00 -35.08
N VAL D 279 -13.48 -7.39 -35.91
CA VAL D 279 -13.81 -6.16 -36.62
C VAL D 279 -13.55 -6.44 -38.10
N SER D 280 -14.57 -6.25 -38.94
CA SER D 280 -14.46 -6.70 -40.31
C SER D 280 -15.42 -5.91 -41.20
N TYR D 281 -14.97 -5.64 -42.43
CA TYR D 281 -15.74 -4.87 -43.41
C TYR D 281 -16.67 -5.80 -44.20
N ASP D 282 -17.50 -6.53 -43.48
CA ASP D 282 -18.22 -7.65 -44.08
C ASP D 282 -19.51 -7.22 -44.74
N ASP D 283 -20.06 -8.08 -45.58
CA ASP D 283 -21.42 -7.92 -46.08
C ASP D 283 -22.40 -8.48 -45.06
N TRP D 284 -22.33 -7.98 -43.83
CA TRP D 284 -23.39 -8.14 -42.86
C TRP D 284 -24.14 -6.84 -42.82
N ASP D 285 -23.40 -5.72 -42.76
CA ASP D 285 -24.02 -4.42 -42.97
C ASP D 285 -24.26 -4.13 -44.44
N TYR D 286 -23.63 -4.88 -45.34
CA TYR D 286 -23.59 -4.49 -46.74
C TYR D 286 -24.01 -5.62 -47.65
N SER D 287 -24.13 -5.31 -48.93
CA SER D 287 -24.17 -6.36 -49.92
C SER D 287 -22.92 -6.28 -50.77
N LEU D 288 -22.81 -7.23 -51.68
CA LEU D 288 -21.86 -7.07 -52.78
C LEU D 288 -22.22 -5.85 -53.61
N GLU D 289 -23.42 -5.85 -54.21
CA GLU D 289 -23.72 -4.94 -55.31
C GLU D 289 -23.85 -3.49 -54.86
N ALA D 290 -24.19 -3.26 -53.59
CA ALA D 290 -24.19 -1.89 -53.07
C ALA D 290 -22.78 -1.33 -53.06
N ARG D 291 -21.84 -2.11 -52.53
CA ARG D 291 -20.42 -1.77 -52.58
C ARG D 291 -19.94 -1.64 -54.00
N VAL D 292 -20.49 -2.47 -54.89
CA VAL D 292 -20.11 -2.45 -56.30
C VAL D 292 -20.48 -1.12 -56.93
N ARG D 293 -21.72 -0.70 -56.73
CA ARG D 293 -22.17 0.55 -57.35
C ARG D 293 -21.49 1.74 -56.72
N ASP D 294 -21.18 1.64 -55.43
CA ASP D 294 -20.30 2.60 -54.77
C ASP D 294 -18.96 2.71 -55.48
N GLY D 295 -18.28 1.57 -55.67
CA GLY D 295 -16.92 1.60 -56.18
C GLY D 295 -16.85 1.92 -57.67
N ILE D 296 -17.87 1.50 -58.44
CA ILE D 296 -17.97 1.92 -59.83
C ILE D 296 -18.14 3.42 -59.92
N GLY D 297 -18.97 4.00 -59.05
CA GLY D 297 -19.11 5.43 -59.05
C GLY D 297 -17.84 6.14 -58.61
N ILE D 298 -17.09 5.53 -57.69
CA ILE D 298 -15.78 6.05 -57.30
C ILE D 298 -14.85 6.13 -58.50
N LEU D 299 -14.80 5.04 -59.28
CA LEU D 299 -13.97 4.98 -60.49
C LEU D 299 -14.39 6.05 -61.48
N THR D 300 -15.69 6.27 -61.63
CA THR D 300 -16.14 7.25 -62.60
C THR D 300 -15.97 8.68 -62.11
N THR D 301 -15.95 8.92 -60.80
CA THR D 301 -15.62 10.26 -60.31
C THR D 301 -14.13 10.55 -60.41
N ALA D 302 -13.29 9.54 -60.21
CA ALA D 302 -11.87 9.73 -60.49
C ALA D 302 -11.65 9.95 -61.99
N ALA D 303 -12.45 9.28 -62.82
CA ALA D 303 -12.38 9.48 -64.26
C ALA D 303 -12.95 10.84 -64.65
N SER D 304 -13.88 11.34 -63.85
CA SER D 304 -14.36 12.70 -64.06
C SER D 304 -13.26 13.70 -63.76
N SER D 305 -12.51 13.46 -62.67
CA SER D 305 -11.39 14.33 -62.34
C SER D 305 -10.25 14.22 -63.36
N MET D 306 -10.13 13.05 -63.99
CA MET D 306 -9.31 12.93 -65.19
C MET D 306 -9.75 13.92 -66.25
N LEU D 307 -10.99 13.77 -66.72
CA LEU D 307 -11.52 14.59 -67.80
C LEU D 307 -11.67 16.07 -67.43
N GLU D 308 -11.59 16.39 -66.15
CA GLU D 308 -11.32 17.75 -65.69
C GLU D 308 -9.90 18.12 -66.06
N LYS D 309 -8.96 17.42 -65.43
CA LYS D 309 -7.57 17.84 -65.39
C LYS D 309 -6.83 17.45 -66.65
N PHE D 310 -7.20 16.32 -67.25
CA PHE D 310 -6.94 16.00 -68.63
C PHE D 310 -8.21 16.30 -69.39
N SER D 311 -8.26 15.84 -70.61
CA SER D 311 -9.51 15.40 -71.21
C SER D 311 -9.32 14.00 -71.77
N TYR D 312 -8.36 13.27 -71.23
CA TYR D 312 -7.90 12.00 -71.77
C TYR D 312 -7.69 11.03 -70.63
N ILE D 313 -7.50 9.79 -71.02
CA ILE D 313 -7.36 8.64 -70.14
C ILE D 313 -6.17 7.84 -70.63
N PRO D 314 -5.25 7.42 -69.76
CA PRO D 314 -4.26 6.44 -70.20
C PRO D 314 -4.95 5.09 -70.32
N GLU D 315 -4.96 4.50 -71.51
CA GLU D 315 -5.57 3.19 -71.60
C GLU D 315 -4.69 2.13 -70.95
N ALA D 316 -5.19 0.91 -70.93
CA ALA D 316 -4.34 -0.20 -70.51
C ALA D 316 -3.25 -0.44 -71.55
N LYS D 317 -2.29 -1.28 -71.21
CA LYS D 317 -1.24 -1.59 -72.15
C LYS D 317 -1.78 -2.45 -73.29
N ALA D 318 -0.95 -2.57 -74.33
CA ALA D 318 -1.34 -3.31 -75.52
C ALA D 318 -1.43 -4.80 -75.23
N SER D 319 -0.47 -5.32 -74.48
CA SER D 319 -0.32 -6.75 -74.36
C SER D 319 0.17 -7.09 -72.96
N CYS D 320 0.21 -8.40 -72.68
CA CYS D 320 0.86 -8.89 -71.48
C CYS D 320 2.37 -8.91 -71.65
N TYR D 321 2.87 -9.68 -72.60
CA TYR D 321 4.27 -10.08 -72.66
C TYR D 321 5.17 -8.99 -73.20
N GLY D 322 4.60 -7.89 -73.68
CA GLY D 322 5.35 -6.88 -74.39
C GLY D 322 5.83 -5.78 -73.48
N GLN D 323 7.12 -5.50 -73.57
CA GLN D 323 7.74 -4.33 -72.94
C GLN D 323 7.95 -3.33 -74.07
N MET D 324 6.93 -2.51 -74.33
CA MET D 324 6.77 -1.90 -75.64
C MET D 324 7.60 -0.64 -75.79
N GLU D 325 7.32 0.41 -75.02
CA GLU D 325 8.20 1.57 -75.03
C GLU D 325 8.78 1.73 -73.64
N ARG D 326 7.89 1.87 -72.67
CA ARG D 326 8.20 2.04 -71.26
C ARG D 326 6.89 1.85 -70.53
N PRO D 327 6.90 2.20 -69.25
CA PRO D 327 5.65 2.30 -68.52
C PRO D 327 5.34 3.76 -68.22
N GLU D 328 5.73 4.66 -69.11
CA GLU D 328 5.54 6.09 -68.88
C GLU D 328 4.06 6.43 -69.01
N VAL D 329 3.36 6.49 -67.87
CA VAL D 329 1.95 6.86 -67.84
C VAL D 329 1.86 8.35 -68.09
N PRO D 330 1.89 8.70 -69.38
CA PRO D 330 1.84 10.10 -69.78
C PRO D 330 0.48 10.73 -69.54
N MET D 331 -0.54 9.93 -69.29
CA MET D 331 -1.81 10.47 -68.86
C MET D 331 -2.18 10.07 -67.44
N HIS D 332 -1.23 9.57 -66.65
CA HIS D 332 -1.13 9.81 -65.21
C HIS D 332 -2.31 9.24 -64.42
N THR D 333 -2.22 7.94 -64.16
CA THR D 333 -3.20 7.16 -63.41
C THR D 333 -3.59 7.76 -62.05
N LEU D 334 -4.70 7.29 -61.52
CA LEU D 334 -5.64 7.92 -60.60
C LEU D 334 -5.11 8.20 -59.25
N HIS D 335 -3.86 8.03 -58.90
CA HIS D 335 -3.43 8.31 -57.53
C HIS D 335 -3.58 9.75 -57.06
N PRO D 336 -3.41 10.79 -57.90
CA PRO D 336 -3.93 12.10 -57.49
C PRO D 336 -5.43 12.24 -57.70
N PHE D 337 -6.04 11.34 -58.45
CA PHE D 337 -7.45 11.46 -58.80
C PHE D 337 -8.33 10.65 -57.86
N MET D 338 -7.76 9.65 -57.18
CA MET D 338 -8.38 8.94 -56.08
C MET D 338 -8.22 9.65 -54.76
N VAL D 339 -7.70 10.86 -54.79
CA VAL D 339 -7.59 11.66 -53.58
C VAL D 339 -8.97 12.14 -53.14
N ASN D 340 -9.73 12.70 -54.06
CA ASN D 340 -11.03 13.29 -53.73
C ASN D 340 -12.12 12.51 -54.44
N VAL D 341 -12.76 11.59 -53.72
CA VAL D 341 -13.96 10.90 -54.17
C VAL D 341 -14.93 10.83 -53.00
N THR D 342 -16.14 11.31 -53.20
CA THR D 342 -17.23 11.08 -52.26
C THR D 342 -18.40 10.49 -53.02
N TRP D 343 -19.10 9.57 -52.37
CA TRP D 343 -20.30 9.02 -52.94
C TRP D 343 -21.44 9.02 -51.96
N ASP D 344 -22.44 9.83 -52.30
CA ASP D 344 -23.79 9.73 -51.77
C ASP D 344 -23.81 10.09 -50.29
N GLY D 345 -22.97 11.04 -49.92
CA GLY D 345 -22.71 11.38 -48.54
C GLY D 345 -21.59 10.61 -47.89
N LYS D 346 -21.14 9.50 -48.48
CA LYS D 346 -20.01 8.77 -47.93
C LYS D 346 -18.75 9.32 -48.54
N ASP D 347 -17.85 9.76 -47.68
CA ASP D 347 -16.52 10.17 -48.13
C ASP D 347 -15.77 8.92 -48.53
N LEU D 348 -15.94 8.49 -49.77
CA LEU D 348 -15.32 7.25 -50.20
C LEU D 348 -13.97 7.52 -50.84
N SER D 349 -13.37 8.64 -50.46
CA SER D 349 -11.97 8.89 -50.75
C SER D 349 -11.12 7.91 -49.95
N PHE D 350 -9.91 7.68 -50.39
CA PHE D 350 -9.01 6.82 -49.66
C PHE D 350 -7.91 7.63 -49.04
N THR D 351 -7.16 6.95 -48.18
CA THR D 351 -5.89 7.48 -47.77
C THR D 351 -4.92 7.44 -48.94
N GLU D 352 -3.76 8.06 -48.72
CA GLU D 352 -2.65 7.93 -49.66
C GLU D 352 -2.18 6.49 -49.73
N GLU D 353 -2.31 5.76 -48.61
CA GLU D 353 -2.12 4.33 -48.61
C GLU D 353 -3.38 3.57 -48.99
N GLY D 354 -4.34 4.22 -49.64
CA GLY D 354 -5.47 3.52 -50.17
C GLY D 354 -6.41 2.93 -49.15
N TYR D 355 -6.48 3.49 -47.95
CA TYR D 355 -7.42 2.96 -46.99
C TYR D 355 -8.52 3.96 -46.77
N GLN D 356 -9.62 3.48 -46.21
CA GLN D 356 -10.85 4.25 -46.22
C GLN D 356 -10.76 5.41 -45.24
N VAL D 357 -11.11 6.59 -45.74
CA VAL D 357 -11.09 7.79 -44.92
C VAL D 357 -12.18 7.73 -43.86
N HIS D 358 -13.39 7.36 -44.26
CA HIS D 358 -14.41 6.86 -43.33
C HIS D 358 -14.53 5.36 -43.54
N PRO D 359 -13.83 4.57 -42.74
CA PRO D 359 -13.98 3.11 -42.81
C PRO D 359 -15.30 2.62 -42.23
N ARG D 360 -15.56 1.35 -42.50
CA ARG D 360 -16.83 0.76 -42.13
C ARG D 360 -16.72 0.00 -40.82
N LEU D 361 -15.87 -1.04 -40.80
CA LEU D 361 -15.41 -1.72 -39.58
C LEU D 361 -16.60 -2.31 -38.80
N VAL D 362 -17.24 -3.24 -39.47
CA VAL D 362 -18.38 -3.94 -38.94
C VAL D 362 -17.90 -4.84 -37.81
N VAL D 363 -18.13 -4.43 -36.56
CA VAL D 363 -17.59 -5.12 -35.39
C VAL D 363 -18.64 -6.10 -34.92
N ILE D 364 -18.29 -7.37 -35.04
CA ILE D 364 -19.21 -8.48 -34.94
C ILE D 364 -18.69 -9.36 -33.81
N VAL D 365 -19.58 -9.91 -33.00
CA VAL D 365 -19.19 -10.56 -31.76
C VAL D 365 -19.84 -11.94 -31.67
N LEU D 366 -19.03 -12.97 -31.39
CA LEU D 366 -19.57 -14.28 -31.06
C LEU D 366 -20.29 -14.26 -29.74
N ASN D 367 -21.32 -15.06 -29.65
CA ASN D 367 -22.11 -15.12 -28.43
C ASN D 367 -22.14 -16.55 -27.92
N LYS D 368 -23.01 -16.80 -26.93
CA LYS D 368 -23.11 -18.08 -26.24
C LYS D 368 -23.28 -19.24 -27.20
N ASP D 369 -24.07 -19.03 -28.24
CA ASP D 369 -24.34 -20.02 -29.26
C ASP D 369 -23.27 -20.04 -30.33
N ARG D 370 -22.18 -19.30 -30.12
CA ARG D 370 -21.08 -19.13 -31.07
C ARG D 370 -21.63 -18.55 -32.38
N GLU D 371 -22.17 -17.34 -32.23
CA GLU D 371 -22.87 -16.63 -33.29
C GLU D 371 -22.28 -15.25 -33.43
N TRP D 372 -21.64 -14.99 -34.56
CA TRP D 372 -21.10 -13.66 -34.86
C TRP D 372 -22.24 -12.68 -34.98
N GLU D 373 -22.35 -11.79 -34.01
CA GLU D 373 -23.39 -10.79 -34.02
C GLU D 373 -22.80 -9.41 -33.78
N LYS D 374 -23.40 -8.44 -34.44
CA LYS D 374 -22.80 -7.12 -34.59
C LYS D 374 -22.82 -6.39 -33.28
N VAL D 375 -21.76 -5.64 -33.00
CA VAL D 375 -21.86 -4.67 -31.92
C VAL D 375 -21.52 -3.29 -32.44
N GLY D 376 -20.35 -3.13 -33.01
CA GLY D 376 -19.79 -1.80 -33.23
C GLY D 376 -19.75 -1.42 -34.70
N LYS D 377 -19.80 -0.11 -34.95
CA LYS D 377 -19.61 0.45 -36.27
C LYS D 377 -18.78 1.71 -36.15
N TRP D 378 -18.14 2.10 -37.26
CA TRP D 378 -17.04 3.05 -37.21
C TRP D 378 -17.07 4.04 -38.36
N GLU D 379 -18.26 4.40 -38.81
CA GLU D 379 -18.34 5.16 -40.04
C GLU D 379 -18.46 6.65 -39.80
N ASN D 380 -18.79 7.06 -38.58
CA ASN D 380 -19.03 8.44 -38.26
C ASN D 380 -17.79 8.91 -37.52
N HIS D 381 -16.88 9.55 -38.26
CA HIS D 381 -15.63 10.12 -37.75
C HIS D 381 -14.74 9.06 -37.12
N THR D 382 -14.91 7.81 -37.56
CA THR D 382 -14.38 6.60 -36.94
C THR D 382 -14.65 6.60 -35.43
N LEU D 383 -15.94 6.69 -35.11
CA LEU D 383 -16.33 6.65 -33.72
C LEU D 383 -17.21 5.43 -33.51
N SER D 384 -17.15 4.92 -32.28
CA SER D 384 -17.76 3.66 -31.90
C SER D 384 -19.27 3.76 -31.89
N LEU D 385 -19.94 2.69 -32.28
CA LEU D 385 -21.39 2.69 -32.45
C LEU D 385 -21.93 1.34 -31.96
N ARG D 386 -22.19 1.21 -30.65
CA ARG D 386 -22.25 -0.08 -29.99
C ARG D 386 -23.57 -0.27 -29.24
N HIS D 387 -23.62 -1.31 -28.38
CA HIS D 387 -24.86 -1.67 -27.68
C HIS D 387 -24.81 -1.48 -26.17
N ALA D 388 -23.70 -0.98 -25.61
CA ALA D 388 -23.50 -0.82 -24.17
C ALA D 388 -23.69 -2.13 -23.40
N VAL D 389 -23.17 -3.23 -23.94
CA VAL D 389 -23.28 -4.54 -23.29
C VAL D 389 -21.88 -4.96 -22.87
N TRP D 390 -21.57 -4.76 -21.59
CA TRP D 390 -20.23 -5.07 -21.10
C TRP D 390 -20.04 -6.58 -20.93
N PRO D 391 -20.93 -7.22 -20.19
CA PRO D 391 -20.80 -8.63 -19.87
C PRO D 391 -21.35 -9.46 -21.03
N ARG D 392 -20.49 -10.28 -21.61
CA ARG D 392 -20.89 -11.23 -22.63
C ARG D 392 -20.24 -12.59 -22.50
N TYR D 393 -19.18 -12.72 -21.70
CA TYR D 393 -18.56 -14.00 -21.44
C TYR D 393 -19.49 -14.81 -20.54
N LYS D 394 -20.29 -15.68 -21.15
CA LYS D 394 -21.55 -16.10 -20.56
C LYS D 394 -21.83 -17.58 -20.82
N SER D 395 -20.90 -18.45 -20.41
CA SER D 395 -21.09 -19.91 -20.31
C SER D 395 -21.30 -20.56 -21.68
N PHE D 396 -20.30 -20.38 -22.54
CA PHE D 396 -20.26 -21.16 -23.77
C PHE D 396 -19.58 -22.50 -23.56
N SER D 397 -18.31 -22.50 -23.18
CA SER D 397 -17.61 -23.73 -22.78
C SER D 397 -17.48 -23.84 -21.28
N ASP D 398 -18.51 -23.46 -20.55
CA ASP D 398 -18.56 -23.69 -19.11
C ASP D 398 -18.75 -25.17 -18.82
N GLU D 400 -17.15 -23.13 -16.11
CA GLU D 400 -16.60 -21.79 -16.23
C GLU D 400 -17.69 -20.74 -16.08
N PRO D 401 -18.82 -21.15 -15.51
CA PRO D 401 -19.88 -20.20 -15.20
C PRO D 401 -19.44 -19.27 -14.09
N ASP D 402 -19.60 -17.97 -14.31
CA ASP D 402 -19.03 -16.98 -13.42
C ASP D 402 -20.14 -16.19 -12.76
N ASP D 403 -20.36 -16.45 -11.47
CA ASP D 403 -21.42 -15.80 -10.70
C ASP D 403 -20.78 -15.06 -9.54
N ASN D 404 -20.34 -13.84 -9.83
CA ASN D 404 -19.64 -13.01 -8.86
C ASN D 404 -20.13 -11.58 -8.90
N HIS D 405 -21.10 -11.29 -9.74
CA HIS D 405 -21.46 -9.93 -10.08
C HIS D 405 -22.53 -9.46 -9.13
N LEU D 406 -22.23 -8.45 -8.34
CA LEU D 406 -23.03 -8.13 -7.17
C LEU D 406 -23.81 -6.85 -7.40
N SER D 407 -25.12 -7.00 -7.58
CA SER D 407 -26.00 -5.91 -7.97
C SER D 407 -26.12 -4.94 -6.80
N ILE D 408 -25.48 -3.79 -6.95
CA ILE D 408 -25.47 -2.79 -5.88
C ILE D 408 -26.09 -1.52 -6.42
N VAL D 409 -27.32 -1.25 -5.99
CA VAL D 409 -28.05 -0.10 -6.48
C VAL D 409 -28.33 0.79 -5.28
N THR D 410 -27.64 1.94 -5.21
CA THR D 410 -27.73 2.76 -4.00
C THR D 410 -28.23 4.17 -4.28
N LEU D 411 -28.27 5.02 -3.25
CA LEU D 411 -28.66 6.42 -3.39
C LEU D 411 -27.42 7.29 -3.47
N GLU D 412 -27.58 8.47 -4.05
CA GLU D 412 -26.52 9.46 -4.05
C GLU D 412 -26.49 10.10 -2.67
N GLU D 413 -25.50 9.71 -1.89
CA GLU D 413 -25.42 10.03 -0.47
C GLU D 413 -24.03 10.59 -0.24
N ALA D 414 -23.87 11.89 -0.37
CA ALA D 414 -22.54 12.47 -0.22
C ALA D 414 -22.16 12.51 1.27
N PRO D 415 -20.87 12.28 1.58
CA PRO D 415 -19.77 11.86 0.70
C PRO D 415 -19.55 10.37 0.72
N PHE D 416 -20.59 9.61 1.01
CA PHE D 416 -20.51 8.18 0.82
C PHE D 416 -20.65 7.86 -0.64
N VAL D 417 -21.55 8.58 -1.32
CA VAL D 417 -21.79 8.43 -2.74
C VAL D 417 -21.85 9.83 -3.35
N ILE D 418 -20.90 10.13 -4.21
CA ILE D 418 -20.79 11.39 -4.94
C ILE D 418 -20.64 11.01 -6.40
N VAL D 419 -21.68 11.22 -7.18
CA VAL D 419 -21.72 10.71 -8.55
C VAL D 419 -21.39 11.84 -9.52
N GLU D 420 -20.31 11.66 -10.24
CA GLU D 420 -19.82 12.57 -11.27
C GLU D 420 -20.38 12.11 -12.61
N ASP D 421 -20.09 12.89 -13.63
CA ASP D 421 -20.45 12.45 -14.96
C ASP D 421 -19.19 12.08 -15.74
N ILE D 422 -19.39 11.57 -16.93
CA ILE D 422 -18.30 11.31 -17.85
C ILE D 422 -17.78 12.64 -18.38
N ASP D 423 -16.52 12.91 -18.12
CA ASP D 423 -15.83 13.99 -18.78
C ASP D 423 -15.23 13.43 -20.06
N PRO D 424 -15.13 14.27 -21.09
CA PRO D 424 -14.42 13.89 -22.31
C PRO D 424 -12.93 14.13 -22.05
N LEU D 425 -12.37 13.25 -21.23
CA LEU D 425 -11.02 13.43 -20.71
C LEU D 425 -10.13 12.36 -21.31
N THR D 426 -10.24 12.20 -22.63
CA THR D 426 -9.68 11.17 -23.51
C THR D 426 -10.30 9.79 -23.29
N GLU D 427 -11.20 9.66 -22.33
CA GLU D 427 -11.93 8.43 -22.01
C GLU D 427 -13.06 8.82 -21.07
N THR D 428 -13.69 7.81 -20.49
CA THR D 428 -14.59 8.01 -19.35
C THR D 428 -13.84 7.40 -18.18
N CYS D 429 -12.90 8.17 -17.63
CA CYS D 429 -11.99 7.61 -16.64
C CYS D 429 -11.47 8.79 -15.80
N VAL D 430 -12.10 8.99 -14.66
CA VAL D 430 -11.55 9.84 -13.63
C VAL D 430 -10.98 8.89 -12.59
N ARG D 431 -9.86 9.31 -11.96
CA ARG D 431 -8.91 8.40 -11.29
C ARG D 431 -9.57 7.55 -10.21
N ASN D 432 -10.59 8.07 -9.56
CA ASN D 432 -11.21 7.38 -8.45
C ASN D 432 -12.67 7.06 -8.71
N THR D 433 -13.12 7.17 -9.94
CA THR D 433 -14.52 6.94 -10.25
C THR D 433 -14.79 5.55 -10.76
N VAL D 434 -16.02 5.11 -10.56
CA VAL D 434 -16.53 3.94 -11.26
C VAL D 434 -17.80 4.42 -11.94
N PRO D 435 -18.06 4.08 -13.19
CA PRO D 435 -19.37 4.38 -13.76
C PRO D 435 -20.46 3.52 -13.14
N CYS D 436 -21.63 4.13 -13.07
CA CYS D 436 -22.78 3.62 -12.36
C CYS D 436 -23.94 3.86 -13.30
N ARG D 437 -24.61 2.80 -13.71
CA ARG D 437 -25.67 2.96 -14.70
C ARG D 437 -26.95 3.40 -14.03
N LYS D 438 -27.22 4.69 -14.11
CA LYS D 438 -28.50 5.25 -13.76
C LYS D 438 -29.55 4.84 -14.76
N PHE D 439 -30.79 5.09 -14.40
CA PHE D 439 -31.93 4.93 -15.27
C PHE D 439 -32.51 6.29 -15.57
N VAL D 440 -32.13 6.86 -16.69
CA VAL D 440 -32.53 8.20 -17.07
C VAL D 440 -33.75 8.10 -17.97
N LYS D 441 -34.90 8.48 -17.42
CA LYS D 441 -36.16 8.36 -18.14
C LYS D 441 -36.17 9.29 -19.34
N ILE D 442 -36.81 8.84 -20.41
CA ILE D 442 -36.83 9.62 -21.64
C ILE D 442 -37.77 10.81 -21.48
N ASN D 443 -38.97 10.57 -20.97
CA ASN D 443 -39.91 11.66 -20.75
C ASN D 443 -40.46 11.53 -19.34
N ASN D 444 -41.45 12.37 -19.05
CA ASN D 444 -42.41 12.08 -18.01
C ASN D 444 -43.43 11.05 -18.46
N SER D 445 -43.64 10.92 -19.77
CA SER D 445 -44.50 9.91 -20.34
C SER D 445 -43.75 8.64 -20.70
N THR D 446 -42.77 8.72 -21.59
CA THR D 446 -41.90 7.59 -21.89
C THR D 446 -40.83 7.61 -20.80
N ASN D 447 -41.07 6.84 -19.75
CA ASN D 447 -40.23 6.83 -18.57
C ASN D 447 -39.12 5.82 -18.67
N GLU D 448 -38.61 5.58 -19.88
CA GLU D 448 -37.69 4.50 -20.10
C GLU D 448 -36.32 4.88 -19.54
N GLY D 449 -36.01 4.36 -18.38
CA GLY D 449 -34.82 4.73 -17.64
C GLY D 449 -33.61 4.15 -18.34
N MET D 450 -32.89 5.02 -19.02
CA MET D 450 -31.77 4.63 -19.84
C MET D 450 -30.56 4.50 -18.93
N ASN D 451 -29.98 3.33 -18.90
CA ASN D 451 -28.81 3.09 -18.07
C ASN D 451 -27.63 3.89 -18.59
N VAL D 452 -27.50 5.06 -18.02
CA VAL D 452 -26.37 5.95 -18.30
C VAL D 452 -25.28 5.65 -17.29
N LYS D 453 -24.13 5.19 -17.78
CA LYS D 453 -22.94 5.07 -16.97
C LYS D 453 -22.50 6.45 -16.52
N LYS D 454 -22.30 6.62 -15.21
CA LYS D 454 -21.82 7.89 -14.70
C LYS D 454 -20.70 7.65 -13.71
N CYS D 455 -19.76 8.58 -13.69
CA CYS D 455 -18.57 8.44 -12.86
C CYS D 455 -18.97 8.52 -11.39
N CYS D 456 -18.22 7.87 -10.52
CA CYS D 456 -18.68 7.69 -9.15
C CYS D 456 -17.52 7.69 -8.16
N LYS D 457 -17.71 8.38 -7.02
CA LYS D 457 -16.77 8.46 -5.91
C LYS D 457 -17.53 8.47 -4.59
N GLY D 458 -16.81 8.55 -3.49
CA GLY D 458 -17.41 8.63 -2.17
C GLY D 458 -16.77 7.64 -1.21
N PHE D 459 -17.21 7.70 0.06
CA PHE D 459 -16.79 6.70 1.06
C PHE D 459 -17.05 5.29 0.60
N CYS D 460 -18.33 4.97 0.40
CA CYS D 460 -18.74 3.58 0.18
C CYS D 460 -18.14 3.02 -1.08
N ILE D 461 -17.79 3.86 -2.04
CA ILE D 461 -17.08 3.40 -3.22
C ILE D 461 -15.64 3.06 -2.88
N ASP D 462 -15.03 3.84 -1.99
CA ASP D 462 -13.70 3.48 -1.51
C ASP D 462 -13.75 2.17 -0.74
N ILE D 463 -14.82 1.98 0.01
CA ILE D 463 -15.01 0.76 0.79
C ILE D 463 -15.25 -0.42 -0.13
N LEU D 464 -16.01 -0.23 -1.22
CA LEU D 464 -16.20 -1.30 -2.18
C LEU D 464 -14.93 -1.61 -2.93
N LYS D 465 -14.07 -0.62 -3.11
CA LYS D 465 -12.74 -0.90 -3.63
C LYS D 465 -11.95 -1.73 -2.63
N LYS D 466 -12.06 -1.40 -1.34
CA LYS D 466 -11.45 -2.20 -0.28
C LYS D 466 -12.01 -3.62 -0.24
N LEU D 467 -13.27 -3.78 -0.64
CA LEU D 467 -13.87 -5.10 -0.65
C LEU D 467 -13.56 -5.82 -1.95
N SER D 468 -13.23 -5.09 -2.99
CA SER D 468 -12.58 -5.73 -4.13
C SER D 468 -11.17 -6.14 -3.79
N ARG D 469 -10.59 -5.53 -2.77
CA ARG D 469 -9.27 -5.87 -2.27
C ARG D 469 -9.31 -6.97 -1.22
N THR D 470 -10.45 -7.17 -0.57
CA THR D 470 -10.56 -8.18 0.47
C THR D 470 -11.58 -9.26 0.13
N VAL D 471 -12.83 -8.87 -0.12
CA VAL D 471 -13.83 -9.85 -0.49
C VAL D 471 -13.65 -10.23 -1.95
N LYS D 472 -13.23 -9.27 -2.77
CA LYS D 472 -12.67 -9.47 -4.11
C LYS D 472 -13.70 -10.07 -5.07
N PHE D 473 -14.71 -9.28 -5.39
CA PHE D 473 -15.65 -9.69 -6.43
C PHE D 473 -15.92 -8.53 -7.36
N THR D 474 -16.97 -8.67 -8.14
CA THR D 474 -17.40 -7.66 -9.10
C THR D 474 -18.73 -7.12 -8.65
N TYR D 475 -18.87 -5.79 -8.71
CA TYR D 475 -19.90 -5.14 -7.94
C TYR D 475 -20.67 -4.23 -8.88
N ASP D 476 -21.98 -4.46 -8.98
CA ASP D 476 -22.72 -3.95 -10.12
C ASP D 476 -23.45 -2.69 -9.70
N LEU D 477 -22.95 -1.55 -10.15
CA LEU D 477 -23.27 -0.28 -9.53
C LEU D 477 -24.34 0.46 -10.31
N TYR D 478 -25.47 0.71 -9.66
CA TYR D 478 -26.60 1.42 -10.27
C TYR D 478 -27.14 2.36 -9.21
N LEU D 479 -28.14 3.14 -9.56
CA LEU D 479 -28.65 4.14 -8.64
C LEU D 479 -30.17 4.04 -8.49
N VAL D 480 -30.63 4.30 -7.27
CA VAL D 480 -32.02 4.12 -6.86
C VAL D 480 -32.88 5.20 -7.45
N THR D 481 -33.97 4.81 -8.12
CA THR D 481 -34.96 5.74 -8.60
C THR D 481 -36.30 5.63 -7.88
N ASN D 482 -36.74 4.41 -7.56
CA ASN D 482 -38.08 4.19 -7.06
C ASN D 482 -38.04 4.10 -5.54
N GLY D 483 -38.40 5.20 -4.90
CA GLY D 483 -38.23 5.32 -3.48
C GLY D 483 -36.83 5.78 -3.17
N LYS D 484 -36.55 5.89 -1.88
CA LYS D 484 -35.25 6.35 -1.41
C LYS D 484 -34.52 5.23 -0.71
N HIS D 485 -35.03 4.82 0.44
CA HIS D 485 -34.53 3.67 1.16
C HIS D 485 -35.57 2.58 1.13
N GLY D 486 -36.78 2.90 1.55
CA GLY D 486 -37.78 1.89 1.66
C GLY D 486 -38.96 2.50 2.36
N LYS D 487 -40.15 2.14 1.95
CA LYS D 487 -41.34 2.71 2.55
C LYS D 487 -42.30 1.57 2.78
N LYS D 488 -43.01 1.60 3.89
CA LYS D 488 -44.05 0.62 4.15
C LYS D 488 -45.30 1.02 3.40
N VAL D 489 -45.27 0.94 2.08
CA VAL D 489 -46.44 1.28 1.28
C VAL D 489 -47.24 -0.02 1.24
N ASN D 490 -48.02 -0.23 2.31
CA ASN D 490 -48.56 -1.53 2.69
C ASN D 490 -47.45 -2.57 2.74
N ASN D 491 -46.33 -2.13 3.34
CA ASN D 491 -45.09 -2.89 3.46
C ASN D 491 -44.50 -3.29 2.11
N VAL D 492 -44.93 -2.65 1.03
CA VAL D 492 -44.29 -2.84 -0.25
C VAL D 492 -43.13 -1.89 -0.27
N TRP D 493 -41.95 -2.43 -0.15
CA TRP D 493 -40.78 -1.62 0.09
C TRP D 493 -40.34 -0.91 -1.16
N ASN D 494 -39.88 0.31 -0.96
CA ASN D 494 -39.32 1.14 -2.00
C ASN D 494 -37.82 1.16 -1.84
N GLY D 495 -37.18 2.04 -2.60
CA GLY D 495 -35.80 2.46 -2.48
C GLY D 495 -34.82 1.31 -2.42
N MET D 496 -33.87 1.48 -1.49
CA MET D 496 -32.91 0.45 -1.11
C MET D 496 -33.62 -0.84 -0.70
N ILE D 497 -34.69 -0.70 0.09
CA ILE D 497 -35.31 -1.88 0.70
C ILE D 497 -36.18 -2.60 -0.32
N GLY D 498 -36.78 -1.88 -1.26
CA GLY D 498 -37.41 -2.56 -2.37
C GLY D 498 -36.40 -3.28 -3.23
N GLU D 499 -35.25 -2.67 -3.45
CA GLU D 499 -34.23 -3.33 -4.24
C GLU D 499 -33.59 -4.50 -3.52
N VAL D 500 -33.71 -4.52 -2.20
CA VAL D 500 -33.28 -5.67 -1.42
C VAL D 500 -34.34 -6.75 -1.41
N VAL D 501 -35.57 -6.39 -1.05
CA VAL D 501 -36.66 -7.34 -0.91
C VAL D 501 -37.02 -7.94 -2.26
N TYR D 502 -37.21 -7.09 -3.25
CA TYR D 502 -37.53 -7.59 -4.56
C TYR D 502 -36.26 -7.87 -5.34
N GLN D 503 -35.11 -7.76 -4.66
CA GLN D 503 -33.82 -8.33 -5.04
C GLN D 503 -33.28 -7.71 -6.31
N ARG D 504 -33.65 -6.45 -6.53
CA ARG D 504 -33.07 -5.67 -7.59
C ARG D 504 -31.61 -5.37 -7.29
N ALA D 505 -31.35 -4.90 -6.07
CA ALA D 505 -29.99 -4.78 -5.56
C ALA D 505 -29.80 -5.89 -4.55
N VAL D 506 -29.16 -6.96 -4.98
CA VAL D 506 -28.87 -8.09 -4.10
C VAL D 506 -27.95 -7.67 -2.97
N MET D 507 -27.01 -6.79 -3.25
CA MET D 507 -26.28 -6.09 -2.22
C MET D 507 -26.69 -4.63 -2.24
N ALA D 508 -26.77 -4.02 -1.07
CA ALA D 508 -27.13 -2.62 -1.00
C ALA D 508 -26.38 -2.01 0.16
N VAL D 509 -25.69 -0.90 -0.09
CA VAL D 509 -24.69 -0.43 0.85
C VAL D 509 -25.23 0.76 1.63
N GLY D 510 -25.48 1.86 0.94
CA GLY D 510 -25.99 3.10 1.50
C GLY D 510 -25.23 3.72 2.67
N SER D 511 -25.75 4.83 3.16
CA SER D 511 -25.43 5.32 4.50
C SER D 511 -26.55 4.93 5.46
N LEU D 512 -26.80 3.63 5.54
CA LEU D 512 -28.10 3.16 5.97
C LEU D 512 -28.26 3.31 7.48
N THR D 513 -29.19 4.18 7.85
CA THR D 513 -29.78 4.11 9.17
C THR D 513 -30.45 2.76 9.33
N ILE D 514 -29.73 1.86 9.97
CA ILE D 514 -30.18 0.49 10.11
C ILE D 514 -31.23 0.50 11.22
N ASN D 515 -32.50 0.34 10.83
CA ASN D 515 -33.57 0.38 11.81
C ASN D 515 -33.70 -0.99 12.42
N GLU D 516 -34.28 -1.06 13.62
CA GLU D 516 -34.82 -2.32 14.09
C GLU D 516 -35.93 -2.77 13.15
N GLU D 517 -36.72 -1.82 12.65
CA GLU D 517 -37.72 -2.05 11.62
C GLU D 517 -37.12 -2.61 10.34
N ARG D 518 -36.01 -2.03 9.91
CA ARG D 518 -35.36 -2.52 8.71
C ARG D 518 -34.72 -3.87 8.97
N SER D 519 -34.24 -4.08 10.19
CA SER D 519 -33.64 -5.35 10.56
C SER D 519 -34.66 -6.47 10.55
N GLU D 520 -35.92 -6.13 10.86
CA GLU D 520 -37.04 -7.04 10.65
C GLU D 520 -37.16 -7.44 9.20
N VAL D 521 -36.81 -6.54 8.29
CA VAL D 521 -37.11 -6.73 6.89
C VAL D 521 -35.86 -7.23 6.17
N VAL D 522 -34.72 -6.66 6.54
CA VAL D 522 -33.46 -6.87 5.83
C VAL D 522 -32.42 -7.28 6.85
N ASP D 523 -31.53 -8.20 6.50
CA ASP D 523 -30.38 -8.36 7.39
C ASP D 523 -29.36 -7.25 7.17
N PHE D 524 -28.51 -7.07 8.17
CA PHE D 524 -27.59 -5.95 8.11
C PHE D 524 -26.22 -6.34 8.64
N SER D 525 -25.23 -5.62 8.16
CA SER D 525 -23.90 -5.67 8.70
C SER D 525 -23.81 -4.65 9.84
N VAL D 526 -22.59 -4.20 10.03
CA VAL D 526 -22.28 -3.23 11.04
C VAL D 526 -22.91 -1.92 10.62
N PRO D 527 -23.04 -0.99 11.58
CA PRO D 527 -23.61 0.31 11.30
C PRO D 527 -22.70 0.98 10.31
N PHE D 528 -23.34 1.73 9.43
CA PHE D 528 -22.66 2.43 8.35
C PHE D 528 -21.59 3.35 8.94
N VAL D 529 -21.95 4.10 9.98
CA VAL D 529 -21.02 4.99 10.68
C VAL D 529 -21.62 5.29 12.04
N GLU D 530 -20.86 5.78 13.03
CA GLU D 530 -21.77 6.03 14.14
C GLU D 530 -22.73 7.12 13.75
N THR D 531 -24.01 6.93 14.07
CA THR D 531 -25.01 7.95 13.79
C THR D 531 -26.13 7.91 14.84
N GLY D 532 -27.23 8.59 14.54
CA GLY D 532 -28.39 8.68 15.41
C GLY D 532 -29.13 9.93 15.00
N ILE D 533 -29.90 10.56 15.91
CA ILE D 533 -30.67 11.75 15.55
C ILE D 533 -30.04 12.93 16.25
N SER D 534 -29.72 13.98 15.48
CA SER D 534 -29.17 15.20 16.01
C SER D 534 -30.04 16.37 15.59
N VAL D 535 -29.84 17.50 16.07
CA VAL D 535 -30.62 18.71 15.79
C VAL D 535 -29.63 19.80 15.38
N MET D 536 -29.86 20.34 14.19
CA MET D 536 -29.07 21.44 13.68
C MET D 536 -29.80 22.75 13.92
N VAL D 537 -28.99 23.81 14.55
CA VAL D 537 -29.54 25.14 14.82
C VAL D 537 -28.45 26.19 14.49
N SER D 538 -28.83 27.47 14.50
CA SER D 538 -27.84 28.54 14.36
C SER D 538 -27.14 28.59 15.73
N ALA D 555 -15.27 35.77 47.74
CA ALA D 555 -16.02 35.52 48.97
C ALA D 555 -15.18 35.91 50.18
N SER D 556 -14.08 35.18 50.38
CA SER D 556 -13.22 35.38 51.53
C SER D 556 -12.37 36.63 51.45
N VAL D 557 -12.11 37.14 50.23
CA VAL D 557 -11.32 38.36 50.08
C VAL D 557 -12.10 39.56 50.64
N TRP D 558 -13.42 39.51 50.49
CA TRP D 558 -14.33 40.56 50.94
C TRP D 558 -14.26 40.77 52.44
N VAL D 559 -14.33 39.68 53.21
CA VAL D 559 -14.28 39.74 54.67
C VAL D 559 -12.94 40.30 55.12
N MET D 560 -11.86 39.92 54.43
CA MET D 560 -10.53 40.46 54.70
C MET D 560 -10.51 41.97 54.48
N MET D 561 -11.20 42.44 53.44
CA MET D 561 -11.28 43.88 53.19
C MET D 561 -11.99 44.62 54.30
N PHE D 562 -13.14 44.08 54.76
CA PHE D 562 -13.87 44.69 55.87
C PHE D 562 -13.01 44.74 57.14
N VAL D 563 -12.30 43.64 57.42
CA VAL D 563 -11.45 43.57 58.61
C VAL D 563 -10.35 44.63 58.56
N MET D 564 -9.64 44.71 57.44
CA MET D 564 -8.51 45.63 57.35
C MET D 564 -8.95 47.09 57.36
N LEU D 565 -10.08 47.40 56.74
CA LEU D 565 -10.56 48.78 56.79
C LEU D 565 -11.01 49.18 58.19
N LEU D 566 -11.61 48.24 58.94
CA LEU D 566 -11.94 48.56 60.33
C LEU D 566 -10.70 48.74 61.19
N ILE D 567 -9.65 47.96 60.90
CA ILE D 567 -8.36 48.12 61.59
C ILE D 567 -7.80 49.51 61.38
N VAL D 568 -7.75 49.94 60.12
CA VAL D 568 -7.13 51.23 59.80
C VAL D 568 -7.99 52.38 60.32
N SER D 569 -9.33 52.20 60.36
CA SER D 569 -10.19 53.22 60.94
C SER D 569 -9.96 53.37 62.44
N ALA D 570 -9.78 52.25 63.13
CA ALA D 570 -9.47 52.31 64.56
C ALA D 570 -8.10 52.93 64.80
N ILE D 571 -7.12 52.62 63.95
CA ILE D 571 -5.78 53.21 64.06
C ILE D 571 -5.86 54.72 63.86
N ALA D 572 -6.70 55.16 62.93
CA ALA D 572 -6.95 56.58 62.74
C ALA D 572 -7.57 57.22 63.98
N VAL D 573 -8.53 56.54 64.61
CA VAL D 573 -9.12 57.02 65.87
C VAL D 573 -8.05 57.22 66.94
N PHE D 574 -7.13 56.25 67.07
CA PHE D 574 -6.05 56.37 68.06
C PHE D 574 -5.06 57.48 67.71
N VAL D 575 -4.78 57.67 66.41
CA VAL D 575 -3.79 58.68 66.07
C VAL D 575 -4.39 60.07 66.26
N PHE D 576 -5.69 60.24 65.99
CA PHE D 576 -6.34 61.51 66.34
C PHE D 576 -6.44 61.70 67.84
N GLU D 577 -6.51 60.62 68.61
CA GLU D 577 -6.38 60.77 70.05
C GLU D 577 -4.98 61.17 70.47
N TYR D 578 -3.97 60.78 69.71
CA TYR D 578 -2.60 61.14 70.05
C TYR D 578 -2.04 62.29 69.23
N PHE D 579 -2.88 63.05 68.54
CA PHE D 579 -2.47 64.42 68.24
C PHE D 579 -2.79 65.34 69.41
N SER D 580 -3.69 64.90 70.29
CA SER D 580 -4.11 65.69 71.44
C SER D 580 -2.99 65.93 72.45
N PRO D 581 -1.97 65.05 72.58
CA PRO D 581 -0.79 65.67 73.20
C PRO D 581 0.12 66.32 72.17
N SER D 598 -10.35 65.87 60.73
CA SER D 598 -10.44 66.17 62.15
C SER D 598 -11.43 65.24 62.86
N PHE D 599 -12.30 64.60 62.07
CA PHE D 599 -13.27 63.67 62.63
C PHE D 599 -12.95 62.26 62.17
N THR D 600 -12.49 61.43 63.10
CA THR D 600 -12.26 60.03 62.80
C THR D 600 -13.59 59.31 62.59
N ILE D 601 -14.64 59.78 63.27
CA ILE D 601 -16.00 59.32 62.98
C ILE D 601 -16.46 59.84 61.62
N GLY D 602 -16.03 61.03 61.26
CA GLY D 602 -16.46 61.64 60.02
C GLY D 602 -15.44 61.56 58.91
N LYS D 603 -14.66 62.63 58.77
CA LYS D 603 -13.78 62.92 57.65
C LYS D 603 -12.80 61.80 57.32
N ALA D 604 -12.21 61.18 58.34
CA ALA D 604 -11.15 60.20 58.12
C ALA D 604 -11.71 58.95 57.44
N ILE D 605 -12.96 58.61 57.69
CA ILE D 605 -13.59 57.47 57.05
C ILE D 605 -13.84 57.74 55.58
N TRP D 606 -14.22 58.98 55.23
CA TRP D 606 -14.44 59.25 53.82
C TRP D 606 -13.11 59.37 53.10
N LEU D 607 -12.07 59.79 53.82
CA LEU D 607 -10.72 59.65 53.33
C LEU D 607 -10.33 58.19 53.12
N LEU D 608 -10.71 57.28 54.02
CA LEU D 608 -10.42 55.86 53.84
C LEU D 608 -11.12 55.32 52.61
N TRP D 609 -12.37 55.76 52.41
CA TRP D 609 -13.08 55.47 51.18
C TRP D 609 -12.34 55.96 49.96
N GLY D 610 -11.85 57.21 50.00
CA GLY D 610 -11.13 57.74 48.86
C GLY D 610 -9.83 57.03 48.58
N LEU D 611 -9.21 56.47 49.63
CA LEU D 611 -7.94 55.78 49.50
C LEU D 611 -8.09 54.29 49.24
N VAL D 612 -9.29 53.75 49.37
CA VAL D 612 -9.57 52.49 48.69
C VAL D 612 -9.44 52.68 47.19
N PHE D 613 -9.89 53.82 46.69
CA PHE D 613 -9.99 54.02 45.26
C PHE D 613 -9.01 55.08 44.79
N THR D 625 -0.71 64.40 60.84
CA THR D 625 -0.98 63.79 59.56
C THR D 625 0.14 62.85 59.17
N THR D 626 0.96 62.49 60.16
CA THR D 626 2.07 61.56 59.95
C THR D 626 1.61 60.14 59.77
N SER D 627 0.55 59.72 60.46
CA SER D 627 -0.04 58.43 60.17
C SER D 627 -0.74 58.42 58.82
N LYS D 628 -1.13 59.59 58.32
CA LYS D 628 -1.77 59.67 57.02
C LYS D 628 -0.78 59.34 55.92
N ILE D 629 0.51 59.56 56.18
CA ILE D 629 1.57 59.07 55.30
C ILE D 629 1.55 57.55 55.27
N MET D 630 1.38 56.92 56.42
CA MET D 630 1.29 55.48 56.49
C MET D 630 0.01 54.97 55.85
N VAL D 631 -1.03 55.78 55.82
CA VAL D 631 -2.24 55.38 55.13
C VAL D 631 -2.05 55.50 53.62
N SER D 632 -1.33 56.54 53.17
CA SER D 632 -0.97 56.68 51.76
C SER D 632 -0.14 55.52 51.26
N VAL D 633 0.68 54.93 52.14
CA VAL D 633 1.27 53.63 51.87
C VAL D 633 0.19 52.59 51.58
N TRP D 634 -0.80 52.48 52.48
CA TRP D 634 -1.85 51.47 52.27
C TRP D 634 -2.85 51.90 51.20
N ALA D 635 -2.88 53.19 50.87
CA ALA D 635 -3.62 53.63 49.69
C ALA D 635 -2.98 53.10 48.43
N PHE D 636 -1.64 53.17 48.37
CA PHE D 636 -0.87 52.62 47.27
C PHE D 636 -1.05 51.11 47.21
N PHE D 637 -1.12 50.46 48.38
CA PHE D 637 -1.56 49.07 48.46
C PHE D 637 -2.93 48.83 47.83
N ALA D 638 -3.91 49.68 48.14
CA ALA D 638 -5.24 49.51 47.58
C ALA D 638 -5.24 49.66 46.07
N VAL D 639 -4.36 50.52 45.55
CA VAL D 639 -4.18 50.65 44.12
C VAL D 639 -3.56 49.38 43.54
N ILE D 640 -2.64 48.75 44.28
CA ILE D 640 -2.10 47.46 43.87
C ILE D 640 -3.21 46.41 43.79
N PHE D 641 -4.12 46.44 44.76
CA PHE D 641 -5.26 45.51 44.71
C PHE D 641 -6.20 45.83 43.57
N LEU D 642 -6.30 47.09 43.18
CA LEU D 642 -7.05 47.46 41.99
C LEU D 642 -6.41 46.85 40.75
N ALA D 643 -5.08 46.93 40.66
CA ALA D 643 -4.37 46.37 39.51
C ALA D 643 -4.50 44.86 39.45
N SER D 644 -4.54 44.22 40.62
CA SER D 644 -4.64 42.77 40.69
C SER D 644 -5.99 42.29 40.17
N TYR D 645 -7.08 42.91 40.63
CA TYR D 645 -8.38 42.51 40.08
C TYR D 645 -8.72 43.16 38.77
N THR D 646 -7.89 44.04 38.22
CA THR D 646 -8.00 44.27 36.78
C THR D 646 -7.42 43.12 36.00
N ALA D 647 -6.29 42.58 36.46
CA ALA D 647 -5.75 41.37 35.85
C ALA D 647 -6.70 40.19 36.03
N ASN D 648 -7.39 40.15 37.17
CA ASN D 648 -8.36 39.09 37.42
C ASN D 648 -9.57 39.22 36.51
N LEU D 649 -10.12 40.43 36.37
CA LEU D 649 -11.27 40.60 35.48
C LEU D 649 -10.87 40.44 34.02
N ALA D 650 -9.60 40.67 33.68
CA ALA D 650 -9.12 40.26 32.38
C ALA D 650 -9.09 38.75 32.26
N ALA D 651 -8.74 38.04 33.33
CA ALA D 651 -8.79 36.57 33.29
C ALA D 651 -10.23 36.08 33.19
N PHE D 652 -11.18 36.80 33.79
CA PHE D 652 -12.59 36.51 33.57
C PHE D 652 -13.04 36.77 32.15
N MET D 653 -12.78 37.97 31.63
CA MET D 653 -13.37 38.40 30.37
C MET D 653 -12.56 37.98 29.16
N ILE D 654 -11.61 37.08 29.34
CA ILE D 654 -10.97 36.38 28.25
C ILE D 654 -11.30 34.91 28.28
N GLN D 655 -11.24 34.30 29.46
CA GLN D 655 -11.30 32.87 29.60
C GLN D 655 -12.71 32.46 29.98
N ARG D 657 -19.06 34.65 27.11
CA ARG D 657 -18.25 33.49 26.74
C ARG D 657 -18.96 32.66 25.69
N PHE D 658 -18.72 31.34 25.72
CA PHE D 658 -19.37 30.41 24.82
C PHE D 658 -20.69 29.96 25.44
N VAL D 659 -21.77 30.15 24.71
CA VAL D 659 -23.09 29.83 25.25
C VAL D 659 -23.91 29.16 24.16
N ASP D 660 -24.90 28.37 24.58
CA ASP D 660 -25.81 27.68 23.68
C ASP D 660 -27.18 27.66 24.33
N GLN D 661 -28.19 27.23 23.56
CA GLN D 661 -29.58 27.44 23.93
C GLN D 661 -30.38 26.14 24.02
N VAL D 662 -30.24 25.25 23.04
CA VAL D 662 -31.12 24.09 22.89
C VAL D 662 -30.51 22.87 23.56
N THR D 663 -31.32 22.15 24.34
CA THR D 663 -30.90 20.89 24.94
C THR D 663 -31.17 19.70 24.04
N GLY D 664 -32.41 19.53 23.61
CA GLY D 664 -32.78 18.35 22.86
C GLY D 664 -34.27 18.15 22.97
N LEU D 665 -34.69 16.88 22.89
CA LEU D 665 -36.10 16.53 23.04
C LEU D 665 -36.65 16.91 24.40
N SER D 666 -35.78 17.03 25.41
CA SER D 666 -36.11 17.57 26.71
C SER D 666 -36.64 19.00 26.66
N ASP D 667 -36.28 19.77 25.65
CA ASP D 667 -36.95 21.04 25.42
C ASP D 667 -38.38 20.78 25.00
N LYS D 668 -39.31 21.44 25.67
CA LYS D 668 -40.66 21.54 25.17
C LYS D 668 -40.81 22.58 24.10
N LYS D 669 -39.72 23.30 23.83
CA LYS D 669 -39.56 24.05 22.60
C LYS D 669 -39.95 23.20 21.41
N PHE D 670 -39.49 21.96 21.41
CA PHE D 670 -39.92 20.99 20.42
C PHE D 670 -41.31 20.47 20.76
N GLN D 671 -41.52 20.13 22.03
CA GLN D 671 -42.69 19.35 22.40
C GLN D 671 -43.96 20.18 22.42
N ARG D 672 -43.86 21.44 22.81
CA ARG D 672 -45.00 22.36 22.88
C ARG D 672 -44.56 23.67 22.27
N PRO D 673 -44.33 23.71 20.96
CA PRO D 673 -43.67 24.90 20.37
C PRO D 673 -44.54 26.13 20.41
N HIS D 674 -45.84 25.91 20.28
CA HIS D 674 -46.85 26.95 20.32
C HIS D 674 -47.10 27.43 21.74
N ASP D 675 -46.54 26.74 22.72
CA ASP D 675 -46.46 27.25 24.08
C ASP D 675 -45.21 28.09 24.31
N TYR D 676 -44.64 28.63 23.25
CA TYR D 676 -43.56 29.60 23.31
C TYR D 676 -43.77 30.58 22.19
N SER D 677 -43.51 31.83 22.46
CA SER D 677 -43.54 32.76 21.35
C SER D 677 -42.12 33.10 20.93
N PRO D 678 -41.75 32.97 19.65
CA PRO D 678 -42.55 32.47 18.53
C PRO D 678 -42.63 30.95 18.55
N PRO D 679 -43.68 30.38 17.96
CA PRO D 679 -43.77 28.92 17.88
C PRO D 679 -42.65 28.35 17.03
N PHE D 680 -42.16 27.19 17.46
CA PHE D 680 -40.92 26.68 16.92
C PHE D 680 -41.13 25.99 15.57
N ARG D 681 -40.03 25.97 14.80
CA ARG D 681 -40.07 25.90 13.34
C ARG D 681 -39.11 24.80 12.92
N PHE D 682 -39.63 23.60 12.71
CA PHE D 682 -38.76 22.45 12.54
C PHE D 682 -39.33 21.51 11.48
N GLY D 683 -38.51 21.24 10.47
CA GLY D 683 -38.95 20.43 9.36
C GLY D 683 -37.87 19.44 8.95
N THR D 684 -38.29 18.44 8.17
CA THR D 684 -37.36 17.45 7.63
C THR D 684 -37.69 17.08 6.20
N VAL D 685 -36.77 16.34 5.60
CA VAL D 685 -36.95 15.74 4.28
C VAL D 685 -37.74 14.44 4.46
N PRO D 686 -38.86 14.25 3.74
CA PRO D 686 -39.86 13.26 4.18
C PRO D 686 -39.39 11.83 4.01
N ASN D 687 -40.18 10.91 4.59
CA ASN D 687 -40.04 9.46 4.44
C ASN D 687 -38.72 8.98 5.02
N GLY D 688 -38.31 9.60 6.13
CA GLY D 688 -37.08 9.23 6.78
C GLY D 688 -37.29 8.21 7.88
N SER D 689 -36.20 7.53 8.22
CA SER D 689 -36.23 6.59 9.33
C SER D 689 -36.34 7.31 10.66
N THR D 690 -35.68 8.47 10.76
CA THR D 690 -35.84 9.33 11.94
C THR D 690 -37.27 9.78 12.10
N GLU D 691 -37.95 9.99 10.97
CA GLU D 691 -39.36 10.32 11.00
C GLU D 691 -40.18 9.16 11.55
N ARG D 692 -39.83 7.94 11.15
CA ARG D 692 -40.48 6.76 11.68
C ARG D 692 -40.26 6.65 13.18
N ASN D 693 -39.07 7.04 13.63
CA ASN D 693 -38.74 7.01 15.04
C ASN D 693 -39.53 8.04 15.81
N ILE D 694 -39.82 9.18 15.21
CA ILE D 694 -40.65 10.16 15.89
C ILE D 694 -42.14 9.78 15.81
N ARG D 695 -42.55 9.05 14.77
CA ARG D 695 -43.87 8.42 14.76
C ARG D 695 -44.00 7.47 15.92
N ASN D 696 -42.91 6.76 16.20
CA ASN D 696 -42.82 5.97 17.41
C ASN D 696 -42.77 6.84 18.65
N ASN D 697 -42.23 8.05 18.54
CA ASN D 697 -42.10 8.93 19.70
C ASN D 697 -43.32 9.83 19.87
N TYR D 698 -43.55 10.72 18.92
CA TYR D 698 -44.59 11.73 19.04
C TYR D 698 -45.05 12.01 17.61
N PRO D 699 -46.13 11.44 17.18
CA PRO D 699 -46.68 11.86 15.89
C PRO D 699 -47.33 13.24 15.97
N TYR D 700 -47.62 13.71 17.20
CA TYR D 700 -47.94 15.11 17.42
C TYR D 700 -46.80 16.00 17.00
N MET D 701 -45.59 15.55 17.28
CA MET D 701 -44.44 16.32 16.85
CA MET D 701 -44.43 16.29 16.84
C MET D 701 -44.34 16.30 15.33
N HIS D 702 -44.77 15.20 14.69
CA HIS D 702 -44.88 15.19 13.24
C HIS D 702 -45.96 16.14 12.75
N GLN D 703 -47.04 16.30 13.52
CA GLN D 703 -48.03 17.31 13.18
C GLN D 703 -47.40 18.68 13.19
N TYR D 704 -46.46 18.90 14.12
CA TYR D 704 -45.69 20.12 14.07
C TYR D 704 -44.74 20.13 12.87
N MET D 705 -44.05 19.01 12.58
CA MET D 705 -43.03 18.99 11.55
C MET D 705 -43.61 19.21 10.16
N THR D 706 -44.78 18.63 9.87
CA THR D 706 -45.46 18.78 8.59
C THR D 706 -45.89 20.22 8.30
N LYS D 707 -45.90 21.07 9.31
CA LYS D 707 -46.02 22.50 9.11
C LYS D 707 -44.74 23.07 8.52
N PHE D 708 -43.65 22.30 8.53
CA PHE D 708 -42.36 22.87 8.21
C PHE D 708 -41.48 21.93 7.39
N ASN D 709 -41.96 20.72 7.09
CA ASN D 709 -41.08 19.69 6.54
C ASN D 709 -40.58 20.03 5.14
N GLN D 710 -39.32 19.68 4.89
CA GLN D 710 -38.52 20.14 3.77
C GLN D 710 -38.28 19.00 2.80
N LYS D 711 -37.39 19.26 1.84
CA LYS D 711 -37.03 18.27 0.84
C LYS D 711 -35.55 18.18 0.57
N GLY D 712 -34.78 19.20 0.93
CA GLY D 712 -33.35 19.13 0.71
C GLY D 712 -32.61 19.56 1.95
N VAL D 713 -31.30 19.31 1.91
CA VAL D 713 -30.44 19.81 2.98
C VAL D 713 -30.16 21.28 2.76
N GLU D 714 -30.15 21.70 1.51
CA GLU D 714 -30.00 23.11 1.20
C GLU D 714 -31.25 23.91 1.54
N ASP D 715 -32.40 23.25 1.58
CA ASP D 715 -33.59 23.85 2.16
C ASP D 715 -33.33 24.23 3.61
N ALA D 716 -32.68 23.33 4.34
CA ALA D 716 -32.30 23.60 5.72
C ALA D 716 -31.23 24.67 5.80
N LEU D 717 -30.33 24.71 4.82
CA LEU D 717 -29.28 25.73 4.78
C LEU D 717 -29.88 27.12 4.62
N VAL D 718 -30.86 27.23 3.74
CA VAL D 718 -31.57 28.49 3.58
C VAL D 718 -32.33 28.84 4.85
N SER D 719 -33.17 27.92 5.33
CA SER D 719 -34.07 28.21 6.44
C SER D 719 -33.33 28.45 7.75
N LEU D 720 -32.09 27.97 7.87
CA LEU D 720 -31.25 28.42 8.97
C LEU D 720 -30.63 29.78 8.67
N LYS D 721 -30.05 29.95 7.49
CA LYS D 721 -29.40 31.22 7.17
C LYS D 721 -30.40 32.32 6.91
N THR D 722 -31.68 31.99 6.70
CA THR D 722 -32.73 32.97 6.62
C THR D 722 -33.69 32.89 7.79
N GLY D 723 -33.39 32.05 8.78
CA GLY D 723 -34.18 31.99 9.99
C GLY D 723 -35.57 31.42 9.81
N LYS D 724 -35.83 30.78 8.68
CA LYS D 724 -37.16 30.30 8.39
C LYS D 724 -37.52 29.08 9.20
N LEU D 725 -36.56 28.19 9.44
CA LEU D 725 -36.72 27.14 10.43
C LEU D 725 -35.60 27.30 11.43
N ASP D 726 -35.88 26.88 12.67
CA ASP D 726 -35.08 27.33 13.80
C ASP D 726 -33.75 26.58 13.90
N ALA D 727 -33.89 25.27 13.97
CA ALA D 727 -32.82 24.31 14.08
C ALA D 727 -33.30 23.05 13.38
N PHE D 728 -32.34 22.19 13.06
CA PHE D 728 -32.63 20.95 12.37
C PHE D 728 -32.01 19.75 13.06
N ILE D 729 -32.63 18.58 13.14
CA ILE D 729 -32.20 17.27 13.61
C ILE D 729 -32.36 16.31 12.46
N TYR D 730 -31.16 15.63 12.24
CA TYR D 730 -31.16 14.62 11.21
C TYR D 730 -30.21 13.52 11.66
N ASP D 731 -29.76 12.71 10.71
CA ASP D 731 -28.56 11.93 10.93
C ASP D 731 -27.45 12.93 11.14
N ALA D 732 -26.91 12.98 12.37
CA ALA D 732 -26.10 14.11 12.80
C ALA D 732 -24.75 14.15 12.11
N ALA D 733 -24.34 13.09 11.42
CA ALA D 733 -23.06 13.07 10.72
C ALA D 733 -23.05 14.06 9.56
N VAL D 734 -24.16 14.12 8.82
CA VAL D 734 -24.30 15.10 7.74
C VAL D 734 -24.24 16.51 8.29
N LEU D 735 -24.83 16.70 9.46
CA LEU D 735 -24.72 17.95 10.19
C LEU D 735 -23.28 18.19 10.62
N ASN D 736 -22.49 17.13 10.81
CA ASN D 736 -21.12 17.31 11.25
C ASN D 736 -20.22 17.70 10.09
N TYR D 737 -20.53 17.23 8.89
CA TYR D 737 -19.86 17.79 7.73
C TYR D 737 -20.24 19.23 7.58
N LYS D 738 -21.52 19.46 7.33
CA LYS D 738 -22.00 20.70 6.78
C LYS D 738 -22.07 21.80 7.82
N ALA D 739 -22.07 21.45 9.10
CA ALA D 739 -21.90 22.43 10.16
C ALA D 739 -20.49 22.97 10.15
N GLY D 740 -19.50 22.08 10.06
CA GLY D 740 -18.16 22.51 9.79
C GLY D 740 -18.02 23.16 8.44
N ARG D 741 -18.81 22.75 7.47
CA ARG D 741 -18.77 23.34 6.16
C ARG D 741 -19.71 24.53 6.04
N ASP D 742 -20.25 25.02 7.16
CA ASP D 742 -20.96 26.29 7.18
C ASP D 742 -19.99 27.45 6.98
N GLU D 743 -20.55 28.55 6.51
CA GLU D 743 -19.85 29.82 6.39
C GLU D 743 -20.07 30.59 7.67
N GLY D 744 -19.03 30.74 8.47
CA GLY D 744 -19.14 31.40 9.75
C GLY D 744 -19.58 30.49 10.88
N CYS D 745 -20.30 29.42 10.57
CA CYS D 745 -20.59 28.31 11.49
C CYS D 745 -21.42 28.75 12.68
N LYS D 746 -22.25 29.77 12.48
CA LYS D 746 -23.22 30.17 13.48
C LYS D 746 -24.42 29.25 13.53
N LEU D 747 -24.59 28.41 12.52
CA LEU D 747 -25.77 27.56 12.43
C LEU D 747 -25.51 26.38 13.34
N VAL D 748 -25.81 26.59 14.62
CA VAL D 748 -25.49 25.61 15.64
C VAL D 748 -26.21 24.33 15.35
N THR D 749 -25.58 23.19 15.58
CA THR D 749 -26.40 22.03 15.22
C THR D 749 -27.11 21.43 16.42
N ILE D 750 -27.37 20.14 16.29
CA ILE D 750 -28.19 19.41 17.23
C ILE D 750 -27.29 19.20 18.41
N GLY D 751 -27.23 20.29 19.16
CA GLY D 751 -26.39 20.35 20.35
C GLY D 751 -24.89 20.27 20.06
N SER D 752 -24.02 20.41 21.06
CA SER D 752 -22.64 20.18 20.62
C SER D 752 -22.50 18.72 20.19
N GLY D 753 -23.22 18.40 19.12
CA GLY D 753 -23.17 17.06 18.57
C GLY D 753 -23.89 16.03 19.38
N TYR D 754 -24.96 16.40 20.07
CA TYR D 754 -25.70 15.42 20.84
C TYR D 754 -26.56 14.58 19.92
N ILE D 755 -26.13 13.33 19.74
CA ILE D 755 -26.79 12.40 18.86
C ILE D 755 -28.12 12.00 19.47
N PHE D 756 -29.18 12.38 18.80
CA PHE D 756 -30.48 11.80 19.04
C PHE D 756 -30.76 10.94 17.82
N ALA D 757 -31.66 9.98 18.00
CA ALA D 757 -31.66 8.73 17.24
C ALA D 757 -30.27 8.11 17.28
N THR D 758 -29.93 7.66 18.49
CA THR D 758 -28.61 7.09 18.78
C THR D 758 -28.40 5.80 18.03
N THR D 759 -27.13 5.43 17.83
CA THR D 759 -26.68 4.19 17.18
C THR D 759 -27.33 3.90 15.83
N ILE D 763 -25.25 -1.39 6.45
CA ILE D 763 -25.31 -1.94 5.11
C ILE D 763 -26.27 -3.12 5.02
N ALA D 764 -27.17 -3.04 4.05
CA ALA D 764 -28.20 -4.04 3.81
C ALA D 764 -27.61 -5.35 3.36
N LEU D 765 -28.07 -6.44 3.96
CA LEU D 765 -27.73 -7.79 3.56
C LEU D 765 -29.03 -8.54 3.28
N GLN D 766 -29.15 -9.10 2.09
CA GLN D 766 -30.28 -9.97 1.85
C GLN D 766 -30.17 -11.21 2.72
N LYS D 767 -31.29 -11.61 3.28
CA LYS D 767 -31.30 -12.50 4.41
C LYS D 767 -30.84 -13.90 4.02
N GLY D 768 -29.87 -14.40 4.77
CA GLY D 768 -29.24 -15.65 4.43
C GLY D 768 -28.03 -15.52 3.52
N SER D 769 -27.52 -14.32 3.32
CA SER D 769 -26.33 -14.18 2.50
C SER D 769 -25.12 -14.69 3.28
N PRO D 770 -24.25 -15.47 2.63
CA PRO D 770 -23.15 -16.13 3.37
C PRO D 770 -21.98 -15.21 3.61
N TRP D 771 -22.12 -13.99 3.13
CA TRP D 771 -21.05 -13.02 3.09
C TRP D 771 -20.75 -12.43 4.44
N LYS D 772 -21.61 -12.70 5.43
CA LYS D 772 -21.74 -11.83 6.59
C LYS D 772 -20.52 -11.93 7.49
N ARG D 773 -20.06 -13.16 7.74
CA ARG D 773 -18.86 -13.36 8.55
C ARG D 773 -17.63 -12.80 7.87
N GLN D 774 -17.57 -12.96 6.55
CA GLN D 774 -16.48 -12.44 5.75
C GLN D 774 -16.39 -10.93 5.90
N ILE D 775 -17.55 -10.27 5.71
CA ILE D 775 -17.72 -8.84 5.92
C ILE D 775 -17.26 -8.43 7.30
N ASP D 776 -17.73 -9.12 8.33
CA ASP D 776 -17.62 -8.56 9.66
C ASP D 776 -16.26 -8.83 10.29
N LEU D 777 -15.65 -9.97 9.96
CA LEU D 777 -14.26 -10.17 10.35
C LEU D 777 -13.35 -9.21 9.59
N ALA D 778 -13.65 -8.95 8.33
CA ALA D 778 -12.84 -8.02 7.58
C ALA D 778 -12.95 -6.67 8.29
N LEU D 779 -14.15 -6.42 8.76
CA LEU D 779 -14.57 -5.21 9.40
C LEU D 779 -13.74 -4.90 10.64
N LEU D 780 -13.42 -5.90 11.46
CA LEU D 780 -12.64 -5.62 12.66
C LEU D 780 -11.26 -5.07 12.28
N GLN D 781 -10.69 -5.71 11.27
CA GLN D 781 -9.40 -5.35 10.77
C GLN D 781 -9.42 -3.94 10.22
N PHE D 782 -10.48 -3.60 9.50
CA PHE D 782 -10.56 -2.25 8.99
C PHE D 782 -10.58 -1.32 10.16
N VAL D 783 -11.36 -1.66 11.18
CA VAL D 783 -11.35 -0.81 12.37
C VAL D 783 -10.11 -1.09 13.20
N GLY D 784 -9.65 -2.34 13.18
CA GLY D 784 -8.40 -2.67 13.85
C GLY D 784 -7.20 -2.09 13.14
N ASP D 785 -7.37 -1.62 11.92
CA ASP D 785 -6.34 -0.89 11.20
C ASP D 785 -6.61 0.60 11.13
N GLY D 786 -7.80 1.03 11.57
CA GLY D 786 -8.15 2.44 11.51
C GLY D 786 -8.24 3.01 10.10
N GLU D 787 -8.68 2.22 9.14
CA GLU D 787 -8.70 2.69 7.76
C GLU D 787 -9.95 3.51 7.48
N MET D 788 -10.99 3.26 8.26
CA MET D 788 -12.13 4.15 8.28
C MET D 788 -11.70 5.55 8.71
N GLU D 789 -10.77 5.63 9.65
CA GLU D 789 -10.22 6.90 10.10
C GLU D 789 -9.43 7.59 9.00
N GLU D 790 -8.84 6.80 8.11
CA GLU D 790 -8.17 7.35 6.96
C GLU D 790 -9.19 7.95 6.00
N LEU D 791 -10.32 7.27 5.81
CA LEU D 791 -11.44 7.88 5.10
C LEU D 791 -11.99 9.11 5.81
N GLU D 792 -11.91 9.13 7.14
CA GLU D 792 -12.35 10.29 7.90
C GLU D 792 -11.47 11.48 7.62
N THR D 793 -10.16 11.25 7.58
CA THR D 793 -9.24 12.28 7.13
C THR D 793 -9.51 12.69 5.69
N LEU D 794 -10.04 11.78 4.88
CA LEU D 794 -10.42 12.16 3.53
C LEU D 794 -11.61 13.11 3.52
N TRP D 795 -12.73 12.72 4.15
CA TRP D 795 -14.00 13.28 3.72
C TRP D 795 -14.71 14.18 4.72
N LEU D 796 -14.25 14.29 5.97
CA LEU D 796 -15.12 14.85 7.01
C LEU D 796 -15.17 16.38 7.05
N THR D 797 -14.03 17.01 7.31
CA THR D 797 -14.04 18.26 8.07
C THR D 797 -14.41 19.49 7.26
N GLY D 798 -14.94 20.49 7.97
CA GLY D 798 -14.97 21.86 7.49
C GLY D 798 -14.24 22.81 8.42
N ILE D 799 -15.00 23.65 9.12
CA ILE D 799 -14.45 24.71 9.95
C ILE D 799 -14.74 24.50 11.44
N CYS D 800 -15.87 23.87 11.78
CA CYS D 800 -16.16 23.53 13.18
C CYS D 800 -15.20 22.48 13.72
N HIS D 801 -14.51 21.76 12.84
CA HIS D 801 -13.34 20.98 13.25
C HIS D 801 -12.27 21.86 13.89
N ASN D 802 -12.17 23.12 13.48
CA ASN D 802 -11.33 24.10 14.14
C ASN D 802 -12.15 25.11 14.95
N GLU D 803 -13.19 24.64 15.65
CA GLU D 803 -13.96 25.49 16.56
C GLU D 803 -13.06 26.03 17.66
N LYS D 804 -13.17 27.33 17.94
CA LYS D 804 -12.11 27.99 18.69
C LYS D 804 -12.61 28.78 19.89
N ASN D 805 -13.45 28.15 20.73
CA ASN D 805 -13.93 28.69 22.01
C ASN D 805 -14.66 30.03 21.80
N GLU D 806 -15.81 29.93 21.13
CA GLU D 806 -16.51 31.08 20.56
C GLU D 806 -17.10 31.93 21.68
N VAL D 807 -16.27 32.82 22.20
CA VAL D 807 -16.65 33.81 23.20
C VAL D 807 -16.97 35.11 22.48
N MET D 808 -17.22 36.15 23.25
CA MET D 808 -17.48 37.48 22.69
C MET D 808 -16.17 38.06 22.15
N SER D 809 -16.30 38.88 21.11
CA SER D 809 -15.15 39.50 20.47
C SER D 809 -15.55 40.79 19.77
N ILE D 814 -19.80 47.33 24.88
CA ILE D 814 -19.93 46.10 24.10
C ILE D 814 -20.72 45.08 24.90
N ASP D 815 -20.54 45.07 26.22
CA ASP D 815 -21.15 44.03 27.03
C ASP D 815 -22.41 44.52 27.73
N ASN D 816 -23.27 43.57 28.06
CA ASN D 816 -24.57 43.85 28.66
C ASN D 816 -24.88 42.85 29.77
N MET D 817 -23.87 42.53 30.58
CA MET D 817 -24.12 41.74 31.77
C MET D 817 -24.85 42.57 32.80
N ALA D 818 -25.60 41.89 33.68
CA ALA D 818 -26.35 42.59 34.72
C ALA D 818 -25.43 43.26 35.72
N GLY D 819 -24.81 42.49 36.61
CA GLY D 819 -23.89 43.06 37.59
C GLY D 819 -24.52 44.13 38.45
N VAL D 820 -24.22 45.37 38.03
CA VAL D 820 -24.72 46.59 38.63
C VAL D 820 -26.24 46.65 38.64
N PHE D 821 -26.89 45.98 37.67
CA PHE D 821 -28.35 45.91 37.66
C PHE D 821 -28.89 45.15 38.86
N TYR D 822 -28.09 44.22 39.39
CA TYR D 822 -28.31 43.77 40.76
C TYR D 822 -28.08 44.89 41.75
N MET D 823 -26.88 45.48 41.68
CA MET D 823 -26.33 46.31 42.73
C MET D 823 -27.11 47.62 42.89
N LEU D 824 -27.64 48.16 41.78
CA LEU D 824 -28.51 49.34 41.84
C LEU D 824 -29.73 49.10 42.71
N ALA D 825 -30.26 47.87 42.66
CA ALA D 825 -31.43 47.52 43.46
C ALA D 825 -31.13 47.55 44.96
N ALA D 826 -29.85 47.50 45.34
CA ALA D 826 -29.52 47.70 46.74
C ALA D 826 -29.63 49.17 47.12
N ALA D 827 -29.08 50.06 46.28
CA ALA D 827 -28.55 51.33 46.75
C ALA D 827 -29.63 52.25 47.30
N MET D 828 -30.75 52.36 46.59
CA MET D 828 -31.86 53.22 46.99
C MET D 828 -32.42 52.81 48.34
N ALA D 829 -32.45 51.50 48.62
CA ALA D 829 -33.00 51.00 49.87
C ALA D 829 -32.14 51.42 51.05
N LEU D 830 -30.85 51.71 50.79
CA LEU D 830 -29.96 52.22 51.83
C LEU D 830 -30.48 53.53 52.40
N SER D 831 -30.97 54.43 51.52
CA SER D 831 -31.59 55.66 51.99
C SER D 831 -32.85 55.35 52.78
N LEU D 832 -33.56 54.30 52.37
CA LEU D 832 -34.76 53.88 53.08
C LEU D 832 -34.43 53.31 54.44
N ILE D 833 -33.17 52.91 54.65
CA ILE D 833 -32.73 52.60 55.99
C ILE D 833 -32.61 53.87 56.81
N THR D 834 -31.89 54.86 56.28
CA THR D 834 -31.29 55.86 57.14
C THR D 834 -32.24 56.99 57.47
N PHE D 835 -33.03 57.42 56.50
CA PHE D 835 -33.87 58.59 56.71
C PHE D 835 -35.14 58.28 57.48
N ILE D 836 -35.37 57.01 57.80
CA ILE D 836 -36.29 56.69 58.88
C ILE D 836 -35.61 56.88 60.22
N TRP D 837 -34.34 56.48 60.33
CA TRP D 837 -33.59 56.68 61.56
C TRP D 837 -33.14 58.12 61.73
N GLU D 838 -34.08 59.02 61.97
CA GLU D 838 -33.75 60.40 62.24
C GLU D 838 -33.74 60.63 63.75
N HIS D 839 -33.28 61.81 64.16
CA HIS D 839 -33.14 62.15 65.56
C HIS D 839 -34.53 62.40 66.13
N LEU D 840 -35.18 61.31 66.53
CA LEU D 840 -36.59 61.36 66.90
C LEU D 840 -36.81 62.03 68.24
N PHE D 841 -35.79 62.08 69.09
CA PHE D 841 -35.95 62.65 70.42
C PHE D 841 -34.70 63.41 70.78
#